data_8FTY
#
_entry.id   8FTY
#
_cell.length_a   349.934
_cell.length_b   52.036
_cell.length_c   210.036
_cell.angle_alpha   90.00
_cell.angle_beta   98.95
_cell.angle_gamma   90.00
#
_symmetry.space_group_name_H-M   'C 1 2 1'
#
loop_
_entity.id
_entity.type
_entity.pdbx_description
1 polymer 'carotenoid isomerooxygenase'
2 polymer 'carotenoid isomerooxygenase'
3 polymer 'carotenoid isomerooxygenase'
4 non-polymer 'FE (II) ION'
5 non-polymer (4S)-2-METHYL-2,4-PENTANEDIOL
6 non-polymer 'CHLORIDE ION'
7 non-polymer 'SODIUM ION'
8 non-polymer 'CACODYLATE ION'
9 water water
#
loop_
_entity_poly.entity_id
_entity_poly.type
_entity_poly.pdbx_seq_one_letter_code
_entity_poly.pdbx_strand_id
1 'polypeptide(L)'
;MAATEEKLYPNCDATVWLRSCEEEVSEPLEGTMTGEFPSWLRGTLLRNGPGCLNVGTMRFEHLFDSSALLHRFAIDDGTV
TYQCRFLRTNTLKKNRAANRIVVTEFGTKSAPDPCHTIFDRVAAFFNPGEHMSDNAMISVYPFGDEVYAFTEGPIIHRVD
TVTLDTLEQKNMTDCVALVNHTSHPHVMPNGDVYNVGMSVVKGRIRHVVAKFPFTEKGDMFKSAHIVASMAPRWALHPAY
MHTFGITENYFVIVEQPLSISVYGLMTNLINNNKLAASLKWYPEYETHIVLLSRTTGKEVKRFRTDTLFFLHIINCYEHE
GELVVDLCTYKDAKVVDAMYVHAIETMQSNADYAEWFRAKPKRLQVSLNAPKMTRMKSSILADIGCETPRIHYDLHNSKY
YRYFYAISSDVDAENPGTVIKVDTKTGETKTWCRPNCYPSEPIFVPSPNAKDEDDGVLLSALVWGGEMNQTVALLVLNAK
TMEEMGRATFNTPSPAPKCLHGWFLPTNG
;
A,B,C,D
2 'polypeptide(L)'
;MAATEEKLYPNCDATVWLRSCEEEVSEPLEGTMTGEFPSWLRGTLLRNGPGCLNVGTMRFEHLFDSSALLHRFAIDDGTV
TYQCRFLRTNTLKKNRAANRIVVTEFGTKSAPDP(CSO)HTIFDRVAAFFNPGEHMSDNAMISVYPFGDEVYAFTEGPII
HRVDTVTLDTLEQKNMTDCVALVNHTSHPHVMPNGDVYNVGMSVVKGRIRHVVAKFPFTEKGDMFKSAHIVASMAPRWAL
HPAYMHTFGITENYFVIVEQPLSISVYGLMTNLINNNKLAASLKWYPEYETHIVLLSRTTGKEVKRFRTDTLFFLHIINC
YEHEGELVVDLCTYKDAKVVDAMYVHAIETMQSNADYAEWFRAKPKRLQVSLNAPKMTRMKSSILADIGCETPRIHYDLH
NSKYYRYFYAISSDVDAENPGTVIKVDTKTGETKTWCRPNCYPSEPIFVPSPNAKDEDDGVLLSALVWGGEMNQTVALLV
LNAKTMEEMGRATFNTPSPAPKCLHGWFLPTNG
;
E,F
3 'polypeptide(L)'
;MAATEEKLYPNCDATVWLRSCEEEVSEPLEGTMTGEFPSWLRGTLLRNGPGCLNVGTMRFEHLFDSSALLHRFAIDDGTV
TYQCRFLRTNTLKKNRAANRIVVTEFGTKSAPDP(CSD)HTIFDRVAAFFNPGEHMSDNAMISVYPFGDEVYAFTEGPII
HRVDTVTLDTLEQKNMTDCVALVNHTSHPHVMPNGDVYNVGMSVVKGRIRHVVAKFPFTEKGDMFKSAHIVASMAPRWAL
HPAYMHTFGITENYFVIVEQPLSISVYGLMTNLINNNKLAASLKWYPEYETHIVLLSRTTGKEVKRFRTDTLFFLHIINC
YEHEGELVVDLCTYKDAKVVDAMYVHAIETMQSNADYAEWFRAKPKRLQVSLNAPKMTRMKSSILADIGCETPRIHYDLH
NSKYYRYFYAISSDVDAENPGTVIKVDTKTGETKTWCRPNCYPSEPIFVPSPNAKDEDDGVLLSALVWGGEMNQTVALLV
LNAKTMEEMGRATFNTPSPAPKCLHGWFLPTNG
;
G,H
#
loop_
_chem_comp.id
_chem_comp.type
_chem_comp.name
_chem_comp.formula
CAC non-polymer 'CACODYLATE ION' 'C2 H6 As O2 -1'
CL non-polymer 'CHLORIDE ION' 'Cl -1'
FE2 non-polymer 'FE (II) ION' 'Fe 2'
MPD non-polymer (4S)-2-METHYL-2,4-PENTANEDIOL 'C6 H14 O2'
NA non-polymer 'SODIUM ION' 'Na 1'
#
# COMPACT_ATOMS: atom_id res chain seq x y z
N GLU A 5 -38.19 -4.99 -85.33
CA GLU A 5 -37.69 -6.40 -85.26
C GLU A 5 -36.27 -6.51 -85.80
N GLU A 6 -35.77 -5.45 -86.45
CA GLU A 6 -34.56 -5.52 -87.26
C GLU A 6 -33.41 -4.77 -86.60
N LYS A 7 -32.19 -5.21 -86.92
CA LYS A 7 -30.96 -4.72 -86.31
C LYS A 7 -30.42 -3.52 -87.09
N LEU A 8 -30.05 -2.46 -86.36
CA LEU A 8 -29.34 -1.33 -86.93
C LEU A 8 -27.88 -1.70 -87.23
N TYR A 9 -27.35 -2.70 -86.53
CA TYR A 9 -25.95 -3.09 -86.65
C TYR A 9 -25.87 -4.59 -86.88
N PRO A 10 -26.36 -5.10 -88.03
CA PRO A 10 -26.48 -6.54 -88.26
C PRO A 10 -25.16 -7.33 -88.29
N ASN A 11 -24.04 -6.65 -88.53
CA ASN A 11 -22.74 -7.31 -88.60
C ASN A 11 -22.02 -7.27 -87.25
N CYS A 12 -22.67 -6.72 -86.21
CA CYS A 12 -22.03 -6.53 -84.91
C CYS A 12 -22.80 -7.29 -83.83
N ASP A 13 -22.11 -8.18 -83.11
CA ASP A 13 -22.67 -8.84 -81.95
C ASP A 13 -22.03 -8.27 -80.69
N ALA A 14 -22.69 -7.31 -80.07
CA ALA A 14 -22.16 -6.63 -78.89
C ALA A 14 -22.20 -7.54 -77.66
N THR A 15 -22.97 -8.64 -77.74
CA THR A 15 -23.18 -9.52 -76.60
C THR A 15 -21.95 -10.39 -76.31
N VAL A 16 -20.89 -10.25 -77.12
CA VAL A 16 -19.62 -10.89 -76.83
C VAL A 16 -19.05 -10.36 -75.51
N TRP A 17 -19.57 -9.21 -75.05
CA TRP A 17 -19.12 -8.57 -73.82
C TRP A 17 -19.88 -9.05 -72.58
N LEU A 18 -20.97 -9.81 -72.78
CA LEU A 18 -21.92 -10.06 -71.70
C LEU A 18 -21.80 -11.48 -71.14
N ARG A 19 -20.61 -12.08 -71.22
CA ARG A 19 -20.44 -13.48 -70.85
C ARG A 19 -19.87 -13.60 -69.44
N SER A 20 -20.17 -14.73 -68.80
CA SER A 20 -19.61 -15.08 -67.50
C SER A 20 -18.95 -16.46 -67.59
N CYS A 21 -17.66 -16.52 -67.25
CA CYS A 21 -16.95 -17.78 -67.12
C CYS A 21 -17.51 -18.53 -65.90
N GLU A 22 -17.94 -19.78 -66.11
CA GLU A 22 -18.55 -20.58 -65.06
C GLU A 22 -17.59 -21.66 -64.57
N GLU A 23 -16.49 -21.88 -65.32
CA GLU A 23 -15.54 -22.93 -64.98
C GLU A 23 -14.15 -22.48 -65.40
N GLU A 24 -13.24 -22.39 -64.43
CA GLU A 24 -11.87 -21.96 -64.71
C GLU A 24 -11.15 -23.07 -65.46
N VAL A 25 -10.27 -22.67 -66.39
CA VAL A 25 -9.37 -23.59 -67.06
C VAL A 25 -8.03 -23.51 -66.35
N SER A 26 -7.91 -24.29 -65.26
CA SER A 26 -6.74 -24.27 -64.41
C SER A 26 -5.58 -25.04 -65.04
N GLU A 27 -5.87 -26.23 -65.56
CA GLU A 27 -4.88 -27.05 -66.24
C GLU A 27 -4.75 -26.59 -67.70
N PRO A 28 -3.52 -26.53 -68.26
CA PRO A 28 -3.36 -26.13 -69.66
C PRO A 28 -4.17 -26.98 -70.64
N LEU A 29 -5.00 -26.33 -71.46
CA LEU A 29 -5.67 -26.95 -72.59
C LEU A 29 -4.72 -26.98 -73.77
N GLU A 30 -4.64 -28.14 -74.43
CA GLU A 30 -3.91 -28.28 -75.68
C GLU A 30 -4.70 -27.63 -76.81
N GLY A 31 -4.01 -26.90 -77.70
CA GLY A 31 -4.66 -26.15 -78.76
C GLY A 31 -4.50 -26.79 -80.14
N THR A 32 -5.58 -26.73 -80.94
CA THR A 32 -5.59 -27.24 -82.30
C THR A 32 -4.87 -26.24 -83.20
N MET A 33 -3.74 -26.67 -83.80
CA MET A 33 -2.87 -25.77 -84.55
C MET A 33 -3.28 -25.81 -86.02
N THR A 34 -3.40 -24.63 -86.64
CA THR A 34 -3.58 -24.49 -88.08
C THR A 34 -2.56 -23.50 -88.61
N GLY A 35 -2.25 -23.60 -89.91
CA GLY A 35 -1.24 -22.76 -90.53
C GLY A 35 0.14 -23.05 -89.96
N GLU A 36 1.01 -22.03 -89.95
CA GLU A 36 2.40 -22.19 -89.57
C GLU A 36 2.81 -21.09 -88.58
N PHE A 37 2.77 -21.43 -87.28
CA PHE A 37 3.36 -20.60 -86.25
C PHE A 37 4.86 -20.41 -86.47
N PRO A 38 5.41 -19.19 -86.26
CA PRO A 38 6.86 -19.01 -86.25
C PRO A 38 7.49 -19.86 -85.14
N SER A 39 8.46 -20.69 -85.54
CA SER A 39 9.15 -21.60 -84.64
C SER A 39 9.86 -20.85 -83.52
N TRP A 40 10.36 -19.65 -83.84
CA TRP A 40 11.13 -18.83 -82.93
C TRP A 40 10.28 -18.22 -81.82
N LEU A 41 8.95 -18.16 -82.02
CA LEU A 41 8.07 -17.51 -81.06
C LEU A 41 7.91 -18.38 -79.82
N ARG A 42 8.47 -17.90 -78.70
CA ARG A 42 8.46 -18.61 -77.43
C ARG A 42 8.20 -17.64 -76.27
N GLY A 43 7.17 -17.90 -75.48
CA GLY A 43 6.87 -17.11 -74.31
C GLY A 43 5.42 -17.25 -73.83
N THR A 44 5.01 -16.29 -73.01
CA THR A 44 3.70 -16.31 -72.36
C THR A 44 2.94 -15.03 -72.72
N LEU A 45 1.77 -15.19 -73.34
CA LEU A 45 0.84 -14.07 -73.49
C LEU A 45 -0.17 -14.11 -72.36
N LEU A 46 -0.12 -13.09 -71.50
CA LEU A 46 -1.09 -12.90 -70.44
C LEU A 46 -2.14 -11.88 -70.90
N ARG A 47 -3.42 -12.16 -70.61
CA ARG A 47 -4.50 -11.24 -70.91
C ARG A 47 -5.32 -11.02 -69.64
N ASN A 48 -5.95 -9.86 -69.54
CA ASN A 48 -6.85 -9.53 -68.46
C ASN A 48 -8.10 -8.90 -69.05
N GLY A 49 -9.24 -9.04 -68.37
CA GLY A 49 -10.47 -8.43 -68.82
C GLY A 49 -11.67 -8.82 -67.95
N PRO A 50 -12.87 -8.27 -68.26
CA PRO A 50 -14.10 -8.65 -67.56
C PRO A 50 -14.48 -10.09 -67.88
N GLY A 51 -14.95 -10.82 -66.87
CA GLY A 51 -15.16 -12.26 -67.00
C GLY A 51 -16.36 -12.82 -66.24
N CYS A 52 -17.11 -11.99 -65.51
CA CYS A 52 -18.28 -12.47 -64.79
C CYS A 52 -19.18 -11.33 -64.36
N LEU A 53 -20.39 -11.30 -64.94
CA LEU A 53 -21.41 -10.31 -64.60
C LEU A 53 -22.30 -10.81 -63.46
N ASN A 54 -22.24 -12.11 -63.17
CA ASN A 54 -23.11 -12.72 -62.17
C ASN A 54 -22.44 -12.68 -60.79
N VAL A 55 -23.25 -12.37 -59.78
CA VAL A 55 -22.84 -12.41 -58.39
C VAL A 55 -23.97 -13.03 -57.58
N GLY A 56 -23.91 -14.36 -57.42
CA GLY A 56 -25.02 -15.12 -56.85
C GLY A 56 -26.27 -15.02 -57.73
N THR A 57 -27.32 -14.41 -57.16
CA THR A 57 -28.57 -14.20 -57.88
C THR A 57 -28.58 -12.82 -58.52
N MET A 58 -27.59 -11.98 -58.18
CA MET A 58 -27.53 -10.61 -58.65
C MET A 58 -26.62 -10.52 -59.88
N ARG A 59 -26.71 -9.37 -60.57
CA ARG A 59 -25.99 -9.15 -61.81
C ARG A 59 -25.43 -7.73 -61.83
N PHE A 60 -24.16 -7.60 -62.21
CA PHE A 60 -23.54 -6.30 -62.41
C PHE A 60 -24.24 -5.58 -63.56
N GLU A 61 -24.25 -4.24 -63.50
CA GLU A 61 -25.02 -3.43 -64.43
C GLU A 61 -24.12 -2.68 -65.41
N HIS A 62 -22.80 -2.79 -65.23
CA HIS A 62 -21.86 -2.18 -66.16
C HIS A 62 -20.70 -3.16 -66.40
N LEU A 63 -20.16 -3.12 -67.62
CA LEU A 63 -19.11 -4.02 -68.04
C LEU A 63 -17.86 -3.86 -67.18
N PHE A 64 -17.60 -2.63 -66.71
CA PHE A 64 -16.41 -2.32 -65.92
C PHE A 64 -16.47 -2.98 -64.54
N ASP A 65 -17.66 -3.44 -64.13
CA ASP A 65 -17.85 -4.07 -62.83
C ASP A 65 -17.54 -5.57 -62.90
N SER A 66 -17.55 -6.13 -64.12
CA SER A 66 -17.42 -7.57 -64.34
C SER A 66 -16.08 -8.07 -63.82
N SER A 67 -16.10 -9.26 -63.20
CA SER A 67 -15.00 -9.76 -62.39
C SER A 67 -13.78 -10.05 -63.24
N ALA A 68 -12.61 -9.59 -62.77
CA ALA A 68 -11.34 -9.75 -63.47
C ALA A 68 -11.06 -11.22 -63.74
N LEU A 69 -10.88 -11.55 -65.04
CA LEU A 69 -10.52 -12.89 -65.48
C LEU A 69 -9.20 -12.83 -66.22
N LEU A 70 -8.21 -13.59 -65.72
CA LEU A 70 -6.89 -13.67 -66.32
C LEU A 70 -6.89 -14.79 -67.36
N HIS A 71 -6.08 -14.61 -68.42
CA HIS A 71 -5.89 -15.62 -69.45
C HIS A 71 -4.40 -15.81 -69.68
N ARG A 72 -4.01 -17.04 -70.02
CA ARG A 72 -2.61 -17.37 -70.29
C ARG A 72 -2.53 -18.24 -71.54
N PHE A 73 -1.77 -17.76 -72.54
CA PHE A 73 -1.38 -18.56 -73.68
C PHE A 73 0.12 -18.84 -73.58
N ALA A 74 0.47 -20.10 -73.34
CA ALA A 74 1.87 -20.53 -73.29
C ALA A 74 2.29 -21.05 -74.67
N ILE A 75 3.31 -20.40 -75.24
CA ILE A 75 3.72 -20.63 -76.62
C ILE A 75 5.13 -21.21 -76.62
N ASP A 76 5.30 -22.37 -77.27
CA ASP A 76 6.62 -22.97 -77.43
C ASP A 76 6.61 -23.87 -78.67
N ASP A 77 7.47 -23.53 -79.64
CA ASP A 77 7.82 -24.41 -80.75
C ASP A 77 6.56 -24.82 -81.53
N GLY A 78 5.69 -23.85 -81.80
CA GLY A 78 4.52 -24.06 -82.65
C GLY A 78 3.36 -24.75 -81.94
N THR A 79 3.45 -24.89 -80.59
CA THR A 79 2.35 -25.38 -79.79
C THR A 79 1.92 -24.31 -78.80
N VAL A 80 0.62 -24.29 -78.47
CA VAL A 80 0.05 -23.30 -77.58
C VAL A 80 -0.94 -24.00 -76.66
N THR A 81 -0.87 -23.67 -75.35
CA THR A 81 -1.90 -24.08 -74.40
C THR A 81 -2.62 -22.86 -73.86
N TYR A 82 -3.83 -23.07 -73.34
CA TYR A 82 -4.68 -22.01 -72.81
C TYR A 82 -5.08 -22.31 -71.37
N GLN A 83 -5.10 -21.25 -70.55
CA GLN A 83 -5.66 -21.28 -69.21
C GLN A 83 -6.44 -19.98 -68.96
N CYS A 84 -7.41 -20.04 -68.06
CA CYS A 84 -8.06 -18.84 -67.54
C CYS A 84 -8.47 -19.06 -66.09
N ARG A 85 -8.33 -18.01 -65.29
CA ARG A 85 -8.52 -18.07 -63.85
C ARG A 85 -8.92 -16.69 -63.36
N PHE A 86 -9.95 -16.63 -62.52
CA PHE A 86 -10.36 -15.37 -61.92
C PHE A 86 -9.26 -14.85 -61.01
N LEU A 87 -9.05 -13.53 -61.04
CA LEU A 87 -8.19 -12.86 -60.08
C LEU A 87 -8.89 -12.90 -58.73
N ARG A 88 -8.18 -13.38 -57.70
CA ARG A 88 -8.76 -13.55 -56.38
C ARG A 88 -8.67 -12.22 -55.64
N THR A 89 -9.64 -11.34 -55.90
CA THR A 89 -9.66 -10.00 -55.33
C THR A 89 -10.42 -10.00 -54.01
N ASN A 90 -10.23 -8.93 -53.23
CA ASN A 90 -10.98 -8.71 -52.01
C ASN A 90 -12.46 -8.62 -52.33
N THR A 91 -12.80 -7.93 -53.43
CA THR A 91 -14.18 -7.75 -53.86
C THR A 91 -14.83 -9.10 -54.18
N LEU A 92 -14.11 -9.95 -54.92
CA LEU A 92 -14.64 -11.25 -55.29
C LEU A 92 -14.88 -12.09 -54.03
N LYS A 93 -13.92 -12.07 -53.10
CA LYS A 93 -14.03 -12.84 -51.87
C LYS A 93 -15.24 -12.39 -51.06
N LYS A 94 -15.42 -11.07 -50.91
CA LYS A 94 -16.50 -10.51 -50.12
C LYS A 94 -17.85 -10.80 -50.77
N ASN A 95 -17.92 -10.66 -52.10
CA ASN A 95 -19.17 -10.86 -52.83
C ASN A 95 -19.57 -12.34 -52.80
N ARG A 96 -18.58 -13.24 -52.93
CA ARG A 96 -18.85 -14.67 -52.95
C ARG A 96 -19.28 -15.15 -51.57
N ALA A 97 -18.61 -14.64 -50.52
CA ALA A 97 -18.96 -14.96 -49.15
C ALA A 97 -20.40 -14.55 -48.86
N ALA A 98 -20.76 -13.33 -49.26
CA ALA A 98 -22.10 -12.78 -49.02
C ALA A 98 -23.11 -13.37 -49.99
N ASN A 99 -22.62 -13.86 -51.14
CA ASN A 99 -23.44 -14.36 -52.23
C ASN A 99 -24.31 -13.23 -52.77
N ARG A 100 -23.74 -12.02 -52.80
CA ARG A 100 -24.39 -10.85 -53.37
C ARG A 100 -23.36 -9.73 -53.50
N ILE A 101 -23.78 -8.63 -54.16
CA ILE A 101 -22.92 -7.48 -54.36
C ILE A 101 -22.93 -6.65 -53.08
N VAL A 102 -21.79 -6.63 -52.38
CA VAL A 102 -21.65 -5.90 -51.12
C VAL A 102 -20.59 -4.81 -51.24
N VAL A 103 -20.00 -4.65 -52.44
CA VAL A 103 -19.04 -3.58 -52.69
C VAL A 103 -19.61 -2.68 -53.80
N THR A 104 -19.62 -1.37 -53.55
CA THR A 104 -20.05 -0.40 -54.53
C THR A 104 -19.09 -0.39 -55.71
N GLU A 105 -19.65 -0.37 -56.93
CA GLU A 105 -18.86 -0.47 -58.15
C GLU A 105 -19.09 0.78 -59.00
N PHE A 106 -18.35 0.86 -60.10
CA PHE A 106 -18.47 1.93 -61.07
C PHE A 106 -19.92 2.10 -61.52
N GLY A 107 -20.56 0.99 -61.90
CA GLY A 107 -21.89 1.04 -62.52
C GLY A 107 -22.98 0.34 -61.72
N THR A 108 -22.63 -0.18 -60.54
CA THR A 108 -23.57 -0.96 -59.74
C THR A 108 -23.46 -0.56 -58.27
N LYS A 109 -24.61 -0.31 -57.65
CA LYS A 109 -24.68 -0.05 -56.21
C LYS A 109 -24.65 -1.39 -55.47
N SER A 110 -24.08 -1.39 -54.26
CA SER A 110 -24.07 -2.56 -53.40
C SER A 110 -25.46 -2.80 -52.85
N ALA A 111 -25.76 -4.07 -52.56
CA ALA A 111 -27.11 -4.48 -52.17
C ALA A 111 -27.44 -3.92 -50.77
N MET A 132 -12.92 0.72 -51.19
CA MET A 132 -13.29 0.77 -52.62
C MET A 132 -12.96 -0.57 -53.28
N SER A 133 -13.63 -0.86 -54.40
CA SER A 133 -13.47 -2.12 -55.09
C SER A 133 -12.04 -2.26 -55.63
N ASP A 134 -11.54 -3.50 -55.65
CA ASP A 134 -10.20 -3.79 -56.14
C ASP A 134 -10.28 -4.76 -57.32
N ASN A 135 -11.31 -4.56 -58.17
CA ASN A 135 -11.53 -5.44 -59.31
C ASN A 135 -10.56 -5.07 -60.42
N ALA A 136 -9.33 -5.60 -60.32
CA ALA A 136 -8.25 -5.24 -61.23
C ALA A 136 -8.39 -6.00 -62.54
N MET A 137 -9.31 -5.56 -63.40
CA MET A 137 -9.71 -6.33 -64.57
C MET A 137 -9.16 -5.71 -65.86
N ILE A 138 -8.46 -4.58 -65.77
CA ILE A 138 -8.16 -3.79 -66.96
C ILE A 138 -6.92 -4.33 -67.67
N SER A 139 -5.81 -4.51 -66.93
CA SER A 139 -4.51 -4.74 -67.55
C SER A 139 -3.59 -5.55 -66.67
N VAL A 140 -2.45 -5.95 -67.24
CA VAL A 140 -1.35 -6.59 -66.53
C VAL A 140 -0.04 -5.99 -67.04
N TYR A 141 0.86 -5.65 -66.11
CA TYR A 141 2.11 -4.98 -66.45
C TYR A 141 3.28 -5.59 -65.67
N PRO A 142 4.48 -5.64 -66.28
CA PRO A 142 5.67 -6.13 -65.60
C PRO A 142 6.36 -5.10 -64.71
N PHE A 143 6.57 -5.47 -63.44
CA PHE A 143 7.44 -4.75 -62.53
C PHE A 143 8.66 -5.63 -62.25
N GLY A 144 9.74 -5.41 -63.01
CA GLY A 144 10.88 -6.30 -62.98
C GLY A 144 10.49 -7.70 -63.46
N ASP A 145 10.66 -8.69 -62.56
CA ASP A 145 10.36 -10.09 -62.84
C ASP A 145 8.92 -10.42 -62.48
N GLU A 146 8.22 -9.47 -61.86
CA GLU A 146 6.86 -9.70 -61.37
C GLU A 146 5.87 -9.06 -62.32
N VAL A 147 4.61 -9.54 -62.27
CA VAL A 147 3.53 -9.01 -63.08
C VAL A 147 2.35 -8.69 -62.17
N TYR A 148 1.74 -7.50 -62.37
CA TYR A 148 0.64 -7.05 -61.53
C TYR A 148 -0.58 -6.72 -62.39
N ALA A 149 -1.77 -7.07 -61.88
CA ALA A 149 -3.04 -6.72 -62.48
C ALA A 149 -3.49 -5.37 -61.93
N PHE A 150 -4.10 -4.56 -62.80
CA PHE A 150 -4.43 -3.18 -62.47
C PHE A 150 -5.92 -2.90 -62.69
N THR A 151 -6.46 -2.05 -61.82
CA THR A 151 -7.55 -1.16 -62.18
C THR A 151 -7.06 0.26 -61.86
N GLU A 152 -7.97 1.16 -61.46
CA GLU A 152 -7.58 2.55 -61.27
C GLU A 152 -7.76 2.99 -59.82
N GLY A 153 -8.37 2.13 -58.99
CA GLY A 153 -8.18 2.19 -57.56
C GLY A 153 -6.74 1.83 -57.18
N PRO A 154 -6.31 2.10 -55.93
CA PRO A 154 -4.89 1.96 -55.56
C PRO A 154 -4.35 0.56 -55.30
N ILE A 155 -5.23 -0.46 -55.27
CA ILE A 155 -4.79 -1.82 -54.97
C ILE A 155 -4.52 -2.55 -56.29
N ILE A 156 -3.31 -3.13 -56.38
CA ILE A 156 -2.92 -3.99 -57.48
C ILE A 156 -2.64 -5.38 -56.90
N HIS A 157 -2.68 -6.40 -57.78
CA HIS A 157 -2.54 -7.78 -57.38
C HIS A 157 -1.45 -8.45 -58.22
N ARG A 158 -0.48 -9.08 -57.54
CA ARG A 158 0.55 -9.83 -58.23
C ARG A 158 -0.05 -11.12 -58.79
N VAL A 159 0.41 -11.49 -59.99
CA VAL A 159 -0.10 -12.65 -60.71
C VAL A 159 1.07 -13.61 -60.96
N ASP A 160 0.84 -14.89 -60.68
CA ASP A 160 1.77 -15.94 -61.07
C ASP A 160 1.68 -16.13 -62.57
N THR A 161 2.82 -15.94 -63.26
CA THR A 161 2.84 -15.92 -64.72
C THR A 161 2.75 -17.33 -65.30
N VAL A 162 2.84 -18.36 -64.44
CA VAL A 162 2.74 -19.75 -64.88
C VAL A 162 1.35 -20.30 -64.58
N THR A 163 0.84 -20.08 -63.37
CA THR A 163 -0.36 -20.75 -62.89
C THR A 163 -1.58 -19.84 -62.89
N LEU A 164 -1.38 -18.52 -63.05
CA LEU A 164 -2.42 -17.51 -62.93
C LEU A 164 -2.98 -17.45 -61.51
N ASP A 165 -2.23 -17.97 -60.53
CA ASP A 165 -2.59 -17.78 -59.13
C ASP A 165 -2.44 -16.30 -58.79
N THR A 166 -3.32 -15.82 -57.89
CA THR A 166 -3.22 -14.50 -57.32
C THR A 166 -2.29 -14.54 -56.12
N LEU A 167 -1.20 -13.76 -56.17
CA LEU A 167 -0.24 -13.71 -55.09
C LEU A 167 -0.52 -12.47 -54.26
N GLU A 168 0.53 -11.79 -53.75
CA GLU A 168 0.31 -10.70 -52.81
C GLU A 168 -0.30 -9.50 -53.51
N GLN A 169 -0.95 -8.65 -52.71
CA GLN A 169 -1.47 -7.37 -53.20
C GLN A 169 -0.55 -6.25 -52.70
N LYS A 170 -0.55 -5.13 -53.42
CA LYS A 170 0.18 -3.93 -53.04
C LYS A 170 -0.78 -2.76 -53.05
N ASN A 171 -0.65 -1.88 -52.05
CA ASN A 171 -1.50 -0.70 -51.92
C ASN A 171 -0.67 0.54 -52.28
N MET A 172 -1.09 1.25 -53.34
CA MET A 172 -0.31 2.34 -53.89
C MET A 172 -0.46 3.61 -53.02
N THR A 173 -1.50 3.66 -52.19
CA THR A 173 -1.63 4.75 -51.22
C THR A 173 -0.54 4.59 -50.15
N ASP A 174 -0.40 3.39 -49.61
CA ASP A 174 0.67 3.08 -48.66
C ASP A 174 2.03 3.31 -49.33
N CYS A 175 2.14 2.91 -50.60
CA CYS A 175 3.42 2.84 -51.27
C CYS A 175 3.95 4.22 -51.65
N VAL A 176 3.11 5.06 -52.27
CA VAL A 176 3.54 6.36 -52.78
C VAL A 176 2.42 7.40 -52.70
N ALA A 177 1.42 7.18 -51.84
CA ALA A 177 0.39 8.17 -51.56
C ALA A 177 -0.50 8.45 -52.77
N LEU A 178 -0.71 7.43 -53.62
CA LEU A 178 -1.67 7.52 -54.71
C LEU A 178 -3.04 7.05 -54.23
N VAL A 179 -4.05 7.92 -54.31
CA VAL A 179 -5.42 7.54 -53.99
C VAL A 179 -6.06 6.88 -55.19
N ASN A 180 -5.53 7.16 -56.40
CA ASN A 180 -5.90 6.47 -57.61
C ASN A 180 -4.75 6.58 -58.61
N HIS A 181 -4.83 5.81 -59.70
CA HIS A 181 -3.80 5.82 -60.72
C HIS A 181 -4.37 5.31 -62.05
N THR A 182 -3.62 5.50 -63.14
CA THR A 182 -4.02 4.94 -64.42
C THR A 182 -3.75 3.44 -64.39
N SER A 183 -4.45 2.70 -65.26
CA SER A 183 -4.22 1.27 -65.42
C SER A 183 -3.23 1.01 -66.55
N HIS A 184 -2.49 2.05 -66.95
CA HIS A 184 -1.56 1.96 -68.07
C HIS A 184 -0.26 2.67 -67.71
N PRO A 185 0.53 2.13 -66.74
CA PRO A 185 1.87 2.66 -66.48
C PRO A 185 2.76 2.50 -67.72
N HIS A 186 3.86 3.26 -67.74
CA HIS A 186 4.87 3.15 -68.77
C HIS A 186 6.05 2.36 -68.21
N VAL A 187 6.57 1.42 -69.02
CA VAL A 187 7.67 0.56 -68.65
C VAL A 187 8.86 0.94 -69.52
N MET A 188 9.98 1.29 -68.87
CA MET A 188 11.15 1.76 -69.59
C MET A 188 12.03 0.56 -69.95
N PRO A 189 12.89 0.67 -70.98
CA PRO A 189 13.81 -0.42 -71.36
C PRO A 189 14.64 -1.00 -70.22
N ASN A 190 14.96 -0.16 -69.21
CA ASN A 190 15.79 -0.57 -68.09
C ASN A 190 14.96 -1.22 -66.98
N GLY A 191 13.62 -1.29 -67.17
CA GLY A 191 12.75 -1.94 -66.20
C GLY A 191 11.99 -0.95 -65.32
N ASP A 192 12.44 0.32 -65.28
CA ASP A 192 11.77 1.34 -64.50
C ASP A 192 10.31 1.45 -64.94
N VAL A 193 9.42 1.70 -63.96
CA VAL A 193 8.01 1.90 -64.24
C VAL A 193 7.60 3.29 -63.75
N TYR A 194 6.86 4.01 -64.60
CA TYR A 194 6.24 5.28 -64.23
C TYR A 194 4.72 5.12 -64.31
N ASN A 195 4.02 5.76 -63.38
CA ASN A 195 2.56 5.85 -63.48
C ASN A 195 2.10 7.19 -62.94
N VAL A 196 0.93 7.62 -63.42
CA VAL A 196 0.31 8.88 -63.00
C VAL A 196 -0.89 8.54 -62.14
N GLY A 197 -1.14 9.38 -61.13
CA GLY A 197 -2.29 9.25 -60.26
C GLY A 197 -2.54 10.53 -59.46
N MET A 198 -3.58 10.50 -58.63
CA MET A 198 -3.90 11.62 -57.76
C MET A 198 -3.33 11.37 -56.36
N SER A 199 -2.87 12.45 -55.73
CA SER A 199 -2.36 12.41 -54.37
C SER A 199 -2.86 13.64 -53.63
N VAL A 200 -3.17 13.47 -52.33
CA VAL A 200 -3.56 14.59 -51.50
C VAL A 200 -2.30 15.12 -50.82
N VAL A 201 -1.88 16.33 -51.20
CA VAL A 201 -0.68 16.95 -50.66
C VAL A 201 -1.09 18.21 -49.91
N LYS A 202 -0.86 18.22 -48.60
CA LYS A 202 -1.24 19.32 -47.72
C LYS A 202 -2.71 19.70 -47.95
N GLY A 203 -3.58 18.70 -47.97
CA GLY A 203 -5.01 18.90 -48.07
C GLY A 203 -5.49 19.31 -49.46
N ARG A 204 -4.63 19.20 -50.47
CA ARG A 204 -4.93 19.62 -51.83
C ARG A 204 -4.67 18.47 -52.80
N ILE A 205 -5.57 18.30 -53.78
CA ILE A 205 -5.40 17.30 -54.82
C ILE A 205 -4.26 17.76 -55.73
N ARG A 206 -3.34 16.83 -56.04
CA ARG A 206 -2.38 17.02 -57.10
C ARG A 206 -2.30 15.75 -57.96
N HIS A 207 -2.10 15.94 -59.26
CA HIS A 207 -1.68 14.87 -60.16
C HIS A 207 -0.19 14.66 -59.97
N VAL A 208 0.24 13.42 -59.72
CA VAL A 208 1.64 13.13 -59.46
C VAL A 208 2.10 12.00 -60.38
N VAL A 209 3.39 12.02 -60.72
CA VAL A 209 4.03 10.92 -61.42
C VAL A 209 4.88 10.16 -60.39
N ALA A 210 4.55 8.88 -60.18
CA ALA A 210 5.32 8.00 -59.32
C ALA A 210 6.31 7.19 -60.16
N LYS A 211 7.53 7.05 -59.66
CA LYS A 211 8.54 6.22 -60.29
C LYS A 211 8.79 4.99 -59.42
N PHE A 212 8.78 3.81 -60.07
CA PHE A 212 9.14 2.56 -59.43
C PHE A 212 10.44 2.08 -60.04
N PRO A 213 11.61 2.38 -59.41
CA PRO A 213 12.91 2.15 -60.03
C PRO A 213 13.30 0.67 -59.97
N PHE A 214 13.79 0.14 -61.10
CA PHE A 214 14.20 -1.25 -61.17
C PHE A 214 15.67 -1.40 -60.79
N THR A 215 15.93 -2.35 -59.89
CA THR A 215 17.25 -2.93 -59.68
C THR A 215 17.06 -4.42 -59.35
N GLU A 216 18.03 -5.25 -59.78
CA GLU A 216 17.96 -6.68 -59.55
C GLU A 216 17.86 -6.96 -58.06
N LYS A 217 18.57 -6.18 -57.26
CA LYS A 217 18.76 -6.46 -55.84
C LYS A 217 17.65 -5.80 -55.01
N GLY A 218 17.18 -4.63 -55.44
CA GLY A 218 16.29 -3.81 -54.62
C GLY A 218 14.83 -4.26 -54.70
N ASP A 219 13.96 -3.41 -54.13
CA ASP A 219 12.52 -3.57 -54.17
C ASP A 219 11.94 -2.33 -54.82
N MET A 220 11.22 -2.52 -55.93
CA MET A 220 10.75 -1.44 -56.78
C MET A 220 9.68 -0.61 -56.06
N PHE A 221 8.94 -1.26 -55.15
CA PHE A 221 7.85 -0.62 -54.44
C PHE A 221 8.39 0.13 -53.22
N LYS A 222 9.38 -0.48 -52.53
CA LYS A 222 10.02 0.15 -51.38
C LYS A 222 10.73 1.45 -51.79
N SER A 223 11.37 1.43 -52.96
CA SER A 223 12.14 2.57 -53.44
C SER A 223 11.30 3.50 -54.31
N ALA A 224 9.98 3.32 -54.33
CA ALA A 224 9.11 4.12 -55.17
C ALA A 224 9.00 5.54 -54.62
N HIS A 225 8.99 6.54 -55.50
CA HIS A 225 8.93 7.94 -55.08
C HIS A 225 8.30 8.80 -56.17
N ILE A 226 7.77 9.96 -55.77
N ILE A 226 7.77 9.96 -55.77
CA ILE A 226 7.17 10.91 -56.69
CA ILE A 226 7.17 10.91 -56.69
C ILE A 226 8.29 11.72 -57.36
C ILE A 226 8.29 11.72 -57.36
N VAL A 227 8.21 11.85 -58.69
CA VAL A 227 9.25 12.52 -59.47
C VAL A 227 8.68 13.73 -60.20
N ALA A 228 7.35 13.91 -60.22
CA ALA A 228 6.76 15.08 -60.84
C ALA A 228 5.33 15.26 -60.32
N SER A 229 4.82 16.48 -60.45
CA SER A 229 3.44 16.77 -60.05
C SER A 229 2.91 17.98 -60.81
N MET A 230 1.58 18.13 -60.72
CA MET A 230 0.85 19.13 -61.49
C MET A 230 -0.42 19.46 -60.71
N ALA A 231 -0.72 20.75 -60.57
CA ALA A 231 -1.98 21.19 -59.99
C ALA A 231 -3.11 20.91 -60.98
N PRO A 232 -4.29 20.42 -60.52
CA PRO A 232 -5.45 20.29 -61.41
C PRO A 232 -5.94 21.67 -61.83
N ARG A 233 -6.61 21.73 -62.98
CA ARG A 233 -7.20 22.96 -63.47
C ARG A 233 -8.25 23.43 -62.47
N TRP A 234 -9.04 22.48 -61.94
CA TRP A 234 -10.10 22.75 -61.00
C TRP A 234 -9.89 21.90 -59.76
N ALA A 235 -9.76 22.56 -58.60
CA ALA A 235 -9.19 21.96 -57.39
C ALA A 235 -10.01 20.76 -56.92
N LEU A 236 -11.34 20.84 -57.04
CA LEU A 236 -12.22 19.79 -56.58
C LEU A 236 -12.84 19.02 -57.75
N HIS A 237 -12.32 19.26 -58.97
CA HIS A 237 -12.75 18.55 -60.17
C HIS A 237 -11.52 18.14 -60.99
N PRO A 238 -10.61 17.31 -60.44
CA PRO A 238 -9.44 16.86 -61.19
C PRO A 238 -9.84 16.02 -62.40
N ALA A 239 -9.09 16.18 -63.50
CA ALA A 239 -9.39 15.52 -64.76
C ALA A 239 -9.17 14.02 -64.65
N TYR A 240 -10.08 13.24 -65.24
CA TYR A 240 -9.89 11.81 -65.40
C TYR A 240 -8.88 11.54 -66.51
N MET A 241 -7.98 10.58 -66.31
CA MET A 241 -7.08 10.14 -67.37
C MET A 241 -6.84 8.64 -67.27
N HIS A 242 -7.01 7.95 -68.40
CA HIS A 242 -6.84 6.51 -68.51
C HIS A 242 -5.40 6.18 -68.90
N THR A 243 -4.78 7.08 -69.67
CA THR A 243 -3.38 6.94 -70.06
C THR A 243 -2.68 8.28 -69.95
N PHE A 244 -1.34 8.24 -70.04
CA PHE A 244 -0.51 9.42 -70.11
C PHE A 244 0.64 9.13 -71.06
N GLY A 245 1.37 10.18 -71.43
CA GLY A 245 2.49 10.06 -72.37
C GLY A 245 3.83 10.26 -71.69
N ILE A 246 4.89 9.84 -72.38
CA ILE A 246 6.24 10.10 -71.94
C ILE A 246 7.12 10.31 -73.18
N THR A 247 7.96 11.34 -73.13
CA THR A 247 8.93 11.63 -74.16
C THR A 247 10.31 11.65 -73.54
N GLU A 248 11.34 12.00 -74.33
CA GLU A 248 12.70 12.05 -73.85
C GLU A 248 12.80 12.95 -72.61
N ASN A 249 12.13 14.10 -72.64
CA ASN A 249 12.33 15.14 -71.64
C ASN A 249 11.09 15.39 -70.79
N TYR A 250 9.94 14.81 -71.16
CA TYR A 250 8.68 15.21 -70.55
C TYR A 250 7.82 14.01 -70.19
N PHE A 251 7.05 14.20 -69.11
CA PHE A 251 5.80 13.47 -68.90
C PHE A 251 4.71 14.30 -69.54
N VAL A 252 3.81 13.63 -70.28
CA VAL A 252 2.76 14.29 -71.02
C VAL A 252 1.43 13.94 -70.36
N ILE A 253 0.76 14.98 -69.85
CA ILE A 253 -0.54 14.84 -69.22
C ILE A 253 -1.58 15.47 -70.13
N VAL A 254 -2.55 14.66 -70.58
CA VAL A 254 -3.64 15.17 -71.37
C VAL A 254 -4.81 15.42 -70.42
N GLU A 255 -5.12 16.70 -70.22
CA GLU A 255 -6.11 17.13 -69.24
C GLU A 255 -7.40 17.44 -69.99
N GLN A 256 -8.31 16.46 -70.01
CA GLN A 256 -9.54 16.55 -70.78
C GLN A 256 -10.65 17.05 -69.88
N PRO A 257 -11.72 17.65 -70.45
CA PRO A 257 -12.83 18.17 -69.65
C PRO A 257 -13.82 17.12 -69.13
N LEU A 258 -13.33 15.91 -68.83
CA LEU A 258 -14.03 14.97 -68.00
C LEU A 258 -13.32 14.93 -66.65
N SER A 259 -14.08 15.25 -65.58
CA SER A 259 -13.52 15.40 -64.25
C SER A 259 -14.15 14.39 -63.30
N ILE A 260 -13.43 14.07 -62.22
CA ILE A 260 -13.99 13.39 -61.07
C ILE A 260 -14.34 14.45 -60.04
N SER A 261 -15.63 14.55 -59.69
CA SER A 261 -16.07 15.42 -58.61
C SER A 261 -15.70 14.80 -57.28
N VAL A 262 -14.78 15.46 -56.55
CA VAL A 262 -14.29 14.98 -55.27
C VAL A 262 -15.47 14.78 -54.32
N TYR A 263 -16.33 15.80 -54.19
CA TYR A 263 -17.46 15.76 -53.29
C TYR A 263 -18.51 14.78 -53.80
N GLY A 264 -18.70 14.75 -55.13
CA GLY A 264 -19.57 13.77 -55.77
C GLY A 264 -19.19 12.34 -55.42
N LEU A 265 -17.89 12.02 -55.52
CA LEU A 265 -17.39 10.68 -55.27
C LEU A 265 -17.58 10.30 -53.80
N MET A 266 -17.26 11.26 -52.91
CA MET A 266 -17.44 11.05 -51.48
C MET A 266 -18.92 10.78 -51.17
N THR A 267 -19.81 11.59 -51.75
CA THR A 267 -21.24 11.42 -51.58
C THR A 267 -21.69 10.02 -51.99
N ASN A 268 -21.26 9.60 -53.19
CA ASN A 268 -21.71 8.34 -53.77
C ASN A 268 -21.19 7.17 -52.95
N LEU A 269 -19.96 7.28 -52.43
CA LEU A 269 -19.39 6.25 -51.58
C LEU A 269 -20.22 6.11 -50.30
N ILE A 270 -20.64 7.24 -49.72
CA ILE A 270 -21.39 7.25 -48.47
C ILE A 270 -22.81 6.73 -48.71
N ASN A 271 -23.48 7.24 -49.77
CA ASN A 271 -24.90 7.00 -49.98
C ASN A 271 -25.12 5.76 -50.85
N ASN A 272 -24.05 5.05 -51.19
CA ASN A 272 -24.11 3.85 -52.01
C ASN A 272 -24.82 4.16 -53.34
N ASN A 273 -24.27 5.14 -54.07
CA ASN A 273 -24.61 5.33 -55.48
C ASN A 273 -23.46 4.77 -56.30
N LYS A 274 -23.79 4.33 -57.53
CA LYS A 274 -22.76 3.93 -58.48
C LYS A 274 -21.80 5.09 -58.69
N LEU A 275 -20.50 4.76 -58.70
CA LEU A 275 -19.45 5.77 -58.63
C LEU A 275 -19.33 6.54 -59.95
N ALA A 276 -19.91 6.00 -61.02
CA ALA A 276 -19.92 6.63 -62.34
C ALA A 276 -20.52 8.03 -62.28
N ALA A 277 -21.47 8.26 -61.36
CA ALA A 277 -22.12 9.55 -61.20
C ALA A 277 -21.12 10.63 -60.78
N SER A 278 -19.93 10.21 -60.32
CA SER A 278 -18.87 11.12 -59.90
C SER A 278 -18.23 11.83 -61.09
N LEU A 279 -18.37 11.25 -62.29
CA LEU A 279 -17.76 11.80 -63.50
C LEU A 279 -18.61 12.95 -64.01
N LYS A 280 -17.93 14.04 -64.43
CA LYS A 280 -18.60 15.24 -64.90
C LYS A 280 -17.97 15.69 -66.21
N TRP A 281 -18.84 15.95 -67.21
CA TRP A 281 -18.42 16.37 -68.53
C TRP A 281 -18.72 17.87 -68.71
N TYR A 282 -17.70 18.63 -69.10
CA TYR A 282 -17.80 20.08 -69.22
C TYR A 282 -17.37 20.50 -70.62
N PRO A 283 -18.22 20.33 -71.65
CA PRO A 283 -17.81 20.54 -73.04
C PRO A 283 -17.52 21.99 -73.46
N GLU A 284 -17.80 22.95 -72.58
CA GLU A 284 -17.50 24.35 -72.88
C GLU A 284 -16.01 24.65 -72.68
N TYR A 285 -15.27 23.68 -72.12
CA TYR A 285 -13.84 23.85 -71.91
C TYR A 285 -13.04 22.97 -72.86
N GLU A 286 -11.81 23.41 -73.14
CA GLU A 286 -10.92 22.75 -74.08
C GLU A 286 -10.06 21.71 -73.37
N THR A 287 -9.34 20.93 -74.17
CA THR A 287 -8.39 19.95 -73.67
C THR A 287 -7.01 20.59 -73.64
N HIS A 288 -6.27 20.39 -72.54
CA HIS A 288 -4.91 20.88 -72.41
C HIS A 288 -3.93 19.71 -72.47
N ILE A 289 -2.80 19.94 -73.17
CA ILE A 289 -1.68 19.03 -73.18
C ILE A 289 -0.58 19.69 -72.34
N VAL A 290 -0.22 19.03 -71.23
CA VAL A 290 0.67 19.61 -70.24
C VAL A 290 1.95 18.79 -70.18
N LEU A 291 3.10 19.48 -70.30
CA LEU A 291 4.41 18.84 -70.22
C LEU A 291 5.02 19.11 -68.85
N LEU A 292 5.33 18.02 -68.13
CA LEU A 292 6.06 18.11 -66.88
C LEU A 292 7.50 17.70 -67.15
N SER A 293 8.44 18.50 -66.62
CA SER A 293 9.86 18.24 -66.82
C SER A 293 10.27 16.98 -66.09
N ARG A 294 11.00 16.10 -66.79
CA ARG A 294 11.55 14.89 -66.18
C ARG A 294 12.76 15.25 -65.31
N THR A 295 13.29 16.47 -65.50
CA THR A 295 14.44 16.95 -64.74
C THR A 295 13.99 17.63 -63.45
N THR A 296 13.02 18.55 -63.54
CA THR A 296 12.64 19.39 -62.41
C THR A 296 11.34 18.89 -61.75
N GLY A 297 10.53 18.12 -62.49
CA GLY A 297 9.29 17.57 -61.96
C GLY A 297 8.13 18.55 -61.99
N LYS A 298 8.34 19.72 -62.62
CA LYS A 298 7.32 20.77 -62.64
C LYS A 298 6.76 20.93 -64.05
N GLU A 299 5.53 21.45 -64.13
CA GLU A 299 4.96 21.89 -65.40
C GLU A 299 5.86 22.96 -66.01
N VAL A 300 6.25 22.76 -67.28
CA VAL A 300 7.10 23.71 -67.98
C VAL A 300 6.39 24.27 -69.22
N LYS A 301 5.45 23.51 -69.80
CA LYS A 301 4.73 23.93 -70.99
C LYS A 301 3.28 23.42 -70.93
N ARG A 302 2.40 24.12 -71.65
CA ARG A 302 1.00 23.75 -71.75
C ARG A 302 0.46 24.24 -73.10
N PHE A 303 -0.29 23.37 -73.78
CA PHE A 303 -0.90 23.69 -75.05
C PHE A 303 -2.38 23.32 -75.03
N ARG A 304 -3.11 23.76 -76.06
CA ARG A 304 -4.54 23.55 -76.14
C ARG A 304 -4.90 22.75 -77.39
N THR A 305 -6.02 22.02 -77.30
CA THR A 305 -6.68 21.46 -78.46
C THR A 305 -8.19 21.46 -78.20
N ASP A 306 -8.95 20.91 -79.13
CA ASP A 306 -10.41 20.90 -79.04
C ASP A 306 -10.87 20.08 -77.84
N THR A 307 -12.10 20.36 -77.42
CA THR A 307 -12.82 19.47 -76.52
C THR A 307 -12.79 18.07 -77.11
N LEU A 308 -12.22 17.12 -76.36
CA LEU A 308 -12.22 15.72 -76.76
C LEU A 308 -12.24 14.82 -75.52
N PHE A 309 -12.61 13.56 -75.74
CA PHE A 309 -12.41 12.51 -74.77
C PHE A 309 -11.45 11.48 -75.36
N PHE A 310 -10.60 10.89 -74.51
CA PHE A 310 -9.72 9.82 -74.95
C PHE A 310 -9.58 8.77 -73.85
N LEU A 311 -9.22 7.55 -74.26
CA LEU A 311 -8.80 6.50 -73.35
C LEU A 311 -7.31 6.23 -73.56
N HIS A 312 -6.92 5.96 -74.81
CA HIS A 312 -5.61 5.41 -75.12
C HIS A 312 -4.79 6.37 -75.98
N ILE A 313 -3.68 6.84 -75.41
CA ILE A 313 -2.61 7.49 -76.14
C ILE A 313 -1.77 6.40 -76.81
N ILE A 314 -1.49 6.59 -78.10
CA ILE A 314 -0.76 5.61 -78.91
C ILE A 314 0.72 5.72 -78.59
N ASN A 315 1.26 6.93 -78.73
CA ASN A 315 2.66 7.21 -78.44
C ASN A 315 2.87 8.72 -78.42
N CYS A 316 3.92 9.16 -77.73
CA CYS A 316 4.36 10.55 -77.73
C CYS A 316 5.86 10.60 -78.04
N TYR A 317 6.32 11.68 -78.68
CA TYR A 317 7.75 11.85 -78.88
C TYR A 317 8.08 13.29 -79.25
N GLU A 318 9.36 13.63 -79.08
CA GLU A 318 9.94 14.88 -79.53
C GLU A 318 10.77 14.62 -80.78
N HIS A 319 10.66 15.50 -81.79
CA HIS A 319 11.42 15.34 -83.01
C HIS A 319 11.68 16.71 -83.64
N GLU A 320 12.95 17.11 -83.66
CA GLU A 320 13.40 18.33 -84.32
C GLU A 320 12.54 19.52 -83.87
N GLY A 321 12.38 19.68 -82.56
CA GLY A 321 11.73 20.85 -81.98
C GLY A 321 10.21 20.75 -81.92
N GLU A 322 9.65 19.61 -82.40
CA GLU A 322 8.21 19.40 -82.42
C GLU A 322 7.83 18.38 -81.35
N LEU A 323 6.65 18.56 -80.75
CA LEU A 323 6.02 17.56 -79.91
C LEU A 323 4.95 16.85 -80.72
N VAL A 324 4.94 15.51 -80.66
CA VAL A 324 3.89 14.71 -81.27
C VAL A 324 3.18 13.91 -80.18
N VAL A 325 1.85 14.01 -80.15
CA VAL A 325 1.00 13.19 -79.30
C VAL A 325 -0.05 12.53 -80.19
N ASP A 326 0.06 11.20 -80.36
CA ASP A 326 -0.91 10.41 -81.10
C ASP A 326 -1.84 9.71 -80.12
N LEU A 327 -3.15 9.83 -80.32
CA LEU A 327 -4.13 9.24 -79.42
C LEU A 327 -5.43 8.98 -80.16
N CYS A 328 -6.24 8.07 -79.59
CA CYS A 328 -7.54 7.72 -80.14
C CYS A 328 -8.61 8.57 -79.46
N THR A 329 -9.27 9.44 -80.25
CA THR A 329 -10.10 10.50 -79.70
C THR A 329 -11.58 10.24 -79.96
N TYR A 330 -12.41 10.69 -79.01
CA TYR A 330 -13.85 10.77 -79.16
C TYR A 330 -14.28 12.22 -79.01
N LYS A 331 -15.52 12.52 -79.42
CA LYS A 331 -16.05 13.88 -79.28
C LYS A 331 -16.56 14.09 -77.86
N ASP A 332 -16.92 13.00 -77.18
CA ASP A 332 -17.42 13.06 -75.81
C ASP A 332 -17.16 11.72 -75.13
N ALA A 333 -17.68 11.56 -73.90
CA ALA A 333 -17.39 10.41 -73.08
C ALA A 333 -18.54 9.41 -73.07
N LYS A 334 -19.37 9.42 -74.12
CA LYS A 334 -20.56 8.59 -74.17
C LYS A 334 -20.21 7.11 -74.31
N VAL A 335 -18.97 6.76 -74.68
CA VAL A 335 -18.57 5.37 -74.78
C VAL A 335 -18.72 4.70 -73.41
N VAL A 336 -18.58 5.47 -72.33
CA VAL A 336 -18.76 4.99 -70.97
C VAL A 336 -20.22 4.53 -70.79
N ASP A 337 -21.17 5.34 -71.27
CA ASP A 337 -22.58 5.02 -71.18
C ASP A 337 -22.93 3.83 -72.07
N ALA A 338 -22.18 3.66 -73.17
CA ALA A 338 -22.43 2.59 -74.12
C ALA A 338 -22.15 1.21 -73.50
N MET A 339 -21.32 1.18 -72.45
N MET A 339 -21.32 1.18 -72.45
CA MET A 339 -20.84 -0.08 -71.91
CA MET A 339 -20.84 -0.08 -71.91
C MET A 339 -21.60 -0.46 -70.63
C MET A 339 -21.60 -0.46 -70.63
N TYR A 340 -22.74 0.20 -70.38
CA TYR A 340 -23.73 -0.31 -69.43
C TYR A 340 -24.34 -1.57 -70.01
N VAL A 341 -24.61 -2.56 -69.16
CA VAL A 341 -25.12 -3.85 -69.62
C VAL A 341 -26.41 -3.65 -70.40
N HIS A 342 -27.30 -2.79 -69.89
CA HIS A 342 -28.58 -2.52 -70.54
C HIS A 342 -28.35 -1.89 -71.92
N ALA A 343 -27.37 -0.98 -72.03
CA ALA A 343 -27.07 -0.31 -73.28
C ALA A 343 -26.56 -1.32 -74.31
N ILE A 344 -25.71 -2.26 -73.87
CA ILE A 344 -25.19 -3.29 -74.74
C ILE A 344 -26.33 -4.20 -75.21
N GLU A 345 -27.22 -4.56 -74.28
CA GLU A 345 -28.33 -5.46 -74.55
C GLU A 345 -29.27 -4.90 -75.63
N THR A 346 -29.44 -3.57 -75.66
CA THR A 346 -30.46 -2.93 -76.48
C THR A 346 -29.83 -2.14 -77.63
N MET A 347 -28.56 -2.39 -77.94
CA MET A 347 -27.81 -1.52 -78.84
C MET A 347 -28.35 -1.63 -80.27
N GLN A 348 -29.00 -2.77 -80.60
CA GLN A 348 -29.46 -2.99 -81.97
C GLN A 348 -30.61 -2.05 -82.33
N SER A 349 -31.26 -1.43 -81.34
CA SER A 349 -32.31 -0.46 -81.59
C SER A 349 -31.89 0.95 -81.17
N ASN A 350 -30.57 1.15 -80.96
CA ASN A 350 -30.04 2.43 -80.51
C ASN A 350 -29.34 3.12 -81.68
N ALA A 351 -29.95 4.19 -82.19
CA ALA A 351 -29.51 4.87 -83.39
C ALA A 351 -28.21 5.64 -83.16
N ASP A 352 -27.89 5.95 -81.89
CA ASP A 352 -26.74 6.76 -81.55
C ASP A 352 -25.55 5.91 -81.10
N TYR A 353 -25.73 4.58 -81.02
CA TYR A 353 -24.75 3.71 -80.37
C TYR A 353 -23.40 3.80 -81.08
N ALA A 354 -23.42 3.78 -82.42
CA ALA A 354 -22.19 3.83 -83.21
C ALA A 354 -21.46 5.15 -83.00
N GLU A 355 -22.21 6.24 -82.80
CA GLU A 355 -21.61 7.55 -82.58
C GLU A 355 -20.98 7.61 -81.18
N TRP A 356 -21.59 6.95 -80.20
CA TRP A 356 -21.03 6.85 -78.87
C TRP A 356 -19.63 6.23 -78.93
N PHE A 357 -19.47 5.23 -79.81
CA PHE A 357 -18.22 4.50 -79.95
C PHE A 357 -17.30 5.11 -81.01
N ARG A 358 -17.64 6.30 -81.52
CA ARG A 358 -16.93 6.86 -82.66
C ARG A 358 -15.60 7.44 -82.19
N ALA A 359 -14.55 6.66 -82.44
CA ALA A 359 -13.19 7.04 -82.14
C ALA A 359 -12.43 7.23 -83.44
N LYS A 360 -11.49 8.17 -83.41
CA LYS A 360 -10.64 8.44 -84.55
C LYS A 360 -9.22 8.68 -84.06
N PRO A 361 -8.20 8.04 -84.70
CA PRO A 361 -6.81 8.26 -84.31
C PRO A 361 -6.33 9.60 -84.86
N LYS A 362 -5.80 10.45 -83.96
CA LYS A 362 -5.38 11.78 -84.33
C LYS A 362 -3.94 12.02 -83.87
N ARG A 363 -3.23 12.83 -84.65
CA ARG A 363 -1.92 13.36 -84.27
C ARG A 363 -2.09 14.81 -83.84
N LEU A 364 -1.73 15.08 -82.57
CA LEU A 364 -1.61 16.45 -82.07
C LEU A 364 -0.13 16.84 -82.17
N GLN A 365 0.14 18.02 -82.76
CA GLN A 365 1.50 18.44 -83.00
C GLN A 365 1.63 19.94 -82.76
N VAL A 366 2.78 20.33 -82.17
CA VAL A 366 3.07 21.72 -81.88
C VAL A 366 4.58 21.88 -81.72
N SER A 367 5.07 23.08 -82.00
CA SER A 367 6.47 23.43 -81.75
C SER A 367 6.68 23.53 -80.25
N LEU A 368 7.79 22.96 -79.77
CA LEU A 368 8.14 23.00 -78.36
C LEU A 368 8.40 24.43 -77.91
N ASN A 369 8.83 25.29 -78.85
CA ASN A 369 9.16 26.68 -78.55
C ASN A 369 7.95 27.60 -78.67
N ALA A 370 6.79 27.04 -79.03
CA ALA A 370 5.59 27.85 -79.20
C ALA A 370 5.18 28.45 -77.86
N PRO A 371 4.51 29.63 -77.85
CA PRO A 371 4.03 30.23 -76.60
C PRO A 371 3.04 29.31 -75.87
N LYS A 372 2.96 29.48 -74.56
CA LYS A 372 2.02 28.78 -73.72
C LYS A 372 0.59 29.02 -74.24
N MET A 373 -0.18 27.92 -74.31
CA MET A 373 -1.59 27.91 -74.68
C MET A 373 -1.78 28.08 -76.18
N THR A 374 -0.70 27.91 -76.95
CA THR A 374 -0.80 27.77 -78.40
C THR A 374 -1.68 26.56 -78.72
N ARG A 375 -2.53 26.70 -79.75
CA ARG A 375 -3.37 25.62 -80.22
C ARG A 375 -2.52 24.63 -81.01
N MET A 376 -2.70 23.34 -80.73
CA MET A 376 -1.94 22.30 -81.40
C MET A 376 -2.58 22.04 -82.77
N LYS A 377 -1.75 21.68 -83.76
CA LYS A 377 -2.29 21.13 -84.99
C LYS A 377 -2.90 19.76 -84.68
N SER A 378 -4.07 19.49 -85.26
CA SER A 378 -4.80 18.25 -85.03
C SER A 378 -5.15 17.60 -86.37
N SER A 379 -4.53 16.44 -86.67
CA SER A 379 -4.71 15.74 -87.93
C SER A 379 -5.20 14.32 -87.68
N ILE A 380 -6.05 13.81 -88.59
CA ILE A 380 -6.48 12.43 -88.56
C ILE A 380 -5.39 11.56 -89.17
N LEU A 381 -5.08 10.44 -88.48
CA LEU A 381 -3.97 9.56 -88.87
C LEU A 381 -4.46 8.50 -89.86
N ALA A 382 -5.75 8.16 -89.80
CA ALA A 382 -6.36 7.22 -90.71
C ALA A 382 -7.88 7.39 -90.66
N ASP A 383 -8.55 7.10 -91.78
CA ASP A 383 -9.98 7.28 -91.90
C ASP A 383 -10.70 6.00 -91.48
N ILE A 384 -10.39 5.51 -90.28
CA ILE A 384 -11.01 4.33 -89.71
C ILE A 384 -10.86 4.41 -88.19
N GLY A 385 -11.93 4.03 -87.47
CA GLY A 385 -11.92 4.03 -86.03
C GLY A 385 -10.97 2.99 -85.46
N CYS A 386 -10.13 3.41 -84.50
CA CYS A 386 -9.15 2.55 -83.86
C CYS A 386 -9.29 2.60 -82.34
N GLU A 387 -9.12 1.44 -81.68
CA GLU A 387 -9.02 1.38 -80.22
C GLU A 387 -8.05 0.28 -79.80
N THR A 388 -7.70 0.30 -78.50
CA THR A 388 -6.68 -0.54 -77.91
C THR A 388 -5.45 -0.61 -78.82
N PRO A 389 -4.76 0.54 -79.05
CA PRO A 389 -3.59 0.58 -79.92
C PRO A 389 -2.34 0.04 -79.23
N ARG A 390 -1.44 -0.55 -80.02
CA ARG A 390 -0.14 -0.98 -79.53
C ARG A 390 0.91 -0.67 -80.60
N ILE A 391 2.16 -0.60 -80.18
CA ILE A 391 3.28 -0.31 -81.07
C ILE A 391 4.41 -1.29 -80.75
N HIS A 392 5.51 -1.15 -81.50
CA HIS A 392 6.77 -1.78 -81.13
C HIS A 392 7.32 -1.03 -79.92
N TYR A 393 6.79 -1.38 -78.75
CA TYR A 393 6.86 -0.54 -77.56
C TYR A 393 8.29 -0.46 -77.02
N ASP A 394 9.00 -1.60 -77.02
CA ASP A 394 10.29 -1.71 -76.38
C ASP A 394 11.32 -0.80 -77.05
N LEU A 395 11.13 -0.49 -78.33
CA LEU A 395 12.11 0.24 -79.10
C LEU A 395 11.60 1.64 -79.48
N HIS A 396 10.28 1.86 -79.47
CA HIS A 396 9.72 3.06 -80.08
C HIS A 396 8.88 3.90 -79.13
N ASN A 397 8.53 3.39 -77.94
CA ASN A 397 7.80 4.19 -76.98
C ASN A 397 8.65 5.41 -76.60
N SER A 398 8.02 6.59 -76.62
CA SER A 398 8.64 7.85 -76.25
C SER A 398 9.55 8.37 -77.35
N LYS A 399 9.57 7.71 -78.51
CA LYS A 399 10.49 8.04 -79.60
C LYS A 399 9.73 8.10 -80.92
N TYR A 400 10.39 8.63 -81.95
CA TYR A 400 9.85 8.60 -83.30
C TYR A 400 9.48 7.17 -83.67
N TYR A 401 8.34 7.03 -84.34
CA TYR A 401 7.84 5.73 -84.77
C TYR A 401 6.97 5.93 -86.01
N ARG A 402 6.62 4.82 -86.66
CA ARG A 402 5.91 4.86 -87.93
C ARG A 402 4.59 4.10 -87.86
N TYR A 403 4.56 2.96 -87.16
CA TYR A 403 3.45 2.03 -87.24
C TYR A 403 2.78 1.85 -85.88
N PHE A 404 1.44 1.82 -85.88
CA PHE A 404 0.70 1.28 -84.74
C PHE A 404 -0.33 0.27 -85.23
N TYR A 405 -0.79 -0.55 -84.28
CA TYR A 405 -1.75 -1.61 -84.54
C TYR A 405 -2.90 -1.45 -83.57
N ALA A 406 -4.12 -1.75 -84.03
CA ALA A 406 -5.32 -1.50 -83.24
C ALA A 406 -6.45 -2.40 -83.71
N ILE A 407 -7.60 -2.30 -83.03
CA ILE A 407 -8.81 -2.97 -83.42
C ILE A 407 -9.83 -1.94 -83.84
N SER A 408 -10.66 -2.29 -84.82
CA SER A 408 -11.70 -1.39 -85.31
C SER A 408 -12.66 -1.04 -84.19
N SER A 409 -13.05 0.24 -84.12
CA SER A 409 -13.96 0.74 -83.10
C SER A 409 -15.29 1.17 -83.71
N ASP A 410 -15.45 0.99 -85.04
CA ASP A 410 -16.68 1.38 -85.72
C ASP A 410 -17.69 0.24 -85.62
N VAL A 411 -18.75 0.48 -84.82
CA VAL A 411 -19.80 -0.49 -84.58
C VAL A 411 -20.53 -0.84 -85.88
N ASP A 412 -20.57 0.13 -86.81
CA ASP A 412 -21.34 0.02 -88.03
C ASP A 412 -20.44 -0.33 -89.22
N ALA A 413 -19.19 -0.77 -88.94
CA ALA A 413 -18.30 -1.21 -90.00
C ALA A 413 -18.84 -2.49 -90.64
N GLU A 414 -18.39 -2.77 -91.87
CA GLU A 414 -18.68 -4.01 -92.55
C GLU A 414 -18.24 -5.20 -91.70
N ASN A 415 -17.04 -5.08 -91.12
CA ASN A 415 -16.58 -6.06 -90.14
C ASN A 415 -16.03 -5.32 -88.93
N PRO A 416 -16.76 -5.32 -87.79
CA PRO A 416 -16.32 -4.58 -86.60
C PRO A 416 -15.23 -5.27 -85.77
N GLY A 417 -14.76 -6.44 -86.24
CA GLY A 417 -13.65 -7.14 -85.60
C GLY A 417 -12.39 -7.16 -86.47
N THR A 418 -12.00 -5.97 -86.95
CA THR A 418 -10.87 -5.84 -87.86
C THR A 418 -9.62 -5.46 -87.07
N VAL A 419 -8.53 -6.21 -87.31
CA VAL A 419 -7.21 -5.81 -86.84
C VAL A 419 -6.62 -4.87 -87.89
N ILE A 420 -6.13 -3.71 -87.43
CA ILE A 420 -5.71 -2.63 -88.31
C ILE A 420 -4.24 -2.30 -88.04
N LYS A 421 -3.48 -2.13 -89.12
CA LYS A 421 -2.14 -1.55 -89.06
C LYS A 421 -2.17 -0.19 -89.73
N VAL A 422 -1.73 0.85 -89.02
CA VAL A 422 -1.68 2.20 -89.57
C VAL A 422 -0.22 2.60 -89.80
N ASP A 423 0.07 3.04 -91.02
CA ASP A 423 1.35 3.65 -91.35
C ASP A 423 1.18 5.17 -91.23
N THR A 424 1.77 5.75 -90.18
CA THR A 424 1.55 7.16 -89.86
C THR A 424 2.23 8.07 -90.87
N LYS A 425 3.24 7.56 -91.58
CA LYS A 425 3.97 8.33 -92.58
C LYS A 425 3.06 8.59 -93.79
N THR A 426 2.43 7.53 -94.31
CA THR A 426 1.73 7.58 -95.58
C THR A 426 0.21 7.65 -95.39
N GLY A 427 -0.28 7.14 -94.26
CA GLY A 427 -1.72 7.00 -94.04
C GLY A 427 -2.25 5.65 -94.52
N GLU A 428 -1.37 4.82 -95.10
CA GLU A 428 -1.74 3.50 -95.61
C GLU A 428 -2.20 2.61 -94.46
N THR A 429 -3.27 1.84 -94.69
CA THR A 429 -3.75 0.88 -93.71
C THR A 429 -3.68 -0.53 -94.29
N LYS A 430 -3.44 -1.51 -93.43
CA LYS A 430 -3.58 -2.93 -93.76
C LYS A 430 -4.46 -3.57 -92.69
N THR A 431 -5.26 -4.54 -93.09
CA THR A 431 -6.31 -5.07 -92.24
C THR A 431 -6.36 -6.60 -92.30
N TRP A 432 -6.88 -7.18 -91.22
CA TRP A 432 -7.27 -8.58 -91.17
C TRP A 432 -8.63 -8.66 -90.49
N CYS A 433 -9.54 -9.46 -91.07
CA CYS A 433 -10.83 -9.70 -90.45
C CYS A 433 -11.46 -10.96 -91.02
N ARG A 434 -12.31 -11.61 -90.21
CA ARG A 434 -13.08 -12.77 -90.64
C ARG A 434 -14.49 -12.64 -90.07
N PRO A 435 -15.52 -13.22 -90.73
CA PRO A 435 -16.91 -13.09 -90.27
C PRO A 435 -17.12 -13.64 -88.86
N ASN A 436 -17.85 -12.89 -88.06
CA ASN A 436 -18.31 -13.32 -86.74
C ASN A 436 -17.12 -13.52 -85.79
N CYS A 437 -15.97 -12.89 -86.10
CA CYS A 437 -14.76 -13.07 -85.32
C CYS A 437 -14.37 -11.73 -84.69
N TYR A 438 -14.01 -11.76 -83.41
CA TYR A 438 -13.73 -10.55 -82.65
C TYR A 438 -12.34 -10.67 -82.01
N PRO A 439 -11.28 -10.16 -82.69
CA PRO A 439 -9.93 -10.20 -82.15
C PRO A 439 -9.72 -9.16 -81.05
N SER A 440 -8.76 -9.46 -80.17
CA SER A 440 -8.37 -8.57 -79.10
C SER A 440 -7.30 -7.62 -79.60
N GLU A 441 -7.05 -6.58 -78.79
CA GLU A 441 -5.83 -5.81 -78.81
C GLU A 441 -4.68 -6.66 -79.35
N PRO A 442 -4.02 -6.25 -80.45
CA PRO A 442 -2.86 -6.97 -80.97
C PRO A 442 -1.59 -6.52 -80.28
N ILE A 443 -0.71 -7.48 -79.93
CA ILE A 443 0.56 -7.16 -79.30
C ILE A 443 1.69 -7.54 -80.25
N PHE A 444 2.62 -6.60 -80.45
CA PHE A 444 3.70 -6.77 -81.41
C PHE A 444 4.87 -7.48 -80.72
N VAL A 445 5.43 -8.47 -81.43
CA VAL A 445 6.62 -9.20 -81.01
C VAL A 445 7.62 -9.14 -82.16
N PRO A 446 8.83 -8.58 -81.96
CA PRO A 446 9.81 -8.46 -83.04
C PRO A 446 10.43 -9.81 -83.42
N SER A 447 10.84 -9.95 -84.69
CA SER A 447 11.47 -11.16 -85.18
C SER A 447 12.91 -11.19 -84.66
N PRO A 448 13.53 -12.40 -84.53
CA PRO A 448 14.87 -12.54 -83.94
C PRO A 448 15.94 -11.58 -84.46
N ASN A 449 16.05 -11.45 -85.79
CA ASN A 449 17.05 -10.59 -86.39
C ASN A 449 16.37 -9.40 -87.05
N ALA A 450 15.52 -8.70 -86.27
CA ALA A 450 14.65 -7.67 -86.80
C ALA A 450 15.48 -6.52 -87.38
N LYS A 451 15.10 -6.08 -88.58
CA LYS A 451 15.75 -4.95 -89.23
C LYS A 451 14.85 -3.71 -89.13
N ASP A 452 13.57 -3.89 -89.44
CA ASP A 452 12.61 -2.79 -89.57
C ASP A 452 11.71 -2.73 -88.34
N GLU A 453 10.98 -1.62 -88.20
CA GLU A 453 10.08 -1.40 -87.08
C GLU A 453 8.97 -2.45 -87.08
N ASP A 454 8.50 -2.86 -88.27
CA ASP A 454 7.38 -3.78 -88.39
C ASP A 454 7.83 -5.18 -88.76
N ASP A 455 9.12 -5.49 -88.49
CA ASP A 455 9.67 -6.81 -88.72
C ASP A 455 9.35 -7.69 -87.52
N GLY A 456 8.15 -8.30 -87.53
CA GLY A 456 7.70 -9.13 -86.43
C GLY A 456 6.28 -9.65 -86.63
N VAL A 457 5.63 -10.04 -85.54
CA VAL A 457 4.29 -10.62 -85.59
C VAL A 457 3.38 -9.91 -84.59
N LEU A 458 2.07 -10.07 -84.80
CA LEU A 458 1.06 -9.62 -83.86
C LEU A 458 0.40 -10.83 -83.23
N LEU A 459 0.26 -10.82 -81.90
CA LEU A 459 -0.52 -11.81 -81.19
C LEU A 459 -1.86 -11.19 -80.79
N SER A 460 -2.95 -11.92 -81.08
CA SER A 460 -4.29 -11.49 -80.74
C SER A 460 -5.11 -12.69 -80.26
N ALA A 461 -5.88 -12.49 -79.18
CA ALA A 461 -6.82 -13.48 -78.69
C ALA A 461 -8.16 -13.28 -79.40
N LEU A 462 -8.73 -14.38 -79.92
CA LEU A 462 -9.98 -14.31 -80.67
C LEU A 462 -11.12 -14.90 -79.83
N VAL A 463 -12.29 -14.26 -79.92
CA VAL A 463 -13.56 -14.89 -79.60
C VAL A 463 -14.48 -14.75 -80.82
N TRP A 464 -15.58 -15.50 -80.81
CA TRP A 464 -16.56 -15.43 -81.88
C TRP A 464 -17.91 -14.99 -81.30
N GLY A 465 -18.78 -14.47 -82.17
CA GLY A 465 -20.09 -14.00 -81.78
C GLY A 465 -21.17 -15.06 -82.01
N GLY A 466 -22.43 -14.63 -81.88
CA GLY A 466 -23.57 -15.51 -81.98
C GLY A 466 -23.53 -16.62 -80.94
N GLU A 467 -23.76 -17.86 -81.40
CA GLU A 467 -23.84 -19.03 -80.53
C GLU A 467 -22.46 -19.68 -80.36
N MET A 468 -21.43 -19.13 -81.01
CA MET A 468 -20.09 -19.70 -80.92
C MET A 468 -19.35 -19.08 -79.73
N ASN A 469 -19.89 -19.29 -78.52
CA ASN A 469 -19.51 -18.52 -77.34
C ASN A 469 -18.57 -19.30 -76.42
N GLN A 470 -18.09 -20.48 -76.86
CA GLN A 470 -17.23 -21.29 -76.02
C GLN A 470 -15.98 -21.70 -76.78
N THR A 471 -15.50 -20.81 -77.65
CA THR A 471 -14.30 -21.06 -78.43
C THR A 471 -13.41 -19.82 -78.39
N VAL A 472 -12.11 -20.06 -78.17
CA VAL A 472 -11.12 -19.02 -78.06
C VAL A 472 -9.92 -19.44 -78.90
N ALA A 473 -9.14 -18.46 -79.38
CA ALA A 473 -7.97 -18.77 -80.17
C ALA A 473 -6.87 -17.73 -79.97
N LEU A 474 -5.62 -18.15 -80.21
CA LEU A 474 -4.51 -17.24 -80.38
C LEU A 474 -4.20 -17.13 -81.87
N LEU A 475 -4.28 -15.90 -82.39
CA LEU A 475 -3.96 -15.59 -83.77
C LEU A 475 -2.58 -14.96 -83.85
N VAL A 476 -1.77 -15.40 -84.82
CA VAL A 476 -0.48 -14.81 -85.11
C VAL A 476 -0.51 -14.25 -86.53
N LEU A 477 -0.38 -12.92 -86.64
CA LEU A 477 -0.33 -12.23 -87.91
C LEU A 477 1.12 -11.81 -88.22
N ASN A 478 1.45 -11.81 -89.51
CA ASN A 478 2.66 -11.19 -90.01
C ASN A 478 2.45 -9.68 -89.97
N ALA A 479 3.32 -8.96 -89.24
CA ALA A 479 3.13 -7.53 -88.98
C ALA A 479 3.36 -6.70 -90.25
N LYS A 480 4.15 -7.23 -91.19
CA LYS A 480 4.41 -6.51 -92.43
C LYS A 480 3.18 -6.54 -93.34
N THR A 481 2.54 -7.70 -93.46
CA THR A 481 1.51 -7.95 -94.48
C THR A 481 0.11 -8.02 -93.88
N MET A 482 0.01 -8.24 -92.56
CA MET A 482 -1.23 -8.44 -91.85
C MET A 482 -1.94 -9.70 -92.35
N GLU A 483 -1.15 -10.69 -92.80
CA GLU A 483 -1.68 -12.00 -93.17
C GLU A 483 -1.55 -12.95 -91.99
N GLU A 484 -2.53 -13.86 -91.85
CA GLU A 484 -2.49 -14.87 -90.82
C GLU A 484 -1.37 -15.86 -91.13
N MET A 485 -0.48 -16.06 -90.15
CA MET A 485 0.60 -17.02 -90.25
C MET A 485 0.15 -18.36 -89.66
N GLY A 486 -0.48 -18.30 -88.49
CA GLY A 486 -0.92 -19.49 -87.78
C GLY A 486 -1.96 -19.17 -86.71
N ARG A 487 -2.56 -20.22 -86.15
CA ARG A 487 -3.62 -20.08 -85.17
C ARG A 487 -3.69 -21.32 -84.28
N ALA A 488 -3.92 -21.08 -82.98
CA ALA A 488 -4.22 -22.14 -82.03
C ALA A 488 -5.64 -21.93 -81.50
N THR A 489 -6.49 -22.95 -81.65
CA THR A 489 -7.91 -22.85 -81.32
C THR A 489 -8.23 -23.79 -80.17
N PHE A 490 -9.06 -23.30 -79.22
CA PHE A 490 -9.41 -24.02 -78.02
C PHE A 490 -10.92 -23.95 -77.81
N ASN A 491 -11.49 -25.01 -77.23
CA ASN A 491 -12.86 -24.95 -76.72
C ASN A 491 -12.79 -24.86 -75.19
N THR A 492 -13.57 -23.93 -74.63
CA THR A 492 -13.67 -23.75 -73.19
C THR A 492 -14.89 -24.51 -72.67
N PRO A 493 -14.87 -24.98 -71.40
CA PRO A 493 -16.00 -25.71 -70.84
C PRO A 493 -17.23 -24.86 -70.53
N SER A 494 -17.07 -23.53 -70.55
CA SER A 494 -18.16 -22.60 -70.29
C SER A 494 -17.97 -21.36 -71.16
N PRO A 495 -18.90 -20.38 -71.17
CA PRO A 495 -18.77 -19.20 -72.03
C PRO A 495 -17.41 -18.51 -71.88
N ALA A 496 -16.86 -18.06 -73.01
CA ALA A 496 -15.51 -17.49 -73.10
C ALA A 496 -15.62 -15.98 -73.20
N PRO A 497 -15.42 -15.21 -72.09
CA PRO A 497 -15.59 -13.76 -72.11
C PRO A 497 -14.46 -13.04 -72.83
N LYS A 498 -14.79 -11.89 -73.43
CA LYS A 498 -13.84 -11.11 -74.20
C LYS A 498 -12.95 -10.31 -73.26
N CYS A 499 -11.64 -10.32 -73.54
CA CYS A 499 -10.64 -9.68 -72.69
C CYS A 499 -10.41 -8.24 -73.15
N LEU A 500 -9.57 -7.50 -72.40
CA LEU A 500 -9.29 -6.10 -72.68
C LEU A 500 -7.82 -5.92 -73.10
N HIS A 501 -6.90 -6.06 -72.13
CA HIS A 501 -5.50 -5.76 -72.37
C HIS A 501 -4.63 -6.92 -71.92
N GLY A 502 -3.40 -6.98 -72.47
CA GLY A 502 -2.48 -8.04 -72.13
C GLY A 502 -1.02 -7.60 -72.21
N TRP A 503 -0.12 -8.57 -72.01
CA TRP A 503 1.31 -8.37 -72.09
C TRP A 503 1.96 -9.67 -72.52
N PHE A 504 3.00 -9.58 -73.37
CA PHE A 504 3.75 -10.75 -73.80
C PHE A 504 5.08 -10.81 -73.05
N LEU A 505 5.35 -11.97 -72.45
CA LEU A 505 6.60 -12.22 -71.72
C LEU A 505 7.43 -13.22 -72.52
N PRO A 506 8.50 -12.77 -73.22
CA PRO A 506 9.36 -13.70 -73.97
C PRO A 506 10.15 -14.61 -73.03
N THR A 507 10.41 -15.85 -73.48
CA THR A 507 11.09 -16.83 -72.64
C THR A 507 12.58 -16.48 -72.57
N ALA B 2 -31.64 -50.80 5.45
CA ALA B 2 -31.84 -51.09 4.01
C ALA B 2 -32.52 -49.92 3.31
N ALA B 3 -32.07 -48.70 3.62
CA ALA B 3 -32.53 -47.51 2.91
C ALA B 3 -31.46 -47.10 1.89
N THR B 4 -31.72 -47.38 0.61
CA THR B 4 -30.81 -47.05 -0.47
C THR B 4 -31.36 -45.86 -1.25
N GLU B 5 -31.64 -44.76 -0.53
CA GLU B 5 -32.19 -43.54 -1.12
C GLU B 5 -31.09 -42.48 -1.27
N GLU B 6 -29.83 -42.93 -1.32
CA GLU B 6 -28.68 -42.06 -1.27
C GLU B 6 -28.14 -41.87 -2.68
N LYS B 7 -27.90 -40.61 -3.09
CA LYS B 7 -27.13 -40.32 -4.29
C LYS B 7 -25.76 -40.98 -4.18
N LEU B 8 -25.42 -41.84 -5.14
CA LEU B 8 -24.17 -42.57 -5.12
C LEU B 8 -23.00 -41.65 -5.50
N TYR B 9 -23.30 -40.59 -6.26
CA TYR B 9 -22.28 -39.69 -6.79
C TYR B 9 -22.66 -38.26 -6.46
N PRO B 10 -22.68 -37.87 -5.16
CA PRO B 10 -23.25 -36.58 -4.75
C PRO B 10 -22.50 -35.34 -5.25
N ASN B 11 -21.22 -35.49 -5.64
CA ASN B 11 -20.42 -34.37 -6.11
C ASN B 11 -20.46 -34.25 -7.63
N CYS B 12 -21.28 -35.08 -8.29
CA CYS B 12 -21.39 -35.06 -9.74
C CYS B 12 -22.82 -34.73 -10.16
N ASP B 13 -22.97 -33.67 -10.98
CA ASP B 13 -24.23 -33.37 -11.64
C ASP B 13 -24.11 -33.78 -13.11
N ALA B 14 -24.62 -34.98 -13.43
CA ALA B 14 -24.48 -35.54 -14.76
C ALA B 14 -25.43 -34.83 -15.74
N THR B 15 -26.38 -34.04 -15.23
CA THR B 15 -27.36 -33.37 -16.08
C THR B 15 -26.74 -32.17 -16.82
N VAL B 16 -25.44 -31.89 -16.59
CA VAL B 16 -24.75 -30.88 -17.37
C VAL B 16 -24.66 -31.32 -18.83
N TRP B 17 -24.83 -32.63 -19.09
CA TRP B 17 -24.79 -33.19 -20.43
C TRP B 17 -26.14 -33.18 -21.12
N LEU B 18 -27.22 -32.89 -20.38
CA LEU B 18 -28.58 -33.12 -20.86
C LEU B 18 -29.28 -31.82 -21.25
N ARG B 19 -28.51 -30.80 -21.65
CA ARG B 19 -29.07 -29.47 -21.86
C ARG B 19 -29.32 -29.23 -23.35
N SER B 20 -30.29 -28.36 -23.65
CA SER B 20 -30.60 -27.93 -24.99
C SER B 20 -30.54 -26.41 -25.07
N CYS B 21 -29.69 -25.89 -25.97
CA CYS B 21 -29.67 -24.46 -26.27
C CYS B 21 -30.97 -24.09 -26.98
N GLU B 22 -31.67 -23.08 -26.46
CA GLU B 22 -32.96 -22.66 -27.00
C GLU B 22 -32.81 -21.34 -27.75
N GLU B 23 -31.67 -20.65 -27.61
CA GLU B 23 -31.46 -19.36 -28.23
C GLU B 23 -29.98 -19.21 -28.56
N GLU B 24 -29.69 -19.03 -29.86
CA GLU B 24 -28.33 -18.87 -30.31
C GLU B 24 -27.81 -17.51 -29.87
N VAL B 25 -26.51 -17.45 -29.52
CA VAL B 25 -25.84 -16.21 -29.25
C VAL B 25 -25.09 -15.80 -30.52
N SER B 26 -25.83 -15.13 -31.41
CA SER B 26 -25.34 -14.72 -32.71
C SER B 26 -24.46 -13.48 -32.59
N GLU B 27 -24.94 -12.48 -31.83
CA GLU B 27 -24.20 -11.26 -31.58
C GLU B 27 -23.17 -11.53 -30.48
N PRO B 28 -21.89 -11.16 -30.65
CA PRO B 28 -20.88 -11.42 -29.60
C PRO B 28 -21.27 -10.82 -28.25
N LEU B 29 -21.30 -11.65 -27.21
CA LEU B 29 -21.43 -11.19 -25.84
C LEU B 29 -20.07 -10.80 -25.30
N GLU B 30 -19.95 -9.61 -24.70
CA GLU B 30 -18.70 -9.23 -24.05
C GLU B 30 -18.66 -9.90 -22.68
N GLY B 31 -17.48 -10.41 -22.30
CA GLY B 31 -17.33 -11.16 -21.07
C GLY B 31 -16.83 -10.27 -19.93
N THR B 32 -17.17 -10.67 -18.69
CA THR B 32 -16.62 -10.05 -17.50
C THR B 32 -15.27 -10.69 -17.19
N MET B 33 -14.22 -9.85 -17.17
CA MET B 33 -12.86 -10.29 -16.98
C MET B 33 -12.52 -10.28 -15.49
N THR B 34 -11.91 -11.37 -15.03
CA THR B 34 -11.29 -11.43 -13.71
C THR B 34 -9.86 -11.97 -13.87
N GLY B 35 -9.00 -11.64 -12.90
CA GLY B 35 -7.58 -11.93 -13.01
C GLY B 35 -6.95 -11.19 -14.17
N GLU B 36 -5.90 -11.79 -14.75
CA GLU B 36 -5.19 -11.20 -15.87
C GLU B 36 -4.87 -12.28 -16.91
N PHE B 37 -5.55 -12.23 -18.06
CA PHE B 37 -5.14 -12.94 -19.25
C PHE B 37 -3.73 -12.49 -19.64
N PRO B 38 -2.88 -13.37 -20.22
CA PRO B 38 -1.59 -12.94 -20.74
C PRO B 38 -1.85 -12.02 -21.92
N SER B 39 -1.07 -10.92 -21.99
CA SER B 39 -1.27 -9.88 -22.99
C SER B 39 -1.09 -10.45 -24.41
N TRP B 40 -0.17 -11.41 -24.53
CA TRP B 40 0.19 -11.99 -25.83
C TRP B 40 -0.88 -12.93 -26.35
N LEU B 41 -1.81 -13.39 -25.50
CA LEU B 41 -2.84 -14.34 -25.91
C LEU B 41 -3.88 -13.63 -26.79
N ARG B 42 -3.89 -13.98 -28.08
CA ARG B 42 -4.76 -13.35 -29.07
C ARG B 42 -5.18 -14.41 -30.08
N GLY B 43 -6.49 -14.58 -30.26
CA GLY B 43 -7.01 -15.52 -31.24
C GLY B 43 -8.44 -15.97 -30.96
N THR B 44 -8.84 -17.06 -31.62
CA THR B 44 -10.20 -17.57 -31.57
C THR B 44 -10.18 -19.03 -31.08
N LEU B 45 -10.90 -19.28 -29.98
CA LEU B 45 -11.14 -20.64 -29.53
C LEU B 45 -12.50 -21.08 -30.06
N LEU B 46 -12.49 -22.08 -30.96
CA LEU B 46 -13.71 -22.71 -31.45
C LEU B 46 -13.93 -24.00 -30.67
N ARG B 47 -15.20 -24.24 -30.29
CA ARG B 47 -15.58 -25.49 -29.63
C ARG B 47 -16.76 -26.10 -30.37
N ASN B 48 -16.86 -27.43 -30.32
CA ASN B 48 -17.98 -28.16 -30.89
C ASN B 48 -18.44 -29.18 -29.84
N GLY B 49 -19.73 -29.53 -29.89
CA GLY B 49 -20.26 -30.54 -29.00
C GLY B 49 -21.77 -30.69 -29.13
N PRO B 50 -22.38 -31.63 -28.35
CA PRO B 50 -23.83 -31.79 -28.34
C PRO B 50 -24.51 -30.58 -27.71
N GLY B 51 -25.64 -30.16 -28.28
CA GLY B 51 -26.27 -28.90 -27.87
C GLY B 51 -27.79 -28.90 -27.90
N CYS B 52 -28.44 -30.01 -28.29
CA CYS B 52 -29.89 -30.06 -28.32
C CYS B 52 -30.39 -31.50 -28.40
N LEU B 53 -31.05 -31.95 -27.33
CA LEU B 53 -31.65 -33.26 -27.26
C LEU B 53 -33.09 -33.25 -27.76
N ASN B 54 -33.69 -32.05 -27.87
CA ASN B 54 -35.09 -31.92 -28.23
C ASN B 54 -35.23 -31.77 -29.75
N VAL B 55 -36.25 -32.45 -30.29
CA VAL B 55 -36.58 -32.36 -31.70
C VAL B 55 -38.11 -32.29 -31.83
N GLY B 56 -38.65 -31.07 -31.83
CA GLY B 56 -40.09 -30.89 -31.82
C GLY B 56 -40.71 -31.43 -30.53
N THR B 57 -41.55 -32.47 -30.67
CA THR B 57 -42.17 -33.12 -29.52
C THR B 57 -41.33 -34.30 -29.06
N MET B 58 -40.33 -34.68 -29.87
CA MET B 58 -39.52 -35.86 -29.62
C MET B 58 -38.22 -35.46 -28.92
N ARG B 59 -37.50 -36.47 -28.43
CA ARG B 59 -36.25 -36.28 -27.71
C ARG B 59 -35.28 -37.38 -28.14
N PHE B 60 -34.02 -37.01 -28.41
CA PHE B 60 -32.97 -37.97 -28.69
C PHE B 60 -32.72 -38.84 -27.46
N GLU B 61 -32.25 -40.07 -27.70
CA GLU B 61 -32.13 -41.06 -26.63
C GLU B 61 -30.68 -41.33 -26.27
N HIS B 62 -29.74 -40.73 -27.02
CA HIS B 62 -28.32 -40.86 -26.72
C HIS B 62 -27.64 -39.51 -26.92
N LEU B 63 -26.62 -39.25 -26.10
CA LEU B 63 -25.91 -37.97 -26.10
C LEU B 63 -25.26 -37.72 -27.45
N PHE B 64 -24.83 -38.78 -28.13
CA PHE B 64 -24.13 -38.65 -29.41
C PHE B 64 -25.07 -38.15 -30.51
N ASP B 65 -26.39 -38.21 -30.26
CA ASP B 65 -27.38 -37.81 -31.23
C ASP B 65 -27.65 -36.30 -31.15
N SER B 66 -27.28 -35.69 -30.02
CA SER B 66 -27.61 -34.30 -29.72
C SER B 66 -26.98 -33.37 -30.75
N SER B 67 -27.75 -32.33 -31.14
CA SER B 67 -27.43 -31.52 -32.31
C SER B 67 -26.15 -30.71 -32.09
N ALA B 68 -25.29 -30.72 -33.12
CA ALA B 68 -24.00 -30.04 -33.07
C ALA B 68 -24.18 -28.55 -32.79
N LEU B 69 -23.55 -28.08 -31.71
CA LEU B 69 -23.55 -26.68 -31.33
C LEU B 69 -22.12 -26.16 -31.30
N LEU B 70 -21.87 -25.13 -32.13
CA LEU B 70 -20.56 -24.49 -32.22
C LEU B 70 -20.48 -23.37 -31.19
N HIS B 71 -19.27 -23.14 -30.66
CA HIS B 71 -19.00 -22.05 -29.74
C HIS B 71 -17.76 -21.30 -30.22
N ARG B 72 -17.73 -19.98 -29.98
CA ARG B 72 -16.62 -19.14 -30.37
C ARG B 72 -16.27 -18.19 -29.23
N PHE B 73 -15.02 -18.27 -28.75
CA PHE B 73 -14.47 -17.29 -27.83
C PHE B 73 -13.40 -16.49 -28.56
N ALA B 74 -13.68 -15.20 -28.83
CA ALA B 74 -12.75 -14.32 -29.51
C ALA B 74 -11.98 -13.52 -28.47
N ILE B 75 -10.64 -13.64 -28.50
CA ILE B 75 -9.75 -12.98 -27.55
C ILE B 75 -8.94 -11.95 -28.32
N ASP B 76 -9.24 -10.65 -28.11
CA ASP B 76 -8.64 -9.59 -28.90
C ASP B 76 -8.66 -8.25 -28.17
N ASP B 77 -7.49 -7.62 -28.09
CA ASP B 77 -7.34 -6.23 -27.67
C ASP B 77 -7.94 -6.03 -26.29
N GLY B 78 -7.67 -6.96 -25.37
CA GLY B 78 -8.09 -6.85 -23.98
C GLY B 78 -9.57 -7.18 -23.74
N THR B 79 -10.29 -7.69 -24.75
CA THR B 79 -11.64 -8.19 -24.49
C THR B 79 -11.77 -9.66 -24.89
N VAL B 80 -12.84 -10.30 -24.40
CA VAL B 80 -13.21 -11.64 -24.81
C VAL B 80 -14.73 -11.67 -25.02
N THR B 81 -15.16 -12.15 -26.19
CA THR B 81 -16.57 -12.26 -26.52
C THR B 81 -16.94 -13.73 -26.71
N TYR B 82 -18.24 -14.02 -26.56
CA TYR B 82 -18.78 -15.37 -26.72
C TYR B 82 -19.89 -15.38 -27.77
N GLN B 83 -19.90 -16.45 -28.58
CA GLN B 83 -21.02 -16.76 -29.48
C GLN B 83 -21.26 -18.25 -29.46
N CYS B 84 -22.51 -18.65 -29.77
CA CYS B 84 -22.81 -20.04 -30.05
C CYS B 84 -23.91 -20.11 -31.10
N ARG B 85 -23.79 -21.13 -31.98
CA ARG B 85 -24.65 -21.27 -33.14
C ARG B 85 -24.70 -22.74 -33.53
N PHE B 86 -25.91 -23.26 -33.77
CA PHE B 86 -26.06 -24.62 -34.25
C PHE B 86 -25.43 -24.75 -35.63
N LEU B 87 -24.78 -25.90 -35.86
CA LEU B 87 -24.32 -26.28 -37.17
C LEU B 87 -25.55 -26.59 -38.03
N ARG B 88 -25.63 -25.96 -39.21
CA ARG B 88 -26.80 -26.10 -40.07
C ARG B 88 -26.62 -27.35 -40.92
N THR B 89 -26.97 -28.51 -40.35
CA THR B 89 -26.77 -29.80 -41.00
C THR B 89 -28.04 -30.16 -41.79
N ASN B 90 -27.88 -31.13 -42.70
CA ASN B 90 -28.99 -31.70 -43.43
C ASN B 90 -30.00 -32.30 -42.45
N THR B 91 -29.48 -32.99 -41.44
CA THR B 91 -30.30 -33.66 -40.43
C THR B 91 -31.13 -32.63 -39.66
N LEU B 92 -30.50 -31.52 -39.25
CA LEU B 92 -31.21 -30.49 -38.49
C LEU B 92 -32.32 -29.89 -39.36
N LYS B 93 -32.01 -29.61 -40.63
CA LYS B 93 -32.98 -29.03 -41.55
C LYS B 93 -34.18 -29.96 -41.71
N LYS B 94 -33.92 -31.25 -41.94
CA LYS B 94 -34.97 -32.24 -42.17
C LYS B 94 -35.81 -32.44 -40.91
N ASN B 95 -35.16 -32.51 -39.75
CA ASN B 95 -35.85 -32.74 -38.48
C ASN B 95 -36.70 -31.54 -38.11
N ARG B 96 -36.20 -30.32 -38.37
CA ARG B 96 -36.92 -29.10 -38.02
C ARG B 96 -38.13 -28.93 -38.94
N ALA B 97 -37.93 -29.21 -40.24
CA ALA B 97 -39.01 -29.15 -41.21
C ALA B 97 -40.13 -30.11 -40.83
N ALA B 98 -39.77 -31.34 -40.46
CA ALA B 98 -40.74 -32.38 -40.10
C ALA B 98 -41.27 -32.15 -38.68
N ASN B 99 -40.50 -31.42 -37.87
CA ASN B 99 -40.78 -31.20 -36.46
C ASN B 99 -40.78 -32.53 -35.72
N ARG B 100 -39.87 -33.43 -36.14
CA ARG B 100 -39.67 -34.72 -35.48
C ARG B 100 -38.39 -35.36 -36.02
N ILE B 101 -37.99 -36.48 -35.40
CA ILE B 101 -36.79 -37.19 -35.79
C ILE B 101 -37.13 -38.05 -37.00
N VAL B 102 -36.57 -37.68 -38.16
CA VAL B 102 -36.80 -38.39 -39.41
C VAL B 102 -35.50 -38.96 -39.96
N VAL B 103 -34.39 -38.76 -39.25
CA VAL B 103 -33.10 -39.28 -39.67
C VAL B 103 -32.58 -40.21 -38.56
N THR B 104 -32.18 -41.42 -38.96
CA THR B 104 -31.71 -42.43 -38.02
C THR B 104 -30.38 -41.99 -37.44
N GLU B 105 -30.24 -42.17 -36.11
CA GLU B 105 -29.07 -41.72 -35.38
C GLU B 105 -28.38 -42.92 -34.73
N PHE B 106 -27.24 -42.64 -34.09
CA PHE B 106 -26.47 -43.62 -33.34
C PHE B 106 -27.36 -44.35 -32.33
N GLY B 107 -28.11 -43.57 -31.53
CA GLY B 107 -28.83 -44.09 -30.39
C GLY B 107 -30.35 -43.92 -30.48
N THR B 108 -30.83 -43.38 -31.60
CA THR B 108 -32.24 -43.08 -31.77
C THR B 108 -32.69 -43.51 -33.16
N LYS B 109 -33.81 -44.23 -33.21
CA LYS B 109 -34.46 -44.62 -34.45
C LYS B 109 -35.29 -43.43 -34.95
N SER B 110 -35.40 -43.28 -36.28
CA SER B 110 -36.23 -42.22 -36.83
C SER B 110 -37.70 -42.60 -36.67
N ALA B 111 -38.56 -41.60 -36.53
CA ALA B 111 -39.98 -41.81 -36.34
C ALA B 111 -40.74 -41.06 -37.45
N PRO B 112 -40.69 -41.54 -38.71
CA PRO B 112 -41.45 -40.92 -39.79
C PRO B 112 -42.93 -41.27 -39.63
N ASP B 113 -43.81 -40.29 -39.86
CA ASP B 113 -45.24 -40.53 -39.95
C ASP B 113 -45.49 -41.75 -40.83
N PRO B 114 -46.38 -42.70 -40.45
CA PRO B 114 -46.83 -43.75 -41.36
C PRO B 114 -47.43 -43.24 -42.68
N CYS B 115 -47.73 -41.94 -42.75
CA CYS B 115 -48.12 -41.28 -43.99
C CYS B 115 -46.89 -40.94 -44.86
N HIS B 116 -45.68 -41.05 -44.28
CA HIS B 116 -44.45 -40.70 -44.97
C HIS B 116 -43.51 -41.91 -45.03
N THR B 117 -44.08 -43.11 -45.20
CA THR B 117 -43.32 -44.35 -45.11
C THR B 117 -42.63 -44.65 -46.43
N ILE B 118 -43.40 -44.61 -47.53
CA ILE B 118 -42.89 -44.97 -48.85
C ILE B 118 -41.77 -44.02 -49.27
N PHE B 119 -41.92 -42.73 -48.94
CA PHE B 119 -40.92 -41.72 -49.25
C PHE B 119 -39.59 -42.05 -48.57
N ASP B 120 -39.67 -42.60 -47.35
CA ASP B 120 -38.50 -42.94 -46.56
C ASP B 120 -37.80 -44.18 -47.14
N ARG B 121 -38.58 -45.09 -47.75
CA ARG B 121 -38.08 -46.38 -48.18
C ARG B 121 -37.39 -46.29 -49.54
N VAL B 122 -38.09 -45.73 -50.53
CA VAL B 122 -37.60 -45.68 -51.91
C VAL B 122 -36.40 -44.75 -52.00
N ALA B 123 -36.45 -43.61 -51.29
CA ALA B 123 -35.39 -42.63 -51.30
C ALA B 123 -34.10 -43.22 -50.71
N ALA B 124 -34.25 -44.04 -49.66
CA ALA B 124 -33.12 -44.66 -48.99
C ALA B 124 -32.39 -45.63 -49.92
N PHE B 125 -33.15 -46.28 -50.81
CA PHE B 125 -32.59 -47.17 -51.82
C PHE B 125 -31.82 -46.35 -52.87
N PHE B 126 -32.40 -45.20 -53.26
CA PHE B 126 -31.85 -44.38 -54.32
C PHE B 126 -30.73 -43.48 -53.78
N ASN B 127 -30.72 -43.22 -52.47
CA ASN B 127 -29.72 -42.38 -51.84
C ASN B 127 -29.53 -42.82 -50.39
N PRO B 128 -28.80 -43.92 -50.12
CA PRO B 128 -28.57 -44.40 -48.75
C PRO B 128 -27.65 -43.51 -47.92
N GLY B 129 -26.77 -42.76 -48.60
CA GLY B 129 -25.80 -41.89 -47.94
C GLY B 129 -26.43 -40.65 -47.33
N GLU B 130 -27.48 -40.12 -47.99
CA GLU B 130 -28.17 -38.92 -47.54
C GLU B 130 -29.18 -39.27 -46.44
N HIS B 131 -29.63 -40.54 -46.41
CA HIS B 131 -30.56 -41.00 -45.40
C HIS B 131 -29.86 -41.15 -44.05
N MET B 132 -28.52 -41.21 -44.08
CA MET B 132 -27.71 -41.26 -42.87
C MET B 132 -27.53 -39.85 -42.31
N SER B 133 -27.30 -39.75 -41.00
CA SER B 133 -27.21 -38.48 -40.31
C SER B 133 -25.86 -37.82 -40.56
N ASP B 134 -25.86 -36.48 -40.62
CA ASP B 134 -24.65 -35.70 -40.83
C ASP B 134 -24.44 -34.75 -39.65
N ASN B 135 -24.72 -35.24 -38.44
CA ASN B 135 -24.58 -34.44 -37.22
C ASN B 135 -23.12 -34.40 -36.78
N ALA B 136 -22.35 -33.45 -37.32
CA ALA B 136 -20.92 -33.31 -37.04
C ALA B 136 -20.70 -32.53 -35.74
N MET B 137 -20.87 -33.21 -34.59
CA MET B 137 -20.90 -32.55 -33.30
C MET B 137 -19.62 -32.79 -32.50
N ILE B 138 -18.69 -33.59 -33.03
CA ILE B 138 -17.58 -34.10 -32.21
C ILE B 138 -16.46 -33.07 -32.11
N SER B 139 -16.00 -32.54 -33.25
CA SER B 139 -14.75 -31.78 -33.29
C SER B 139 -14.75 -30.75 -34.42
N VAL B 140 -13.71 -29.90 -34.39
CA VAL B 140 -13.42 -28.96 -35.46
C VAL B 140 -11.90 -28.98 -35.70
N TYR B 141 -11.49 -29.02 -36.97
CA TYR B 141 -10.10 -29.13 -37.34
C TYR B 141 -9.77 -28.19 -38.49
N PRO B 142 -8.54 -27.62 -38.52
CA PRO B 142 -8.11 -26.75 -39.63
C PRO B 142 -7.60 -27.53 -40.85
N PHE B 143 -8.19 -27.20 -42.01
CA PHE B 143 -7.65 -27.58 -43.31
C PHE B 143 -7.14 -26.32 -44.01
N GLY B 144 -5.84 -26.04 -43.85
CA GLY B 144 -5.27 -24.77 -44.25
C GLY B 144 -5.89 -23.63 -43.43
N ASP B 145 -6.56 -22.70 -44.11
CA ASP B 145 -7.18 -21.56 -43.46
C ASP B 145 -8.69 -21.79 -43.33
N GLU B 146 -9.16 -22.99 -43.68
CA GLU B 146 -10.55 -23.36 -43.46
C GLU B 146 -10.64 -24.27 -42.23
N VAL B 147 -11.84 -24.30 -41.64
CA VAL B 147 -12.10 -25.14 -40.48
C VAL B 147 -13.35 -25.98 -40.76
N TYR B 148 -13.27 -27.28 -40.44
CA TYR B 148 -14.38 -28.20 -40.71
C TYR B 148 -14.82 -28.89 -39.42
N ALA B 149 -16.14 -29.06 -39.27
CA ALA B 149 -16.72 -29.83 -38.20
C ALA B 149 -16.85 -31.29 -38.61
N PHE B 150 -16.61 -32.20 -37.66
CA PHE B 150 -16.51 -33.62 -37.95
C PHE B 150 -17.47 -34.43 -37.09
N THR B 151 -18.00 -35.50 -37.69
CA THR B 151 -18.37 -36.71 -36.97
C THR B 151 -17.59 -37.85 -37.63
N GLU B 152 -18.16 -39.06 -37.66
CA GLU B 152 -17.41 -40.21 -38.16
C GLU B 152 -18.08 -40.81 -39.41
N GLY B 153 -19.29 -40.33 -39.74
CA GLY B 153 -19.80 -40.43 -41.10
C GLY B 153 -18.98 -39.57 -42.05
N PRO B 154 -19.13 -39.73 -43.39
CA PRO B 154 -18.25 -39.10 -44.36
C PRO B 154 -18.48 -37.62 -44.66
N ILE B 155 -19.57 -37.03 -44.15
CA ILE B 155 -19.89 -35.64 -44.43
C ILE B 155 -19.31 -34.75 -43.34
N ILE B 156 -18.53 -33.74 -43.77
CA ILE B 156 -18.00 -32.70 -42.91
C ILE B 156 -18.58 -31.36 -43.37
N HIS B 157 -18.55 -30.37 -42.47
CA HIS B 157 -19.16 -29.07 -42.73
C HIS B 157 -18.14 -27.96 -42.44
N ARG B 158 -17.94 -27.08 -43.42
CA ARG B 158 -17.08 -25.93 -43.23
C ARG B 158 -17.77 -24.93 -42.32
N VAL B 159 -16.97 -24.29 -41.45
CA VAL B 159 -17.46 -23.37 -40.46
C VAL B 159 -16.76 -22.03 -40.67
N ASP B 160 -17.55 -20.94 -40.66
CA ASP B 160 -17.01 -19.60 -40.66
C ASP B 160 -16.42 -19.32 -39.27
N THR B 161 -15.13 -19.00 -39.23
CA THR B 161 -14.40 -18.89 -37.98
C THR B 161 -14.72 -17.57 -37.27
N VAL B 162 -15.43 -16.66 -37.95
CA VAL B 162 -15.82 -15.39 -37.37
C VAL B 162 -17.28 -15.43 -36.90
N THR B 163 -18.18 -15.94 -37.75
CA THR B 163 -19.61 -15.81 -37.53
C THR B 163 -20.25 -17.11 -37.05
N LEU B 164 -19.52 -18.23 -37.15
CA LEU B 164 -20.02 -19.57 -36.87
C LEU B 164 -21.13 -19.96 -37.86
N ASP B 165 -21.20 -19.28 -39.01
CA ASP B 165 -22.09 -19.71 -40.08
C ASP B 165 -21.59 -21.05 -40.62
N THR B 166 -22.54 -21.88 -41.05
CA THR B 166 -22.23 -23.13 -41.75
C THR B 166 -22.08 -22.81 -43.23
N LEU B 167 -20.90 -23.11 -43.78
CA LEU B 167 -20.61 -22.88 -45.18
C LEU B 167 -20.77 -24.22 -45.92
N GLU B 168 -19.92 -24.52 -46.91
CA GLU B 168 -20.13 -25.68 -47.76
C GLU B 168 -19.92 -26.97 -46.95
N GLN B 169 -20.56 -28.06 -47.41
CA GLN B 169 -20.26 -29.39 -46.90
C GLN B 169 -19.41 -30.15 -47.92
N LYS B 170 -18.63 -31.11 -47.44
CA LYS B 170 -17.78 -31.95 -48.27
C LYS B 170 -18.07 -33.40 -47.93
N ASN B 171 -18.13 -34.26 -48.96
CA ASN B 171 -18.39 -35.68 -48.80
C ASN B 171 -17.08 -36.44 -49.04
N MET B 172 -16.61 -37.15 -48.01
CA MET B 172 -15.29 -37.79 -48.06
C MET B 172 -15.34 -39.08 -48.88
N THR B 173 -16.54 -39.63 -49.09
CA THR B 173 -16.69 -40.77 -50.00
C THR B 173 -16.43 -40.31 -51.43
N ASP B 174 -17.07 -39.20 -51.83
CA ASP B 174 -16.86 -38.60 -53.13
C ASP B 174 -15.40 -38.18 -53.26
N CYS B 175 -14.83 -37.65 -52.17
CA CYS B 175 -13.53 -37.00 -52.22
C CYS B 175 -12.39 -38.02 -52.33
N VAL B 176 -12.40 -39.06 -51.48
CA VAL B 176 -11.29 -40.01 -51.42
C VAL B 176 -11.77 -41.40 -50.99
N ALA B 177 -13.06 -41.71 -51.23
CA ALA B 177 -13.60 -43.05 -51.10
C ALA B 177 -13.58 -43.54 -49.65
N LEU B 178 -13.73 -42.61 -48.68
CA LEU B 178 -13.92 -43.01 -47.29
C LEU B 178 -15.42 -43.15 -47.02
N VAL B 179 -15.84 -44.34 -46.58
CA VAL B 179 -17.23 -44.55 -46.20
C VAL B 179 -17.44 -44.09 -44.74
N ASN B 180 -16.34 -44.05 -43.98
CA ASN B 180 -16.34 -43.46 -42.65
C ASN B 180 -14.90 -43.04 -42.32
N HIS B 181 -14.74 -42.27 -41.24
CA HIS B 181 -13.42 -41.79 -40.83
C HIS B 181 -13.45 -41.44 -39.34
N THR B 182 -12.27 -41.24 -38.75
CA THR B 182 -12.18 -40.76 -37.38
C THR B 182 -12.55 -39.28 -37.35
N SER B 183 -12.97 -38.81 -36.17
CA SER B 183 -13.26 -37.40 -35.97
C SER B 183 -12.04 -36.68 -35.40
N HIS B 184 -10.86 -37.32 -35.52
CA HIS B 184 -9.63 -36.79 -34.98
C HIS B 184 -8.50 -36.97 -35.99
N PRO B 185 -8.53 -36.25 -37.14
CA PRO B 185 -7.39 -36.24 -38.06
C PRO B 185 -6.16 -35.66 -37.38
N HIS B 186 -4.99 -35.92 -37.96
CA HIS B 186 -3.75 -35.33 -37.52
C HIS B 186 -3.36 -34.19 -38.46
N VAL B 187 -2.93 -33.07 -37.88
CA VAL B 187 -2.56 -31.88 -38.61
C VAL B 187 -1.05 -31.70 -38.45
N MET B 188 -0.33 -31.65 -39.57
CA MET B 188 1.12 -31.57 -39.55
C MET B 188 1.54 -30.11 -39.49
N PRO B 189 2.76 -29.79 -38.99
CA PRO B 189 3.25 -28.41 -38.96
C PRO B 189 3.16 -27.65 -40.29
N ASN B 190 3.26 -28.38 -41.41
CA ASN B 190 3.23 -27.78 -42.74
C ASN B 190 1.80 -27.60 -43.25
N GLY B 191 0.80 -28.02 -42.46
CA GLY B 191 -0.59 -27.84 -42.82
C GLY B 191 -1.24 -29.12 -43.37
N ASP B 192 -0.43 -30.11 -43.75
CA ASP B 192 -0.95 -31.37 -44.26
C ASP B 192 -1.87 -31.99 -43.20
N VAL B 193 -2.94 -32.64 -43.66
CA VAL B 193 -3.88 -33.34 -42.79
C VAL B 193 -3.90 -34.81 -43.20
N TYR B 194 -3.81 -35.69 -42.19
CA TYR B 194 -4.01 -37.12 -42.38
C TYR B 194 -5.23 -37.56 -41.58
N ASN B 195 -5.98 -38.51 -42.13
CA ASN B 195 -7.06 -39.14 -41.39
C ASN B 195 -7.16 -40.61 -41.79
N VAL B 196 -7.70 -41.42 -40.87
CA VAL B 196 -7.91 -42.83 -41.10
C VAL B 196 -9.41 -43.08 -41.25
N GLY B 197 -9.76 -44.02 -42.13
CA GLY B 197 -11.13 -44.40 -42.36
C GLY B 197 -11.23 -45.73 -43.10
N MET B 198 -12.46 -46.18 -43.35
CA MET B 198 -12.70 -47.41 -44.10
C MET B 198 -13.00 -47.07 -45.55
N SER B 199 -12.53 -47.94 -46.45
CA SER B 199 -12.75 -47.79 -47.88
C SER B 199 -12.96 -49.18 -48.49
N VAL B 200 -13.77 -49.26 -49.56
CA VAL B 200 -13.86 -50.47 -50.36
C VAL B 200 -12.83 -50.35 -51.48
N VAL B 201 -11.79 -51.20 -51.42
CA VAL B 201 -10.73 -51.22 -52.41
C VAL B 201 -10.77 -52.56 -53.14
N LYS B 202 -11.04 -52.51 -54.45
CA LYS B 202 -11.19 -53.69 -55.28
C LYS B 202 -12.15 -54.70 -54.63
N GLY B 203 -13.30 -54.18 -54.17
CA GLY B 203 -14.37 -55.01 -53.62
C GLY B 203 -14.08 -55.55 -52.22
N ARG B 204 -13.04 -55.03 -51.56
CA ARG B 204 -12.62 -55.50 -50.25
C ARG B 204 -12.55 -54.32 -49.27
N ILE B 205 -13.01 -54.55 -48.03
CA ILE B 205 -12.93 -53.57 -46.97
C ILE B 205 -11.46 -53.38 -46.59
N ARG B 206 -11.02 -52.12 -46.50
CA ARG B 206 -9.69 -51.81 -46.02
C ARG B 206 -9.74 -50.56 -45.14
N HIS B 207 -8.89 -50.55 -44.12
CA HIS B 207 -8.56 -49.33 -43.39
C HIS B 207 -7.53 -48.57 -44.22
N VAL B 208 -7.80 -47.29 -44.50
CA VAL B 208 -6.90 -46.50 -45.33
C VAL B 208 -6.54 -45.22 -44.60
N VAL B 209 -5.34 -44.70 -44.92
CA VAL B 209 -4.92 -43.39 -44.48
C VAL B 209 -5.02 -42.45 -45.69
N ALA B 210 -5.88 -41.42 -45.56
CA ALA B 210 -6.01 -40.39 -46.58
C ALA B 210 -5.14 -39.20 -46.20
N LYS B 211 -4.46 -38.62 -47.19
CA LYS B 211 -3.68 -37.42 -47.01
C LYS B 211 -4.36 -36.26 -47.74
N PHE B 212 -4.51 -35.14 -47.04
CA PHE B 212 -5.02 -33.90 -47.62
C PHE B 212 -3.87 -32.90 -47.63
N PRO B 213 -3.13 -32.76 -48.75
CA PRO B 213 -1.89 -31.99 -48.77
C PRO B 213 -2.16 -30.50 -48.81
N PHE B 214 -1.42 -29.73 -48.01
CA PHE B 214 -1.58 -28.29 -47.94
C PHE B 214 -0.91 -27.61 -49.13
N THR B 215 -1.62 -26.65 -49.72
CA THR B 215 -1.02 -25.62 -50.58
C THR B 215 -1.75 -24.31 -50.34
N GLU B 216 -1.02 -23.20 -50.44
CA GLU B 216 -1.58 -21.90 -50.15
C GLU B 216 -2.72 -21.61 -51.14
N LYS B 217 -2.53 -22.01 -52.40
CA LYS B 217 -3.41 -21.60 -53.48
C LYS B 217 -4.18 -22.77 -54.08
N GLY B 218 -3.73 -24.01 -53.83
CA GLY B 218 -4.41 -25.18 -54.36
C GLY B 218 -5.63 -25.59 -53.53
N ASP B 219 -6.11 -26.82 -53.77
CA ASP B 219 -7.28 -27.36 -53.10
C ASP B 219 -6.89 -28.68 -52.42
N MET B 220 -7.01 -28.70 -51.09
CA MET B 220 -6.54 -29.80 -50.25
C MET B 220 -7.40 -31.04 -50.47
N PHE B 221 -8.66 -30.84 -50.85
CA PHE B 221 -9.61 -31.93 -51.04
C PHE B 221 -9.48 -32.51 -52.44
N LYS B 222 -9.24 -31.64 -53.44
CA LYS B 222 -9.05 -32.07 -54.81
C LYS B 222 -7.78 -32.91 -54.94
N SER B 223 -6.73 -32.53 -54.20
CA SER B 223 -5.44 -33.21 -54.26
C SER B 223 -5.34 -34.32 -53.23
N ALA B 224 -6.44 -34.67 -52.56
CA ALA B 224 -6.44 -35.69 -51.52
C ALA B 224 -6.24 -37.08 -52.14
N HIS B 225 -5.46 -37.93 -51.48
CA HIS B 225 -5.18 -39.26 -51.97
C HIS B 225 -4.83 -40.20 -50.82
N ILE B 226 -5.01 -41.50 -51.05
N ILE B 226 -5.01 -41.50 -51.05
CA ILE B 226 -4.68 -42.54 -50.08
CA ILE B 226 -4.68 -42.54 -50.08
C ILE B 226 -3.18 -42.79 -50.12
C ILE B 226 -3.18 -42.79 -50.12
N VAL B 227 -2.55 -42.82 -48.93
CA VAL B 227 -1.10 -42.98 -48.82
C VAL B 227 -0.73 -44.25 -48.06
N ALA B 228 -1.71 -44.93 -47.44
CA ALA B 228 -1.45 -46.17 -46.75
C ALA B 228 -2.75 -46.93 -46.56
N SER B 229 -2.63 -48.24 -46.33
CA SER B 229 -3.79 -49.07 -46.07
C SER B 229 -3.40 -50.32 -45.28
N MET B 230 -4.43 -50.99 -44.77
CA MET B 230 -4.27 -52.12 -43.88
C MET B 230 -5.53 -52.99 -44.02
N ALA B 231 -5.33 -54.30 -44.16
CA ALA B 231 -6.44 -55.23 -44.18
C ALA B 231 -7.00 -55.34 -42.76
N PRO B 232 -8.33 -55.40 -42.57
CA PRO B 232 -8.89 -55.66 -41.24
C PRO B 232 -8.58 -57.07 -40.80
N ARG B 233 -8.54 -57.29 -39.47
CA ARG B 233 -8.31 -58.61 -38.93
C ARG B 233 -9.43 -59.54 -39.37
N TRP B 234 -10.66 -59.01 -39.34
CA TRP B 234 -11.86 -59.75 -39.72
C TRP B 234 -12.59 -58.97 -40.82
N ALA B 235 -12.76 -59.63 -41.98
CA ALA B 235 -13.15 -58.97 -43.22
C ALA B 235 -14.50 -58.27 -43.09
N LEU B 236 -15.43 -58.86 -42.32
CA LEU B 236 -16.77 -58.33 -42.18
C LEU B 236 -16.97 -57.69 -40.80
N HIS B 237 -15.89 -57.59 -40.01
CA HIS B 237 -15.94 -57.00 -38.68
C HIS B 237 -14.74 -56.08 -38.48
N PRO B 238 -14.58 -55.01 -39.29
CA PRO B 238 -13.47 -54.08 -39.13
C PRO B 238 -13.55 -53.35 -37.79
N ALA B 239 -12.37 -53.11 -37.18
CA ALA B 239 -12.28 -52.50 -35.87
C ALA B 239 -12.72 -51.04 -35.92
N TYR B 240 -13.46 -50.63 -34.89
CA TYR B 240 -13.77 -49.23 -34.65
C TYR B 240 -12.54 -48.54 -34.07
N MET B 241 -12.28 -47.31 -34.54
CA MET B 241 -11.23 -46.48 -33.96
C MET B 241 -11.65 -45.01 -33.98
N HIS B 242 -11.50 -44.35 -32.83
CA HIS B 242 -11.87 -42.95 -32.66
C HIS B 242 -10.65 -42.06 -32.94
N THR B 243 -9.46 -42.59 -32.66
CA THR B 243 -8.21 -41.89 -32.95
C THR B 243 -7.20 -42.87 -33.53
N PHE B 244 -6.12 -42.31 -34.07
CA PHE B 244 -4.97 -43.06 -34.54
C PHE B 244 -3.71 -42.27 -34.21
N GLY B 245 -2.55 -42.90 -34.35
CA GLY B 245 -1.28 -42.27 -34.04
C GLY B 245 -0.45 -41.99 -35.30
N ILE B 246 0.55 -41.13 -35.15
CA ILE B 246 1.52 -40.88 -36.20
C ILE B 246 2.88 -40.63 -35.55
N THR B 247 3.92 -41.25 -36.12
CA THR B 247 5.30 -41.05 -35.70
C THR B 247 6.10 -40.57 -36.90
N GLU B 248 7.41 -40.42 -36.73
CA GLU B 248 8.29 -39.98 -37.80
C GLU B 248 8.13 -40.87 -39.03
N ASN B 249 8.05 -42.19 -38.82
CA ASN B 249 8.13 -43.15 -39.91
C ASN B 249 6.83 -43.94 -40.10
N TYR B 250 5.87 -43.83 -39.17
CA TYR B 250 4.75 -44.73 -39.16
C TYR B 250 3.42 -44.00 -38.93
N PHE B 251 2.37 -44.56 -39.53
CA PHE B 251 1.02 -44.40 -39.03
C PHE B 251 0.76 -45.53 -38.04
N VAL B 252 0.16 -45.20 -36.90
CA VAL B 252 -0.06 -46.15 -35.83
C VAL B 252 -1.55 -46.42 -35.72
N ILE B 253 -1.93 -47.68 -35.95
CA ILE B 253 -3.31 -48.12 -35.87
C ILE B 253 -3.45 -49.00 -34.63
N VAL B 254 -4.29 -48.57 -33.69
CA VAL B 254 -4.63 -49.38 -32.55
C VAL B 254 -5.93 -50.11 -32.88
N GLU B 255 -5.82 -51.42 -33.09
CA GLU B 255 -6.90 -52.25 -33.58
C GLU B 255 -7.49 -53.01 -32.38
N GLN B 256 -8.58 -52.45 -31.83
CA GLN B 256 -9.17 -52.95 -30.61
C GLN B 256 -10.30 -53.91 -30.95
N PRO B 257 -10.69 -54.82 -30.03
CA PRO B 257 -11.76 -55.79 -30.30
C PRO B 257 -13.18 -55.25 -30.16
N LEU B 258 -13.37 -53.97 -30.52
CA LEU B 258 -14.69 -53.44 -30.82
C LEU B 258 -14.79 -53.27 -32.33
N SER B 259 -15.79 -53.92 -32.95
CA SER B 259 -15.91 -53.98 -34.40
C SER B 259 -17.22 -53.35 -34.84
N ILE B 260 -17.25 -52.87 -36.09
CA ILE B 260 -18.47 -52.57 -36.80
C ILE B 260 -18.83 -53.79 -37.65
N SER B 261 -20.01 -54.37 -37.40
CA SER B 261 -20.53 -55.42 -38.26
C SER B 261 -21.01 -54.79 -39.57
N VAL B 262 -20.34 -55.14 -40.67
CA VAL B 262 -20.64 -54.62 -42.00
C VAL B 262 -22.10 -54.93 -42.34
N TYR B 263 -22.50 -56.19 -42.18
CA TYR B 263 -23.85 -56.63 -42.52
C TYR B 263 -24.85 -56.07 -41.51
N GLY B 264 -24.44 -56.00 -40.23
CA GLY B 264 -25.24 -55.36 -39.21
C GLY B 264 -25.59 -53.91 -39.55
N LEU B 265 -24.57 -53.15 -39.98
CA LEU B 265 -24.76 -51.74 -40.29
C LEU B 265 -25.68 -51.58 -41.50
N MET B 266 -25.46 -52.41 -42.53
CA MET B 266 -26.29 -52.39 -43.72
C MET B 266 -27.75 -52.70 -43.35
N THR B 267 -27.94 -53.72 -42.51
CA THR B 267 -29.26 -54.11 -42.04
C THR B 267 -29.95 -52.94 -41.34
N ASN B 268 -29.23 -52.30 -40.40
CA ASN B 268 -29.80 -51.25 -39.57
C ASN B 268 -30.15 -50.03 -40.42
N LEU B 269 -29.32 -49.73 -41.43
CA LEU B 269 -29.60 -48.64 -42.36
C LEU B 269 -30.88 -48.90 -43.12
N ILE B 270 -31.09 -50.15 -43.56
CA ILE B 270 -32.26 -50.54 -44.33
C ILE B 270 -33.50 -50.54 -43.44
N ASN B 271 -33.40 -51.16 -42.26
CA ASN B 271 -34.57 -51.42 -41.41
C ASN B 271 -34.81 -50.27 -40.42
N ASN B 272 -34.02 -49.19 -40.54
CA ASN B 272 -34.13 -48.03 -39.66
C ASN B 272 -34.01 -48.47 -38.20
N ASN B 273 -32.89 -49.12 -37.87
CA ASN B 273 -32.53 -49.36 -36.47
C ASN B 273 -31.45 -48.37 -36.08
N LYS B 274 -31.37 -48.06 -34.78
CA LYS B 274 -30.29 -47.24 -34.25
C LYS B 274 -28.96 -47.92 -34.61
N LEU B 275 -28.00 -47.11 -35.06
CA LEU B 275 -26.79 -47.62 -35.68
C LEU B 275 -25.84 -48.23 -34.65
N ALA B 276 -26.08 -47.92 -33.36
CA ALA B 276 -25.28 -48.45 -32.26
C ALA B 276 -25.26 -49.98 -32.26
N ALA B 277 -26.35 -50.59 -32.73
CA ALA B 277 -26.48 -52.04 -32.79
C ALA B 277 -25.43 -52.66 -33.71
N SER B 278 -24.79 -51.83 -34.55
CA SER B 278 -23.77 -52.31 -35.48
C SER B 278 -22.46 -52.63 -34.76
N LEU B 279 -22.25 -52.03 -33.58
CA LEU B 279 -21.02 -52.20 -32.82
C LEU B 279 -21.06 -53.53 -32.07
N LYS B 280 -19.93 -54.25 -32.08
CA LYS B 280 -19.82 -55.55 -31.44
C LYS B 280 -18.52 -55.61 -30.62
N TRP B 281 -18.63 -56.10 -29.37
CA TRP B 281 -17.50 -56.26 -28.48
C TRP B 281 -17.13 -57.74 -28.38
N TYR B 282 -15.85 -58.05 -28.63
CA TYR B 282 -15.37 -59.42 -28.67
C TYR B 282 -14.17 -59.53 -27.74
N PRO B 283 -14.40 -59.64 -26.40
CA PRO B 283 -13.31 -59.58 -25.43
C PRO B 283 -12.36 -60.79 -25.41
N GLU B 284 -12.67 -61.84 -26.18
CA GLU B 284 -11.78 -62.99 -26.28
C GLU B 284 -10.59 -62.69 -27.19
N TYR B 285 -10.59 -61.52 -27.86
CA TYR B 285 -9.49 -61.13 -28.73
C TYR B 285 -8.70 -59.98 -28.11
N GLU B 286 -7.42 -59.92 -28.46
CA GLU B 286 -6.48 -58.96 -27.92
C GLU B 286 -6.47 -57.70 -28.79
N THR B 287 -5.79 -56.65 -28.29
CA THR B 287 -5.60 -55.42 -29.02
C THR B 287 -4.27 -55.49 -29.76
N HIS B 288 -4.28 -55.10 -31.05
CA HIS B 288 -3.05 -55.05 -31.83
C HIS B 288 -2.67 -53.60 -32.08
N ILE B 289 -1.36 -53.33 -32.01
CA ILE B 289 -0.78 -52.06 -32.42
C ILE B 289 -0.04 -52.31 -33.74
N VAL B 290 -0.52 -51.65 -34.80
CA VAL B 290 -0.07 -51.91 -36.16
C VAL B 290 0.62 -50.67 -36.70
N LEU B 291 1.84 -50.84 -37.22
CA LEU B 291 2.59 -49.76 -37.84
C LEU B 291 2.51 -49.88 -39.36
N LEU B 292 2.01 -48.82 -40.01
CA LEU B 292 2.02 -48.72 -41.47
C LEU B 292 3.14 -47.77 -41.86
N SER B 293 3.94 -48.17 -42.85
CA SER B 293 5.06 -47.38 -43.32
C SER B 293 4.56 -46.11 -44.01
N ARG B 294 5.13 -44.96 -43.64
CA ARG B 294 4.83 -43.70 -44.29
C ARG B 294 5.52 -43.64 -45.64
N THR B 295 6.50 -44.53 -45.89
CA THR B 295 7.23 -44.60 -47.13
C THR B 295 6.52 -45.50 -48.14
N THR B 296 6.13 -46.71 -47.72
CA THR B 296 5.60 -47.71 -48.63
C THR B 296 4.07 -47.79 -48.54
N GLY B 297 3.49 -47.35 -47.42
CA GLY B 297 2.04 -47.37 -47.25
C GLY B 297 1.51 -48.72 -46.79
N LYS B 298 2.40 -49.66 -46.49
CA LYS B 298 2.01 -51.02 -46.11
C LYS B 298 2.29 -51.27 -44.62
N GLU B 299 1.55 -52.20 -44.03
CA GLU B 299 1.87 -52.72 -42.71
C GLU B 299 3.27 -53.31 -42.73
N VAL B 300 4.10 -52.87 -41.76
CA VAL B 300 5.47 -53.36 -41.65
C VAL B 300 5.69 -54.07 -40.30
N LYS B 301 4.93 -53.69 -39.26
CA LYS B 301 5.09 -54.26 -37.94
C LYS B 301 3.74 -54.36 -37.24
N ARG B 302 3.64 -55.28 -36.28
CA ARG B 302 2.43 -55.48 -35.50
C ARG B 302 2.82 -56.05 -34.13
N PHE B 303 2.21 -55.50 -33.07
CA PHE B 303 2.45 -55.92 -31.70
C PHE B 303 1.11 -56.14 -30.99
N ARG B 304 1.18 -56.73 -29.79
CA ARG B 304 0.00 -57.09 -29.03
C ARG B 304 -0.01 -56.37 -27.68
N THR B 305 -1.24 -56.16 -27.16
CA THR B 305 -1.45 -55.81 -25.77
C THR B 305 -2.78 -56.40 -25.31
N ASP B 306 -3.17 -56.11 -24.07
CA ASP B 306 -4.37 -56.66 -23.47
C ASP B 306 -5.60 -56.21 -24.26
N THR B 307 -6.70 -56.97 -24.09
CA THR B 307 -8.02 -56.49 -24.43
C THR B 307 -8.24 -55.13 -23.75
N LEU B 308 -8.49 -54.09 -24.56
CA LEU B 308 -8.82 -52.78 -24.02
C LEU B 308 -9.75 -52.05 -24.98
N PHE B 309 -10.41 -51.02 -24.46
CA PHE B 309 -11.11 -50.04 -25.27
C PHE B 309 -10.45 -48.68 -25.07
N PHE B 310 -10.39 -47.89 -26.14
CA PHE B 310 -9.87 -46.53 -26.05
C PHE B 310 -10.68 -45.62 -26.96
N LEU B 311 -10.65 -44.32 -26.63
CA LEU B 311 -11.14 -43.26 -27.49
C LEU B 311 -9.95 -42.43 -27.98
N HIS B 312 -9.14 -41.94 -27.03
CA HIS B 312 -8.16 -40.91 -27.31
C HIS B 312 -6.73 -41.39 -27.04
N ILE B 313 -5.95 -41.47 -28.12
CA ILE B 313 -4.50 -41.59 -28.06
C ILE B 313 -3.92 -40.20 -27.75
N ILE B 314 -3.01 -40.16 -26.78
CA ILE B 314 -2.42 -38.91 -26.31
C ILE B 314 -1.35 -38.47 -27.30
N ASN B 315 -0.40 -39.37 -27.57
CA ASN B 315 0.69 -39.10 -28.49
C ASN B 315 1.42 -40.41 -28.79
N CYS B 316 2.09 -40.46 -29.94
CA CYS B 316 2.97 -41.56 -30.30
C CYS B 316 4.31 -40.98 -30.75
N TYR B 317 5.40 -41.74 -30.53
CA TYR B 317 6.70 -41.32 -31.05
C TYR B 317 7.68 -42.49 -31.05
N GLU B 318 8.74 -42.32 -31.84
CA GLU B 318 9.89 -43.21 -31.86
C GLU B 318 11.04 -42.53 -31.13
N HIS B 319 11.75 -43.31 -30.30
CA HIS B 319 12.90 -42.77 -29.59
C HIS B 319 13.92 -43.88 -29.32
N GLU B 320 15.08 -43.76 -29.97
CA GLU B 320 16.22 -44.66 -29.76
C GLU B 320 15.76 -46.11 -29.86
N GLY B 321 15.06 -46.44 -30.95
CA GLY B 321 14.71 -47.82 -31.26
C GLY B 321 13.43 -48.30 -30.58
N GLU B 322 12.80 -47.43 -29.78
CA GLU B 322 11.58 -47.78 -29.05
C GLU B 322 10.39 -47.08 -29.69
N LEU B 323 9.24 -47.76 -29.67
CA LEU B 323 7.95 -47.15 -30.00
C LEU B 323 7.22 -46.85 -28.70
N VAL B 324 6.68 -45.63 -28.59
CA VAL B 324 5.84 -45.25 -27.46
C VAL B 324 4.46 -44.87 -27.98
N VAL B 325 3.43 -45.48 -27.38
CA VAL B 325 2.04 -45.13 -27.64
C VAL B 325 1.38 -44.86 -26.29
N ASP B 326 1.04 -43.59 -26.04
CA ASP B 326 0.32 -43.19 -24.84
C ASP B 326 -1.16 -42.98 -25.20
N LEU B 327 -2.06 -43.58 -24.41
CA LEU B 327 -3.49 -43.49 -24.67
C LEU B 327 -4.28 -43.69 -23.39
N CYS B 328 -5.52 -43.21 -23.39
CA CYS B 328 -6.44 -43.35 -22.26
C CYS B 328 -7.29 -44.60 -22.47
N THR B 329 -7.13 -45.58 -21.57
CA THR B 329 -7.66 -46.92 -21.79
C THR B 329 -8.83 -47.22 -20.85
N TYR B 330 -9.77 -48.04 -21.34
CA TYR B 330 -10.81 -48.67 -20.54
C TYR B 330 -10.68 -50.18 -20.65
N LYS B 331 -11.37 -50.90 -19.77
CA LYS B 331 -11.38 -52.36 -19.81
C LYS B 331 -12.38 -52.85 -20.86
N ASP B 332 -13.39 -52.02 -21.16
CA ASP B 332 -14.42 -52.38 -22.11
C ASP B 332 -15.04 -51.10 -22.66
N ALA B 333 -16.11 -51.24 -23.46
CA ALA B 333 -16.70 -50.13 -24.19
C ALA B 333 -18.00 -49.67 -23.53
N LYS B 334 -18.15 -49.91 -22.21
CA LYS B 334 -19.40 -49.64 -21.52
C LYS B 334 -19.68 -48.13 -21.41
N VAL B 335 -18.65 -47.30 -21.60
CA VAL B 335 -18.82 -45.85 -21.55
C VAL B 335 -19.84 -45.43 -22.62
N VAL B 336 -19.93 -46.19 -23.71
CA VAL B 336 -20.92 -45.93 -24.76
C VAL B 336 -22.34 -46.09 -24.19
N ASP B 337 -22.56 -47.14 -23.42
CA ASP B 337 -23.86 -47.40 -22.81
C ASP B 337 -24.16 -46.36 -21.73
N ALA B 338 -23.10 -45.84 -21.08
CA ALA B 338 -23.25 -44.86 -20.02
C ALA B 338 -23.84 -43.55 -20.53
N MET B 339 -23.68 -43.28 -21.84
N MET B 339 -23.68 -43.28 -21.84
CA MET B 339 -24.02 -41.99 -22.40
CA MET B 339 -24.02 -41.98 -22.40
C MET B 339 -25.37 -42.02 -23.12
C MET B 339 -25.37 -42.02 -23.12
N TYR B 340 -26.15 -43.08 -22.89
CA TYR B 340 -27.58 -43.06 -23.19
C TYR B 340 -28.26 -42.07 -22.25
N VAL B 341 -29.24 -41.32 -22.77
CA VAL B 341 -29.90 -40.27 -21.99
C VAL B 341 -30.47 -40.87 -20.71
N HIS B 342 -31.14 -42.04 -20.83
CA HIS B 342 -31.75 -42.69 -19.68
C HIS B 342 -30.69 -43.09 -18.65
N ALA B 343 -29.52 -43.55 -19.12
CA ALA B 343 -28.44 -43.95 -18.23
C ALA B 343 -27.90 -42.75 -17.46
N ILE B 344 -27.77 -41.61 -18.15
CA ILE B 344 -27.32 -40.38 -17.52
C ILE B 344 -28.33 -39.91 -16.49
N GLU B 345 -29.62 -39.98 -16.84
CA GLU B 345 -30.72 -39.54 -15.98
C GLU B 345 -30.75 -40.31 -14.66
N THR B 346 -30.40 -41.60 -14.70
CA THR B 346 -30.59 -42.48 -13.56
C THR B 346 -29.25 -42.89 -12.92
N MET B 347 -28.17 -42.16 -13.24
CA MET B 347 -26.84 -42.59 -12.87
C MET B 347 -26.64 -42.55 -11.35
N GLN B 348 -27.42 -41.72 -10.64
CA GLN B 348 -27.24 -41.55 -9.21
C GLN B 348 -27.63 -42.81 -8.44
N SER B 349 -28.38 -43.71 -9.07
CA SER B 349 -28.75 -44.98 -8.45
C SER B 349 -28.09 -46.16 -9.16
N ASN B 350 -27.07 -45.88 -9.99
CA ASN B 350 -26.39 -46.91 -10.75
C ASN B 350 -25.01 -47.16 -10.14
N ALA B 351 -24.87 -48.33 -9.51
CA ALA B 351 -23.67 -48.66 -8.74
C ALA B 351 -22.47 -48.93 -9.63
N ASP B 352 -22.71 -49.21 -10.92
CA ASP B 352 -21.64 -49.58 -11.85
C ASP B 352 -21.23 -48.40 -12.73
N TYR B 353 -21.91 -47.25 -12.59
CA TYR B 353 -21.75 -46.15 -13.53
C TYR B 353 -20.30 -45.66 -13.55
N ALA B 354 -19.69 -45.50 -12.38
CA ALA B 354 -18.33 -45.00 -12.27
C ALA B 354 -17.35 -45.97 -12.91
N GLU B 355 -17.63 -47.28 -12.84
CA GLU B 355 -16.76 -48.29 -13.43
C GLU B 355 -16.88 -48.27 -14.95
N TRP B 356 -18.09 -47.98 -15.47
CA TRP B 356 -18.29 -47.83 -16.90
C TRP B 356 -17.38 -46.73 -17.45
N PHE B 357 -17.19 -45.65 -16.67
CA PHE B 357 -16.40 -44.50 -17.07
C PHE B 357 -14.94 -44.63 -16.63
N ARG B 358 -14.53 -45.80 -16.14
CA ARG B 358 -13.22 -45.92 -15.49
C ARG B 358 -12.11 -45.99 -16.55
N ALA B 359 -11.38 -44.88 -16.70
CA ALA B 359 -10.29 -44.79 -17.66
C ALA B 359 -8.95 -44.62 -16.93
N LYS B 360 -7.87 -45.08 -17.56
CA LYS B 360 -6.53 -44.90 -17.01
C LYS B 360 -5.56 -44.58 -18.14
N PRO B 361 -4.71 -43.55 -17.98
CA PRO B 361 -3.70 -43.24 -19.00
C PRO B 361 -2.53 -44.23 -18.91
N LYS B 362 -2.23 -44.87 -20.05
CA LYS B 362 -1.19 -45.89 -20.08
C LYS B 362 -0.18 -45.59 -21.18
N ARG B 363 1.06 -46.01 -20.93
CA ARG B 363 2.12 -46.02 -21.94
C ARG B 363 2.32 -47.44 -22.42
N LEU B 364 2.12 -47.67 -23.72
CA LEU B 364 2.50 -48.90 -24.39
C LEU B 364 3.87 -48.68 -25.03
N GLN B 365 4.81 -49.61 -24.77
CA GLN B 365 6.17 -49.45 -25.26
C GLN B 365 6.72 -50.80 -25.72
N VAL B 366 7.49 -50.76 -26.82
CA VAL B 366 8.11 -51.95 -27.37
C VAL B 366 9.30 -51.52 -28.24
N SER B 367 10.28 -52.41 -28.35
CA SER B 367 11.40 -52.22 -29.26
C SER B 367 10.89 -52.37 -30.69
N LEU B 368 11.32 -51.45 -31.57
CA LEU B 368 10.91 -51.47 -32.97
C LEU B 368 11.40 -52.74 -33.67
N ASN B 369 12.52 -53.29 -33.20
CA ASN B 369 13.12 -54.46 -33.84
C ASN B 369 12.66 -55.75 -33.16
N ALA B 370 11.72 -55.65 -32.21
CA ALA B 370 11.19 -56.84 -31.55
C ALA B 370 10.44 -57.69 -32.58
N PRO B 371 10.36 -59.03 -32.39
CA PRO B 371 9.62 -59.88 -33.32
C PRO B 371 8.15 -59.49 -33.40
N LYS B 372 7.53 -59.81 -34.54
CA LYS B 372 6.11 -59.58 -34.76
C LYS B 372 5.30 -60.29 -33.69
N MET B 373 4.31 -59.57 -33.14
CA MET B 373 3.34 -60.08 -32.18
C MET B 373 3.96 -60.15 -30.77
N THR B 374 5.12 -59.51 -30.57
CA THR B 374 5.65 -59.29 -29.25
C THR B 374 4.65 -58.48 -28.42
N ARG B 375 4.50 -58.85 -27.14
CA ARG B 375 3.65 -58.14 -26.22
C ARG B 375 4.32 -56.82 -25.82
N MET B 376 3.55 -55.73 -25.85
CA MET B 376 4.09 -54.43 -25.48
C MET B 376 4.14 -54.34 -23.96
N LYS B 377 5.15 -53.62 -23.45
CA LYS B 377 5.16 -53.20 -22.06
C LYS B 377 4.00 -52.21 -21.87
N SER B 378 3.25 -52.37 -20.77
CA SER B 378 2.08 -51.55 -20.49
C SER B 378 2.18 -50.97 -19.07
N SER B 379 2.34 -49.65 -18.98
CA SER B 379 2.56 -48.95 -17.72
C SER B 379 1.51 -47.87 -17.53
N ILE B 380 1.08 -47.66 -16.27
CA ILE B 380 0.18 -46.56 -15.92
C ILE B 380 1.00 -45.28 -15.81
N LEU B 381 0.49 -44.20 -16.43
CA LEU B 381 1.20 -42.92 -16.50
C LEU B 381 0.88 -42.06 -15.28
N ALA B 382 -0.31 -42.27 -14.69
CA ALA B 382 -0.75 -41.55 -13.51
C ALA B 382 -1.92 -42.30 -12.89
N ASP B 383 -2.04 -42.19 -11.57
CA ASP B 383 -3.05 -42.90 -10.80
C ASP B 383 -4.33 -42.06 -10.71
N ILE B 384 -4.83 -41.61 -11.86
CA ILE B 384 -6.06 -40.84 -11.92
C ILE B 384 -6.66 -40.99 -13.32
N GLY B 385 -8.00 -41.06 -13.38
CA GLY B 385 -8.70 -41.16 -14.64
C GLY B 385 -8.58 -39.88 -15.47
N CYS B 386 -8.21 -40.03 -16.74
CA CYS B 386 -8.02 -38.92 -17.67
C CYS B 386 -8.83 -39.15 -18.94
N GLU B 387 -9.42 -38.07 -19.48
CA GLU B 387 -10.04 -38.10 -20.80
C GLU B 387 -9.86 -36.76 -21.51
N THR B 388 -10.19 -36.75 -22.80
CA THR B 388 -9.97 -35.65 -23.72
C THR B 388 -8.59 -35.03 -23.49
N PRO B 389 -7.50 -35.80 -23.71
CA PRO B 389 -6.14 -35.31 -23.51
C PRO B 389 -5.69 -34.41 -24.66
N ARG B 390 -4.81 -33.45 -24.33
CA ARG B 390 -4.16 -32.62 -25.31
C ARG B 390 -2.71 -32.41 -24.88
N ILE B 391 -1.88 -32.01 -25.86
CA ILE B 391 -0.46 -31.76 -25.63
C ILE B 391 -0.08 -30.45 -26.31
N HIS B 392 1.19 -30.08 -26.19
CA HIS B 392 1.76 -29.03 -27.03
C HIS B 392 1.91 -29.60 -28.43
N TYR B 393 0.79 -29.59 -29.17
CA TYR B 393 0.59 -30.43 -30.34
C TYR B 393 1.49 -30.00 -31.50
N ASP B 394 1.63 -28.68 -31.70
CA ASP B 394 2.29 -28.14 -32.87
C ASP B 394 3.77 -28.50 -32.87
N LEU B 395 4.35 -28.73 -31.69
CA LEU B 395 5.78 -28.96 -31.57
C LEU B 395 6.10 -30.40 -31.15
N HIS B 396 5.14 -31.12 -30.57
CA HIS B 396 5.45 -32.39 -29.91
C HIS B 396 4.66 -33.58 -30.45
N ASN B 397 3.62 -33.35 -31.26
CA ASN B 397 2.89 -34.45 -31.85
C ASN B 397 3.84 -35.26 -32.73
N SER B 398 3.81 -36.59 -32.56
CA SER B 398 4.61 -37.53 -33.32
C SER B 398 6.07 -37.56 -32.84
N LYS B 399 6.38 -36.84 -31.75
CA LYS B 399 7.74 -36.70 -31.27
C LYS B 399 7.79 -36.93 -29.77
N TYR B 400 9.02 -37.07 -29.24
CA TYR B 400 9.23 -37.14 -27.80
C TYR B 400 8.55 -35.95 -27.14
N TYR B 401 7.93 -36.19 -25.98
CA TYR B 401 7.22 -35.18 -25.23
C TYR B 401 7.21 -35.57 -23.77
N ARG B 402 6.82 -34.65 -22.90
CA ARG B 402 6.86 -34.85 -21.46
C ARG B 402 5.50 -34.68 -20.82
N TYR B 403 4.70 -33.70 -21.28
CA TYR B 403 3.50 -33.30 -20.57
C TYR B 403 2.25 -33.52 -21.44
N PHE B 404 1.18 -34.01 -20.80
CA PHE B 404 -0.14 -33.93 -21.39
C PHE B 404 -1.13 -33.36 -20.36
N TYR B 405 -2.26 -32.87 -20.89
CA TYR B 405 -3.30 -32.23 -20.10
C TYR B 405 -4.62 -32.92 -20.42
N ALA B 406 -5.47 -33.07 -19.41
CA ALA B 406 -6.71 -33.82 -19.57
C ALA B 406 -7.74 -33.36 -18.53
N ILE B 407 -8.93 -33.94 -18.61
CA ILE B 407 -9.98 -33.72 -17.63
C ILE B 407 -10.22 -35.04 -16.89
N SER B 408 -10.54 -34.94 -15.59
CA SER B 408 -10.80 -36.10 -14.77
C SER B 408 -11.99 -36.87 -15.36
N SER B 409 -11.87 -38.21 -15.36
CA SER B 409 -12.91 -39.09 -15.87
C SER B 409 -13.52 -39.93 -14.74
N ASP B 410 -13.09 -39.68 -13.50
CA ASP B 410 -13.60 -40.42 -12.34
C ASP B 410 -14.90 -39.76 -11.86
N VAL B 411 -16.02 -40.46 -12.09
CA VAL B 411 -17.35 -39.99 -11.76
C VAL B 411 -17.50 -39.80 -10.25
N ASP B 412 -16.74 -40.60 -9.47
CA ASP B 412 -16.86 -40.63 -8.02
C ASP B 412 -15.75 -39.80 -7.36
N ALA B 413 -15.05 -38.96 -8.14
CA ALA B 413 -14.01 -38.11 -7.58
C ALA B 413 -14.62 -37.06 -6.66
N GLU B 414 -13.79 -36.50 -5.76
CA GLU B 414 -14.20 -35.43 -4.87
C GLU B 414 -14.68 -34.23 -5.69
N ASN B 415 -13.89 -33.87 -6.72
CA ASN B 415 -14.31 -32.91 -7.71
C ASN B 415 -14.14 -33.56 -9.09
N PRO B 416 -15.24 -33.97 -9.76
CA PRO B 416 -15.14 -34.67 -11.04
C PRO B 416 -14.88 -33.77 -12.25
N GLY B 417 -14.72 -32.46 -12.02
CA GLY B 417 -14.38 -31.51 -13.06
C GLY B 417 -12.97 -30.93 -12.88
N THR B 418 -12.00 -31.83 -12.74
CA THR B 418 -10.62 -31.45 -12.48
C THR B 418 -9.84 -31.40 -13.79
N VAL B 419 -9.12 -30.30 -14.02
CA VAL B 419 -8.14 -30.22 -15.09
C VAL B 419 -6.82 -30.76 -14.54
N ILE B 420 -6.21 -31.69 -15.28
CA ILE B 420 -5.05 -32.45 -14.83
C ILE B 420 -3.89 -32.22 -15.78
N LYS B 421 -2.70 -31.99 -15.21
CA LYS B 421 -1.45 -32.02 -15.96
C LYS B 421 -0.64 -33.21 -15.50
N VAL B 422 -0.22 -34.06 -16.44
CA VAL B 422 0.61 -35.21 -16.12
C VAL B 422 2.01 -34.99 -16.67
N ASP B 423 3.01 -35.15 -15.79
CA ASP B 423 4.41 -35.19 -16.16
C ASP B 423 4.81 -36.65 -16.35
N THR B 424 5.02 -37.06 -17.60
CA THR B 424 5.23 -38.47 -17.93
C THR B 424 6.61 -38.93 -17.46
N LYS B 425 7.54 -37.99 -17.26
CA LYS B 425 8.88 -38.32 -16.79
C LYS B 425 8.84 -38.78 -15.33
N THR B 426 8.17 -38.00 -14.47
CA THR B 426 8.23 -38.19 -13.03
C THR B 426 6.96 -38.87 -12.49
N GLY B 427 5.84 -38.71 -13.20
CA GLY B 427 4.55 -39.17 -12.71
C GLY B 427 3.83 -38.11 -11.88
N GLU B 428 4.47 -36.93 -11.72
CA GLU B 428 3.89 -35.82 -10.95
C GLU B 428 2.63 -35.32 -11.65
N THR B 429 1.58 -35.03 -10.87
CA THR B 429 0.37 -34.44 -11.39
C THR B 429 0.13 -33.09 -10.74
N LYS B 430 -0.45 -32.16 -11.51
CA LYS B 430 -0.93 -30.89 -10.99
C LYS B 430 -2.37 -30.71 -11.45
N THR B 431 -3.19 -30.05 -10.64
CA THR B 431 -4.62 -30.02 -10.87
C THR B 431 -5.19 -28.62 -10.65
N TRP B 432 -6.34 -28.37 -11.31
CA TRP B 432 -7.20 -27.24 -11.05
C TRP B 432 -8.64 -27.74 -10.97
N CYS B 433 -9.38 -27.24 -9.97
CA CYS B 433 -10.81 -27.50 -9.88
C CYS B 433 -11.46 -26.43 -8.99
N ARG B 434 -12.77 -26.23 -9.21
CA ARG B 434 -13.58 -25.36 -8.39
C ARG B 434 -14.94 -26.03 -8.17
N PRO B 435 -15.60 -25.79 -7.01
CA PRO B 435 -16.87 -26.46 -6.72
C PRO B 435 -17.95 -26.16 -7.75
N ASN B 436 -18.67 -27.20 -8.15
CA ASN B 436 -19.81 -27.10 -9.05
C ASN B 436 -19.40 -26.58 -10.43
N CYS B 437 -18.12 -26.78 -10.79
CA CYS B 437 -17.58 -26.27 -12.04
C CYS B 437 -17.12 -27.44 -12.90
N TYR B 438 -17.46 -27.41 -14.19
CA TYR B 438 -17.18 -28.49 -15.11
C TYR B 438 -16.42 -27.96 -16.32
N PRO B 439 -15.06 -28.04 -16.29
CA PRO B 439 -14.24 -27.56 -17.40
C PRO B 439 -14.22 -28.52 -18.59
N SER B 440 -13.95 -27.97 -19.77
CA SER B 440 -13.81 -28.75 -20.99
C SER B 440 -12.36 -29.19 -21.16
N GLU B 441 -12.17 -30.13 -22.09
CA GLU B 441 -10.89 -30.38 -22.74
C GLU B 441 -10.02 -29.12 -22.71
N PRO B 442 -8.82 -29.17 -22.09
CA PRO B 442 -7.91 -28.02 -22.11
C PRO B 442 -7.05 -28.01 -23.36
N ILE B 443 -6.88 -26.83 -23.98
CA ILE B 443 -6.05 -26.70 -25.16
C ILE B 443 -4.84 -25.84 -24.83
N PHE B 444 -3.66 -26.33 -25.21
CA PHE B 444 -2.40 -25.66 -24.90
C PHE B 444 -2.09 -24.62 -25.97
N VAL B 445 -1.68 -23.43 -25.50
CA VAL B 445 -1.22 -22.35 -26.37
C VAL B 445 0.15 -21.91 -25.86
N PRO B 446 1.22 -21.98 -26.68
CA PRO B 446 2.56 -21.62 -26.22
C PRO B 446 2.72 -20.11 -26.06
N SER B 447 3.62 -19.69 -25.17
CA SER B 447 4.01 -18.29 -25.05
C SER B 447 4.89 -17.90 -26.24
N PRO B 448 4.90 -16.62 -26.64
CA PRO B 448 5.61 -16.17 -27.85
C PRO B 448 7.05 -16.66 -28.00
N ASN B 449 7.85 -16.52 -26.94
CA ASN B 449 9.24 -16.91 -26.96
C ASN B 449 9.44 -18.13 -26.05
N ALA B 450 8.63 -19.17 -26.30
CA ALA B 450 8.56 -20.33 -25.42
C ALA B 450 9.91 -21.03 -25.37
N LYS B 451 10.34 -21.36 -24.15
CA LYS B 451 11.61 -22.03 -23.91
C LYS B 451 11.37 -23.50 -23.60
N ASP B 452 10.39 -23.79 -22.73
CA ASP B 452 10.08 -25.14 -22.31
C ASP B 452 8.81 -25.63 -23.01
N GLU B 453 8.58 -26.95 -22.93
CA GLU B 453 7.41 -27.58 -23.52
C GLU B 453 6.12 -27.03 -22.91
N ASP B 454 6.15 -26.71 -21.60
CA ASP B 454 4.96 -26.28 -20.87
C ASP B 454 4.99 -24.77 -20.63
N ASP B 455 5.76 -24.04 -21.43
CA ASP B 455 5.82 -22.59 -21.36
C ASP B 455 4.65 -22.03 -22.18
N GLY B 456 3.48 -21.92 -21.54
CA GLY B 456 2.28 -21.43 -22.19
C GLY B 456 1.08 -21.54 -21.26
N VAL B 457 -0.13 -21.52 -21.87
CA VAL B 457 -1.36 -21.52 -21.11
C VAL B 457 -2.29 -22.61 -21.61
N LEU B 458 -3.28 -22.96 -20.79
CA LEU B 458 -4.38 -23.84 -21.16
C LEU B 458 -5.65 -23.02 -21.25
N LEU B 459 -6.40 -23.21 -22.35
CA LEU B 459 -7.73 -22.65 -22.49
C LEU B 459 -8.75 -23.76 -22.26
N SER B 460 -9.73 -23.48 -21.40
CA SER B 460 -10.82 -24.41 -21.12
C SER B 460 -12.13 -23.63 -21.04
N ALA B 461 -13.18 -24.18 -21.66
CA ALA B 461 -14.52 -23.64 -21.53
C ALA B 461 -15.20 -24.27 -20.32
N LEU B 462 -15.81 -23.42 -19.47
CA LEU B 462 -16.44 -23.87 -18.25
C LEU B 462 -17.96 -23.79 -18.38
N VAL B 463 -18.64 -24.78 -17.78
CA VAL B 463 -20.03 -24.64 -17.38
C VAL B 463 -20.11 -24.96 -15.88
N TRP B 464 -21.26 -24.64 -15.27
CA TRP B 464 -21.52 -24.97 -13.89
C TRP B 464 -22.70 -25.94 -13.81
N GLY B 465 -22.80 -26.64 -12.67
CA GLY B 465 -23.86 -27.60 -12.43
C GLY B 465 -24.99 -27.00 -11.60
N GLY B 466 -25.91 -27.88 -11.15
CA GLY B 466 -27.05 -27.48 -10.36
C GLY B 466 -27.95 -26.52 -11.13
N GLU B 467 -28.34 -25.43 -10.46
CA GLU B 467 -29.25 -24.44 -11.02
C GLU B 467 -28.53 -23.39 -11.86
N MET B 468 -27.19 -23.42 -11.84
N MET B 468 -27.19 -23.41 -11.84
CA MET B 468 -26.38 -22.43 -12.55
CA MET B 468 -26.38 -22.42 -12.54
C MET B 468 -26.13 -22.90 -13.97
C MET B 468 -26.13 -22.90 -13.97
N ASN B 469 -27.21 -23.04 -14.75
CA ASN B 469 -27.17 -23.71 -16.04
C ASN B 469 -27.12 -22.74 -17.22
N GLN B 470 -26.93 -21.44 -16.94
CA GLN B 470 -26.94 -20.44 -18.01
C GLN B 470 -25.72 -19.53 -17.89
N THR B 471 -24.58 -20.13 -17.54
CA THR B 471 -23.33 -19.40 -17.44
C THR B 471 -22.23 -20.24 -18.10
N VAL B 472 -21.40 -19.56 -18.89
CA VAL B 472 -20.25 -20.15 -19.55
C VAL B 472 -19.05 -19.24 -19.29
N ALA B 473 -17.84 -19.81 -19.32
CA ALA B 473 -16.65 -19.01 -19.14
C ALA B 473 -15.50 -19.61 -19.94
N LEU B 474 -14.53 -18.74 -20.27
CA LEU B 474 -13.22 -19.17 -20.74
C LEU B 474 -12.24 -19.03 -19.58
N LEU B 475 -11.61 -20.16 -19.22
CA LEU B 475 -10.61 -20.23 -18.19
C LEU B 475 -9.23 -20.29 -18.84
N VAL B 476 -8.28 -19.49 -18.31
CA VAL B 476 -6.90 -19.51 -18.75
C VAL B 476 -6.04 -19.93 -17.56
N LEU B 477 -5.39 -21.09 -17.69
CA LEU B 477 -4.48 -21.62 -16.68
C LEU B 477 -3.04 -21.43 -17.15
N ASN B 478 -2.16 -21.19 -16.17
CA ASN B 478 -0.72 -21.25 -16.38
C ASN B 478 -0.35 -22.73 -16.51
N ALA B 479 0.26 -23.10 -17.65
CA ALA B 479 0.51 -24.50 -17.96
C ALA B 479 1.60 -25.08 -17.06
N LYS B 480 2.49 -24.23 -16.53
CA LYS B 480 3.57 -24.69 -15.65
C LYS B 480 3.00 -25.09 -14.29
N THR B 481 2.12 -24.25 -13.74
CA THR B 481 1.71 -24.34 -12.35
C THR B 481 0.27 -24.85 -12.19
N MET B 482 -0.51 -24.78 -13.28
CA MET B 482 -1.92 -25.14 -13.27
C MET B 482 -2.71 -24.19 -12.36
N GLU B 483 -2.23 -22.95 -12.22
CA GLU B 483 -2.95 -21.93 -11.48
C GLU B 483 -3.76 -21.08 -12.45
N GLU B 484 -4.94 -20.65 -12.01
CA GLU B 484 -5.79 -19.78 -12.80
C GLU B 484 -5.11 -18.42 -12.93
N MET B 485 -4.94 -17.97 -14.18
CA MET B 485 -4.39 -16.65 -14.47
C MET B 485 -5.52 -15.64 -14.61
N GLY B 486 -6.58 -16.03 -15.34
CA GLY B 486 -7.72 -15.17 -15.54
C GLY B 486 -8.91 -15.94 -16.11
N ARG B 487 -10.01 -15.21 -16.28
CA ARG B 487 -11.28 -15.82 -16.65
C ARG B 487 -12.18 -14.76 -17.27
N ALA B 488 -12.89 -15.16 -18.34
CA ALA B 488 -13.97 -14.37 -18.92
C ALA B 488 -15.29 -15.13 -18.74
N THR B 489 -16.26 -14.46 -18.09
CA THR B 489 -17.52 -15.11 -17.73
C THR B 489 -18.68 -14.47 -18.49
N PHE B 490 -19.59 -15.32 -18.98
CA PHE B 490 -20.71 -14.88 -19.80
C PHE B 490 -22.00 -15.53 -19.30
N ASN B 491 -23.11 -14.80 -19.38
CA ASN B 491 -24.41 -15.39 -19.09
C ASN B 491 -25.16 -15.56 -20.40
N THR B 492 -25.70 -16.77 -20.61
CA THR B 492 -26.38 -17.12 -21.84
C THR B 492 -27.89 -16.97 -21.63
N PRO B 493 -28.65 -16.65 -22.71
CA PRO B 493 -30.09 -16.47 -22.60
C PRO B 493 -30.89 -17.75 -22.38
N SER B 494 -30.24 -18.90 -22.58
CA SER B 494 -30.88 -20.20 -22.40
C SER B 494 -29.84 -21.19 -21.85
N PRO B 495 -30.22 -22.44 -21.50
CA PRO B 495 -29.26 -23.41 -20.97
C PRO B 495 -28.00 -23.56 -21.81
N ALA B 496 -26.86 -23.68 -21.12
CA ALA B 496 -25.54 -23.73 -21.73
C ALA B 496 -25.05 -25.18 -21.77
N PRO B 497 -25.13 -25.87 -22.94
CA PRO B 497 -24.72 -27.28 -23.02
C PRO B 497 -23.21 -27.47 -23.00
N LYS B 498 -22.77 -28.61 -22.46
CA LYS B 498 -21.36 -28.92 -22.33
C LYS B 498 -20.83 -29.40 -23.68
N CYS B 499 -19.65 -28.88 -24.07
CA CYS B 499 -19.04 -29.16 -25.36
C CYS B 499 -18.10 -30.36 -25.25
N LEU B 500 -17.52 -30.78 -26.39
CA LEU B 500 -16.63 -31.94 -26.44
C LEU B 500 -15.20 -31.51 -26.79
N HIS B 501 -14.98 -31.12 -28.04
CA HIS B 501 -13.64 -30.85 -28.54
C HIS B 501 -13.59 -29.49 -29.22
N GLY B 502 -12.38 -28.92 -29.31
CA GLY B 502 -12.20 -27.60 -29.90
C GLY B 502 -10.83 -27.44 -30.57
N TRP B 503 -10.59 -26.21 -31.04
CA TRP B 503 -9.32 -25.86 -31.66
C TRP B 503 -9.08 -24.37 -31.44
N PHE B 504 -7.82 -24.00 -31.18
CA PHE B 504 -7.45 -22.60 -31.03
C PHE B 504 -6.77 -22.10 -32.30
N LEU B 505 -7.26 -20.97 -32.82
CA LEU B 505 -6.72 -20.32 -34.00
C LEU B 505 -6.03 -19.02 -33.57
N PRO B 506 -4.68 -18.96 -33.50
CA PRO B 506 -3.99 -17.73 -33.12
C PRO B 506 -4.14 -16.65 -34.19
N THR B 507 -4.17 -15.38 -33.78
CA THR B 507 -4.40 -14.27 -34.69
C THR B 507 -3.26 -14.16 -35.70
N GLU C 6 -65.47 16.07 27.46
CA GLU C 6 -64.17 16.25 26.75
C GLU C 6 -63.05 16.42 27.77
N LYS C 7 -61.87 15.85 27.44
CA LYS C 7 -60.63 16.20 28.09
C LYS C 7 -60.03 17.41 27.38
N LEU C 8 -59.75 18.48 28.14
CA LEU C 8 -59.24 19.72 27.57
C LEU C 8 -57.77 19.57 27.20
N TYR C 9 -57.06 18.64 27.84
CA TYR C 9 -55.63 18.48 27.65
C TYR C 9 -55.32 17.00 27.38
N PRO C 10 -55.81 16.45 26.24
CA PRO C 10 -55.77 15.01 26.01
C PRO C 10 -54.37 14.39 25.88
N ASN C 11 -53.36 15.20 25.57
CA ASN C 11 -52.00 14.72 25.40
C ASN C 11 -51.21 14.81 26.71
N CYS C 12 -51.85 15.26 27.80
CA CYS C 12 -51.16 15.46 29.07
C CYS C 12 -51.80 14.57 30.14
N ASP C 13 -50.97 13.75 30.81
CA ASP C 13 -51.40 13.01 31.99
C ASP C 13 -50.80 13.66 33.24
N ALA C 14 -51.60 14.51 33.89
CA ALA C 14 -51.15 15.26 35.05
C ALA C 14 -51.01 14.34 36.28
N THR C 15 -51.58 13.13 36.22
CA THR C 15 -51.57 12.22 37.35
C THR C 15 -50.19 11.59 37.55
N VAL C 16 -49.21 11.92 36.70
CA VAL C 16 -47.83 11.49 36.92
C VAL C 16 -47.29 12.12 38.21
N TRP C 17 -47.95 13.19 38.68
CA TRP C 17 -47.55 13.90 39.90
C TRP C 17 -48.21 13.31 41.15
N LEU C 18 -49.20 12.42 40.99
CA LEU C 18 -50.06 12.01 42.09
C LEU C 18 -49.73 10.60 42.58
N ARG C 19 -48.47 10.15 42.40
CA ARG C 19 -48.11 8.79 42.72
C ARG C 19 -47.46 8.70 44.10
N SER C 20 -47.59 7.52 44.72
CA SER C 20 -46.96 7.21 45.98
C SER C 20 -46.12 5.94 45.83
N CYS C 21 -44.82 6.04 46.13
CA CYS C 21 -43.96 4.87 46.19
C CYS C 21 -44.36 4.04 47.39
N GLU C 22 -44.63 2.74 47.16
CA GLU C 22 -45.10 1.84 48.20
C GLU C 22 -43.98 0.87 48.62
N GLU C 23 -42.90 0.82 47.84
CA GLU C 23 -41.81 -0.10 48.11
C GLU C 23 -40.50 0.54 47.67
N GLU C 24 -39.58 0.71 48.63
CA GLU C 24 -38.29 1.31 48.34
C GLU C 24 -37.45 0.32 47.54
N VAL C 25 -36.66 0.86 46.61
CA VAL C 25 -35.69 0.06 45.87
C VAL C 25 -34.34 0.27 46.54
N SER C 26 -34.11 -0.54 47.58
CA SER C 26 -32.92 -0.49 48.40
C SER C 26 -31.74 -1.17 47.69
N GLU C 27 -31.99 -2.35 47.12
CA GLU C 27 -30.98 -3.08 46.38
C GLU C 27 -30.91 -2.51 44.97
N PRO C 28 -29.72 -2.18 44.43
CA PRO C 28 -29.61 -1.63 43.08
C PRO C 28 -30.26 -2.53 42.03
N LEU C 29 -31.20 -1.97 41.26
CA LEU C 29 -31.74 -2.63 40.08
C LEU C 29 -30.82 -2.38 38.90
N GLU C 30 -30.45 -3.43 38.16
CA GLU C 30 -29.68 -3.21 36.94
C GLU C 30 -30.66 -2.82 35.82
N GLY C 31 -30.24 -1.87 34.99
CA GLY C 31 -31.09 -1.32 33.94
C GLY C 31 -30.85 -2.03 32.61
N THR C 32 -31.88 -2.04 31.75
CA THR C 32 -31.75 -2.48 30.38
C THR C 32 -31.24 -1.32 29.54
N MET C 33 -30.08 -1.53 28.91
CA MET C 33 -29.40 -0.49 28.14
C MET C 33 -29.86 -0.58 26.68
N THR C 34 -30.19 0.59 26.10
CA THR C 34 -30.41 0.74 24.68
C THR C 34 -29.57 1.91 24.17
N GLY C 35 -29.28 1.92 22.87
CA GLY C 35 -28.36 2.90 22.30
C GLY C 35 -26.96 2.73 22.86
N GLU C 36 -26.21 3.84 22.92
CA GLU C 36 -24.87 3.83 23.49
C GLU C 36 -24.68 5.05 24.40
N PHE C 37 -24.56 4.78 25.71
CA PHE C 37 -23.97 5.71 26.66
C PHE C 37 -22.54 6.04 26.27
N PRO C 38 -22.07 7.31 26.39
CA PRO C 38 -20.65 7.60 26.24
C PRO C 38 -19.82 6.84 27.27
N SER C 39 -18.71 6.25 26.82
CA SER C 39 -17.86 5.43 27.68
C SER C 39 -17.29 6.25 28.83
N TRP C 40 -17.02 7.53 28.56
CA TRP C 40 -16.39 8.42 29.53
C TRP C 40 -17.36 8.83 30.64
N LEU C 41 -18.68 8.68 30.42
CA LEU C 41 -19.67 9.10 31.40
C LEU C 41 -19.69 8.13 32.57
N ARG C 42 -19.24 8.61 33.74
CA ARG C 42 -19.14 7.81 34.95
C ARG C 42 -19.49 8.65 36.16
N GLY C 43 -20.42 8.18 37.01
CA GLY C 43 -20.75 8.89 38.23
C GLY C 43 -22.14 8.53 38.77
N THR C 44 -22.64 9.38 39.67
CA THR C 44 -23.90 9.16 40.36
C THR C 44 -24.84 10.34 40.11
N LEU C 45 -26.01 10.06 39.54
CA LEU C 45 -27.08 11.05 39.47
C LEU C 45 -28.03 10.83 40.64
N LEU C 46 -28.08 11.82 41.54
CA LEU C 46 -29.04 11.86 42.63
C LEU C 46 -30.23 12.74 42.23
N ARG C 47 -31.44 12.29 42.54
CA ARG C 47 -32.65 13.07 42.31
C ARG C 47 -33.45 13.14 43.61
N ASN C 48 -34.19 14.23 43.78
CA ASN C 48 -35.10 14.40 44.90
C ASN C 48 -36.43 14.90 44.36
N GLY C 49 -37.53 14.59 45.07
CA GLY C 49 -38.84 15.06 44.68
C GLY C 49 -39.95 14.49 45.56
N PRO C 50 -41.22 14.87 45.30
CA PRO C 50 -42.37 14.32 46.02
C PRO C 50 -42.56 12.84 45.66
N GLY C 51 -42.90 12.02 46.66
CA GLY C 51 -42.93 10.58 46.46
C GLY C 51 -44.01 9.84 47.25
N CYS C 52 -44.84 10.53 48.04
CA CYS C 52 -45.90 9.87 48.78
C CYS C 52 -46.92 10.89 49.29
N LEU C 53 -48.15 10.77 48.78
CA LEU C 53 -49.27 11.61 49.19
C LEU C 53 -50.03 10.98 50.36
N ASN C 54 -49.80 9.70 50.62
CA ASN C 54 -50.57 8.95 51.61
C ASN C 54 -49.88 9.00 52.96
N VAL C 55 -50.67 9.20 54.02
CA VAL C 55 -50.19 9.20 55.39
C VAL C 55 -51.19 8.43 56.25
N GLY C 56 -50.99 7.12 56.39
CA GLY C 56 -51.94 6.26 57.09
C GLY C 56 -53.28 6.23 56.35
N THR C 57 -54.33 6.75 57.01
CA THR C 57 -55.66 6.83 56.41
C THR C 57 -55.85 8.19 55.72
N MET C 58 -54.92 9.11 55.96
CA MET C 58 -55.03 10.48 55.48
C MET C 58 -54.25 10.65 54.19
N ARG C 59 -54.47 11.78 53.52
CA ARG C 59 -53.82 12.10 52.26
C ARG C 59 -53.45 13.58 52.25
N PHE C 60 -52.22 13.88 51.81
CA PHE C 60 -51.79 15.27 51.65
C PHE C 60 -52.63 15.93 50.56
N GLU C 61 -52.79 17.26 50.66
CA GLU C 61 -53.71 17.99 49.81
C GLU C 61 -52.94 18.86 48.81
N HIS C 62 -51.61 18.93 48.92
CA HIS C 62 -50.80 19.67 47.97
C HIS C 62 -49.54 18.86 47.65
N LEU C 63 -49.07 19.01 46.40
CA LEU C 63 -47.93 18.24 45.91
C LEU C 63 -46.68 18.56 46.71
N PHE C 64 -46.56 19.80 47.21
CA PHE C 64 -45.39 20.24 47.96
C PHE C 64 -45.29 19.53 49.31
N ASP C 65 -46.38 18.91 49.75
CA ASP C 65 -46.44 18.22 51.04
C ASP C 65 -45.95 16.78 50.90
N SER C 66 -45.95 16.25 49.67
CA SER C 66 -45.67 14.85 49.40
C SER C 66 -44.25 14.50 49.84
N SER C 67 -44.10 13.30 50.42
CA SER C 67 -42.92 12.93 51.18
C SER C 67 -41.69 12.82 50.27
N ALA C 68 -40.58 13.41 50.72
CA ALA C 68 -39.33 13.45 49.99
C ALA C 68 -38.87 12.04 49.64
N LEU C 69 -38.70 11.78 48.33
CA LEU C 69 -38.20 10.50 47.84
C LEU C 69 -36.92 10.76 47.04
N LEU C 70 -35.83 10.11 47.49
CA LEU C 70 -34.53 10.21 46.86
C LEU C 70 -34.42 9.13 45.79
N HIS C 71 -33.68 9.43 44.71
CA HIS C 71 -33.40 8.48 43.65
C HIS C 71 -31.90 8.50 43.37
N ARG C 72 -31.35 7.34 42.97
CA ARG C 72 -29.93 7.21 42.66
C ARG C 72 -29.77 6.40 41.38
N PHE C 73 -29.13 7.00 40.37
CA PHE C 73 -28.69 6.29 39.19
C PHE C 73 -27.16 6.22 39.21
N ALA C 74 -26.61 5.02 39.41
CA ALA C 74 -25.17 4.81 39.41
C ALA C 74 -24.73 4.36 38.03
N ILE C 75 -23.81 5.11 37.42
CA ILE C 75 -23.31 4.85 36.08
C ILE C 75 -21.84 4.45 36.18
N ASP C 76 -21.55 3.15 35.99
CA ASP C 76 -20.23 2.62 36.25
C ASP C 76 -20.00 1.30 35.52
N ASP C 77 -18.85 1.23 34.83
CA ASP C 77 -18.31 -0.01 34.26
C ASP C 77 -19.33 -0.66 33.33
N GLY C 78 -19.97 0.16 32.48
CA GLY C 78 -20.87 -0.31 31.44
C GLY C 78 -22.26 -0.70 31.97
N THR C 79 -22.56 -0.39 33.24
CA THR C 79 -23.90 -0.66 33.77
C THR C 79 -24.50 0.63 34.32
N VAL C 80 -25.83 0.62 34.46
CA VAL C 80 -26.54 1.63 35.24
C VAL C 80 -27.51 0.91 36.16
N THR C 81 -27.48 1.29 37.44
CA THR C 81 -28.40 0.74 38.43
C THR C 81 -29.29 1.86 38.98
N TYR C 82 -30.45 1.47 39.51
CA TYR C 82 -31.42 2.39 40.09
C TYR C 82 -31.72 2.01 41.53
N GLN C 83 -31.87 3.04 42.37
CA GLN C 83 -32.38 2.91 43.73
C GLN C 83 -33.31 4.08 44.03
N CYS C 84 -34.24 3.86 44.98
CA CYS C 84 -35.01 4.95 45.54
C CYS C 84 -35.33 4.64 47.00
N ARG C 85 -35.33 5.71 47.82
CA ARG C 85 -35.47 5.59 49.25
C ARG C 85 -36.03 6.90 49.80
N PHE C 86 -37.04 6.80 50.68
CA PHE C 86 -37.59 7.97 51.33
C PHE C 86 -36.53 8.61 52.23
N LEU C 87 -36.50 9.95 52.23
CA LEU C 87 -35.71 10.69 53.19
C LEU C 87 -36.35 10.52 54.57
N ARG C 88 -35.54 10.10 55.55
CA ARG C 88 -36.05 9.82 56.88
C ARG C 88 -36.10 11.12 57.68
N THR C 89 -37.19 11.88 57.49
CA THR C 89 -37.34 13.18 58.10
C THR C 89 -38.05 13.05 59.45
N ASN C 90 -37.96 14.11 60.26
CA ASN C 90 -38.68 14.21 61.52
C ASN C 90 -40.19 14.10 61.25
N THR C 91 -40.64 14.78 60.20
CA THR C 91 -42.06 14.78 59.83
C THR C 91 -42.54 13.38 59.49
N LEU C 92 -41.74 12.65 58.69
CA LEU C 92 -42.11 11.30 58.29
C LEU C 92 -42.19 10.39 59.52
N LYS C 93 -41.21 10.52 60.42
CA LYS C 93 -41.17 9.71 61.64
C LYS C 93 -42.41 9.96 62.49
N LYS C 94 -42.75 11.24 62.68
CA LYS C 94 -43.86 11.63 63.53
C LYS C 94 -45.19 11.18 62.91
N ASN C 95 -45.32 11.36 61.59
CA ASN C 95 -46.55 11.02 60.88
C ASN C 95 -46.76 9.50 60.86
N ARG C 96 -45.67 8.74 60.68
CA ARG C 96 -45.76 7.29 60.61
C ARG C 96 -46.08 6.71 61.99
N ALA C 97 -45.45 7.27 63.03
CA ALA C 97 -45.71 6.88 64.40
C ALA C 97 -47.18 7.08 64.75
N ALA C 98 -47.71 8.26 64.39
CA ALA C 98 -49.10 8.62 64.69
C ALA C 98 -50.06 7.94 63.72
N ASN C 99 -49.54 7.55 62.54
CA ASN C 99 -50.33 6.98 61.46
C ASN C 99 -51.34 8.01 60.97
N ARG C 100 -50.94 9.29 60.98
CA ARG C 100 -51.74 10.37 60.45
C ARG C 100 -50.88 11.63 60.35
N ILE C 101 -51.45 12.68 59.74
CA ILE C 101 -50.74 13.94 59.55
C ILE C 101 -50.82 14.72 60.86
N VAL C 102 -49.67 14.86 61.53
CA VAL C 102 -49.59 15.57 62.81
C VAL C 102 -48.66 16.78 62.69
N VAL C 103 -48.11 17.03 61.50
CA VAL C 103 -47.23 18.17 61.28
C VAL C 103 -47.85 19.04 60.19
N THR C 104 -47.99 20.35 60.48
CA THR C 104 -48.60 21.29 59.55
C THR C 104 -47.70 21.45 58.33
N GLU C 105 -48.32 21.44 57.14
CA GLU C 105 -47.61 21.50 55.88
C GLU C 105 -48.03 22.74 55.11
N PHE C 106 -47.37 22.96 53.96
CA PHE C 106 -47.68 24.04 53.04
C PHE C 106 -49.16 24.05 52.69
N GLY C 107 -49.69 22.88 52.29
CA GLY C 107 -51.03 22.80 51.73
C GLY C 107 -51.99 21.93 52.56
N THR C 108 -51.53 21.42 53.71
CA THR C 108 -52.32 20.51 54.52
C THR C 108 -52.17 20.89 55.99
N LYS C 109 -53.32 20.99 56.67
CA LYS C 109 -53.36 21.19 58.11
C LYS C 109 -53.14 19.85 58.81
N SER C 110 -52.49 19.87 59.98
CA SER C 110 -52.32 18.67 60.78
C SER C 110 -53.64 18.30 61.46
N ALA C 111 -53.79 17.00 61.78
CA ALA C 111 -54.89 16.54 62.63
C ALA C 111 -54.68 17.04 64.06
N MET C 132 -41.34 23.65 62.42
CA MET C 132 -42.22 23.35 61.25
C MET C 132 -41.76 22.06 60.57
N SER C 133 -42.44 21.69 59.47
CA SER C 133 -42.13 20.48 58.74
C SER C 133 -40.71 20.56 58.16
N ASP C 134 -40.05 19.40 58.07
CA ASP C 134 -38.70 19.30 57.53
C ASP C 134 -38.71 18.36 56.32
N ASN C 135 -39.78 18.44 55.50
CA ASN C 135 -39.92 17.59 54.34
C ASN C 135 -39.05 18.13 53.22
N ALA C 136 -37.76 17.76 53.25
CA ALA C 136 -36.78 18.29 52.32
C ALA C 136 -36.86 17.54 51.00
N MET C 137 -37.87 17.88 50.18
CA MET C 137 -38.21 17.11 48.99
C MET C 137 -37.78 17.82 47.71
N ILE C 138 -37.24 19.05 47.80
CA ILE C 138 -37.08 19.89 46.64
C ILE C 138 -35.81 19.54 45.87
N SER C 139 -34.66 19.48 46.57
CA SER C 139 -33.38 19.43 45.90
C SER C 139 -32.32 18.72 46.73
N VAL C 140 -31.16 18.48 46.11
CA VAL C 140 -29.97 17.97 46.76
C VAL C 140 -28.77 18.76 46.24
N TYR C 141 -27.88 19.19 47.15
CA TYR C 141 -26.75 20.02 46.79
C TYR C 141 -25.48 19.55 47.51
N PRO C 142 -24.30 19.66 46.87
CA PRO C 142 -23.03 19.30 47.50
C PRO C 142 -22.46 20.39 48.41
N PHE C 143 -22.16 20.00 49.65
CA PHE C 143 -21.34 20.80 50.57
C PHE C 143 -20.01 20.08 50.78
N GLY C 144 -19.00 20.45 49.97
CA GLY C 144 -17.76 19.70 49.92
C GLY C 144 -18.01 18.28 49.39
N ASP C 145 -17.69 17.28 50.22
CA ASP C 145 -17.85 15.89 49.83
C ASP C 145 -19.18 15.35 50.37
N GLU C 146 -19.97 16.19 51.05
CA GLU C 146 -21.26 15.80 51.58
C GLU C 146 -22.37 16.33 50.68
N VAL C 147 -23.54 15.69 50.74
CA VAL C 147 -24.71 16.10 49.98
C VAL C 147 -25.89 16.27 50.94
N TYR C 148 -26.64 17.37 50.80
CA TYR C 148 -27.76 17.65 51.67
C TYR C 148 -29.04 17.84 50.86
N ALA C 149 -30.15 17.32 51.41
CA ALA C 149 -31.48 17.53 50.86
C ALA C 149 -32.08 18.78 51.46
N PHE C 150 -32.82 19.54 50.64
CA PHE C 150 -33.31 20.86 51.02
C PHE C 150 -34.83 20.95 50.86
N THR C 151 -35.44 21.70 51.78
CA THR C 151 -36.65 22.45 51.50
C THR C 151 -36.33 23.90 51.85
N GLU C 152 -37.33 24.67 52.30
CA GLU C 152 -37.13 26.10 52.52
C GLU C 152 -37.30 26.47 53.99
N GLY C 153 -37.77 25.52 54.81
CA GLY C 153 -37.54 25.58 56.24
C GLY C 153 -36.05 25.39 56.56
N PRO C 154 -35.61 25.66 57.80
CA PRO C 154 -34.18 25.71 58.13
C PRO C 154 -33.46 24.37 58.34
N ILE C 155 -34.21 23.26 58.37
CA ILE C 155 -33.59 21.96 58.60
C ILE C 155 -33.26 21.30 57.26
N ILE C 156 -31.99 20.89 57.10
CA ILE C 156 -31.53 20.12 55.96
C ILE C 156 -31.04 18.76 56.46
N HIS C 157 -30.99 17.78 55.55
CA HIS C 157 -30.66 16.40 55.90
C HIS C 157 -29.55 15.90 55.00
N ARG C 158 -28.48 15.37 55.62
CA ARG C 158 -27.39 14.77 54.87
C ARG C 158 -27.84 13.45 54.27
N VAL C 159 -27.38 13.16 53.05
CA VAL C 159 -27.76 11.98 52.30
C VAL C 159 -26.49 11.20 51.98
N ASP C 160 -26.53 9.88 52.22
CA ASP C 160 -25.48 8.99 51.78
C ASP C 160 -25.59 8.83 50.26
N THR C 161 -24.52 9.18 49.56
CA THR C 161 -24.53 9.24 48.10
C THR C 161 -24.45 7.84 47.48
N VAL C 162 -24.19 6.81 48.31
CA VAL C 162 -24.11 5.45 47.84
C VAL C 162 -25.41 4.70 48.16
N THR C 163 -25.90 4.82 49.39
CA THR C 163 -26.97 3.98 49.87
C THR C 163 -28.32 4.71 49.95
N LEU C 164 -28.30 6.05 49.82
CA LEU C 164 -29.47 6.90 50.00
C LEU C 164 -29.99 6.85 51.44
N ASP C 165 -29.13 6.42 52.38
CA ASP C 165 -29.47 6.52 53.79
C ASP C 165 -29.52 8.00 54.18
N THR C 166 -30.42 8.33 55.12
CA THR C 166 -30.46 9.64 55.73
C THR C 166 -29.48 9.68 56.90
N LEU C 167 -28.52 10.59 56.83
CA LEU C 167 -27.52 10.75 57.87
C LEU C 167 -27.93 11.94 58.75
N GLU C 168 -26.96 12.72 59.24
CA GLU C 168 -27.25 13.75 60.24
C GLU C 168 -28.07 14.88 59.62
N GLN C 169 -28.79 15.62 60.47
CA GLN C 169 -29.48 16.83 60.06
C GLN C 169 -28.71 18.05 60.57
N LYS C 170 -28.89 19.19 59.89
CA LYS C 170 -28.31 20.46 60.29
C LYS C 170 -29.42 21.51 60.36
N ASN C 171 -29.35 22.39 61.37
CA ASN C 171 -30.34 23.44 61.57
C ASN C 171 -29.69 24.78 61.22
N MET C 172 -30.25 25.46 60.21
CA MET C 172 -29.64 26.66 59.65
C MET C 172 -29.92 27.87 60.55
N THR C 173 -30.93 27.77 61.42
CA THR C 173 -31.16 28.81 62.42
C THR C 173 -30.02 28.78 63.45
N ASP C 174 -29.70 27.59 63.94
CA ASP C 174 -28.58 27.41 64.85
C ASP C 174 -27.29 27.82 64.17
N CYS C 175 -27.17 27.47 62.87
CA CYS C 175 -25.92 27.59 62.16
C CYS C 175 -25.59 29.04 61.81
N VAL C 176 -26.55 29.78 61.23
CA VAL C 176 -26.30 31.14 60.76
C VAL C 176 -27.56 32.02 60.88
N ALA C 177 -28.48 31.65 61.78
CA ALA C 177 -29.62 32.49 62.12
C ALA C 177 -30.58 32.68 60.94
N LEU C 178 -30.69 31.66 60.07
CA LEU C 178 -31.68 31.66 59.01
C LEU C 178 -32.95 31.00 59.54
N VAL C 179 -34.08 31.74 59.49
CA VAL C 179 -35.37 31.18 59.86
C VAL C 179 -35.96 30.46 58.65
N ASN C 180 -35.51 30.84 57.44
CA ASN C 180 -35.84 30.12 56.22
C ASN C 180 -34.74 30.40 55.20
N HIS C 181 -34.75 29.64 54.10
CA HIS C 181 -33.77 29.81 53.04
C HIS C 181 -34.32 29.27 51.72
N THR C 182 -33.64 29.59 50.62
CA THR C 182 -34.01 29.01 49.33
C THR C 182 -33.55 27.55 49.30
N SER C 183 -34.18 26.76 48.44
CA SER C 183 -33.78 25.38 48.23
C SER C 183 -32.82 25.27 47.05
N HIS C 184 -32.23 26.41 46.66
CA HIS C 184 -31.34 26.47 45.51
C HIS C 184 -30.13 27.33 45.83
N PRO C 185 -29.24 26.88 46.75
CA PRO C 185 -27.97 27.56 46.98
C PRO C 185 -27.13 27.56 45.71
N HIS C 186 -26.13 28.45 45.66
CA HIS C 186 -25.14 28.46 44.59
C HIS C 186 -23.86 27.80 45.09
N VAL C 187 -23.28 26.95 44.23
CA VAL C 187 -22.05 26.23 44.55
C VAL C 187 -20.95 26.79 43.66
N MET C 188 -19.86 27.26 44.27
CA MET C 188 -18.78 27.89 43.53
C MET C 188 -17.78 26.82 43.10
N PRO C 189 -16.98 27.06 42.04
CA PRO C 189 -15.95 26.10 41.61
C PRO C 189 -15.00 25.62 42.70
N ASN C 190 -14.75 26.47 43.71
CA ASN C 190 -13.84 26.14 44.80
C ASN C 190 -14.54 25.37 45.91
N GLY C 191 -15.86 25.13 45.78
CA GLY C 191 -16.61 24.37 46.75
C GLY C 191 -17.44 25.23 47.70
N ASP C 192 -17.17 26.54 47.75
CA ASP C 192 -17.94 27.46 48.58
C ASP C 192 -19.41 27.39 48.20
N VAL C 193 -20.28 27.50 49.20
CA VAL C 193 -21.72 27.51 48.98
C VAL C 193 -22.28 28.83 49.53
N TYR C 194 -23.13 29.46 48.72
CA TYR C 194 -23.89 30.64 49.15
C TYR C 194 -25.38 30.31 49.11
N ASN C 195 -26.13 30.84 50.08
CA ASN C 195 -27.57 30.73 50.04
C ASN C 195 -28.18 32.00 50.62
N VAL C 196 -29.42 32.28 50.20
CA VAL C 196 -30.18 33.43 50.67
C VAL C 196 -31.30 32.93 51.57
N GLY C 197 -31.62 33.72 52.60
CA GLY C 197 -32.69 33.41 53.53
C GLY C 197 -33.08 34.63 54.36
N MET C 198 -34.08 34.45 55.23
CA MET C 198 -34.51 35.50 56.13
C MET C 198 -33.87 35.30 57.50
N SER C 199 -33.53 36.42 58.14
CA SER C 199 -32.98 36.43 59.48
C SER C 199 -33.58 37.60 60.26
N VAL C 200 -33.80 37.39 61.57
CA VAL C 200 -34.28 38.46 62.43
C VAL C 200 -33.06 39.15 63.04
N VAL C 201 -32.82 40.40 62.63
CA VAL C 201 -31.68 41.18 63.09
C VAL C 201 -32.20 42.38 63.86
N LYS C 202 -31.89 42.45 65.16
CA LYS C 202 -32.35 43.51 66.04
C LYS C 202 -33.86 43.69 65.92
N GLY C 203 -34.59 42.58 65.95
CA GLY C 203 -36.05 42.58 65.94
C GLY C 203 -36.67 42.93 64.59
N ARG C 204 -35.86 42.91 63.52
CA ARG C 204 -36.31 43.27 62.19
C ARG C 204 -35.96 42.15 61.21
N ILE C 205 -36.89 41.86 60.28
CA ILE C 205 -36.63 40.90 59.21
C ILE C 205 -35.61 41.51 58.25
N ARG C 206 -34.58 40.72 57.91
CA ARG C 206 -33.69 41.05 56.82
C ARG C 206 -33.46 39.82 55.95
N HIS C 207 -33.32 40.06 54.64
CA HIS C 207 -32.83 39.06 53.71
C HIS C 207 -31.31 39.05 53.83
N VAL C 208 -30.72 37.87 54.04
CA VAL C 208 -29.28 37.76 54.24
C VAL C 208 -28.72 36.71 53.28
N VAL C 209 -27.45 36.90 52.90
CA VAL C 209 -26.69 35.90 52.17
C VAL C 209 -25.73 35.24 53.15
N ALA C 210 -25.88 33.92 53.34
CA ALA C 210 -24.97 33.13 54.16
C ALA C 210 -23.93 32.47 53.26
N LYS C 211 -22.67 32.47 53.72
CA LYS C 211 -21.59 31.78 53.03
C LYS C 211 -21.15 30.58 53.86
N PHE C 212 -21.04 29.42 53.19
CA PHE C 212 -20.51 28.21 53.79
C PHE C 212 -19.19 27.91 53.11
N PRO C 213 -18.05 28.33 53.71
CA PRO C 213 -16.76 28.28 53.02
C PRO C 213 -16.18 26.85 53.01
N PHE C 214 -15.67 26.44 51.86
CA PHE C 214 -15.13 25.10 51.70
C PHE C 214 -13.78 24.99 52.38
N THR C 215 -13.62 23.91 53.14
CA THR C 215 -12.35 23.52 53.75
C THR C 215 -12.27 22.00 53.71
N GLU C 216 -11.06 21.47 53.46
CA GLU C 216 -10.86 20.03 53.40
C GLU C 216 -10.89 19.45 54.81
N LYS C 217 -10.30 20.18 55.75
CA LYS C 217 -10.09 19.68 57.11
C LYS C 217 -11.06 20.32 58.11
N GLY C 218 -11.55 21.53 57.81
CA GLY C 218 -12.45 22.24 58.69
C GLY C 218 -13.91 21.79 58.51
N ASP C 219 -14.84 22.69 58.88
CA ASP C 219 -16.26 22.41 58.86
C ASP C 219 -16.99 23.59 58.24
N MET C 220 -17.71 23.32 57.14
CA MET C 220 -18.32 24.36 56.32
C MET C 220 -19.46 25.04 57.07
N PHE C 221 -20.09 24.30 57.99
CA PHE C 221 -21.24 24.80 58.73
C PHE C 221 -20.77 25.59 59.95
N LYS C 222 -19.70 25.11 60.61
CA LYS C 222 -19.11 25.79 61.76
C LYS C 222 -18.57 27.16 61.34
N SER C 223 -17.96 27.24 60.16
CA SER C 223 -17.34 28.47 59.67
C SER C 223 -18.31 29.31 58.84
N ALA C 224 -19.60 28.96 58.85
CA ALA C 224 -20.59 29.68 58.06
C ALA C 224 -20.85 31.05 58.67
N HIS C 225 -21.01 32.06 57.82
CA HIS C 225 -21.23 33.43 58.27
C HIS C 225 -22.01 34.22 57.22
N ILE C 226 -22.66 35.30 57.67
N ILE C 226 -22.66 35.30 57.67
CA ILE C 226 -23.42 36.19 56.80
CA ILE C 226 -23.42 36.19 56.80
C ILE C 226 -22.44 37.13 56.11
C ILE C 226 -22.44 37.13 56.11
N VAL C 227 -22.58 37.29 54.79
CA VAL C 227 -21.65 38.10 54.00
C VAL C 227 -22.39 39.25 53.31
N ALA C 228 -23.73 39.26 53.34
CA ALA C 228 -24.49 40.36 52.76
C ALA C 228 -25.90 40.35 53.32
N SER C 229 -26.58 41.51 53.22
CA SER C 229 -27.96 41.60 53.67
C SER C 229 -28.67 42.74 52.96
N MET C 230 -30.01 42.72 53.10
CA MET C 230 -30.88 43.63 52.38
C MET C 230 -32.16 43.78 53.20
N ALA C 231 -32.61 45.04 53.37
CA ALA C 231 -33.88 45.31 54.01
C ALA C 231 -35.02 44.90 53.08
N PRO C 232 -36.10 44.27 53.59
CA PRO C 232 -37.28 44.01 52.77
C PRO C 232 -37.97 45.31 52.39
N ARG C 233 -38.70 45.31 51.28
CA ARG C 233 -39.45 46.47 50.85
C ARG C 233 -40.51 46.79 51.90
N TRP C 234 -41.14 45.75 52.44
CA TRP C 234 -42.17 45.87 53.46
C TRP C 234 -41.77 45.01 54.66
N ALA C 235 -41.67 45.65 55.83
CA ALA C 235 -41.02 45.08 57.00
C ALA C 235 -41.70 43.79 57.45
N LEU C 236 -43.04 43.73 57.35
CA LEU C 236 -43.80 42.58 57.80
C LEU C 236 -44.33 41.77 56.62
N HIS C 237 -43.89 42.10 55.40
CA HIS C 237 -44.28 41.38 54.20
C HIS C 237 -43.05 41.15 53.32
N PRO C 238 -42.02 40.41 53.80
CA PRO C 238 -40.83 40.12 53.00
C PRO C 238 -41.18 39.28 51.77
N ALA C 239 -40.49 39.55 50.67
CA ALA C 239 -40.73 38.88 49.41
C ALA C 239 -40.29 37.42 49.50
N TYR C 240 -41.10 36.52 48.93
CA TYR C 240 -40.73 35.13 48.75
C TYR C 240 -39.75 35.01 47.59
N MET C 241 -38.73 34.17 47.74
CA MET C 241 -37.83 33.87 46.64
C MET C 241 -37.38 32.41 46.70
N HIS C 242 -37.50 31.73 45.55
CA HIS C 242 -37.15 30.32 45.40
C HIS C 242 -35.70 30.19 44.94
N THR C 243 -35.22 31.19 44.19
CA THR C 243 -33.84 31.23 43.72
C THR C 243 -33.31 32.65 43.84
N PHE C 244 -31.99 32.77 43.70
CA PHE C 244 -31.32 34.04 43.62
C PHE C 244 -30.18 33.92 42.62
N GLY C 245 -29.59 35.05 42.24
CA GLY C 245 -28.50 35.08 41.27
C GLY C 245 -27.17 35.43 41.91
N ILE C 246 -26.09 35.15 41.16
CA ILE C 246 -24.76 35.57 41.55
C ILE C 246 -23.99 35.94 40.28
N THR C 247 -23.26 37.05 40.33
CA THR C 247 -22.36 37.48 39.27
C THR C 247 -20.96 37.61 39.85
N GLU C 248 -20.02 38.09 39.03
CA GLU C 248 -18.64 38.27 39.47
C GLU C 248 -18.59 39.14 40.73
N ASN C 249 -19.38 40.22 40.76
CA ASN C 249 -19.25 41.25 41.78
C ASN C 249 -20.48 41.34 42.67
N TYR C 250 -21.59 40.66 42.33
CA TYR C 250 -22.86 40.90 43.00
C TYR C 250 -23.58 39.61 43.35
N PHE C 251 -24.33 39.67 44.45
CA PHE C 251 -25.48 38.81 44.66
C PHE C 251 -26.70 39.51 44.08
N VAL C 252 -27.53 38.74 43.36
CA VAL C 252 -28.69 39.28 42.68
C VAL C 252 -29.94 38.77 43.39
N ILE C 253 -30.71 39.70 43.95
CA ILE C 253 -31.96 39.38 44.64
C ILE C 253 -33.10 39.90 43.79
N VAL C 254 -34.00 38.99 43.36
CA VAL C 254 -35.19 39.38 42.64
C VAL C 254 -36.34 39.46 43.65
N GLU C 255 -36.80 40.69 43.89
CA GLU C 255 -37.81 40.97 44.90
C GLU C 255 -39.16 41.12 44.20
N GLN C 256 -39.95 40.04 44.20
CA GLN C 256 -41.20 39.98 43.45
C GLN C 256 -42.36 40.32 44.39
N PRO C 257 -43.52 40.77 43.86
CA PRO C 257 -44.66 41.15 44.71
C PRO C 257 -45.50 39.97 45.23
N LEU C 258 -44.84 38.84 45.49
CA LEU C 258 -45.41 37.80 46.33
C LEU C 258 -44.66 37.83 47.66
N SER C 259 -45.42 38.02 48.75
CA SER C 259 -44.83 38.21 50.06
C SER C 259 -45.28 37.09 50.99
N ILE C 260 -44.48 36.85 52.03
CA ILE C 260 -44.90 36.10 53.20
C ILE C 260 -45.36 37.11 54.25
N SER C 261 -46.63 37.01 54.66
CA SER C 261 -47.14 37.79 55.78
C SER C 261 -46.58 37.19 57.08
N VAL C 262 -45.74 37.98 57.75
CA VAL C 262 -45.09 37.56 58.99
C VAL C 262 -46.15 37.18 60.02
N TYR C 263 -47.15 38.05 60.21
CA TYR C 263 -48.20 37.81 61.19
C TYR C 263 -49.10 36.67 60.73
N GLY C 264 -49.38 36.62 59.42
CA GLY C 264 -50.12 35.53 58.82
C GLY C 264 -49.48 34.16 59.11
N LEU C 265 -48.16 34.07 58.92
CA LEU C 265 -47.43 32.82 59.09
C LEU C 265 -47.44 32.42 60.57
N MET C 266 -47.22 33.38 61.46
CA MET C 266 -47.26 33.15 62.89
C MET C 266 -48.65 32.62 63.28
N THR C 267 -49.70 33.27 62.79
CA THR C 267 -51.08 32.87 63.05
C THR C 267 -51.31 31.42 62.63
N ASN C 268 -50.90 31.09 61.39
CA ASN C 268 -51.17 29.79 60.81
C ASN C 268 -50.41 28.70 61.56
N LEU C 269 -49.19 29.01 62.00
CA LEU C 269 -48.40 28.08 62.80
C LEU C 269 -49.10 27.78 64.11
N ILE C 270 -49.66 28.82 64.75
CA ILE C 270 -50.31 28.68 66.04
C ILE C 270 -51.65 27.94 65.89
N ASN C 271 -52.45 28.34 64.90
CA ASN C 271 -53.82 27.87 64.77
C ASN C 271 -53.92 26.63 63.89
N ASN C 272 -52.76 26.11 63.45
CA ASN C 272 -52.71 24.94 62.58
C ASN C 272 -53.54 25.17 61.32
N ASN C 273 -53.21 26.24 60.59
CA ASN C 273 -53.69 26.40 59.23
C ASN C 273 -52.56 26.06 58.28
N LYS C 274 -52.91 25.61 57.07
CA LYS C 274 -51.93 25.38 56.02
C LYS C 274 -51.17 26.68 55.78
N LEU C 275 -49.84 26.55 55.64
CA LEU C 275 -48.94 27.69 55.67
C LEU C 275 -49.04 28.50 54.37
N ALA C 276 -49.63 27.91 53.33
CA ALA C 276 -49.82 28.56 52.04
C ALA C 276 -50.61 29.86 52.19
N ALA C 277 -51.52 29.91 53.18
CA ALA C 277 -52.33 31.09 53.44
C ALA C 277 -51.47 32.30 53.81
N SER C 278 -50.21 32.06 54.16
CA SER C 278 -49.28 33.13 54.54
C SER C 278 -48.83 33.94 53.33
N LEU C 279 -48.96 33.38 52.12
CA LEU C 279 -48.50 34.02 50.91
C LEU C 279 -49.52 35.06 50.44
N LYS C 280 -49.03 36.23 50.03
CA LYS C 280 -49.87 37.34 49.61
C LYS C 280 -49.35 37.91 48.30
N TRP C 281 -50.27 38.10 47.34
CA TRP C 281 -49.96 38.62 46.01
C TRP C 281 -50.45 40.06 45.91
N TYR C 282 -49.54 40.97 45.52
CA TYR C 282 -49.83 42.40 45.47
C TYR C 282 -49.48 42.92 44.09
N PRO C 283 -50.34 42.69 43.07
CA PRO C 283 -50.00 42.98 41.68
C PRO C 283 -49.89 44.46 41.30
N GLU C 284 -50.26 45.36 42.21
CA GLU C 284 -50.15 46.79 41.97
C GLU C 284 -48.69 47.25 42.12
N TYR C 285 -47.80 46.36 42.60
CA TYR C 285 -46.40 46.69 42.76
C TYR C 285 -45.55 45.96 41.73
N GLU C 286 -44.40 46.56 41.40
CA GLU C 286 -43.48 46.04 40.40
C GLU C 286 -42.46 45.11 41.05
N THR C 287 -41.67 44.44 40.20
CA THR C 287 -40.58 43.57 40.63
C THR C 287 -39.29 44.39 40.64
N HIS C 288 -38.49 44.25 41.70
CA HIS C 288 -37.20 44.91 41.79
C HIS C 288 -36.08 43.87 41.65
N ILE C 289 -35.03 44.24 40.94
CA ILE C 289 -33.79 43.48 40.86
C ILE C 289 -32.74 44.24 41.65
N VAL C 290 -32.24 43.62 42.73
CA VAL C 290 -31.38 44.28 43.69
C VAL C 290 -30.00 43.63 43.67
N LEU C 291 -28.96 44.45 43.52
CA LEU C 291 -27.58 43.97 43.53
C LEU C 291 -26.94 44.28 44.89
N LEU C 292 -26.46 43.23 45.57
CA LEU C 292 -25.70 43.39 46.80
C LEU C 292 -24.23 43.17 46.47
N SER C 293 -23.36 44.04 46.98
CA SER C 293 -21.92 43.93 46.75
C SER C 293 -21.37 42.70 47.44
N ARG C 294 -20.57 41.91 46.71
CA ARG C 294 -19.88 40.76 47.27
C ARG C 294 -18.71 41.22 48.12
N THR C 295 -18.30 42.48 47.96
CA THR C 295 -17.18 43.06 48.69
C THR C 295 -17.66 43.67 50.01
N THR C 296 -18.71 44.49 49.96
CA THR C 296 -19.14 45.26 51.11
C THR C 296 -20.36 44.63 51.79
N GLY C 297 -21.11 43.80 51.06
CA GLY C 297 -22.27 43.12 51.63
C GLY C 297 -23.54 43.98 51.65
N LYS C 298 -23.47 45.18 51.06
CA LYS C 298 -24.58 46.11 51.08
C LYS C 298 -25.20 46.23 49.68
N GLU C 299 -26.49 46.59 49.65
CA GLU C 299 -27.15 46.98 48.41
C GLU C 299 -26.41 48.16 47.78
N VAL C 300 -26.06 48.00 46.50
CA VAL C 300 -25.34 48.98 45.71
C VAL C 300 -26.34 49.65 44.76
N LYS C 301 -27.17 48.81 44.12
CA LYS C 301 -28.09 49.28 43.11
C LYS C 301 -29.37 48.46 43.13
N ARG C 302 -30.35 49.01 42.41
CA ARG C 302 -31.67 48.44 42.31
C ARG C 302 -32.32 48.90 41.00
N PHE C 303 -32.99 47.96 40.33
CA PHE C 303 -33.67 48.24 39.07
C PHE C 303 -35.08 47.66 39.13
N ARG C 304 -35.91 48.04 38.15
CA ARG C 304 -37.31 47.67 38.13
C ARG C 304 -37.63 46.87 36.87
N THR C 305 -38.66 46.02 36.99
CA THR C 305 -39.29 45.40 35.83
C THR C 305 -40.78 45.19 36.16
N ASP C 306 -41.50 44.56 35.23
CA ASP C 306 -42.94 44.37 35.37
C ASP C 306 -43.25 43.49 36.57
N THR C 307 -44.49 43.59 37.06
CA THR C 307 -45.07 42.60 37.95
C THR C 307 -44.88 41.22 37.33
N LEU C 308 -44.17 40.34 38.03
CA LEU C 308 -44.02 38.95 37.59
C LEU C 308 -43.88 38.03 38.81
N PHE C 309 -44.10 36.73 38.56
CA PHE C 309 -43.74 35.69 39.51
C PHE C 309 -42.68 34.80 38.87
N PHE C 310 -41.73 34.31 39.66
CA PHE C 310 -40.72 33.38 39.17
C PHE C 310 -40.41 32.34 40.25
N LEU C 311 -39.90 31.19 39.79
CA LEU C 311 -39.31 30.18 40.65
C LEU C 311 -37.80 30.11 40.37
N HIS C 312 -37.44 29.93 39.10
CA HIS C 312 -36.08 29.56 38.73
C HIS C 312 -35.41 30.63 37.86
N ILE C 313 -34.35 31.23 38.40
CA ILE C 313 -33.40 32.03 37.64
C ILE C 313 -32.47 31.07 36.91
N ILE C 314 -32.26 31.32 35.61
CA ILE C 314 -31.45 30.48 34.75
C ILE C 314 -29.98 30.76 35.01
N ASN C 315 -29.60 32.04 34.89
CA ASN C 315 -28.23 32.48 35.10
C ASN C 315 -28.21 34.01 35.16
N CYS C 316 -27.18 34.56 35.82
CA CYS C 316 -26.92 35.99 35.83
C CYS C 316 -25.46 36.22 35.48
N TYR C 317 -25.15 37.37 34.86
CA TYR C 317 -23.77 37.73 34.61
C TYR C 317 -23.63 39.21 34.27
N GLU C 318 -22.39 39.69 34.41
CA GLU C 318 -21.98 41.02 33.98
C GLU C 318 -21.17 40.87 32.70
N HIS C 319 -21.42 41.74 31.72
CA HIS C 319 -20.69 41.71 30.47
C HIS C 319 -20.63 43.11 29.85
N GLU C 320 -19.42 43.67 29.81
CA GLU C 320 -19.15 44.94 29.15
C GLU C 320 -20.14 46.01 29.63
N GLY C 321 -20.27 46.14 30.96
CA GLY C 321 -21.04 47.21 31.58
C GLY C 321 -22.52 46.90 31.70
N GLU C 322 -22.95 45.71 31.23
CA GLU C 322 -24.36 45.31 31.26
C GLU C 322 -24.55 44.24 32.33
N LEU C 323 -25.72 44.26 32.98
CA LEU C 323 -26.20 43.16 33.82
C LEU C 323 -27.22 42.37 33.02
N VAL C 324 -27.09 41.04 33.04
CA VAL C 324 -28.07 40.14 32.45
C VAL C 324 -28.61 39.22 33.54
N VAL C 325 -29.95 39.15 33.62
CA VAL C 325 -30.65 38.21 34.49
C VAL C 325 -31.66 37.44 33.63
N ASP C 326 -31.39 36.15 33.42
CA ASP C 326 -32.31 35.26 32.70
C ASP C 326 -33.08 34.43 33.71
N LEU C 327 -34.41 34.38 33.57
CA LEU C 327 -35.26 33.65 34.49
C LEU C 327 -36.57 33.23 33.80
N CYS C 328 -37.23 32.21 34.37
CA CYS C 328 -38.49 31.71 33.86
C CYS C 328 -39.63 32.41 34.61
N THR C 329 -40.44 33.18 33.87
CA THR C 329 -41.38 34.12 34.46
C THR C 329 -42.82 33.66 34.26
N TYR C 330 -43.67 33.98 35.24
CA TYR C 330 -45.11 33.87 35.13
C TYR C 330 -45.72 35.27 35.33
N LYS C 331 -47.00 35.41 34.97
CA LYS C 331 -47.71 36.66 35.15
C LYS C 331 -48.20 36.78 36.59
N ASP C 332 -48.38 35.64 37.27
CA ASP C 332 -48.82 35.61 38.66
C ASP C 332 -48.37 34.28 39.28
N ALA C 333 -48.82 34.00 40.51
CA ALA C 333 -48.36 32.86 41.27
C ALA C 333 -49.37 31.72 41.26
N LYS C 334 -50.21 31.65 40.22
CA LYS C 334 -51.30 30.68 40.17
C LYS C 334 -50.77 29.25 40.01
N VAL C 335 -49.52 29.09 39.58
CA VAL C 335 -48.94 27.76 39.45
C VAL C 335 -48.96 27.04 40.80
N VAL C 336 -48.88 27.82 41.89
CA VAL C 336 -48.96 27.27 43.23
C VAL C 336 -50.32 26.62 43.45
N ASP C 337 -51.38 27.31 43.02
CA ASP C 337 -52.74 26.79 43.17
C ASP C 337 -52.95 25.59 42.26
N ALA C 338 -52.25 25.55 41.13
CA ALA C 338 -52.38 24.47 40.17
C ALA C 338 -51.89 23.13 40.73
N MET C 339 -51.02 23.19 41.76
N MET C 339 -51.02 23.19 41.76
CA MET C 339 -50.34 22.01 42.25
CA MET C 339 -50.34 22.01 42.25
C MET C 339 -50.98 21.50 43.54
C MET C 339 -50.98 21.50 43.55
N TYR C 340 -52.19 21.98 43.86
CA TYR C 340 -53.05 21.33 44.83
C TYR C 340 -53.51 19.99 44.24
N VAL C 341 -53.59 18.96 45.09
CA VAL C 341 -53.91 17.61 44.63
C VAL C 341 -55.25 17.63 43.88
N HIS C 342 -56.24 18.33 44.45
CA HIS C 342 -57.57 18.42 43.85
C HIS C 342 -57.50 19.09 42.49
N ALA C 343 -56.67 20.14 42.37
CA ALA C 343 -56.53 20.87 41.11
C ALA C 343 -55.92 19.97 40.03
N ILE C 344 -54.92 19.16 40.42
CA ILE C 344 -54.28 18.23 39.51
C ILE C 344 -55.28 17.16 39.07
N GLU C 345 -56.07 16.66 40.02
CA GLU C 345 -57.05 15.61 39.78
C GLU C 345 -58.10 16.03 38.76
N THR C 346 -58.48 17.31 38.77
CA THR C 346 -59.61 17.79 38.00
C THR C 346 -59.16 18.69 36.84
N MET C 347 -57.87 18.64 36.48
CA MET C 347 -57.31 19.63 35.55
C MET C 347 -57.89 19.45 34.15
N GLN C 348 -58.37 18.25 33.82
CA GLN C 348 -58.86 17.97 32.48
C GLN C 348 -60.16 18.73 32.18
N SER C 349 -60.84 19.23 33.23
CA SER C 349 -62.04 20.03 33.04
C SER C 349 -61.82 21.48 33.48
N ASN C 350 -60.55 21.88 33.64
CA ASN C 350 -60.20 23.21 34.11
C ASN C 350 -59.65 24.02 32.92
N ALA C 351 -60.45 24.99 32.47
CA ALA C 351 -60.16 25.74 31.26
C ALA C 351 -58.99 26.70 31.44
N ASP C 352 -58.66 27.03 32.70
CA ASP C 352 -57.62 28.01 32.99
C ASP C 352 -56.29 27.33 33.38
N TYR C 353 -56.27 26.00 33.45
CA TYR C 353 -55.14 25.29 34.04
C TYR C 353 -53.86 25.58 33.27
N ALA C 354 -53.93 25.56 31.93
CA ALA C 354 -52.76 25.79 31.09
C ALA C 354 -52.20 27.19 31.30
N GLU C 355 -53.08 28.18 31.55
CA GLU C 355 -52.65 29.55 31.77
C GLU C 355 -51.98 29.69 33.13
N TRP C 356 -52.47 28.94 34.12
CA TRP C 356 -51.84 28.91 35.44
C TRP C 356 -50.38 28.49 35.33
N PHE C 357 -50.11 27.53 34.43
CA PHE C 357 -48.77 26.98 34.23
C PHE C 357 -47.99 27.74 33.15
N ARG C 358 -48.50 28.88 32.68
CA ARG C 358 -47.91 29.55 31.54
C ARG C 358 -46.67 30.32 32.00
N ALA C 359 -45.50 29.77 31.65
CA ALA C 359 -44.21 30.36 31.95
C ALA C 359 -43.52 30.75 30.65
N LYS C 360 -42.64 31.76 30.71
CA LYS C 360 -41.86 32.18 29.56
C LYS C 360 -40.46 32.53 30.02
N PRO C 361 -39.41 32.03 29.34
CA PRO C 361 -38.04 32.42 29.67
C PRO C 361 -37.75 33.83 29.15
N LYS C 362 -37.29 34.70 30.05
CA LYS C 362 -37.03 36.09 29.69
C LYS C 362 -35.63 36.50 30.10
N ARG C 363 -35.06 37.43 29.32
CA ARG C 363 -33.82 38.10 29.66
C ARG C 363 -34.15 39.51 30.16
N LEU C 364 -33.76 39.80 31.40
CA LEU C 364 -33.77 41.16 31.92
C LEU C 364 -32.36 41.73 31.76
N GLN C 365 -32.25 42.94 31.19
CA GLN C 365 -30.96 43.54 30.91
C GLN C 365 -31.00 45.03 31.21
N VAL C 366 -29.89 45.55 31.75
CA VAL C 366 -29.75 46.96 32.07
C VAL C 366 -28.26 47.28 32.18
N SER C 367 -27.91 48.54 31.92
CA SER C 367 -26.56 49.04 32.14
C SER C 367 -26.29 49.11 33.64
N LEU C 368 -25.11 48.64 34.05
CA LEU C 368 -24.72 48.62 35.46
C LEU C 368 -24.63 50.03 36.01
N ASN C 369 -24.30 51.00 35.15
CA ASN C 369 -24.11 52.38 35.59
C ASN C 369 -25.39 53.20 35.41
N ALA C 370 -26.49 52.54 35.02
CA ALA C 370 -27.77 53.23 34.86
C ALA C 370 -28.23 53.74 36.22
N PRO C 371 -29.03 54.83 36.26
CA PRO C 371 -29.56 55.34 37.53
C PRO C 371 -30.41 54.29 38.25
N LYS C 372 -30.47 54.42 39.59
CA LYS C 372 -31.30 53.57 40.41
C LYS C 372 -32.75 53.68 39.95
N MET C 373 -33.42 52.51 39.87
CA MET C 373 -34.84 52.40 39.55
C MET C 373 -35.05 52.52 38.04
N THR C 374 -33.97 52.46 37.24
CA THR C 374 -34.09 52.33 35.80
C THR C 374 -34.85 51.04 35.48
N ARG C 375 -35.75 51.12 34.48
N ARG C 375 -35.75 51.12 34.48
CA ARG C 375 -36.53 49.97 34.04
CA ARG C 375 -36.53 49.98 34.05
C ARG C 375 -35.63 49.09 33.19
C ARG C 375 -35.64 49.09 33.18
N MET C 376 -35.66 47.78 33.46
CA MET C 376 -34.81 46.84 32.73
C MET C 376 -35.46 46.54 31.38
N LYS C 377 -34.62 46.34 30.36
CA LYS C 377 -35.07 45.78 29.10
C LYS C 377 -35.52 44.34 29.38
N SER C 378 -36.67 43.95 28.81
CA SER C 378 -37.25 42.64 29.04
C SER C 378 -37.56 41.96 27.70
N SER C 379 -36.82 40.89 27.38
CA SER C 379 -36.97 40.16 26.14
C SER C 379 -37.32 38.70 26.40
N ILE C 380 -38.14 38.13 25.51
CA ILE C 380 -38.42 36.69 25.52
C ILE C 380 -37.25 35.96 24.85
N LEU C 381 -36.77 34.89 25.50
CA LEU C 381 -35.59 34.17 25.04
C LEU C 381 -35.98 33.07 24.05
N ALA C 382 -37.21 32.58 24.15
CA ALA C 382 -37.74 31.59 23.23
C ALA C 382 -39.26 31.56 23.35
N ASP C 383 -39.94 31.20 22.24
CA ASP C 383 -41.39 31.21 22.18
C ASP C 383 -41.92 29.84 22.61
N ILE C 384 -41.51 29.40 23.81
CA ILE C 384 -41.98 28.14 24.38
C ILE C 384 -41.84 28.21 25.89
N GLY C 385 -42.82 27.66 26.61
CA GLY C 385 -42.78 27.58 28.06
C GLY C 385 -41.65 26.66 28.55
N CYS C 386 -40.86 27.16 29.51
CA CYS C 386 -39.72 26.45 30.07
C CYS C 386 -39.82 26.43 31.60
N GLU C 387 -39.41 25.31 32.21
CA GLU C 387 -39.21 25.23 33.66
C GLU C 387 -38.04 24.30 33.98
N THR C 388 -37.64 24.33 35.27
CA THR C 388 -36.50 23.62 35.80
C THR C 388 -35.32 23.73 34.83
N PRO C 389 -34.79 24.96 34.62
CA PRO C 389 -33.65 25.17 33.72
C PRO C 389 -32.33 24.77 34.35
N ARG C 390 -31.38 24.33 33.51
CA ARG C 390 -30.02 24.10 33.92
C ARG C 390 -29.08 24.57 32.81
N ILE C 391 -27.81 24.78 33.16
CA ILE C 391 -26.78 25.20 32.23
C ILE C 391 -25.53 24.37 32.48
N HIS C 392 -24.49 24.64 31.69
CA HIS C 392 -23.15 24.16 31.99
C HIS C 392 -22.64 24.95 33.19
N TYR C 393 -23.07 24.51 34.37
CA TYR C 393 -23.05 25.30 35.59
C TYR C 393 -21.62 25.57 36.07
N ASP C 394 -20.76 24.53 35.99
CA ASP C 394 -19.44 24.58 36.59
C ASP C 394 -18.57 25.63 35.89
N LEU C 395 -18.86 25.94 34.62
CA LEU C 395 -18.02 26.82 33.84
C LEU C 395 -18.72 28.14 33.51
N HIS C 396 -20.06 28.19 33.58
CA HIS C 396 -20.80 29.33 33.04
C HIS C 396 -21.68 30.02 34.07
N ASN C 397 -21.90 29.43 35.26
CA ASN C 397 -22.69 30.10 36.28
C ASN C 397 -21.99 31.40 36.67
N SER C 398 -22.76 32.49 36.69
CA SER C 398 -22.28 33.82 37.07
C SER C 398 -21.48 34.48 35.95
N LYS C 399 -21.44 33.85 34.77
CA LYS C 399 -20.62 34.33 33.66
C LYS C 399 -21.43 34.33 32.37
N TYR C 400 -20.87 34.97 31.33
CA TYR C 400 -21.47 34.93 30.00
C TYR C 400 -21.69 33.47 29.60
N TYR C 401 -22.84 33.22 28.97
CA TYR C 401 -23.22 31.90 28.52
C TYR C 401 -24.16 32.04 27.33
N ARG C 402 -24.42 30.92 26.64
CA ARG C 402 -25.23 30.94 25.43
C ARG C 402 -26.44 30.00 25.53
N TYR C 403 -26.26 28.83 26.16
CA TYR C 403 -27.25 27.77 26.09
C TYR C 403 -27.80 27.44 27.47
N PHE C 404 -29.12 27.22 27.55
CA PHE C 404 -29.71 26.58 28.71
C PHE C 404 -30.63 25.45 28.26
N TYR C 405 -30.94 24.55 29.21
CA TYR C 405 -31.74 23.36 28.96
C TYR C 405 -32.88 23.35 29.98
N ALA C 406 -34.06 22.91 29.57
CA ALA C 406 -35.25 22.98 30.40
C ALA C 406 -36.27 21.95 29.95
N ILE C 407 -37.39 21.89 30.67
CA ILE C 407 -38.52 21.04 30.32
C ILE C 407 -39.70 21.94 29.95
N SER C 408 -40.50 21.48 28.98
CA SER C 408 -41.67 22.23 28.55
C SER C 408 -42.64 22.38 29.72
N SER C 409 -43.23 23.58 29.82
CA SER C 409 -44.21 23.89 30.85
C SER C 409 -45.59 24.14 30.23
N ASP C 410 -45.74 23.92 28.92
CA ASP C 410 -47.01 24.15 28.23
C ASP C 410 -47.88 22.90 28.34
N VAL C 411 -48.94 23.01 29.15
CA VAL C 411 -49.85 21.91 29.45
C VAL C 411 -50.58 21.47 28.18
N ASP C 412 -50.77 22.41 27.24
CA ASP C 412 -51.57 22.18 26.04
C ASP C 412 -50.68 21.88 24.83
N ALA C 413 -49.39 21.60 25.07
CA ALA C 413 -48.48 21.27 23.97
C ALA C 413 -48.86 19.91 23.36
N GLU C 414 -48.43 19.69 22.10
CA GLU C 414 -48.65 18.42 21.45
C GLU C 414 -47.96 17.31 22.23
N ASN C 415 -46.70 17.57 22.63
CA ASN C 415 -46.02 16.72 23.58
C ASN C 415 -45.55 17.56 24.77
N PRO C 416 -46.24 17.47 25.93
CA PRO C 416 -45.91 18.30 27.09
C PRO C 416 -44.71 17.83 27.91
N GLY C 417 -44.05 16.75 27.45
CA GLY C 417 -42.85 16.23 28.08
C GLY C 417 -41.62 16.42 27.19
N THR C 418 -41.39 17.67 26.78
CA THR C 418 -40.32 18.00 25.85
C THR C 418 -39.12 18.51 26.63
N VAL C 419 -37.94 17.93 26.36
CA VAL C 419 -36.67 18.50 26.79
C VAL C 419 -36.25 19.52 25.74
N ILE C 420 -35.92 20.75 26.20
CA ILE C 420 -35.69 21.88 25.33
C ILE C 420 -34.26 22.40 25.55
N LYS C 421 -33.57 22.69 24.45
CA LYS C 421 -32.33 23.45 24.48
C LYS C 421 -32.58 24.81 23.82
N VAL C 422 -32.27 25.88 24.54
CA VAL C 422 -32.47 27.23 24.04
C VAL C 422 -31.10 27.86 23.77
N ASP C 423 -30.94 28.38 22.54
CA ASP C 423 -29.81 29.19 22.17
C ASP C 423 -30.21 30.65 22.38
N THR C 424 -29.61 31.30 23.39
CA THR C 424 -30.03 32.64 23.80
C THR C 424 -29.61 33.68 22.77
N LYS C 425 -28.59 33.37 21.95
CA LYS C 425 -28.11 34.27 20.93
C LYS C 425 -29.15 34.42 19.81
N THR C 426 -29.64 33.28 19.30
CA THR C 426 -30.45 33.24 18.09
C THR C 426 -31.94 33.05 18.42
N GLY C 427 -32.23 32.43 19.56
CA GLY C 427 -33.60 32.04 19.89
C GLY C 427 -33.95 30.64 19.39
N GLU C 428 -32.99 29.98 18.71
CA GLU C 428 -33.19 28.65 18.16
C GLU C 428 -33.41 27.65 19.28
N THR C 429 -34.37 26.73 19.07
CA THR C 429 -34.62 25.67 20.02
C THR C 429 -34.36 24.30 19.36
N LYS C 430 -33.87 23.36 20.17
CA LYS C 430 -33.79 21.96 19.79
C LYS C 430 -34.46 21.14 20.90
N THR C 431 -35.09 20.02 20.52
CA THR C 431 -36.01 19.34 21.41
C THR C 431 -35.81 17.83 21.35
N TRP C 432 -36.20 17.19 22.45
CA TRP C 432 -36.40 15.75 22.53
C TRP C 432 -37.76 15.51 23.17
N CYS C 433 -38.52 14.58 22.58
CA CYS C 433 -39.76 14.11 23.14
C CYS C 433 -40.11 12.74 22.55
N ARG C 434 -40.88 11.96 23.31
CA ARG C 434 -41.40 10.69 22.87
C ARG C 434 -42.83 10.58 23.39
N PRO C 435 -43.72 9.80 22.72
CA PRO C 435 -45.10 9.64 23.18
C PRO C 435 -45.19 9.09 24.61
N ASN C 436 -46.06 9.71 25.41
CA ASN C 436 -46.41 9.25 26.74
C ASN C 436 -45.19 9.26 27.68
N CYS C 437 -44.22 10.11 27.39
N CYS C 437 -44.22 10.11 27.39
CA CYS C 437 -42.98 10.15 28.14
CA CYS C 437 -42.98 10.15 28.14
C CYS C 437 -42.81 11.52 28.80
C CYS C 437 -42.81 11.52 28.80
N TYR C 438 -42.43 11.52 30.08
CA TYR C 438 -42.33 12.74 30.87
C TYR C 438 -40.94 12.85 31.48
N PRO C 439 -40.00 13.57 30.82
CA PRO C 439 -38.63 13.71 31.31
C PRO C 439 -38.49 14.73 32.43
N SER C 440 -37.42 14.59 33.23
CA SER C 440 -37.12 15.50 34.32
C SER C 440 -36.18 16.60 33.84
N GLU C 441 -36.05 17.63 34.68
CA GLU C 441 -34.93 18.56 34.67
C GLU C 441 -33.70 17.88 34.07
N PRO C 442 -33.13 18.41 32.96
CA PRO C 442 -31.89 17.86 32.40
C PRO C 442 -30.66 18.46 33.07
N ILE C 443 -29.67 17.62 33.37
CA ILE C 443 -28.42 18.09 33.97
C ILE C 443 -27.28 17.88 32.98
N PHE C 444 -26.49 18.94 32.78
CA PHE C 444 -25.42 18.94 31.78
C PHE C 444 -24.15 18.36 32.38
N VAL C 445 -23.49 17.47 31.63
CA VAL C 445 -22.20 16.91 31.99
C VAL C 445 -21.25 17.13 30.80
N PRO C 446 -20.12 17.85 30.97
CA PRO C 446 -19.22 18.15 29.86
C PRO C 446 -18.43 16.92 29.43
N SER C 447 -18.05 16.89 28.14
CA SER C 447 -17.19 15.84 27.61
C SER C 447 -15.76 16.08 28.09
N PRO C 448 -14.93 15.00 28.20
CA PRO C 448 -13.58 15.10 28.76
C PRO C 448 -12.72 16.25 28.24
N ASN C 449 -12.66 16.40 26.91
CA ASN C 449 -11.83 17.43 26.30
C ASN C 449 -12.74 18.47 25.66
N ALA C 450 -13.68 19.01 26.45
CA ALA C 450 -14.73 19.87 25.95
C ALA C 450 -14.13 21.14 25.35
N LYS C 451 -14.61 21.49 24.16
CA LYS C 451 -14.14 22.68 23.45
C LYS C 451 -15.19 23.78 23.53
N ASP C 452 -16.46 23.40 23.27
CA ASP C 452 -17.56 24.35 23.27
C ASP C 452 -18.35 24.23 24.58
N GLU C 453 -19.20 25.23 24.83
CA GLU C 453 -20.06 25.29 26.00
C GLU C 453 -21.01 24.09 26.04
N ASP C 454 -21.49 23.65 24.86
CA ASP C 454 -22.48 22.60 24.76
C ASP C 454 -21.85 21.28 24.32
N ASP C 455 -20.53 21.14 24.52
CA ASP C 455 -19.82 19.91 24.23
C ASP C 455 -19.97 18.98 25.43
N GLY C 456 -21.07 18.21 25.45
CA GLY C 456 -21.35 17.29 26.54
C GLY C 456 -22.68 16.57 26.37
N VAL C 457 -23.23 16.06 27.48
CA VAL C 457 -24.49 15.32 27.45
C VAL C 457 -25.44 15.89 28.49
N LEU C 458 -26.73 15.57 28.32
CA LEU C 458 -27.75 15.84 29.32
C LEU C 458 -28.23 14.53 29.92
N LEU C 459 -28.33 14.49 31.26
CA LEU C 459 -28.95 13.39 31.96
C LEU C 459 -30.35 13.82 32.41
N SER C 460 -31.34 12.97 32.13
CA SER C 460 -32.72 13.22 32.51
C SER C 460 -33.35 11.91 32.99
N ALA C 461 -34.11 11.97 34.09
CA ALA C 461 -34.89 10.85 34.56
C ALA C 461 -36.26 10.88 33.89
N LEU C 462 -36.70 9.73 33.36
CA LEU C 462 -37.98 9.62 32.67
C LEU C 462 -38.98 8.86 33.54
N VAL C 463 -40.25 9.27 33.46
CA VAL C 463 -41.38 8.40 33.77
C VAL C 463 -42.31 8.41 32.55
N TRP C 464 -43.28 7.49 32.55
CA TRP C 464 -44.30 7.42 31.53
C TRP C 464 -45.67 7.71 32.13
N GLY C 465 -46.62 8.07 31.26
CA GLY C 465 -47.98 8.37 31.67
C GLY C 465 -48.93 7.18 31.48
N GLY C 466 -50.22 7.46 31.64
CA GLY C 466 -51.25 6.44 31.48
C GLY C 466 -51.08 5.29 32.47
N GLU C 467 -51.14 4.06 31.96
CA GLU C 467 -51.07 2.85 32.75
C GLU C 467 -49.62 2.43 33.05
N MET C 468 -48.66 3.07 32.38
N MET C 468 -48.66 3.07 32.38
CA MET C 468 -47.26 2.70 32.47
CA MET C 468 -47.26 2.70 32.47
C MET C 468 -46.62 3.47 33.64
C MET C 468 -46.62 3.47 33.64
N ASN C 469 -47.08 3.17 34.86
CA ASN C 469 -46.77 3.97 36.04
C ASN C 469 -45.68 3.32 36.89
N GLN C 470 -45.03 2.25 36.41
CA GLN C 470 -44.03 1.55 37.20
C GLN C 470 -42.76 1.35 36.40
N THR C 471 -42.40 2.38 35.61
CA THR C 471 -41.19 2.34 34.82
C THR C 471 -40.47 3.69 34.96
N VAL C 472 -39.15 3.62 35.15
CA VAL C 472 -38.31 4.79 35.17
C VAL C 472 -37.12 4.53 34.26
N ALA C 473 -36.49 5.62 33.79
CA ALA C 473 -35.32 5.49 32.95
C ALA C 473 -34.38 6.67 33.16
N LEU C 474 -33.09 6.42 32.87
CA LEU C 474 -32.12 7.48 32.68
C LEU C 474 -31.89 7.68 31.19
N LEU C 475 -32.16 8.90 30.72
CA LEU C 475 -31.97 9.30 29.34
C LEU C 475 -30.68 10.10 29.24
N VAL C 476 -29.86 9.80 28.22
CA VAL C 476 -28.66 10.55 27.92
C VAL C 476 -28.80 11.16 26.52
N LEU C 477 -28.83 12.49 26.47
CA LEU C 477 -28.94 13.23 25.22
C LEU C 477 -27.58 13.84 24.88
N ASN C 478 -27.30 13.92 23.57
CA ASN C 478 -26.22 14.72 23.04
C ASN C 478 -26.61 16.19 23.17
N ALA C 479 -25.80 16.97 23.90
CA ALA C 479 -26.17 18.35 24.23
C ALA C 479 -26.14 19.26 23.00
N LYS C 480 -25.34 18.89 21.97
CA LYS C 480 -25.25 19.68 20.75
C LYS C 480 -26.52 19.53 19.92
N THR C 481 -27.02 18.29 19.79
CA THR C 481 -28.08 17.98 18.83
C THR C 481 -29.41 17.69 19.51
N MET C 482 -29.37 17.40 20.82
CA MET C 482 -30.53 16.98 21.60
C MET C 482 -31.09 15.65 21.07
N GLU C 483 -30.22 14.82 20.52
CA GLU C 483 -30.58 13.49 20.06
C GLU C 483 -30.25 12.49 21.17
N GLU C 484 -31.09 11.47 21.31
CA GLU C 484 -30.88 10.43 22.29
C GLU C 484 -29.66 9.60 21.90
N MET C 485 -28.71 9.49 22.82
CA MET C 485 -27.52 8.68 22.64
C MET C 485 -27.77 7.28 23.19
N GLY C 486 -28.37 7.22 24.39
CA GLY C 486 -28.65 5.96 25.04
C GLY C 486 -29.65 6.12 26.17
N ARG C 487 -30.07 4.99 26.74
CA ARG C 487 -31.09 4.96 27.77
C ARG C 487 -30.94 3.69 28.61
N ALA C 488 -31.13 3.84 29.93
CA ALA C 488 -31.22 2.73 30.86
C ALA C 488 -32.63 2.73 31.45
N THR C 489 -33.34 1.59 31.30
CA THR C 489 -34.73 1.49 31.68
C THR C 489 -34.87 0.48 32.83
N PHE C 490 -35.72 0.85 33.80
CA PHE C 490 -35.93 0.06 35.01
C PHE C 490 -37.43 -0.09 35.26
N ASN C 491 -37.84 -1.24 35.79
CA ASN C 491 -39.19 -1.40 36.28
C ASN C 491 -39.16 -1.38 37.80
N THR C 492 -40.05 -0.58 38.39
CA THR C 492 -40.15 -0.43 39.83
C THR C 492 -41.24 -1.36 40.36
N PRO C 493 -41.12 -1.85 41.61
CA PRO C 493 -42.13 -2.75 42.18
C PRO C 493 -43.45 -2.07 42.54
N SER C 494 -43.47 -0.74 42.55
CA SER C 494 -44.65 0.05 42.89
C SER C 494 -44.64 1.33 42.05
N PRO C 495 -45.70 2.17 42.10
CA PRO C 495 -45.74 3.39 41.28
C PRO C 495 -44.48 4.25 41.41
N ALA C 496 -44.04 4.80 40.26
CA ALA C 496 -42.82 5.56 40.15
C ALA C 496 -43.15 7.06 40.13
N PRO C 497 -42.99 7.79 41.25
CA PRO C 497 -43.35 9.22 41.31
C PRO C 497 -42.34 10.11 40.57
N LYS C 498 -42.85 11.23 40.03
CA LYS C 498 -42.04 12.15 39.25
C LYS C 498 -41.23 13.03 40.20
N CYS C 499 -39.94 13.20 39.89
CA CYS C 499 -39.01 13.92 40.75
C CYS C 499 -38.97 15.40 40.35
N LEU C 500 -38.21 16.20 41.11
CA LEU C 500 -38.10 17.64 40.87
C LEU C 500 -36.70 18.02 40.43
N HIS C 501 -35.73 17.97 41.36
CA HIS C 501 -34.39 18.46 41.09
C HIS C 501 -33.35 17.40 41.48
N GLY C 502 -32.16 17.51 40.90
CA GLY C 502 -31.09 16.56 41.17
C GLY C 502 -29.70 17.18 41.06
N TRP C 503 -28.70 16.32 41.21
CA TRP C 503 -27.30 16.72 41.10
C TRP C 503 -26.49 15.53 40.61
N PHE C 504 -25.53 15.79 39.72
CA PHE C 504 -24.66 14.75 39.21
C PHE C 504 -23.30 14.84 39.91
N LEU C 505 -22.84 13.70 40.44
CA LEU C 505 -21.55 13.57 41.10
C LEU C 505 -20.63 12.73 40.22
N PRO C 506 -19.66 13.34 39.49
CA PRO C 506 -18.73 12.57 38.66
C PRO C 506 -17.80 11.71 39.49
N THR C 507 -17.42 10.55 38.93
CA THR C 507 -16.40 9.70 39.52
C THR C 507 -15.01 10.25 39.14
N GLU D 5 -11.55 -7.70 99.03
CA GLU D 5 -11.67 -6.42 98.28
C GLU D 5 -10.38 -5.61 98.38
N GLU D 6 -9.27 -6.26 98.76
CA GLU D 6 -7.98 -5.61 98.93
C GLU D 6 -7.15 -5.76 97.67
N LYS D 7 -6.31 -4.75 97.40
CA LYS D 7 -5.50 -4.65 96.21
C LYS D 7 -4.15 -5.34 96.40
N LEU D 8 -3.76 -6.16 95.42
CA LEU D 8 -2.43 -6.76 95.38
C LEU D 8 -1.39 -5.70 94.99
N TYR D 9 -1.81 -4.65 94.28
CA TYR D 9 -0.92 -3.63 93.76
C TYR D 9 -1.44 -2.25 94.15
N PRO D 10 -1.45 -1.91 95.46
CA PRO D 10 -2.11 -0.69 95.94
C PRO D 10 -1.51 0.63 95.45
N ASN D 11 -0.24 0.62 95.01
CA ASN D 11 0.43 1.83 94.54
C ASN D 11 0.28 1.99 93.02
N CYS D 12 -0.46 1.08 92.37
CA CYS D 12 -0.60 1.11 90.92
C CYS D 12 -2.07 1.29 90.54
N ASP D 13 -2.35 2.34 89.76
CA ASP D 13 -3.68 2.55 89.18
C ASP D 13 -3.60 2.25 87.69
N ALA D 14 -3.99 1.02 87.32
CA ALA D 14 -3.89 0.56 85.94
C ALA D 14 -4.97 1.21 85.08
N THR D 15 -5.98 1.85 85.70
CA THR D 15 -7.08 2.44 84.96
C THR D 15 -6.67 3.74 84.27
N VAL D 16 -5.40 4.17 84.43
CA VAL D 16 -4.90 5.31 83.67
C VAL D 16 -4.87 4.97 82.18
N TRP D 17 -4.94 3.67 81.85
CA TRP D 17 -4.93 3.20 80.47
C TRP D 17 -6.32 3.12 79.87
N LEU D 18 -7.37 3.26 80.68
CA LEU D 18 -8.73 2.91 80.28
C LEU D 18 -9.58 4.16 80.00
N ARG D 19 -8.94 5.27 79.63
CA ARG D 19 -9.65 6.53 79.48
C ARG D 19 -9.98 6.80 78.01
N SER D 20 -11.05 7.58 77.81
CA SER D 20 -11.46 8.03 76.48
C SER D 20 -11.58 9.55 76.48
N CYS D 21 -10.84 10.21 75.58
CA CYS D 21 -10.99 11.63 75.35
C CYS D 21 -12.34 11.89 74.70
N GLU D 22 -13.14 12.78 75.30
CA GLU D 22 -14.48 13.09 74.83
C GLU D 22 -14.51 14.45 74.14
N GLU D 23 -13.45 15.24 74.30
CA GLU D 23 -13.40 16.58 73.71
C GLU D 23 -11.97 16.92 73.33
N GLU D 24 -11.75 17.19 72.05
CA GLU D 24 -10.43 17.51 71.55
C GLU D 24 -10.03 18.90 72.05
N VAL D 25 -8.74 19.06 72.35
CA VAL D 25 -8.17 20.37 72.67
C VAL D 25 -7.52 20.89 71.39
N SER D 26 -8.34 21.51 70.53
CA SER D 26 -7.94 21.86 69.19
C SER D 26 -7.07 23.11 69.18
N GLU D 27 -7.53 24.15 69.90
CA GLU D 27 -6.77 25.38 70.05
C GLU D 27 -5.77 25.20 71.19
N PRO D 28 -4.56 25.81 71.12
CA PRO D 28 -3.58 25.70 72.20
C PRO D 28 -4.15 26.11 73.56
N LEU D 29 -4.05 25.20 74.54
CA LEU D 29 -4.63 25.40 75.87
C LEU D 29 -3.57 26.02 76.78
N GLU D 30 -4.00 27.04 77.52
CA GLU D 30 -3.16 27.71 78.51
C GLU D 30 -3.02 26.82 79.73
N GLY D 31 -1.80 26.76 80.28
CA GLY D 31 -1.53 26.02 81.51
C GLY D 31 -0.88 26.90 82.57
N THR D 32 -0.16 26.26 83.49
CA THR D 32 0.56 26.93 84.56
C THR D 32 2.01 26.44 84.60
N MET D 33 2.96 27.39 84.58
CA MET D 33 4.38 27.10 84.64
C MET D 33 4.82 27.12 86.11
N THR D 34 5.59 26.10 86.52
CA THR D 34 6.20 26.08 87.83
C THR D 34 7.69 25.74 87.68
N GLY D 35 8.45 26.02 88.73
CA GLY D 35 9.88 25.74 88.75
C GLY D 35 10.62 26.61 87.74
N GLU D 36 11.76 26.10 87.28
CA GLU D 36 12.66 26.84 86.41
C GLU D 36 12.79 26.08 85.10
N PHE D 37 11.75 26.21 84.27
CA PHE D 37 11.71 25.61 82.95
C PHE D 37 12.80 26.21 82.08
N PRO D 38 13.62 25.39 81.36
CA PRO D 38 14.76 25.92 80.60
C PRO D 38 14.36 26.87 79.49
N SER D 39 14.82 28.13 79.60
CA SER D 39 14.42 29.19 78.68
C SER D 39 14.88 28.88 77.26
N TRP D 40 16.01 28.17 77.13
CA TRP D 40 16.60 27.87 75.83
C TRP D 40 15.81 26.79 75.09
N LEU D 41 14.99 26.01 75.80
CA LEU D 41 14.26 24.90 75.20
C LEU D 41 13.14 25.42 74.31
N ARG D 42 13.30 25.21 72.99
CA ARG D 42 12.35 25.69 72.00
C ARG D 42 12.04 24.56 71.01
N GLY D 43 10.76 24.21 70.89
CA GLY D 43 10.33 23.24 69.90
C GLY D 43 8.97 22.63 70.21
N THR D 44 8.67 21.52 69.53
CA THR D 44 7.39 20.85 69.61
C THR D 44 7.60 19.41 70.05
N LEU D 45 6.97 19.03 71.17
CA LEU D 45 6.90 17.62 71.56
C LEU D 45 5.57 17.06 71.08
N LEU D 46 5.65 16.11 70.13
CA LEU D 46 4.48 15.38 69.66
C LEU D 46 4.42 14.04 70.39
N ARG D 47 3.22 13.64 70.80
CA ARG D 47 3.00 12.34 71.41
C ARG D 47 1.85 11.64 70.68
N ASN D 48 1.91 10.30 70.68
CA ASN D 48 0.85 9.48 70.13
C ASN D 48 0.53 8.38 71.13
N GLY D 49 -0.72 7.90 71.11
CA GLY D 49 -1.10 6.80 71.98
C GLY D 49 -2.58 6.47 71.88
N PRO D 50 -3.05 5.45 72.65
CA PRO D 50 -4.47 5.12 72.71
C PRO D 50 -5.26 6.23 73.42
N GLY D 51 -6.46 6.54 72.91
CA GLY D 51 -7.19 7.69 73.38
C GLY D 51 -8.71 7.52 73.42
N CYS D 52 -9.24 6.36 73.00
CA CYS D 52 -10.68 6.15 73.04
C CYS D 52 -11.01 4.67 72.92
N LEU D 53 -11.58 4.10 73.99
CA LEU D 53 -12.02 2.71 74.02
C LEU D 53 -13.48 2.59 73.57
N ASN D 54 -14.20 3.72 73.54
CA ASN D 54 -15.62 3.72 73.22
C ASN D 54 -15.82 3.90 71.72
N VAL D 55 -16.78 3.15 71.17
CA VAL D 55 -17.18 3.25 69.77
C VAL D 55 -18.70 3.16 69.72
N GLY D 56 -19.36 4.33 69.79
CA GLY D 56 -20.80 4.39 69.95
C GLY D 56 -21.25 3.75 71.27
N THR D 57 -22.01 2.65 71.17
CA THR D 57 -22.48 1.91 72.32
C THR D 57 -21.52 0.78 72.65
N MET D 58 -20.57 0.52 71.74
CA MET D 58 -19.64 -0.59 71.88
C MET D 58 -18.33 -0.12 72.51
N ARG D 59 -17.50 -1.07 72.91
CA ARG D 59 -16.25 -0.79 73.59
C ARG D 59 -15.18 -1.75 73.08
N PHE D 60 -13.99 -1.21 72.79
CA PHE D 60 -12.84 -2.03 72.43
C PHE D 60 -12.44 -2.91 73.62
N GLU D 61 -11.85 -4.07 73.32
CA GLU D 61 -11.58 -5.07 74.35
C GLU D 61 -10.08 -5.20 74.62
N HIS D 62 -9.26 -4.47 73.85
CA HIS D 62 -7.82 -4.46 74.09
C HIS D 62 -7.30 -3.03 73.93
N LEU D 63 -6.27 -2.69 74.72
CA LEU D 63 -5.73 -1.35 74.74
C LEU D 63 -5.16 -0.96 73.37
N PHE D 64 -4.64 -1.94 72.63
CA PHE D 64 -4.03 -1.69 71.34
C PHE D 64 -5.07 -1.27 70.29
N ASP D 65 -6.36 -1.48 70.59
CA ASP D 65 -7.44 -1.14 69.68
C ASP D 65 -7.86 0.32 69.85
N SER D 66 -7.51 0.93 71.00
CA SER D 66 -7.99 2.25 71.37
C SER D 66 -7.52 3.30 70.37
N SER D 67 -8.41 4.25 70.05
CA SER D 67 -8.25 5.15 68.92
C SER D 67 -7.06 6.09 69.10
N ALA D 68 -6.25 6.21 68.05
CA ALA D 68 -5.05 7.04 68.06
C ALA D 68 -5.39 8.48 68.42
N LEU D 69 -4.75 8.97 69.49
CA LEU D 69 -4.89 10.35 69.94
C LEU D 69 -3.52 11.02 69.93
N LEU D 70 -3.41 12.11 69.15
CA LEU D 70 -2.18 12.88 69.05
C LEU D 70 -2.17 13.96 70.14
N HIS D 71 -0.96 14.29 70.62
CA HIS D 71 -0.77 15.36 71.59
C HIS D 71 0.35 16.26 71.11
N ARG D 72 0.25 17.56 71.43
CA ARG D 72 1.25 18.54 71.04
C ARG D 72 1.55 19.46 72.23
N PHE D 73 2.83 19.49 72.65
CA PHE D 73 3.31 20.49 73.57
C PHE D 73 4.24 21.45 72.83
N ALA D 74 3.79 22.70 72.67
CA ALA D 74 4.57 23.72 72.00
C ALA D 74 5.33 24.54 73.04
N ILE D 75 6.66 24.54 72.94
CA ILE D 75 7.54 25.08 73.97
C ILE D 75 8.31 26.25 73.37
N ASP D 76 8.26 27.41 74.05
CA ASP D 76 8.94 28.62 73.61
C ASP D 76 9.11 29.56 74.81
N ASP D 77 10.38 29.86 75.14
CA ASP D 77 10.74 30.92 76.07
C ASP D 77 10.06 30.69 77.43
N GLY D 78 10.10 29.44 77.91
CA GLY D 78 9.63 29.11 79.24
C GLY D 78 8.11 28.99 79.34
N THR D 79 7.41 29.00 78.20
CA THR D 79 5.97 28.85 78.15
C THR D 79 5.63 27.64 77.30
N VAL D 80 4.52 26.97 77.64
CA VAL D 80 4.11 25.73 76.98
C VAL D 80 2.60 25.77 76.80
N THR D 81 2.14 25.39 75.61
CA THR D 81 0.72 25.15 75.38
C THR D 81 0.51 23.66 75.05
N TYR D 82 -0.74 23.22 75.24
CA TYR D 82 -1.13 21.84 75.00
C TYR D 82 -2.29 21.75 74.00
N GLN D 83 -2.22 20.74 73.13
CA GLN D 83 -3.32 20.36 72.26
C GLN D 83 -3.41 18.84 72.20
N CYS D 84 -4.61 18.33 71.90
CA CYS D 84 -4.78 16.93 71.56
C CYS D 84 -5.92 16.79 70.56
N ARG D 85 -5.73 15.87 69.60
CA ARG D 85 -6.64 15.69 68.47
C ARG D 85 -6.55 14.24 68.02
N PHE D 86 -7.70 13.60 67.78
CA PHE D 86 -7.72 12.26 67.25
C PHE D 86 -7.15 12.26 65.84
N LEU D 87 -6.36 11.22 65.53
CA LEU D 87 -5.91 10.96 64.17
C LEU D 87 -7.13 10.53 63.36
N ARG D 88 -7.35 11.20 62.22
CA ARG D 88 -8.52 10.94 61.40
C ARG D 88 -8.21 9.76 60.48
N THR D 89 -8.38 8.54 61.01
CA THR D 89 -8.06 7.32 60.30
C THR D 89 -9.28 6.82 59.55
N ASN D 90 -9.04 5.91 58.60
CA ASN D 90 -10.11 5.23 57.88
C ASN D 90 -10.99 4.48 58.87
N THR D 91 -10.36 3.82 59.84
CA THR D 91 -11.07 3.03 60.84
C THR D 91 -11.99 3.92 61.67
N LEU D 92 -11.47 5.08 62.12
CA LEU D 92 -12.26 5.99 62.93
C LEU D 92 -13.46 6.50 62.13
N LYS D 93 -13.24 6.86 60.85
CA LYS D 93 -14.29 7.37 59.99
C LYS D 93 -15.40 6.33 59.82
N LYS D 94 -15.00 5.08 59.54
CA LYS D 94 -15.95 4.00 59.29
C LYS D 94 -16.71 3.65 60.56
N ASN D 95 -16.02 3.61 61.70
CA ASN D 95 -16.63 3.24 62.97
C ASN D 95 -17.60 4.33 63.42
N ARG D 96 -17.24 5.60 63.21
CA ARG D 96 -18.07 6.72 63.65
C ARG D 96 -19.32 6.81 62.77
N ALA D 97 -19.14 6.60 61.46
CA ALA D 97 -20.25 6.59 60.51
C ALA D 97 -21.26 5.50 60.89
N ALA D 98 -20.75 4.30 61.19
CA ALA D 98 -21.60 3.16 61.53
C ALA D 98 -22.09 3.26 62.97
N ASN D 99 -21.36 4.03 63.79
CA ASN D 99 -21.62 4.16 65.22
C ASN D 99 -21.45 2.79 65.90
N ARG D 100 -20.47 2.02 65.40
CA ARG D 100 -20.12 0.74 65.99
C ARG D 100 -18.80 0.26 65.38
N ILE D 101 -18.26 -0.83 65.94
CA ILE D 101 -17.00 -1.40 65.48
C ILE D 101 -17.30 -2.24 64.23
N VAL D 102 -16.82 -1.74 63.08
CA VAL D 102 -17.03 -2.43 61.80
C VAL D 102 -15.69 -2.84 61.18
N VAL D 103 -14.58 -2.58 61.88
CA VAL D 103 -13.26 -3.00 61.43
C VAL D 103 -12.67 -3.94 62.48
N THR D 104 -12.18 -5.11 62.03
CA THR D 104 -11.57 -6.08 62.91
C THR D 104 -10.25 -5.51 63.46
N GLU D 105 -10.04 -5.70 64.76
CA GLU D 105 -8.89 -5.15 65.45
C GLU D 105 -8.04 -6.28 66.05
N PHE D 106 -6.91 -5.89 66.64
CA PHE D 106 -6.01 -6.81 67.33
C PHE D 106 -6.77 -7.62 68.37
N GLY D 107 -7.56 -6.95 69.21
CA GLY D 107 -8.17 -7.58 70.36
C GLY D 107 -9.70 -7.58 70.33
N THR D 108 -10.30 -7.06 69.24
CA THR D 108 -11.74 -6.91 69.16
C THR D 108 -12.21 -7.34 67.77
N LYS D 109 -13.26 -8.16 67.73
CA LYS D 109 -13.87 -8.53 66.47
C LYS D 109 -14.89 -7.43 66.09
N SER D 110 -15.08 -7.26 64.78
CA SER D 110 -16.04 -6.29 64.27
C SER D 110 -17.45 -6.83 64.49
N ALA D 111 -18.41 -5.91 64.64
CA ALA D 111 -19.81 -6.26 64.79
C ALA D 111 -20.35 -6.79 63.46
N PRO D 112 -21.30 -7.75 63.47
CA PRO D 112 -21.76 -8.38 62.24
C PRO D 112 -22.42 -7.40 61.26
N ASP D 113 -22.02 -7.49 59.99
CA ASP D 113 -22.74 -6.88 58.89
C ASP D 113 -23.49 -7.99 58.15
N PRO D 114 -24.79 -8.24 58.45
CA PRO D 114 -25.56 -9.26 57.74
C PRO D 114 -25.89 -8.88 56.29
N CYS D 115 -25.50 -7.68 55.87
CA CYS D 115 -25.56 -7.26 54.48
C CYS D 115 -24.36 -7.79 53.67
N HIS D 116 -23.35 -8.33 54.37
CA HIS D 116 -22.18 -8.91 53.71
C HIS D 116 -22.07 -10.38 54.09
N THR D 117 -21.26 -11.14 53.33
CA THR D 117 -21.02 -12.55 53.63
C THR D 117 -19.62 -12.96 53.18
N ILE D 118 -19.40 -13.00 51.85
CA ILE D 118 -18.12 -13.37 51.28
C ILE D 118 -17.45 -12.14 50.68
N PHE D 119 -18.00 -10.94 50.97
CA PHE D 119 -17.37 -9.69 50.66
C PHE D 119 -16.10 -9.50 51.49
N ASP D 120 -15.85 -10.42 52.44
CA ASP D 120 -14.61 -10.45 53.20
C ASP D 120 -13.43 -10.80 52.29
N ARG D 121 -13.66 -11.73 51.35
CA ARG D 121 -12.65 -12.12 50.37
C ARG D 121 -12.34 -10.96 49.44
N VAL D 122 -13.37 -10.16 49.11
CA VAL D 122 -13.23 -9.01 48.24
C VAL D 122 -12.29 -7.98 48.87
N ALA D 123 -12.43 -7.79 50.19
CA ALA D 123 -11.65 -6.82 50.93
C ALA D 123 -10.16 -7.13 50.85
N ALA D 124 -9.82 -8.43 50.93
CA ALA D 124 -8.43 -8.88 50.85
C ALA D 124 -7.84 -8.46 49.51
N PHE D 125 -8.50 -8.84 48.42
CA PHE D 125 -8.10 -8.46 47.07
C PHE D 125 -8.71 -7.11 46.70
N MET D 132 -7.11 -3.97 56.35
CA MET D 132 -7.21 -4.09 57.84
C MET D 132 -7.16 -2.69 58.47
N SER D 133 -7.22 -2.66 59.80
CA SER D 133 -7.34 -1.41 60.55
C SER D 133 -6.09 -0.55 60.34
N ASP D 134 -6.28 0.77 60.35
CA ASP D 134 -5.19 1.73 60.17
C ASP D 134 -5.10 2.63 61.40
N ASN D 135 -5.32 2.04 62.58
CA ASN D 135 -5.29 2.79 63.83
C ASN D 135 -3.85 3.02 64.24
N ALA D 136 -3.25 4.07 63.66
CA ALA D 136 -1.84 4.36 63.84
C ALA D 136 -1.63 5.10 65.16
N MET D 137 -1.67 4.34 66.27
CA MET D 137 -1.72 4.93 67.61
C MET D 137 -0.38 4.79 68.34
N ILE D 138 0.60 4.12 67.73
CA ILE D 138 1.79 3.70 68.47
C ILE D 138 2.80 4.83 68.57
N SER D 139 3.16 5.45 67.44
CA SER D 139 4.31 6.34 67.40
C SER D 139 4.15 7.41 66.32
N VAL D 140 5.09 8.37 66.34
CA VAL D 140 5.23 9.39 65.31
C VAL D 140 6.72 9.55 65.02
N TYR D 141 7.06 9.61 63.72
CA TYR D 141 8.45 9.67 63.29
C TYR D 141 8.62 10.69 62.16
N PRO D 142 9.78 11.38 62.13
CA PRO D 142 10.06 12.35 61.06
C PRO D 142 10.59 11.72 59.78
N PHE D 143 9.93 12.03 58.66
CA PHE D 143 10.44 11.75 57.32
C PHE D 143 10.77 13.08 56.66
N GLY D 144 12.05 13.48 56.74
CA GLY D 144 12.45 14.81 56.34
C GLY D 144 11.81 15.85 57.25
N ASP D 145 10.99 16.74 56.69
CA ASP D 145 10.29 17.75 57.49
C ASP D 145 8.82 17.39 57.62
N GLU D 146 8.44 16.16 57.24
CA GLU D 146 7.11 15.63 57.50
C GLU D 146 7.18 14.68 58.70
N VAL D 147 6.02 14.47 59.34
CA VAL D 147 5.89 13.54 60.45
C VAL D 147 4.73 12.60 60.16
N TYR D 148 4.95 11.30 60.40
CA TYR D 148 3.94 10.29 60.14
C TYR D 148 3.64 9.50 61.41
N ALA D 149 2.35 9.17 61.60
CA ALA D 149 1.89 8.31 62.67
C ALA D 149 1.90 6.87 62.18
N PHE D 150 2.28 5.94 63.08
CA PHE D 150 2.52 4.56 62.72
C PHE D 150 1.69 3.60 63.57
N THR D 151 1.24 2.53 62.92
CA THR D 151 1.03 1.24 63.59
C THR D 151 1.89 0.23 62.83
N GLU D 152 1.45 -1.03 62.77
CA GLU D 152 2.28 -2.07 62.18
C GLU D 152 1.62 -2.67 60.93
N GLY D 153 0.36 -2.30 60.68
CA GLY D 153 -0.20 -2.39 59.33
C GLY D 153 0.48 -1.41 58.39
N PRO D 154 0.27 -1.54 57.05
CA PRO D 154 1.06 -0.77 56.08
C PRO D 154 0.66 0.69 55.86
N ILE D 155 -0.46 1.14 56.44
CA ILE D 155 -0.93 2.50 56.23
C ILE D 155 -0.40 3.40 57.34
N ILE D 156 0.25 4.50 56.94
CA ILE D 156 0.71 5.54 57.85
C ILE D 156 -0.02 6.83 57.47
N HIS D 157 -0.08 7.77 58.42
CA HIS D 157 -0.82 9.01 58.26
C HIS D 157 0.08 10.20 58.57
N ARG D 158 0.14 11.15 57.64
CA ARG D 158 0.90 12.38 57.86
C ARG D 158 0.15 13.25 58.85
N VAL D 159 0.93 13.92 59.72
CA VAL D 159 0.38 14.74 60.78
C VAL D 159 0.93 16.16 60.61
N ASP D 160 0.04 17.14 60.70
CA ASP D 160 0.45 18.54 60.76
C ASP D 160 1.05 18.80 62.14
N THR D 161 2.32 19.24 62.14
CA THR D 161 3.08 19.37 63.38
C THR D 161 2.65 20.61 64.17
N VAL D 162 1.83 21.48 63.57
CA VAL D 162 1.35 22.68 64.23
C VAL D 162 -0.08 22.46 64.75
N THR D 163 -0.96 21.92 63.91
CA THR D 163 -2.39 21.89 64.20
C THR D 163 -2.88 20.50 64.62
N LEU D 164 -2.04 19.47 64.43
CA LEU D 164 -2.42 18.07 64.65
C LEU D 164 -3.52 17.62 63.69
N ASP D 165 -3.69 18.34 62.57
CA ASP D 165 -4.57 17.88 61.51
C ASP D 165 -3.97 16.62 60.89
N THR D 166 -4.85 15.71 60.45
CA THR D 166 -4.46 14.55 59.69
C THR D 166 -4.39 14.92 58.21
N LEU D 167 -3.20 14.78 57.60
CA LEU D 167 -3.01 15.09 56.21
C LEU D 167 -3.06 13.78 55.41
N GLU D 168 -2.24 13.64 54.36
CA GLU D 168 -2.37 12.51 53.46
C GLU D 168 -1.95 11.22 54.16
N GLN D 169 -2.45 10.09 53.65
CA GLN D 169 -1.99 8.77 54.07
C GLN D 169 -1.07 8.19 52.99
N LYS D 170 -0.17 7.30 53.42
CA LYS D 170 0.71 6.58 52.52
C LYS D 170 0.56 5.08 52.80
N ASN D 171 0.55 4.29 51.72
CA ASN D 171 0.43 2.84 51.81
C ASN D 171 1.79 2.22 51.50
N MET D 172 2.36 1.50 52.47
CA MET D 172 3.72 0.99 52.37
C MET D 172 3.76 -0.25 51.47
N THR D 173 2.61 -0.90 51.25
CA THR D 173 2.54 -1.99 50.28
C THR D 173 2.72 -1.43 48.88
N ASP D 174 1.98 -0.37 48.56
CA ASP D 174 2.11 0.33 47.29
C ASP D 174 3.52 0.88 47.16
N CYS D 175 4.07 1.40 48.26
CA CYS D 175 5.30 2.16 48.23
C CYS D 175 6.53 1.26 48.04
N VAL D 176 6.64 0.17 48.83
CA VAL D 176 7.81 -0.68 48.80
C VAL D 176 7.47 -2.13 49.11
N ALA D 177 6.20 -2.53 48.88
CA ALA D 177 5.77 -3.92 48.96
C ALA D 177 5.89 -4.48 50.39
N LEU D 178 5.69 -3.63 51.40
CA LEU D 178 5.59 -4.08 52.78
C LEU D 178 4.13 -4.39 53.11
N VAL D 179 3.85 -5.63 53.52
CA VAL D 179 2.51 -6.01 53.96
C VAL D 179 2.34 -5.64 55.42
N ASN D 180 3.46 -5.51 56.14
CA ASN D 180 3.48 -4.98 57.49
C ASN D 180 4.86 -4.41 57.78
N HIS D 181 5.00 -3.69 58.90
CA HIS D 181 6.28 -3.10 59.28
C HIS D 181 6.29 -2.82 60.79
N THR D 182 7.48 -2.52 61.34
CA THR D 182 7.58 -2.10 62.72
C THR D 182 7.07 -0.67 62.84
N SER D 183 6.65 -0.30 64.06
CA SER D 183 6.22 1.06 64.35
C SER D 183 7.39 1.88 64.90
N HIS D 184 8.63 1.38 64.69
CA HIS D 184 9.83 2.01 65.22
C HIS D 184 10.91 2.01 64.15
N PRO D 185 10.75 2.76 63.05
CA PRO D 185 11.83 2.94 62.08
C PRO D 185 13.03 3.63 62.72
N HIS D 186 14.19 3.52 62.06
CA HIS D 186 15.38 4.24 62.49
C HIS D 186 15.59 5.45 61.60
N VAL D 187 15.93 6.58 62.22
CA VAL D 187 16.13 7.84 61.53
C VAL D 187 17.62 8.18 61.63
N MET D 188 18.27 8.37 60.48
CA MET D 188 19.70 8.60 60.44
C MET D 188 19.95 10.11 60.56
N PRO D 189 21.16 10.53 61.01
CA PRO D 189 21.51 11.95 61.08
C PRO D 189 21.27 12.76 59.81
N ASN D 190 21.39 12.09 58.64
CA ASN D 190 21.24 12.74 57.35
C ASN D 190 19.77 12.79 56.92
N GLY D 191 18.86 12.24 57.73
CA GLY D 191 17.44 12.28 57.44
C GLY D 191 16.89 10.97 56.87
N ASP D 192 17.79 10.09 56.39
CA ASP D 192 17.38 8.80 55.86
C ASP D 192 16.58 8.03 56.91
N VAL D 193 15.56 7.29 56.45
CA VAL D 193 14.78 6.44 57.33
C VAL D 193 14.88 5.00 56.85
N TYR D 194 15.12 4.09 57.80
CA TYR D 194 15.07 2.65 57.55
C TYR D 194 13.95 2.04 58.39
N ASN D 195 13.27 1.04 57.81
CA ASN D 195 12.31 0.27 58.58
C ASN D 195 12.34 -1.18 58.09
N VAL D 196 11.92 -2.09 58.98
CA VAL D 196 11.85 -3.51 58.69
C VAL D 196 10.38 -3.90 58.59
N GLY D 197 10.09 -4.83 57.69
CA GLY D 197 8.75 -5.36 57.52
C GLY D 197 8.76 -6.65 56.71
N MET D 198 7.57 -7.22 56.49
CA MET D 198 7.43 -8.43 55.70
C MET D 198 7.02 -8.08 54.28
N SER D 199 7.52 -8.86 53.32
CA SER D 199 7.20 -8.70 51.91
C SER D 199 7.07 -10.08 51.27
N VAL D 200 6.16 -10.21 50.30
CA VAL D 200 6.02 -11.46 49.55
C VAL D 200 6.90 -11.37 48.31
N VAL D 201 7.97 -12.16 48.28
CA VAL D 201 8.93 -12.16 47.19
C VAL D 201 8.90 -13.53 46.53
N LYS D 202 8.48 -13.56 45.25
CA LYS D 202 8.34 -14.80 44.48
C LYS D 202 7.52 -15.82 45.26
N GLY D 203 6.38 -15.36 45.82
CA GLY D 203 5.43 -16.24 46.49
C GLY D 203 5.90 -16.69 47.88
N ARG D 204 6.95 -16.07 48.41
CA ARG D 204 7.54 -16.47 49.70
C ARG D 204 7.63 -15.24 50.61
N ILE D 205 7.36 -15.43 51.91
CA ILE D 205 7.52 -14.38 52.91
C ILE D 205 9.03 -14.13 53.08
N ARG D 206 9.41 -12.85 53.06
CA ARG D 206 10.73 -12.43 53.47
C ARG D 206 10.63 -11.20 54.38
N HIS D 207 11.53 -11.13 55.36
CA HIS D 207 11.77 -9.91 56.12
C HIS D 207 12.67 -9.02 55.27
N VAL D 208 12.26 -7.76 55.07
CA VAL D 208 13.02 -6.84 54.23
C VAL D 208 13.30 -5.57 55.02
N VAL D 209 14.41 -4.91 54.68
CA VAL D 209 14.71 -3.57 55.16
C VAL D 209 14.44 -2.61 54.02
N ALA D 210 13.50 -1.68 54.23
CA ALA D 210 13.21 -0.62 53.28
C ALA D 210 13.96 0.64 53.68
N LYS D 211 14.53 1.33 52.68
CA LYS D 211 15.20 2.61 52.89
C LYS D 211 14.36 3.70 52.25
N PHE D 212 14.13 4.78 53.02
CA PHE D 212 13.47 5.98 52.53
C PHE D 212 14.52 7.09 52.52
N PRO D 213 15.16 7.36 51.36
CA PRO D 213 16.32 8.26 51.32
C PRO D 213 15.89 9.71 51.36
N PHE D 214 16.58 10.52 52.19
CA PHE D 214 16.28 11.93 52.28
C PHE D 214 17.11 12.73 51.28
N THR D 215 16.46 13.67 50.59
CA THR D 215 17.13 14.78 49.91
C THR D 215 16.26 16.02 50.05
N GLU D 216 16.90 17.19 50.15
CA GLU D 216 16.19 18.45 50.31
C GLU D 216 15.22 18.64 49.15
N LYS D 217 15.66 18.24 47.94
CA LYS D 217 14.81 18.21 46.76
C LYS D 217 14.61 16.75 46.36
N GLY D 218 13.54 16.13 46.88
CA GLY D 218 13.21 14.75 46.53
C GLY D 218 11.95 14.27 47.26
N ASP D 219 11.42 13.12 46.81
CA ASP D 219 10.33 12.44 47.49
C ASP D 219 10.86 11.14 48.09
N MET D 220 10.81 11.06 49.44
CA MET D 220 11.41 9.98 50.19
C MET D 220 10.67 8.67 49.94
N PHE D 221 9.38 8.77 49.63
CA PHE D 221 8.53 7.60 49.42
C PHE D 221 8.64 7.10 48.00
N LYS D 222 8.74 8.04 47.04
CA LYS D 222 8.91 7.69 45.63
C LYS D 222 10.24 6.97 45.41
N SER D 223 11.29 7.43 46.11
CA SER D 223 12.63 6.88 45.94
C SER D 223 12.91 5.75 46.93
N ALA D 224 11.88 5.26 47.63
CA ALA D 224 12.05 4.21 48.61
C ALA D 224 12.34 2.88 47.92
N HIS D 225 13.25 2.09 48.50
CA HIS D 225 13.65 0.81 47.92
C HIS D 225 14.16 -0.13 49.01
N ILE D 226 14.10 -1.44 48.71
N ILE D 226 14.11 -1.43 48.71
CA ILE D 226 14.59 -2.47 49.61
CA ILE D 226 14.59 -2.47 49.61
C ILE D 226 16.11 -2.55 49.49
C ILE D 226 16.11 -2.55 49.49
N VAL D 227 16.79 -2.57 50.65
CA VAL D 227 18.25 -2.56 50.70
C VAL D 227 18.79 -3.82 51.38
N ALA D 228 17.92 -4.62 52.00
CA ALA D 228 18.35 -5.87 52.61
C ALA D 228 17.15 -6.78 52.82
N SER D 229 17.41 -8.08 52.96
CA SER D 229 16.35 -9.03 53.23
C SER D 229 16.90 -10.28 53.93
N MET D 230 15.97 -11.07 54.45
CA MET D 230 16.29 -12.22 55.28
C MET D 230 15.13 -13.19 55.17
N ALA D 231 15.44 -14.49 54.97
CA ALA D 231 14.44 -15.53 54.98
C ALA D 231 13.96 -15.73 56.41
N PRO D 232 12.65 -15.94 56.66
CA PRO D 232 12.19 -16.31 58.00
C PRO D 232 12.66 -17.71 58.36
N ARG D 233 12.78 -17.97 59.66
CA ARG D 233 13.18 -19.29 60.13
C ARG D 233 12.12 -20.31 59.71
N TRP D 234 10.85 -19.91 59.81
CA TRP D 234 9.73 -20.76 59.44
C TRP D 234 8.87 -20.04 58.40
N ALA D 235 8.70 -20.69 57.24
CA ALA D 235 8.20 -20.04 56.04
C ALA D 235 6.81 -19.45 56.24
N LEU D 236 5.95 -20.14 57.01
CA LEU D 236 4.58 -19.70 57.22
C LEU D 236 4.38 -19.16 58.64
N HIS D 237 5.48 -19.01 59.38
CA HIS D 237 5.44 -18.49 60.75
C HIS D 237 6.58 -17.48 60.94
N PRO D 238 6.58 -16.35 60.19
CA PRO D 238 7.61 -15.33 60.36
C PRO D 238 7.53 -14.70 61.75
N ALA D 239 8.71 -14.38 62.31
CA ALA D 239 8.81 -13.83 63.65
C ALA D 239 8.20 -12.43 63.72
N TYR D 240 7.48 -12.17 64.81
CA TYR D 240 7.02 -10.82 65.12
C TYR D 240 8.19 -9.99 65.64
N MET D 241 8.29 -8.73 65.21
CA MET D 241 9.28 -7.82 65.78
C MET D 241 8.70 -6.41 65.84
N HIS D 242 8.83 -5.79 67.03
CA HIS D 242 8.34 -4.46 67.30
C HIS D 242 9.43 -3.43 67.01
N THR D 243 10.70 -3.83 67.19
CA THR D 243 11.83 -2.99 66.90
C THR D 243 12.92 -3.81 66.22
N PHE D 244 13.91 -3.11 65.65
CA PHE D 244 15.11 -3.72 65.10
C PHE D 244 16.28 -2.81 65.41
N GLY D 245 17.50 -3.31 65.18
CA GLY D 245 18.71 -2.56 65.46
C GLY D 245 19.44 -2.13 64.20
N ILE D 246 20.35 -1.16 64.35
CA ILE D 246 21.23 -0.75 63.28
C ILE D 246 22.59 -0.39 63.88
N THR D 247 23.66 -0.85 63.23
CA THR D 247 25.02 -0.52 63.60
C THR D 247 25.70 0.13 62.39
N GLU D 248 27.00 0.42 62.53
CA GLU D 248 27.77 1.01 61.43
C GLU D 248 27.64 0.18 60.16
N ASN D 249 27.72 -1.15 60.29
CA ASN D 249 27.87 -2.03 59.15
C ASN D 249 26.66 -2.95 58.97
N TYR D 250 25.75 -3.02 59.95
CA TYR D 250 24.72 -4.06 59.95
C TYR D 250 23.35 -3.50 60.28
N PHE D 251 22.33 -4.14 59.70
CA PHE D 251 21.00 -4.16 60.26
C PHE D 251 20.91 -5.37 61.20
N VAL D 252 20.32 -5.16 62.38
CA VAL D 252 20.25 -6.19 63.40
C VAL D 252 18.79 -6.60 63.52
N ILE D 253 18.52 -7.89 63.22
CA ILE D 253 17.19 -8.46 63.33
C ILE D 253 17.20 -9.44 64.50
N VAL D 254 16.35 -9.17 65.50
CA VAL D 254 16.18 -10.09 66.61
C VAL D 254 14.97 -10.97 66.30
N GLU D 255 15.23 -12.24 66.04
CA GLU D 255 14.22 -13.19 65.60
C GLU D 255 13.80 -14.03 66.80
N GLN D 256 12.69 -13.63 67.43
CA GLN D 256 12.24 -14.22 68.69
C GLN D 256 11.20 -15.29 68.37
N PRO D 257 10.99 -16.28 69.27
CA PRO D 257 10.03 -17.35 69.03
C PRO D 257 8.57 -16.99 69.25
N LEU D 258 8.21 -15.73 68.97
CA LEU D 258 6.82 -15.34 68.76
C LEU D 258 6.64 -15.08 67.27
N SER D 259 5.71 -15.82 66.66
CA SER D 259 5.49 -15.79 65.22
C SER D 259 4.09 -15.28 64.91
N ILE D 260 3.94 -14.72 63.71
CA ILE D 260 2.63 -14.50 63.11
C ILE D 260 2.36 -15.68 62.18
N SER D 261 1.27 -16.41 62.45
CA SER D 261 0.81 -17.46 61.55
C SER D 261 0.16 -16.79 60.33
N VAL D 262 0.79 -16.96 59.16
CA VAL D 262 0.33 -16.38 57.91
C VAL D 262 -1.11 -16.83 57.64
N TYR D 263 -1.34 -18.14 57.72
CA TYR D 263 -2.64 -18.73 57.45
C TYR D 263 -3.62 -18.36 58.55
N GLY D 264 -3.14 -18.34 59.80
CA GLY D 264 -3.92 -17.89 60.94
C GLY D 264 -4.46 -16.48 60.75
N LEU D 265 -3.59 -15.56 60.31
CA LEU D 265 -3.96 -14.16 60.15
C LEU D 265 -4.99 -14.02 59.01
N MET D 266 -4.75 -14.73 57.91
CA MET D 266 -5.66 -14.73 56.78
C MET D 266 -7.03 -15.24 57.22
N THR D 267 -7.04 -16.34 57.97
CA THR D 267 -8.27 -16.93 58.50
C THR D 267 -9.04 -15.91 59.33
N ASN D 268 -8.34 -15.27 60.28
CA ASN D 268 -8.97 -14.38 61.24
C ASN D 268 -9.53 -13.15 60.53
N LEU D 269 -8.81 -12.66 59.51
CA LEU D 269 -9.28 -11.53 58.71
C LEU D 269 -10.59 -11.89 57.99
N ILE D 270 -10.66 -13.11 57.44
CA ILE D 270 -11.82 -13.56 56.69
C ILE D 270 -12.99 -13.81 57.64
N ASN D 271 -12.73 -14.54 58.73
CA ASN D 271 -13.81 -15.04 59.60
C ASN D 271 -14.12 -14.04 60.71
N ASN D 272 -13.50 -12.86 60.69
CA ASN D 272 -13.71 -11.83 61.69
C ASN D 272 -13.43 -12.38 63.09
N ASN D 273 -12.22 -12.90 63.29
CA ASN D 273 -11.70 -13.16 64.62
C ASN D 273 -10.70 -12.06 64.95
N LYS D 274 -10.54 -11.77 66.25
CA LYS D 274 -9.51 -10.83 66.69
C LYS D 274 -8.15 -11.35 66.20
N LEU D 275 -7.33 -10.43 65.70
CA LEU D 275 -6.13 -10.78 64.95
C LEU D 275 -5.04 -11.28 65.89
N ALA D 276 -5.19 -11.03 67.20
CA ALA D 276 -4.26 -11.49 68.22
C ALA D 276 -4.07 -13.01 68.18
N ALA D 277 -5.12 -13.73 67.77
CA ALA D 277 -5.08 -15.19 67.67
C ALA D 277 -4.03 -15.66 66.65
N SER D 278 -3.56 -14.73 65.79
CA SER D 278 -2.56 -15.03 64.78
C SER D 278 -1.18 -15.24 65.38
N LEU D 279 -0.96 -14.73 66.60
CA LEU D 279 0.34 -14.81 67.26
C LEU D 279 0.51 -16.20 67.87
N LYS D 280 1.72 -16.76 67.72
CA LYS D 280 2.04 -18.09 68.21
C LYS D 280 3.36 -18.04 68.96
N TRP D 281 3.36 -18.62 70.17
CA TRP D 281 4.53 -18.67 71.04
C TRP D 281 5.11 -20.09 71.04
N TYR D 282 6.41 -20.21 70.73
CA TYR D 282 7.06 -21.50 70.61
C TYR D 282 8.29 -21.52 71.52
N PRO D 283 8.12 -21.72 72.84
CA PRO D 283 9.22 -21.58 73.80
C PRO D 283 10.31 -22.65 73.73
N GLU D 284 10.11 -23.69 72.92
CA GLU D 284 11.12 -24.73 72.75
C GLU D 284 12.24 -24.25 71.82
N TYR D 285 12.06 -23.08 71.19
CA TYR D 285 13.08 -22.53 70.30
C TYR D 285 13.75 -21.31 70.93
N GLU D 286 14.99 -21.07 70.48
CA GLU D 286 15.81 -19.99 70.99
C GLU D 286 15.58 -18.72 70.17
N THR D 287 16.14 -17.62 70.66
CA THR D 287 16.14 -16.35 69.96
C THR D 287 17.43 -16.23 69.15
N HIS D 288 17.30 -15.79 67.89
CA HIS D 288 18.45 -15.56 67.04
C HIS D 288 18.64 -14.06 66.83
N ILE D 289 19.90 -13.63 66.85
CA ILE D 289 20.31 -12.28 66.48
C ILE D 289 21.00 -12.37 65.13
N VAL D 290 20.40 -11.74 64.10
CA VAL D 290 20.82 -11.88 62.72
C VAL D 290 21.33 -10.54 62.22
N LEU D 291 22.55 -10.55 61.67
CA LEU D 291 23.16 -9.35 61.10
C LEU D 291 23.07 -9.41 59.58
N LEU D 292 22.42 -8.39 59.00
CA LEU D 292 22.36 -8.22 57.56
C LEU D 292 23.35 -7.12 57.16
N SER D 293 24.13 -7.38 56.12
CA SER D 293 25.13 -6.43 55.66
C SER D 293 24.44 -5.21 55.06
N ARG D 294 24.90 -4.02 55.46
CA ARG D 294 24.41 -2.77 54.89
C ARG D 294 25.01 -2.56 53.51
N THR D 295 26.07 -3.32 53.17
CA THR D 295 26.73 -3.24 51.88
C THR D 295 26.06 -4.18 50.87
N THR D 296 25.86 -5.45 51.26
CA THR D 296 25.42 -6.48 50.33
C THR D 296 23.92 -6.77 50.49
N GLY D 297 23.35 -6.44 51.65
CA GLY D 297 21.93 -6.64 51.89
C GLY D 297 21.58 -8.07 52.31
N LYS D 298 22.61 -8.91 52.53
CA LYS D 298 22.40 -10.31 52.83
C LYS D 298 22.80 -10.59 54.27
N GLU D 299 22.20 -11.64 54.85
CA GLU D 299 22.64 -12.16 56.13
C GLU D 299 24.11 -12.58 56.04
N VAL D 300 24.91 -12.08 56.98
CA VAL D 300 26.34 -12.39 57.03
C VAL D 300 26.71 -13.09 58.34
N LYS D 301 25.94 -12.86 59.41
CA LYS D 301 26.20 -13.45 60.71
C LYS D 301 24.88 -13.77 61.41
N ARG D 302 24.93 -14.75 62.33
CA ARG D 302 23.79 -15.14 63.13
C ARG D 302 24.29 -15.69 64.46
N PHE D 303 23.66 -15.27 65.56
CA PHE D 303 24.03 -15.69 66.90
C PHE D 303 22.76 -16.13 67.64
N ARG D 304 22.95 -16.81 68.78
CA ARG D 304 21.85 -17.38 69.54
C ARG D 304 21.84 -16.80 70.96
N THR D 305 20.64 -16.72 71.55
CA THR D 305 20.49 -16.45 72.95
C THR D 305 19.25 -17.19 73.45
N ASP D 306 18.92 -16.98 74.73
CA ASP D 306 17.82 -17.71 75.36
C ASP D 306 16.50 -17.34 74.70
N THR D 307 15.51 -18.22 74.89
CA THR D 307 14.12 -17.89 74.64
C THR D 307 13.78 -16.59 75.38
N LEU D 308 13.37 -15.56 74.64
CA LEU D 308 12.92 -14.32 75.25
C LEU D 308 11.85 -13.67 74.37
N PHE D 309 11.12 -12.74 74.98
CA PHE D 309 10.27 -11.81 74.25
C PHE D 309 10.78 -10.40 74.49
N PHE D 310 10.69 -9.54 73.46
CA PHE D 310 11.05 -8.15 73.61
C PHE D 310 10.11 -7.28 72.79
N LEU D 311 10.02 -6.01 73.19
CA LEU D 311 9.37 -4.97 72.40
C LEU D 311 10.42 -3.99 71.90
N HIS D 312 11.21 -3.44 72.85
CA HIS D 312 12.06 -2.30 72.59
C HIS D 312 13.54 -2.64 72.76
N ILE D 313 14.26 -2.55 71.64
CA ILE D 313 15.72 -2.51 71.62
C ILE D 313 16.15 -1.09 72.01
N ILE D 314 17.11 -1.00 72.93
CA ILE D 314 17.59 0.27 73.44
C ILE D 314 18.55 0.89 72.43
N ASN D 315 19.58 0.11 72.07
CA ASN D 315 20.58 0.55 71.12
C ASN D 315 21.43 -0.66 70.70
N CYS D 316 22.04 -0.58 69.51
CA CYS D 316 23.01 -1.56 69.05
C CYS D 316 24.27 -0.82 68.59
N TYR D 317 25.43 -1.46 68.71
CA TYR D 317 26.66 -0.89 68.18
C TYR D 317 27.76 -1.93 68.06
N GLU D 318 28.76 -1.60 67.25
CA GLU D 318 30.00 -2.35 67.12
C GLU D 318 31.10 -1.59 67.85
N HIS D 319 31.94 -2.32 68.62
CA HIS D 319 33.01 -1.70 69.37
C HIS D 319 34.16 -2.69 69.55
N GLU D 320 35.28 -2.39 68.90
CA GLU D 320 36.52 -3.16 69.01
C GLU D 320 36.25 -4.64 68.83
N GLY D 321 35.55 -4.99 67.73
CA GLY D 321 35.36 -6.37 67.32
C GLY D 321 34.16 -7.05 67.99
N GLU D 322 33.46 -6.31 68.87
CA GLU D 322 32.31 -6.85 69.59
C GLU D 322 31.02 -6.25 69.05
N LEU D 323 29.95 -7.05 69.04
CA LEU D 323 28.60 -6.56 68.81
C LEU D 323 27.90 -6.43 70.16
N VAL D 324 27.22 -5.28 70.37
CA VAL D 324 26.41 -5.06 71.54
C VAL D 324 24.96 -4.81 71.09
N VAL D 325 24.04 -5.56 71.70
CA VAL D 325 22.60 -5.35 71.54
C VAL D 325 21.99 -5.22 72.92
N ASP D 326 21.53 -4.00 73.27
CA ASP D 326 20.84 -3.74 74.52
C ASP D 326 19.34 -3.68 74.24
N LEU D 327 18.55 -4.43 75.03
CA LEU D 327 17.10 -4.48 74.84
C LEU D 327 16.42 -4.84 76.15
N CYS D 328 15.12 -4.51 76.23
CA CYS D 328 14.30 -4.82 77.40
C CYS D 328 13.58 -6.14 77.17
N THR D 329 13.89 -7.14 78.00
CA THR D 329 13.52 -8.52 77.74
C THR D 329 12.46 -9.01 78.71
N TYR D 330 11.58 -9.88 78.22
CA TYR D 330 10.64 -10.65 79.03
C TYR D 330 10.93 -12.14 78.83
N LYS D 331 10.36 -12.96 79.72
CA LYS D 331 10.49 -14.41 79.64
C LYS D 331 9.52 -14.97 78.59
N ASP D 332 8.41 -14.26 78.37
CA ASP D 332 7.39 -14.66 77.43
C ASP D 332 6.61 -13.42 76.98
N ALA D 333 5.52 -13.63 76.22
CA ALA D 333 4.78 -12.55 75.59
C ALA D 333 3.49 -12.24 76.34
N LYS D 334 3.44 -12.56 77.65
CA LYS D 334 2.20 -12.44 78.42
C LYS D 334 1.80 -10.98 78.63
N VAL D 335 2.74 -10.03 78.42
CA VAL D 335 2.41 -8.61 78.56
C VAL D 335 1.30 -8.25 77.58
N VAL D 336 1.23 -8.96 76.43
CA VAL D 336 0.17 -8.76 75.46
C VAL D 336 -1.19 -9.08 76.07
N ASP D 337 -1.26 -10.20 76.80
CA ASP D 337 -2.49 -10.62 77.46
C ASP D 337 -2.84 -9.67 78.61
N ALA D 338 -1.82 -9.07 79.22
CA ALA D 338 -2.01 -8.17 80.35
C ALA D 338 -2.76 -6.90 79.93
N MET D 339 -2.71 -6.56 78.64
N MET D 339 -2.71 -6.56 78.64
CA MET D 339 -3.21 -5.28 78.16
CA MET D 339 -3.21 -5.28 78.16
C MET D 339 -4.58 -5.44 77.50
C MET D 339 -4.58 -5.44 77.50
N TYR D 340 -5.24 -6.59 77.71
CA TYR D 340 -6.66 -6.72 77.46
C TYR D 340 -7.42 -5.86 78.48
N VAL D 341 -8.49 -5.20 78.06
CA VAL D 341 -9.24 -4.29 78.91
C VAL D 341 -9.69 -5.03 80.18
N HIS D 342 -10.19 -6.26 80.01
N HIS D 342 -10.19 -6.26 80.01
CA HIS D 342 -10.66 -7.06 81.13
CA HIS D 342 -10.66 -7.06 81.13
C HIS D 342 -9.52 -7.35 82.11
C HIS D 342 -9.52 -7.35 82.11
N ALA D 343 -8.33 -7.65 81.58
CA ALA D 343 -7.17 -7.96 82.40
C ALA D 343 -6.75 -6.73 83.21
N ILE D 344 -6.79 -5.55 82.57
CA ILE D 344 -6.44 -4.31 83.25
C ILE D 344 -7.46 -4.03 84.35
N GLU D 345 -8.75 -4.24 84.05
CA GLU D 345 -9.85 -3.97 84.98
C GLU D 345 -9.73 -4.81 86.25
N THR D 346 -9.22 -6.04 86.13
CA THR D 346 -9.26 -7.00 87.23
C THR D 346 -7.85 -7.27 87.78
N MET D 347 -6.88 -6.40 87.46
CA MET D 347 -5.48 -6.71 87.73
C MET D 347 -5.20 -6.73 89.24
N GLN D 348 -6.02 -6.03 90.03
CA GLN D 348 -5.78 -5.91 91.46
C GLN D 348 -6.00 -7.23 92.18
N SER D 349 -6.70 -8.18 91.54
CA SER D 349 -6.89 -9.51 92.11
C SER D 349 -6.15 -10.58 91.31
N ASN D 350 -5.20 -10.16 90.45
CA ASN D 350 -4.46 -11.07 89.59
C ASN D 350 -3.05 -11.21 90.13
N ALA D 351 -2.74 -12.39 90.69
CA ALA D 351 -1.51 -12.67 91.39
C ALA D 351 -0.32 -12.74 90.43
N ASP D 352 -0.59 -12.97 89.14
CA ASP D 352 0.47 -13.15 88.14
C ASP D 352 0.71 -11.89 87.32
N TYR D 353 -0.07 -10.82 87.58
CA TYR D 353 -0.08 -9.66 86.69
C TYR D 353 1.31 -9.02 86.63
N ALA D 354 1.96 -8.88 87.79
CA ALA D 354 3.27 -8.25 87.87
C ALA D 354 4.32 -9.07 87.11
N GLU D 355 4.18 -10.40 87.12
CA GLU D 355 5.10 -11.28 86.42
C GLU D 355 4.89 -11.17 84.91
N TRP D 356 3.65 -10.98 84.47
CA TRP D 356 3.35 -10.76 83.06
C TRP D 356 4.12 -9.54 82.54
N PHE D 357 4.22 -8.50 83.39
CA PHE D 357 4.87 -7.25 83.03
C PHE D 357 6.36 -7.24 83.39
N ARG D 358 6.91 -8.40 83.79
CA ARG D 358 8.26 -8.42 84.34
C ARG D 358 9.29 -8.33 83.21
N ALA D 359 9.90 -7.14 83.09
CA ALA D 359 10.92 -6.89 82.08
C ALA D 359 12.26 -6.63 82.77
N LYS D 360 13.35 -6.94 82.06
CA LYS D 360 14.68 -6.65 82.56
C LYS D 360 15.54 -6.16 81.41
N PRO D 361 16.29 -5.04 81.57
CA PRO D 361 17.19 -4.57 80.53
C PRO D 361 18.45 -5.42 80.49
N LYS D 362 18.76 -5.97 79.31
CA LYS D 362 19.90 -6.87 79.17
C LYS D 362 20.81 -6.39 78.05
N ARG D 363 22.11 -6.68 78.20
CA ARG D 363 23.09 -6.52 77.15
C ARG D 363 23.42 -7.90 76.59
N LEU D 364 23.17 -8.06 75.28
CA LEU D 364 23.64 -9.21 74.53
C LEU D 364 24.94 -8.82 73.82
N GLN D 365 25.98 -9.65 73.98
CA GLN D 365 27.29 -9.32 73.45
C GLN D 365 27.95 -10.58 72.88
N VAL D 366 28.67 -10.39 71.77
CA VAL D 366 29.39 -11.48 71.10
C VAL D 366 30.47 -10.86 70.22
N SER D 367 31.54 -11.63 69.98
CA SER D 367 32.57 -11.24 69.04
C SER D 367 32.01 -11.31 67.62
N LEU D 368 32.28 -10.26 66.82
CA LEU D 368 31.79 -10.19 65.45
C LEU D 368 32.39 -11.32 64.60
N ASN D 369 33.61 -11.76 64.97
CA ASN D 369 34.35 -12.77 64.24
C ASN D 369 33.98 -14.19 64.70
N ALA D 370 33.10 -14.31 65.70
CA ALA D 370 32.74 -15.61 66.23
C ALA D 370 32.01 -16.42 65.17
N PRO D 371 32.11 -17.77 65.19
CA PRO D 371 31.42 -18.60 64.21
C PRO D 371 29.91 -18.41 64.25
N LYS D 372 29.26 -18.66 63.12
CA LYS D 372 27.80 -18.62 63.03
C LYS D 372 27.20 -19.59 64.03
N MET D 373 26.16 -19.11 64.75
CA MET D 373 25.38 -19.86 65.72
C MET D 373 26.06 -19.89 67.09
N THR D 374 27.13 -19.10 67.26
CA THR D 374 27.74 -18.91 68.57
C THR D 374 26.71 -18.31 69.52
N ARG D 375 26.71 -18.78 70.77
CA ARG D 375 25.84 -18.25 71.81
C ARG D 375 26.39 -16.90 72.28
N MET D 376 25.51 -15.91 72.40
CA MET D 376 25.88 -14.58 72.88
C MET D 376 25.96 -14.62 74.41
N LYS D 377 26.76 -13.70 74.97
CA LYS D 377 26.76 -13.44 76.39
C LYS D 377 25.58 -12.52 76.73
N SER D 378 24.92 -12.78 77.87
CA SER D 378 23.71 -12.09 78.27
C SER D 378 23.85 -11.59 79.70
N SER D 379 23.89 -10.25 79.88
CA SER D 379 24.08 -9.62 81.17
C SER D 379 22.93 -8.66 81.48
N ILE D 380 22.56 -8.55 82.76
N ILE D 380 22.56 -8.55 82.76
CA ILE D 380 21.57 -7.58 83.21
CA ILE D 380 21.58 -7.58 83.23
C ILE D 380 22.25 -6.22 83.35
C ILE D 380 22.26 -6.21 83.34
N LEU D 381 21.61 -5.18 82.82
CA LEU D 381 22.16 -3.83 82.79
C LEU D 381 21.81 -3.07 84.07
N ALA D 382 20.70 -3.44 84.70
CA ALA D 382 20.26 -2.84 85.95
C ALA D 382 19.21 -3.75 86.58
N ASP D 383 19.13 -3.73 87.93
CA ASP D 383 18.26 -4.63 88.66
C ASP D 383 16.88 -4.01 88.87
N ILE D 384 16.30 -3.47 87.79
CA ILE D 384 15.00 -2.80 87.84
C ILE D 384 14.36 -2.87 86.46
N GLY D 385 13.05 -3.12 86.42
CA GLY D 385 12.32 -3.23 85.18
C GLY D 385 12.23 -1.88 84.46
N CYS D 386 12.55 -1.90 83.16
CA CYS D 386 12.55 -0.72 82.30
C CYS D 386 11.69 -1.00 81.06
N GLU D 387 10.94 0.03 80.62
CA GLU D 387 10.25 0.00 79.34
C GLU D 387 10.24 1.38 78.71
N THR D 388 9.84 1.42 77.43
CA THR D 388 9.89 2.59 76.57
C THR D 388 11.21 3.32 76.77
N PRO D 389 12.36 2.70 76.44
CA PRO D 389 13.67 3.31 76.61
C PRO D 389 13.99 4.32 75.52
N ARG D 390 14.78 5.34 75.87
CA ARG D 390 15.28 6.30 74.90
C ARG D 390 16.73 6.64 75.26
N ILE D 391 17.46 7.18 74.29
CA ILE D 391 18.85 7.56 74.45
C ILE D 391 19.05 8.94 73.83
N HIS D 392 20.28 9.45 73.90
CA HIS D 392 20.68 10.60 73.11
C HIS D 392 20.83 10.11 71.67
N TYR D 393 19.68 10.04 70.99
CA TYR D 393 19.52 9.25 69.77
C TYR D 393 20.32 9.84 68.61
N ASP D 394 20.31 11.17 68.47
CA ASP D 394 20.85 11.83 67.30
C ASP D 394 22.37 11.64 67.24
N LEU D 395 23.02 11.41 68.39
CA LEU D 395 24.47 11.33 68.43
C LEU D 395 24.95 9.91 68.75
N HIS D 396 24.10 9.06 69.33
CA HIS D 396 24.57 7.79 69.90
C HIS D 396 23.87 6.55 69.33
N ASN D 397 22.78 6.72 68.58
CA ASN D 397 22.14 5.57 67.95
C ASN D 397 23.12 4.92 66.99
N SER D 398 23.25 3.59 67.09
CA SER D 398 24.09 2.77 66.23
C SER D 398 25.57 2.87 66.65
N LYS D 399 25.85 3.56 67.76
CA LYS D 399 27.22 3.82 68.18
C LYS D 399 27.36 3.51 69.67
N TYR D 400 28.62 3.48 70.14
CA TYR D 400 28.91 3.36 71.56
C TYR D 400 28.14 4.44 72.32
N TYR D 401 27.60 4.06 73.48
CA TYR D 401 26.84 4.97 74.32
C TYR D 401 26.94 4.49 75.76
N ARG D 402 26.49 5.32 76.70
CA ARG D 402 26.65 5.05 78.11
C ARG D 402 25.30 5.04 78.83
N TYR D 403 24.38 5.95 78.46
CA TYR D 403 23.18 6.20 79.24
C TYR D 403 21.92 5.90 78.43
N PHE D 404 20.95 5.25 79.08
CA PHE D 404 19.58 5.23 78.56
C PHE D 404 18.61 5.64 79.66
N TYR D 405 17.41 6.04 79.21
CA TYR D 405 16.36 6.53 80.09
C TYR D 405 15.09 5.73 79.78
N ALA D 406 14.31 5.43 80.81
CA ALA D 406 13.15 4.57 80.67
C ALA D 406 12.15 4.84 81.78
N ILE D 407 11.01 4.15 81.71
CA ILE D 407 10.00 4.18 82.76
C ILE D 407 9.96 2.81 83.43
N SER D 408 9.69 2.79 84.73
CA SER D 408 9.61 1.56 85.49
C SER D 408 8.50 0.69 84.92
N SER D 409 8.78 -0.62 84.81
CA SER D 409 7.82 -1.58 84.29
C SER D 409 7.37 -2.56 85.37
N ASP D 410 7.83 -2.36 86.62
CA ASP D 410 7.47 -3.23 87.73
C ASP D 410 6.16 -2.73 88.34
N VAL D 411 5.09 -3.52 88.14
CA VAL D 411 3.75 -3.20 88.59
C VAL D 411 3.71 -3.11 90.12
N ASP D 412 4.60 -3.87 90.79
CA ASP D 412 4.60 -4.01 92.24
C ASP D 412 5.68 -3.13 92.86
N ALA D 413 6.23 -2.18 92.10
CA ALA D 413 7.22 -1.25 92.65
C ALA D 413 6.55 -0.32 93.67
N GLU D 414 7.38 0.25 94.55
CA GLU D 414 6.90 1.23 95.52
C GLU D 414 6.24 2.39 94.79
N ASN D 415 6.82 2.80 93.65
CA ASN D 415 6.21 3.76 92.76
C ASN D 415 6.37 3.27 91.33
N PRO D 416 5.28 2.79 90.68
CA PRO D 416 5.37 2.24 89.32
C PRO D 416 5.45 3.27 88.21
N GLY D 417 5.48 4.56 88.56
CA GLY D 417 5.66 5.63 87.60
C GLY D 417 7.00 6.34 87.77
N THR D 418 8.07 5.56 87.84
CA THR D 418 9.41 6.08 88.06
C THR D 418 10.12 6.28 86.72
N VAL D 419 10.70 7.47 86.53
CA VAL D 419 11.61 7.72 85.43
C VAL D 419 13.00 7.29 85.88
N ILE D 420 13.67 6.48 85.05
CA ILE D 420 14.91 5.81 85.41
C ILE D 420 16.00 6.22 84.43
N LYS D 421 17.18 6.53 84.96
CA LYS D 421 18.38 6.69 84.17
C LYS D 421 19.34 5.56 84.51
N VAL D 422 19.80 4.83 83.48
CA VAL D 422 20.74 3.74 83.68
C VAL D 422 22.09 4.14 83.10
N ASP D 423 23.14 4.03 83.91
CA ASP D 423 24.51 4.15 83.47
C ASP D 423 25.03 2.75 83.17
N THR D 424 25.21 2.43 81.88
CA THR D 424 25.53 1.08 81.44
C THR D 424 26.97 0.72 81.80
N LYS D 425 27.82 1.74 82.02
CA LYS D 425 29.21 1.52 82.38
C LYS D 425 29.30 0.97 83.81
N THR D 426 28.61 1.61 84.75
CA THR D 426 28.77 1.34 86.18
C THR D 426 27.62 0.51 86.72
N GLY D 427 26.44 0.60 86.09
CA GLY D 427 25.23 -0.01 86.62
C GLY D 427 24.45 0.93 87.54
N GLU D 428 24.99 2.14 87.77
CA GLU D 428 24.36 3.13 88.64
C GLU D 428 23.04 3.58 88.04
N THR D 429 22.01 3.71 88.89
CA THR D 429 20.71 4.21 88.46
C THR D 429 20.38 5.50 89.21
N LYS D 430 19.65 6.39 88.53
CA LYS D 430 19.05 7.57 89.15
C LYS D 430 17.58 7.60 88.77
N THR D 431 16.73 8.10 89.67
CA THR D 431 15.29 7.94 89.53
C THR D 431 14.57 9.23 89.90
N TRP D 432 13.37 9.37 89.35
CA TRP D 432 12.45 10.43 89.72
C TRP D 432 11.04 9.86 89.74
N CYS D 433 10.29 10.17 90.80
CA CYS D 433 8.91 9.74 90.91
C CYS D 433 8.18 10.59 91.95
N ARG D 434 6.86 10.70 91.79
CA ARG D 434 5.99 11.34 92.76
C ARG D 434 4.72 10.51 92.91
N PRO D 435 4.03 10.56 94.08
CA PRO D 435 2.85 9.74 94.31
C PRO D 435 1.74 10.00 93.29
N ASN D 436 1.14 8.90 92.80
CA ASN D 436 -0.04 8.95 91.95
C ASN D 436 0.25 9.65 90.62
N CYS D 437 1.52 9.69 90.22
CA CYS D 437 1.95 10.35 89.01
C CYS D 437 2.52 9.32 88.04
N TYR D 438 2.13 9.40 86.76
CA TYR D 438 2.51 8.41 85.76
C TYR D 438 3.15 9.14 84.58
N PRO D 439 4.50 9.25 84.57
CA PRO D 439 5.22 9.87 83.46
C PRO D 439 5.30 8.96 82.24
N SER D 440 5.38 9.58 81.07
CA SER D 440 5.54 8.88 79.81
C SER D 440 7.02 8.61 79.57
N GLU D 441 7.26 7.74 78.58
CA GLU D 441 8.52 7.67 77.88
C GLU D 441 9.25 9.01 77.93
N PRO D 442 10.48 9.06 78.50
CA PRO D 442 11.25 10.31 78.52
C PRO D 442 12.06 10.47 77.23
N ILE D 443 12.08 11.68 76.68
CA ILE D 443 12.85 11.95 75.47
C ILE D 443 13.98 12.92 75.81
N PHE D 444 15.19 12.58 75.37
CA PHE D 444 16.38 13.35 75.70
C PHE D 444 16.56 14.49 74.70
N VAL D 445 16.84 15.68 75.22
CA VAL D 445 17.16 16.86 74.42
C VAL D 445 18.49 17.41 74.91
N PRO D 446 19.53 17.51 74.06
CA PRO D 446 20.83 18.00 74.51
C PRO D 446 20.84 19.51 74.76
N SER D 447 21.73 19.95 75.67
CA SER D 447 21.92 21.37 75.95
C SER D 447 22.63 22.03 74.77
N PRO D 448 22.46 23.34 74.57
CA PRO D 448 23.08 24.06 73.45
C PRO D 448 24.57 23.80 73.23
N ASN D 449 25.36 23.88 74.31
CA ASN D 449 26.80 23.69 74.22
C ASN D 449 27.19 22.38 74.91
N ALA D 450 26.50 21.30 74.55
CA ALA D 450 26.61 20.03 75.25
C ALA D 450 28.04 19.49 75.14
N LYS D 451 28.59 19.06 76.29
CA LYS D 451 29.92 18.48 76.34
C LYS D 451 29.83 16.96 76.48
N ASP D 452 28.96 16.50 77.40
CA ASP D 452 28.84 15.09 77.73
C ASP D 452 27.59 14.51 77.08
N GLU D 453 27.50 13.17 77.10
CA GLU D 453 26.37 12.44 76.53
C GLU D 453 25.09 12.81 77.27
N ASP D 454 25.16 13.02 78.59
CA ASP D 454 23.97 13.27 79.40
C ASP D 454 23.84 14.75 79.75
N ASP D 455 24.49 15.61 78.97
CA ASP D 455 24.39 17.06 79.15
C ASP D 455 23.13 17.54 78.41
N GLY D 456 21.99 17.47 79.11
CA GLY D 456 20.71 17.86 78.54
C GLY D 456 19.56 17.54 79.49
N VAL D 457 18.35 17.47 78.93
CA VAL D 457 17.14 17.33 79.73
C VAL D 457 16.29 16.19 79.16
N LEU D 458 15.36 15.71 80.00
CA LEU D 458 14.35 14.75 79.59
C LEU D 458 12.99 15.45 79.58
N LEU D 459 12.24 15.24 78.49
CA LEU D 459 10.85 15.67 78.40
C LEU D 459 9.95 14.45 78.60
N SER D 460 8.98 14.59 79.51
CA SER D 460 8.02 13.54 79.78
C SER D 460 6.64 14.16 79.96
N ALA D 461 5.63 13.51 79.36
CA ALA D 461 4.24 13.89 79.56
C ALA D 461 3.69 13.14 80.77
N LEU D 462 3.03 13.88 81.68
CA LEU D 462 2.51 13.29 82.91
C LEU D 462 1.00 13.17 82.84
N VAL D 463 0.47 12.07 83.38
CA VAL D 463 -0.90 12.00 83.84
C VAL D 463 -0.88 11.56 85.30
N TRP D 464 -2.03 11.68 85.97
CA TRP D 464 -2.18 11.23 87.34
C TRP D 464 -3.25 10.16 87.41
N GLY D 465 -3.23 9.37 88.49
CA GLY D 465 -4.20 8.30 88.70
C GLY D 465 -5.34 8.74 89.62
N GLY D 466 -6.15 7.77 90.05
CA GLY D 466 -7.29 8.03 90.92
C GLY D 466 -8.30 8.96 90.27
N GLU D 467 -8.72 9.99 91.03
CA GLU D 467 -9.74 10.93 90.61
C GLU D 467 -9.15 12.07 89.77
N MET D 468 -7.82 12.16 89.71
CA MET D 468 -7.14 13.26 89.03
C MET D 468 -6.94 12.90 87.56
N ASN D 469 -8.06 12.70 86.84
CA ASN D 469 -8.04 12.07 85.53
C ASN D 469 -8.18 13.09 84.40
N GLN D 470 -8.14 14.39 84.72
CA GLN D 470 -8.31 15.43 83.70
C GLN D 470 -7.20 16.46 83.82
N THR D 471 -5.99 15.97 84.11
CA THR D 471 -4.82 16.82 84.21
C THR D 471 -3.66 16.17 83.46
N VAL D 472 -2.94 17.00 82.69
CA VAL D 472 -1.76 16.57 81.96
C VAL D 472 -0.67 17.60 82.22
N ALA D 473 0.60 17.18 82.10
CA ALA D 473 1.70 18.10 82.27
C ALA D 473 2.89 17.70 81.39
N LEU D 474 3.72 18.69 81.08
CA LEU D 474 5.06 18.45 80.56
C LEU D 474 6.08 18.64 81.67
N LEU D 475 6.84 17.57 81.95
CA LEU D 475 7.90 17.58 82.95
C LEU D 475 9.23 17.69 82.22
N VAL D 476 10.11 18.55 82.75
CA VAL D 476 11.48 18.66 82.29
C VAL D 476 12.41 18.29 83.44
N LEU D 477 13.18 17.20 83.24
CA LEU D 477 14.16 16.73 84.19
C LEU D 477 15.56 17.08 83.71
N ASN D 478 16.43 17.38 84.67
CA ASN D 478 17.87 17.48 84.44
C ASN D 478 18.41 16.06 84.24
N ALA D 479 19.01 15.80 83.08
CA ALA D 479 19.42 14.45 82.71
C ALA D 479 20.60 13.97 83.57
N LYS D 480 21.40 14.90 84.11
CA LYS D 480 22.54 14.57 84.95
C LYS D 480 22.07 14.05 86.30
N THR D 481 21.10 14.75 86.90
CA THR D 481 20.73 14.55 88.30
C THR D 481 19.37 13.85 88.46
N MET D 482 18.56 13.87 87.39
N MET D 482 18.56 13.87 87.39
CA MET D 482 17.20 13.34 87.41
CA MET D 482 17.20 13.35 87.40
C MET D 482 16.34 14.14 88.39
C MET D 482 16.34 14.14 88.39
N GLU D 483 16.66 15.43 88.57
CA GLU D 483 15.85 16.33 89.36
C GLU D 483 14.94 17.13 88.43
N GLU D 484 13.75 17.49 88.92
CA GLU D 484 12.83 18.32 88.19
C GLU D 484 13.40 19.73 88.07
N MET D 485 13.48 20.23 86.83
CA MET D 485 13.85 21.61 86.56
C MET D 485 12.60 22.49 86.52
N GLY D 486 11.56 22.02 85.81
CA GLY D 486 10.35 22.81 85.65
C GLY D 486 9.21 21.97 85.06
N ARG D 487 8.02 22.57 84.99
CA ARG D 487 6.81 21.84 84.68
C ARG D 487 5.74 22.80 84.14
N ALA D 488 5.01 22.35 83.11
CA ALA D 488 3.81 23.01 82.65
C ALA D 488 2.61 22.09 82.86
N THR D 489 1.59 22.57 83.59
CA THR D 489 0.45 21.76 83.96
C THR D 489 -0.82 22.31 83.30
N PHE D 490 -1.66 21.40 82.79
CA PHE D 490 -2.86 21.75 82.04
C PHE D 490 -4.03 20.92 82.55
N ASN D 491 -5.22 21.52 82.49
CA ASN D 491 -6.45 20.81 82.81
C ASN D 491 -7.21 20.60 81.51
N THR D 492 -7.63 19.35 81.28
CA THR D 492 -8.34 18.99 80.06
C THR D 492 -9.84 18.99 80.33
N PRO D 493 -10.68 19.27 79.30
CA PRO D 493 -12.14 19.30 79.49
C PRO D 493 -12.79 17.92 79.69
N SER D 494 -12.03 16.86 79.41
CA SER D 494 -12.52 15.49 79.52
C SER D 494 -11.35 14.60 79.96
N PRO D 495 -11.56 13.30 80.25
CA PRO D 495 -10.48 12.43 80.70
C PRO D 495 -9.25 12.48 79.80
N ALA D 496 -8.07 12.46 80.44
CA ALA D 496 -6.79 12.61 79.77
C ALA D 496 -6.14 11.22 79.62
N PRO D 497 -6.19 10.59 78.44
CA PRO D 497 -5.63 9.25 78.26
C PRO D 497 -4.10 9.24 78.22
N LYS D 498 -3.51 8.14 78.67
CA LYS D 498 -2.07 7.98 78.73
C LYS D 498 -1.54 7.65 77.35
N CYS D 499 -0.45 8.32 76.95
CA CYS D 499 0.15 8.17 75.63
C CYS D 499 1.21 7.07 75.64
N LEU D 500 1.78 6.76 74.47
CA LEU D 500 2.78 5.70 74.32
C LEU D 500 4.13 6.29 73.95
N HIS D 501 4.26 6.76 72.70
CA HIS D 501 5.54 7.19 72.17
C HIS D 501 5.42 8.58 71.57
N GLY D 502 6.55 9.27 71.47
CA GLY D 502 6.57 10.63 70.93
C GLY D 502 7.88 10.97 70.23
N TRP D 503 7.97 12.23 69.80
CA TRP D 503 9.16 12.75 69.14
C TRP D 503 9.25 14.24 69.41
N PHE D 504 10.48 14.74 69.63
CA PHE D 504 10.70 16.15 69.84
C PHE D 504 11.27 16.78 68.57
N LEU D 505 10.64 17.87 68.12
CA LEU D 505 11.05 18.62 66.95
C LEU D 505 11.60 19.98 67.39
N PRO D 506 12.94 20.18 67.42
CA PRO D 506 13.51 21.47 67.82
C PRO D 506 13.21 22.57 66.81
N THR D 507 13.05 23.81 67.29
CA THR D 507 12.98 24.98 66.45
C THR D 507 14.39 25.55 66.27
N LYS E 7 -13.10 10.97 6.43
CA LYS E 7 -12.11 11.49 5.44
C LYS E 7 -10.77 10.77 5.60
N LEU E 8 -10.39 10.00 4.58
CA LEU E 8 -9.12 9.29 4.58
C LEU E 8 -7.96 10.25 4.33
N TYR E 9 -8.23 11.38 3.68
CA TYR E 9 -7.19 12.33 3.29
C TYR E 9 -7.61 13.73 3.73
N PRO E 10 -7.69 13.98 5.06
CA PRO E 10 -8.26 15.23 5.58
C PRO E 10 -7.49 16.51 5.22
N ASN E 11 -6.20 16.38 4.87
CA ASN E 11 -5.39 17.55 4.54
C ASN E 11 -5.40 17.83 3.04
N CYS E 12 -6.16 17.05 2.27
CA CYS E 12 -6.20 17.20 0.81
C CYS E 12 -7.61 17.55 0.35
N ASP E 13 -7.74 18.66 -0.38
CA ASP E 13 -9.00 19.03 -1.03
C ASP E 13 -8.86 18.80 -2.52
N ALA E 14 -9.33 17.64 -3.00
CA ALA E 14 -9.21 17.25 -4.39
C ALA E 14 -10.17 18.06 -5.27
N THR E 15 -11.14 18.76 -4.66
CA THR E 15 -12.14 19.49 -5.41
C THR E 15 -11.56 20.79 -6.01
N VAL E 16 -10.27 21.07 -5.75
CA VAL E 16 -9.60 22.19 -6.41
C VAL E 16 -9.54 21.94 -7.92
N TRP E 17 -9.72 20.68 -8.34
CA TRP E 17 -9.69 20.29 -9.74
C TRP E 17 -11.05 20.40 -10.42
N LEU E 18 -12.12 20.60 -9.63
CA LEU E 18 -13.48 20.43 -10.13
C LEU E 18 -14.18 21.77 -10.37
N ARG E 19 -13.42 22.83 -10.63
CA ARG E 19 -13.98 24.18 -10.71
C ARG E 19 -14.21 24.58 -12.17
N SER E 20 -15.18 25.48 -12.36
CA SER E 20 -15.48 26.06 -13.67
C SER E 20 -15.42 27.57 -13.57
N CYS E 21 -14.56 28.20 -14.39
CA CYS E 21 -14.54 29.65 -14.54
C CYS E 21 -15.84 30.07 -15.22
N GLU E 22 -16.57 31.01 -14.60
CA GLU E 22 -17.85 31.46 -15.12
C GLU E 22 -17.72 32.86 -15.72
N GLU E 23 -16.60 33.54 -15.45
CA GLU E 23 -16.39 34.90 -15.92
C GLU E 23 -14.90 35.09 -16.21
N GLU E 24 -14.59 35.42 -17.47
CA GLU E 24 -13.22 35.63 -17.87
C GLU E 24 -12.71 36.93 -17.27
N VAL E 25 -11.43 36.94 -16.88
CA VAL E 25 -10.76 38.15 -16.43
C VAL E 25 -9.98 38.69 -17.63
N SER E 26 -10.68 39.46 -18.47
CA SER E 26 -10.15 39.91 -19.75
C SER E 26 -9.21 41.09 -19.55
N GLU E 27 -9.64 42.06 -18.75
CA GLU E 27 -8.82 43.21 -18.42
C GLU E 27 -7.90 42.84 -17.26
N PRO E 28 -6.66 43.38 -17.18
CA PRO E 28 -5.75 43.06 -16.08
C PRO E 28 -6.38 43.34 -14.70
N LEU E 29 -6.39 42.32 -13.83
CA LEU E 29 -6.90 42.45 -12.48
C LEU E 29 -5.84 43.04 -11.58
N GLU E 30 -6.22 44.05 -10.80
CA GLU E 30 -5.39 44.58 -9.73
C GLU E 30 -5.41 43.60 -8.56
N GLY E 31 -4.23 43.38 -7.96
CA GLY E 31 -4.10 42.54 -6.77
C GLY E 31 -3.47 43.29 -5.60
N THR E 32 -2.92 42.52 -4.66
CA THR E 32 -2.21 43.08 -3.52
C THR E 32 -0.94 42.27 -3.25
N MET E 33 0.14 42.99 -2.90
CA MET E 33 1.47 42.42 -2.76
C MET E 33 1.73 42.06 -1.30
N THR E 34 2.50 40.98 -1.10
CA THR E 34 3.33 40.84 0.08
C THR E 34 4.76 40.58 -0.37
N GLY E 35 5.73 40.91 0.49
CA GLY E 35 7.13 40.82 0.17
C GLY E 35 7.50 41.77 -0.97
N GLU E 36 8.53 41.38 -1.74
CA GLU E 36 8.99 42.16 -2.88
C GLU E 36 9.34 41.20 -4.02
N PHE E 37 8.87 41.56 -5.23
CA PHE E 37 9.37 40.97 -6.46
C PHE E 37 10.66 41.70 -6.87
N PRO E 38 11.75 40.99 -7.22
CA PRO E 38 13.00 41.63 -7.62
C PRO E 38 12.81 42.57 -8.82
N SER E 39 13.55 43.69 -8.82
CA SER E 39 13.40 44.75 -9.80
C SER E 39 13.67 44.23 -11.21
N TRP E 40 14.63 43.29 -11.31
CA TRP E 40 15.07 42.78 -12.60
C TRP E 40 14.03 41.84 -13.23
N LEU E 41 13.10 41.30 -12.42
CA LEU E 41 12.13 40.34 -12.92
C LEU E 41 11.07 41.07 -13.72
N ARG E 42 11.06 40.83 -15.05
CA ARG E 42 10.15 41.48 -15.98
C ARG E 42 9.74 40.48 -17.05
N GLY E 43 8.42 40.30 -17.25
CA GLY E 43 7.93 39.42 -18.29
C GLY E 43 6.53 38.89 -18.00
N THR E 44 6.15 37.84 -18.75
CA THR E 44 4.81 37.28 -18.73
C THR E 44 4.90 35.79 -18.38
N LEU E 45 4.21 35.39 -17.30
CA LEU E 45 3.99 33.99 -17.01
C LEU E 45 2.64 33.57 -17.57
N LEU E 46 2.67 32.69 -18.58
CA LEU E 46 1.48 32.11 -19.16
C LEU E 46 1.25 30.74 -18.53
N ARG E 47 0.00 30.42 -18.21
CA ARG E 47 -0.38 29.10 -17.72
C ARG E 47 -1.54 28.58 -18.56
N ASN E 48 -1.64 27.25 -18.65
CA ASN E 48 -2.74 26.58 -19.33
C ASN E 48 -3.22 25.44 -18.43
N GLY E 49 -4.51 25.10 -18.54
CA GLY E 49 -5.05 23.99 -17.76
C GLY E 49 -6.56 23.84 -17.94
N PRO E 50 -7.16 22.82 -17.28
CA PRO E 50 -8.62 22.63 -17.31
C PRO E 50 -9.32 23.76 -16.55
N GLY E 51 -10.45 24.24 -17.08
CA GLY E 51 -11.08 25.43 -16.55
C GLY E 51 -12.61 25.43 -16.61
N CYS E 52 -13.25 24.37 -17.14
CA CYS E 52 -14.70 24.33 -17.18
C CYS E 52 -15.20 22.90 -17.43
N LEU E 53 -15.87 22.35 -16.43
CA LEU E 53 -16.49 21.03 -16.52
C LEU E 53 -17.92 21.14 -17.05
N ASN E 54 -18.51 22.34 -16.98
CA ASN E 54 -19.92 22.52 -17.28
C ASN E 54 -20.10 22.85 -18.77
N VAL E 55 -21.13 22.25 -19.37
CA VAL E 55 -21.51 22.51 -20.75
C VAL E 55 -23.03 22.55 -20.80
N GLY E 56 -23.59 23.76 -20.64
CA GLY E 56 -25.04 23.91 -20.53
C GLY E 56 -25.56 23.22 -19.26
N THR E 57 -26.40 22.20 -19.45
CA THR E 57 -26.93 21.42 -18.35
C THR E 57 -26.05 20.20 -18.08
N MET E 58 -25.12 19.93 -18.99
CA MET E 58 -24.30 18.72 -18.94
C MET E 58 -22.96 19.04 -18.29
N ARG E 59 -22.24 17.97 -17.92
CA ARG E 59 -20.98 18.08 -17.22
C ARG E 59 -20.01 17.02 -17.77
N PHE E 60 -18.75 17.44 -18.01
CA PHE E 60 -17.70 16.51 -18.41
C PHE E 60 -17.45 15.51 -17.28
N GLU E 61 -16.99 14.31 -17.63
CA GLU E 61 -16.87 13.22 -16.69
C GLU E 61 -15.41 12.90 -16.37
N HIS E 62 -14.47 13.57 -17.05
CA HIS E 62 -13.06 13.43 -16.74
C HIS E 62 -12.39 14.80 -16.78
N LEU E 63 -11.37 14.98 -15.93
CA LEU E 63 -10.69 16.26 -15.78
C LEU E 63 -10.03 16.66 -17.09
N PHE E 64 -9.58 15.68 -17.89
CA PHE E 64 -8.86 15.97 -19.13
C PHE E 64 -9.81 16.55 -20.18
N ASP E 65 -11.12 16.46 -19.96
CA ASP E 65 -12.12 16.96 -20.89
C ASP E 65 -12.40 18.44 -20.64
N SER E 66 -12.05 18.93 -19.44
CA SER E 66 -12.38 20.27 -19.00
C SER E 66 -11.75 21.32 -19.91
N SER E 67 -12.50 22.39 -20.19
CA SER E 67 -12.17 23.32 -21.26
C SER E 67 -10.89 24.10 -20.94
N ALA E 68 -10.01 24.20 -21.95
CA ALA E 68 -8.73 24.88 -21.82
C ALA E 68 -8.93 26.33 -21.38
N LEU E 69 -8.30 26.68 -20.26
CA LEU E 69 -8.33 28.05 -19.72
C LEU E 69 -6.90 28.57 -19.61
N LEU E 70 -6.63 29.69 -20.29
CA LEU E 70 -5.33 30.35 -20.28
C LEU E 70 -5.28 31.33 -19.11
N HIS E 71 -4.09 31.51 -18.54
CA HIS E 71 -3.85 32.47 -17.47
C HIS E 71 -2.62 33.29 -17.82
N ARG E 72 -2.60 34.56 -17.41
CA ARG E 72 -1.49 35.47 -17.67
C ARG E 72 -1.18 36.26 -16.41
N PHE E 73 0.07 36.15 -15.94
CA PHE E 73 0.60 37.04 -14.91
C PHE E 73 1.65 37.94 -15.56
N ALA E 74 1.33 39.25 -15.64
CA ALA E 74 2.24 40.23 -16.21
C ALA E 74 3.04 40.89 -15.08
N ILE E 75 4.37 40.76 -15.16
CA ILE E 75 5.27 41.21 -14.11
C ILE E 75 6.10 42.37 -14.65
N ASP E 76 6.09 43.50 -13.93
CA ASP E 76 6.88 44.65 -14.31
C ASP E 76 7.14 45.51 -13.06
N ASP E 77 8.42 45.63 -12.69
CA ASP E 77 8.89 46.59 -11.70
C ASP E 77 8.16 46.40 -10.37
N GLY E 78 8.04 45.13 -9.95
CA GLY E 78 7.50 44.80 -8.64
C GLY E 78 5.97 44.86 -8.56
N THR E 79 5.31 44.98 -9.73
CA THR E 79 3.86 44.93 -9.82
C THR E 79 3.44 43.76 -10.70
N VAL E 80 2.28 43.17 -10.41
CA VAL E 80 1.78 41.99 -11.12
C VAL E 80 0.29 42.17 -11.36
N THR E 81 -0.17 41.86 -12.59
CA THR E 81 -1.58 41.78 -12.90
C THR E 81 -1.94 40.36 -13.32
N TYR E 82 -3.24 40.03 -13.24
CA TYR E 82 -3.75 38.71 -13.59
C TYR E 82 -4.84 38.81 -14.65
N GLN E 83 -4.84 37.87 -15.59
CA GLN E 83 -5.92 37.67 -16.55
C GLN E 83 -6.16 36.19 -16.75
N CYS E 84 -7.37 35.82 -17.15
CA CYS E 84 -7.66 34.47 -17.62
C CYS E 84 -8.75 34.52 -18.69
N ARG E 85 -8.60 33.63 -19.68
CA ARG E 85 -9.45 33.62 -20.86
C ARG E 85 -9.47 32.20 -21.44
N PHE E 86 -10.66 31.69 -21.75
CA PHE E 86 -10.78 30.39 -22.40
C PHE E 86 -10.13 30.42 -23.77
N LEU E 87 -9.44 29.33 -24.10
CA LEU E 87 -8.94 29.11 -25.44
C LEU E 87 -10.14 28.84 -26.35
N ARG E 88 -10.24 29.59 -27.45
CA ARG E 88 -11.39 29.49 -28.34
C ARG E 88 -11.14 28.35 -29.32
N THR E 89 -11.46 27.13 -28.88
CA THR E 89 -11.22 25.93 -29.65
C THR E 89 -12.45 25.60 -30.51
N ASN E 90 -12.24 24.71 -31.49
CA ASN E 90 -13.33 24.19 -32.31
C ASN E 90 -14.35 23.50 -31.42
N THR E 91 -13.86 22.72 -30.44
CA THR E 91 -14.73 21.98 -29.53
C THR E 91 -15.60 22.93 -28.71
N LEU E 92 -14.99 24.01 -28.19
CA LEU E 92 -15.73 24.97 -27.38
C LEU E 92 -16.81 25.64 -28.24
N LYS E 93 -16.46 26.01 -29.47
CA LYS E 93 -17.40 26.66 -30.39
C LYS E 93 -18.59 25.74 -30.67
N LYS E 94 -18.30 24.47 -30.98
CA LYS E 94 -19.34 23.50 -31.32
C LYS E 94 -20.23 23.22 -30.11
N ASN E 95 -19.63 23.07 -28.94
CA ASN E 95 -20.36 22.74 -27.72
C ASN E 95 -21.23 23.93 -27.29
N ARG E 96 -20.73 25.15 -27.44
CA ARG E 96 -21.46 26.34 -27.05
C ARG E 96 -22.63 26.59 -28.00
N ALA E 97 -22.39 26.38 -29.30
CA ALA E 97 -23.42 26.50 -30.33
C ALA E 97 -24.58 25.52 -30.16
N ALA E 98 -24.29 24.33 -29.63
CA ALA E 98 -25.30 23.32 -29.36
C ALA E 98 -25.82 23.45 -27.92
N ASN E 99 -25.03 24.08 -27.06
CA ASN E 99 -25.31 24.20 -25.63
C ASN E 99 -25.32 22.81 -25.00
N ARG E 100 -24.44 21.93 -25.49
CA ARG E 100 -24.26 20.60 -24.93
C ARG E 100 -23.00 19.98 -25.50
N ILE E 101 -22.62 18.81 -24.97
CA ILE E 101 -21.42 18.11 -25.40
C ILE E 101 -21.73 17.36 -26.70
N VAL E 102 -21.16 17.83 -27.81
CA VAL E 102 -21.41 17.26 -29.12
C VAL E 102 -20.12 16.72 -29.72
N VAL E 103 -19.00 16.81 -28.98
CA VAL E 103 -17.72 16.28 -29.44
C VAL E 103 -17.26 15.23 -28.45
N THR E 104 -16.87 14.06 -28.97
CA THR E 104 -16.37 12.96 -28.16
C THR E 104 -15.05 13.35 -27.52
N GLU E 105 -14.92 13.06 -26.23
CA GLU E 105 -13.75 13.45 -25.44
C GLU E 105 -13.06 12.20 -24.90
N PHE E 106 -11.93 12.44 -24.22
CA PHE E 106 -11.15 11.39 -23.56
C PHE E 106 -12.04 10.58 -22.62
N GLY E 107 -12.81 11.27 -21.77
CA GLY E 107 -13.55 10.61 -20.71
C GLY E 107 -15.06 10.78 -20.80
N THR E 108 -15.55 11.43 -21.86
CA THR E 108 -16.96 11.75 -22.01
C THR E 108 -17.41 11.48 -23.44
N LYS E 109 -18.54 10.79 -23.60
CA LYS E 109 -19.10 10.62 -24.94
C LYS E 109 -19.98 11.82 -25.25
N SER E 110 -20.10 12.13 -26.54
CA SER E 110 -20.97 13.22 -27.00
C SER E 110 -22.42 12.82 -26.84
N ALA E 111 -23.28 13.83 -26.66
CA ALA E 111 -24.70 13.62 -26.42
C ALA E 111 -25.49 14.69 -27.17
N PRO E 112 -25.55 14.63 -28.52
CA PRO E 112 -26.24 15.65 -29.31
C PRO E 112 -27.75 15.60 -29.06
N ASP E 113 -28.43 16.73 -29.28
CA ASP E 113 -29.86 16.83 -29.10
C ASP E 113 -30.52 15.65 -29.82
N PRO E 114 -31.45 14.90 -29.18
CA PRO E 114 -32.08 13.75 -29.84
C PRO E 114 -32.92 14.10 -31.08
N CSO E 115 -33.17 15.41 -31.31
CA CSO E 115 -33.86 15.87 -32.50
CB CSO E 115 -34.28 17.33 -32.35
SG CSO E 115 -36.07 17.63 -32.43
C CSO E 115 -33.02 15.70 -33.77
O CSO E 115 -33.58 15.67 -34.87
OD CSO E 115 -36.81 16.16 -32.55
N HIS E 116 -31.68 15.63 -33.63
CA HIS E 116 -30.71 15.53 -34.76
C HIS E 116 -31.04 14.34 -35.65
N THR E 117 -30.83 14.52 -36.97
CA THR E 117 -31.05 13.45 -37.94
C THR E 117 -29.71 12.84 -38.33
N ILE E 118 -29.78 11.80 -39.17
CA ILE E 118 -28.60 11.12 -39.69
C ILE E 118 -27.75 12.12 -40.47
N PHE E 119 -28.40 13.02 -41.21
CA PHE E 119 -27.70 13.97 -42.07
C PHE E 119 -26.86 14.93 -41.21
N ASP E 120 -27.40 15.33 -40.05
CA ASP E 120 -26.70 16.21 -39.13
C ASP E 120 -25.37 15.57 -38.74
N ARG E 121 -25.42 14.26 -38.43
CA ARG E 121 -24.26 13.53 -37.96
C ARG E 121 -23.25 13.36 -39.11
N VAL E 122 -23.77 13.16 -40.33
CA VAL E 122 -22.93 13.01 -41.52
C VAL E 122 -22.26 14.35 -41.85
N ALA E 123 -23.06 15.42 -41.87
CA ALA E 123 -22.65 16.72 -42.39
C ALA E 123 -21.25 17.10 -41.89
N HIS E 131 -12.04 16.06 -36.85
CA HIS E 131 -11.84 14.60 -36.69
C HIS E 131 -11.87 14.20 -35.21
N MET E 132 -11.33 15.08 -34.35
CA MET E 132 -11.14 14.78 -32.94
C MET E 132 -11.00 16.09 -32.17
N SER E 133 -11.43 16.09 -30.90
CA SER E 133 -11.41 17.28 -30.07
C SER E 133 -10.05 17.96 -30.14
N ASP E 134 -10.06 19.29 -30.06
CA ASP E 134 -8.85 20.10 -30.11
C ASP E 134 -8.71 20.92 -28.83
N ASN E 135 -9.06 20.30 -27.70
CA ASN E 135 -9.05 20.98 -26.41
C ASN E 135 -7.61 21.05 -25.91
N ALA E 136 -6.88 22.08 -26.37
CA ALA E 136 -5.46 22.21 -26.09
C ALA E 136 -5.25 22.83 -24.71
N MET E 137 -5.43 22.01 -23.67
CA MET E 137 -5.49 22.50 -22.30
C MET E 137 -4.22 22.18 -21.51
N ILE E 138 -3.27 21.46 -22.12
CA ILE E 138 -2.17 20.88 -21.36
C ILE E 138 -1.06 21.91 -21.13
N SER E 139 -0.59 22.57 -22.20
CA SER E 139 0.64 23.33 -22.12
C SER E 139 0.66 24.49 -23.12
N VAL E 140 1.68 25.34 -22.98
CA VAL E 140 1.98 26.41 -23.93
C VAL E 140 3.50 26.44 -24.15
N TYR E 141 3.92 26.56 -25.41
CA TYR E 141 5.32 26.50 -25.77
C TYR E 141 5.66 27.57 -26.80
N PRO E 142 6.88 28.15 -26.75
CA PRO E 142 7.32 29.14 -27.74
C PRO E 142 7.84 28.53 -29.03
N PHE E 143 7.27 28.97 -30.16
CA PHE E 143 7.83 28.73 -31.49
C PHE E 143 8.32 30.07 -32.05
N GLY E 144 9.62 30.34 -31.85
CA GLY E 144 10.17 31.65 -32.13
C GLY E 144 9.53 32.72 -31.25
N ASP E 145 8.86 33.70 -31.88
CA ASP E 145 8.22 34.80 -31.20
C ASP E 145 6.78 34.47 -30.85
N GLU E 146 6.28 33.33 -31.35
CA GLU E 146 4.90 32.93 -31.18
C GLU E 146 4.80 31.89 -30.06
N VAL E 147 3.59 31.76 -29.49
CA VAL E 147 3.32 30.79 -28.44
C VAL E 147 2.09 29.99 -28.82
N TYR E 148 2.16 28.66 -28.67
CA TYR E 148 1.07 27.77 -29.06
C TYR E 148 0.63 26.91 -27.87
N ALA E 149 -0.69 26.72 -27.77
CA ALA E 149 -1.29 25.83 -26.78
C ALA E 149 -1.40 24.43 -27.39
N PHE E 150 -1.16 23.42 -26.55
CA PHE E 150 -1.03 22.04 -26.99
C PHE E 150 -2.01 21.14 -26.25
N THR E 151 -2.52 20.14 -26.97
CA THR E 151 -2.88 18.85 -26.41
C THR E 151 -2.09 17.82 -27.22
N GLU E 152 -2.65 16.62 -27.41
CA GLU E 152 -1.88 15.53 -28.03
C GLU E 152 -2.52 15.10 -29.34
N GLY E 153 -3.72 15.61 -29.64
CA GLY E 153 -4.20 15.63 -31.02
C GLY E 153 -3.37 16.59 -31.86
N PRO E 154 -3.51 16.58 -33.20
CA PRO E 154 -2.62 17.33 -34.09
C PRO E 154 -2.87 18.83 -34.23
N ILE E 155 -3.98 19.35 -33.68
CA ILE E 155 -4.29 20.77 -33.81
C ILE E 155 -3.74 21.52 -32.61
N ILE E 156 -2.96 22.58 -32.89
CA ILE E 156 -2.46 23.50 -31.88
C ILE E 156 -3.03 24.89 -32.19
N HIS E 157 -3.04 25.77 -31.17
CA HIS E 157 -3.66 27.08 -31.27
C HIS E 157 -2.67 28.15 -30.81
N ARG E 158 -2.46 29.16 -31.64
CA ARG E 158 -1.61 30.28 -31.27
C ARG E 158 -2.32 31.14 -30.23
N VAL E 159 -1.55 31.66 -29.28
CA VAL E 159 -2.07 32.44 -28.17
C VAL E 159 -1.40 33.82 -28.20
N ASP E 160 -2.22 34.87 -28.05
CA ASP E 160 -1.69 36.21 -27.87
C ASP E 160 -1.18 36.31 -26.44
N THR E 161 0.11 36.62 -26.29
CA THR E 161 0.77 36.57 -24.99
C THR E 161 0.43 37.80 -24.15
N VAL E 162 -0.25 38.79 -24.77
CA VAL E 162 -0.64 40.01 -24.06
C VAL E 162 -2.12 39.94 -23.69
N THR E 163 -2.98 39.54 -24.63
CA THR E 163 -4.43 39.66 -24.46
C THR E 163 -5.10 38.32 -24.16
N LEU E 164 -4.37 37.21 -24.34
CA LEU E 164 -4.90 35.86 -24.23
C LEU E 164 -5.96 35.59 -25.29
N ASP E 165 -5.96 36.37 -26.38
CA ASP E 165 -6.78 36.05 -27.54
C ASP E 165 -6.26 34.76 -28.18
N THR E 166 -7.17 33.96 -28.73
CA THR E 166 -6.83 32.81 -29.55
C THR E 166 -6.63 33.30 -30.99
N LEU E 167 -5.44 33.07 -31.53
CA LEU E 167 -5.11 33.46 -32.90
C LEU E 167 -5.21 32.23 -33.78
N GLU E 168 -4.34 32.10 -34.79
CA GLU E 168 -4.51 31.07 -35.82
C GLU E 168 -4.27 29.67 -35.22
N GLN E 169 -4.85 28.65 -35.86
CA GLN E 169 -4.55 27.27 -35.51
C GLN E 169 -3.64 26.67 -36.58
N LYS E 170 -2.87 25.64 -36.19
CA LYS E 170 -2.02 24.89 -37.09
C LYS E 170 -2.33 23.40 -36.95
N ASN E 171 -2.36 22.69 -38.08
CA ASN E 171 -2.64 21.26 -38.11
C ASN E 171 -1.34 20.51 -38.40
N MET E 172 -0.92 19.66 -37.46
CA MET E 172 0.38 19.01 -37.54
C MET E 172 0.35 17.84 -38.51
N THR E 173 -0.84 17.33 -38.83
CA THR E 173 -0.97 16.32 -39.88
C THR E 173 -0.65 16.95 -41.23
N ASP E 174 -1.26 18.11 -41.51
CA ASP E 174 -0.97 18.85 -42.73
C ASP E 174 0.50 19.27 -42.75
N CYS E 175 1.03 19.64 -41.58
CA CYS E 175 2.33 20.26 -41.48
C CYS E 175 3.47 19.26 -41.67
N VAL E 176 3.42 18.12 -40.96
CA VAL E 176 4.50 17.14 -40.97
C VAL E 176 3.98 15.71 -40.79
N ALA E 177 2.70 15.47 -41.10
CA ALA E 177 2.13 14.14 -41.14
C ALA E 177 2.09 13.48 -39.76
N LEU E 178 1.92 14.29 -38.70
CA LEU E 178 1.71 13.77 -37.35
C LEU E 178 0.21 13.60 -37.13
N VAL E 179 -0.22 12.37 -36.81
CA VAL E 179 -1.60 12.11 -36.45
C VAL E 179 -1.81 12.41 -34.97
N ASN E 180 -0.72 12.39 -34.19
CA ASN E 180 -0.72 12.84 -32.81
C ASN E 180 0.70 13.23 -32.42
N HIS E 181 0.85 13.87 -31.26
CA HIS E 181 2.15 14.29 -30.77
C HIS E 181 2.10 14.47 -29.25
N THR E 182 3.28 14.62 -28.62
CA THR E 182 3.33 14.93 -27.20
C THR E 182 2.96 16.40 -27.01
N SER E 183 2.52 16.73 -25.80
CA SER E 183 2.22 18.12 -25.45
C SER E 183 3.44 18.77 -24.77
N HIS E 184 4.61 18.16 -24.95
CA HIS E 184 5.84 18.63 -24.33
C HIS E 184 6.99 18.58 -25.34
N PRO E 185 6.96 19.42 -26.40
CA PRO E 185 8.10 19.55 -27.29
C PRO E 185 9.33 20.08 -26.54
N HIS E 186 10.50 19.89 -27.12
CA HIS E 186 11.74 20.44 -26.60
C HIS E 186 12.12 21.68 -27.41
N VAL E 187 12.52 22.73 -26.70
CA VAL E 187 12.89 24.01 -27.30
C VAL E 187 14.38 24.21 -27.11
N MET E 188 15.11 24.40 -28.22
CA MET E 188 16.56 24.51 -28.18
C MET E 188 16.93 25.98 -27.96
N PRO E 189 18.13 26.28 -27.42
CA PRO E 189 18.59 27.66 -27.25
C PRO E 189 18.52 28.54 -28.50
N ASN E 190 18.65 27.92 -29.68
CA ASN E 190 18.64 28.65 -30.94
C ASN E 190 17.21 28.86 -31.45
N GLY E 191 16.20 28.35 -30.73
CA GLY E 191 14.82 28.54 -31.10
C GLY E 191 14.19 27.33 -31.78
N ASP E 192 15.02 26.39 -32.24
CA ASP E 192 14.54 25.16 -32.85
C ASP E 192 13.62 24.43 -31.88
N VAL E 193 12.56 23.81 -32.41
CA VAL E 193 11.64 23.01 -31.63
C VAL E 193 11.62 21.59 -32.19
N TYR E 194 11.72 20.60 -31.29
CA TYR E 194 11.54 19.20 -31.64
C TYR E 194 10.33 18.66 -30.91
N ASN E 195 9.58 17.78 -31.58
CA ASN E 195 8.50 17.05 -30.93
C ASN E 195 8.42 15.65 -31.50
N VAL E 196 7.87 14.73 -30.69
CA VAL E 196 7.68 13.34 -31.09
C VAL E 196 6.19 13.11 -31.27
N GLY E 197 5.85 12.25 -32.25
CA GLY E 197 4.48 11.90 -32.54
C GLY E 197 4.40 10.66 -33.43
N MET E 198 3.17 10.24 -33.73
CA MET E 198 2.94 9.10 -34.61
C MET E 198 2.65 9.59 -36.02
N SER E 199 3.13 8.83 -37.00
CA SER E 199 2.88 9.08 -38.41
C SER E 199 2.64 7.75 -39.11
N VAL E 200 1.81 7.77 -40.17
CA VAL E 200 1.63 6.60 -41.00
C VAL E 200 2.64 6.68 -42.15
N VAL E 201 3.64 5.79 -42.12
CA VAL E 201 4.71 5.77 -43.11
C VAL E 201 4.63 4.44 -43.85
N LYS E 202 4.37 4.53 -45.17
CA LYS E 202 4.19 3.37 -46.03
C LYS E 202 3.19 2.39 -45.40
N GLY E 203 2.05 2.92 -44.93
CA GLY E 203 0.96 2.11 -44.43
C GLY E 203 1.22 1.52 -43.03
N ARG E 204 2.27 2.00 -42.35
CA ARG E 204 2.66 1.48 -41.05
C ARG E 204 2.77 2.63 -40.05
N ILE E 205 2.37 2.38 -38.79
CA ILE E 205 2.59 3.34 -37.72
C ILE E 205 4.09 3.45 -37.43
N ARG E 206 4.58 4.68 -37.38
CA ARG E 206 5.94 4.95 -36.91
C ARG E 206 5.92 6.12 -35.94
N HIS E 207 6.78 6.04 -34.93
CA HIS E 207 7.11 7.16 -34.08
C HIS E 207 8.14 8.01 -34.83
N VAL E 208 7.87 9.31 -34.95
CA VAL E 208 8.76 10.20 -35.69
C VAL E 208 9.11 11.39 -34.80
N VAL E 209 10.31 11.94 -35.05
CA VAL E 209 10.71 13.21 -34.47
C VAL E 209 10.60 14.28 -35.55
N ALA E 210 9.74 15.27 -35.32
CA ALA E 210 9.60 16.42 -36.21
C ALA E 210 10.46 17.56 -35.69
N LYS E 211 11.16 18.25 -36.60
CA LYS E 211 11.93 19.44 -36.27
C LYS E 211 11.23 20.66 -36.88
N PHE E 212 11.06 21.70 -36.06
CA PHE E 212 10.55 22.99 -36.50
C PHE E 212 11.68 24.00 -36.39
N PRO E 213 12.43 24.26 -37.49
CA PRO E 213 13.66 25.03 -37.42
C PRO E 213 13.37 26.53 -37.30
N PHE E 214 14.09 27.20 -36.41
CA PHE E 214 13.93 28.62 -36.21
C PHE E 214 14.51 29.40 -37.38
N THR E 215 13.72 30.38 -37.87
CA THR E 215 14.11 31.19 -39.02
C THR E 215 13.56 32.60 -38.83
N GLU E 216 14.41 33.59 -39.15
CA GLU E 216 14.00 34.99 -39.18
C GLU E 216 13.31 35.29 -40.50
N LYS E 217 13.83 34.70 -41.59
CA LYS E 217 13.40 35.01 -42.95
C LYS E 217 12.24 34.10 -43.41
N GLY E 218 11.88 33.09 -42.62
CA GLY E 218 10.96 32.06 -43.06
C GLY E 218 9.90 31.73 -42.03
N ASP E 219 9.36 30.51 -42.13
CA ASP E 219 8.27 30.05 -41.28
C ASP E 219 8.64 28.68 -40.72
N MET E 220 8.53 28.53 -39.38
CA MET E 220 9.00 27.36 -38.68
C MET E 220 8.16 26.12 -39.03
N PHE E 221 6.89 26.36 -39.37
CA PHE E 221 5.95 25.28 -39.69
C PHE E 221 6.10 24.87 -41.15
N LYS E 222 6.32 25.84 -42.04
CA LYS E 222 6.53 25.58 -43.46
C LYS E 222 7.80 24.76 -43.66
N SER E 223 8.85 25.06 -42.90
CA SER E 223 10.14 24.40 -43.04
C SER E 223 10.26 23.18 -42.12
N ALA E 224 9.15 22.75 -41.51
CA ALA E 224 9.18 21.62 -40.58
C ALA E 224 9.38 20.31 -41.35
N HIS E 225 10.18 19.41 -40.78
CA HIS E 225 10.49 18.15 -41.42
C HIS E 225 10.84 17.09 -40.39
N ILE E 226 10.69 15.81 -40.78
N ILE E 226 10.69 15.82 -40.78
CA ILE E 226 11.01 14.68 -39.93
CA ILE E 226 11.01 14.68 -39.93
C ILE E 226 12.52 14.45 -39.96
C ILE E 226 12.52 14.46 -39.97
N VAL E 227 13.13 14.28 -38.78
CA VAL E 227 14.58 14.13 -38.66
C VAL E 227 14.94 12.78 -38.06
N ALA E 228 13.96 12.04 -37.53
CA ALA E 228 14.23 10.70 -37.00
C ALA E 228 12.93 9.91 -36.91
N SER E 229 13.05 8.59 -36.85
CA SER E 229 11.88 7.73 -36.73
C SER E 229 12.26 6.38 -36.14
N MET E 230 11.22 5.66 -35.69
CA MET E 230 11.39 4.42 -34.94
C MET E 230 10.12 3.59 -35.14
N ALA E 231 10.30 2.29 -35.40
CA ALA E 231 9.18 1.38 -35.48
C ALA E 231 8.62 1.13 -34.08
N PRO E 232 7.29 1.08 -33.90
CA PRO E 232 6.71 0.68 -32.61
C PRO E 232 7.02 -0.78 -32.30
N ARG E 233 7.03 -1.11 -31.01
CA ARG E 233 7.25 -2.48 -30.60
C ARG E 233 6.12 -3.36 -31.14
N TRP E 234 4.89 -2.83 -31.09
CA TRP E 234 3.69 -3.51 -31.54
C TRP E 234 2.97 -2.64 -32.57
N ALA E 235 2.81 -3.18 -33.79
CA ALA E 235 2.50 -2.40 -34.97
C ALA E 235 1.18 -1.65 -34.82
N LEU E 236 0.19 -2.28 -34.18
CA LEU E 236 -1.14 -1.68 -34.03
C LEU E 236 -1.38 -1.21 -32.59
N HIS E 237 -0.33 -1.26 -31.75
CA HIS E 237 -0.42 -0.85 -30.36
C HIS E 237 0.81 -0.02 -30.00
N PRO E 238 1.01 1.16 -30.64
CA PRO E 238 2.15 2.02 -30.34
C PRO E 238 2.06 2.54 -28.90
N ALA E 239 3.23 2.66 -28.26
CA ALA E 239 3.30 3.11 -26.87
C ALA E 239 2.81 4.56 -26.78
N TYR E 240 2.05 4.84 -25.72
CA TYR E 240 1.71 6.20 -25.36
C TYR E 240 2.93 6.88 -24.72
N MET E 241 3.18 8.14 -25.08
CA MET E 241 4.22 8.90 -24.42
C MET E 241 3.79 10.37 -24.29
N HIS E 242 3.93 10.88 -23.07
CA HIS E 242 3.56 12.26 -22.74
C HIS E 242 4.77 13.17 -22.92
N THR E 243 5.96 12.62 -22.69
CA THR E 243 7.20 13.36 -22.88
C THR E 243 8.24 12.46 -23.56
N PHE E 244 9.33 13.10 -24.02
CA PHE E 244 10.48 12.40 -24.54
C PHE E 244 11.73 13.18 -24.11
N GLY E 245 12.89 12.56 -24.31
CA GLY E 245 14.15 13.15 -23.91
C GLY E 245 15.00 13.58 -25.10
N ILE E 246 16.00 14.43 -24.82
CA ILE E 246 16.98 14.80 -25.81
C ILE E 246 18.32 14.97 -25.11
N THR E 247 19.38 14.43 -25.73
CA THR E 247 20.74 14.59 -25.27
C THR E 247 21.55 15.23 -26.39
N GLU E 248 22.86 15.37 -26.18
CA GLU E 248 23.76 15.95 -27.18
C GLU E 248 23.62 15.21 -28.51
N ASN E 249 23.56 13.88 -28.46
CA ASN E 249 23.67 13.06 -29.66
C ASN E 249 22.39 12.29 -29.97
N TYR E 250 21.42 12.27 -29.05
CA TYR E 250 20.29 11.35 -29.17
C TYR E 250 18.95 12.04 -28.88
N PHE E 251 17.92 11.55 -29.56
CA PHE E 251 16.55 11.65 -29.07
C PHE E 251 16.28 10.41 -28.24
N VAL E 252 15.64 10.60 -27.07
CA VAL E 252 15.39 9.52 -26.14
C VAL E 252 13.88 9.25 -26.11
N ILE E 253 13.50 8.04 -26.52
CA ILE E 253 12.11 7.61 -26.53
C ILE E 253 11.94 6.56 -25.44
N VAL E 254 11.06 6.84 -24.48
CA VAL E 254 10.72 5.88 -23.44
C VAL E 254 9.46 5.14 -23.87
N GLU E 255 9.62 3.86 -24.19
CA GLU E 255 8.53 3.03 -24.69
C GLU E 255 7.97 2.20 -23.54
N GLN E 256 6.90 2.69 -22.92
CA GLN E 256 6.32 2.08 -21.74
C GLN E 256 5.19 1.14 -22.16
N PRO E 257 4.83 0.14 -21.34
CA PRO E 257 3.78 -0.82 -21.71
C PRO E 257 2.34 -0.31 -21.54
N LEU E 258 2.13 1.00 -21.75
CA LEU E 258 0.82 1.54 -22.02
C LEU E 258 0.76 1.91 -23.49
N SER E 259 -0.21 1.32 -24.21
CA SER E 259 -0.33 1.48 -25.65
C SER E 259 -1.64 2.16 -26.00
N ILE E 260 -1.65 2.82 -27.17
CA ILE E 260 -2.88 3.24 -27.82
C ILE E 260 -3.23 2.17 -28.86
N SER E 261 -4.40 1.55 -28.72
CA SER E 261 -4.93 0.68 -29.76
C SER E 261 -5.41 1.51 -30.95
N VAL E 262 -4.70 1.39 -32.08
CA VAL E 262 -5.00 2.14 -33.28
C VAL E 262 -6.45 1.88 -33.71
N TYR E 263 -6.82 0.60 -33.78
CA TYR E 263 -8.16 0.22 -34.23
C TYR E 263 -9.18 0.57 -33.14
N GLY E 264 -8.80 0.40 -31.87
CA GLY E 264 -9.63 0.82 -30.75
C GLY E 264 -9.98 2.30 -30.83
N LEU E 265 -8.99 3.15 -31.09
CA LEU E 265 -9.20 4.60 -31.13
C LEU E 265 -10.10 4.97 -32.30
N MET E 266 -9.86 4.36 -33.47
CA MET E 266 -10.67 4.58 -34.65
C MET E 266 -12.13 4.19 -34.35
N THR E 267 -12.31 3.00 -33.73
CA THR E 267 -13.63 2.51 -33.36
C THR E 267 -14.35 3.51 -32.47
N ASN E 268 -13.65 3.97 -31.41
CA ASN E 268 -14.27 4.82 -30.41
C ASN E 268 -14.65 6.17 -31.01
N LEU E 269 -13.81 6.69 -31.91
CA LEU E 269 -14.10 7.93 -32.61
C LEU E 269 -15.38 7.79 -33.44
N ILE E 270 -15.53 6.66 -34.13
CA ILE E 270 -16.67 6.42 -35.01
C ILE E 270 -17.92 6.18 -34.17
N ASN E 271 -17.83 5.33 -33.14
CA ASN E 271 -19.00 4.85 -32.42
C ASN E 271 -19.29 5.74 -31.21
N ASN E 272 -18.56 6.84 -31.07
CA ASN E 272 -18.75 7.78 -29.95
C ASN E 272 -18.64 7.04 -28.62
N ASN E 273 -17.49 6.38 -28.40
CA ASN E 273 -17.10 5.92 -27.07
C ASN E 273 -16.02 6.87 -26.56
N LYS E 274 -15.92 6.99 -25.23
CA LYS E 274 -14.85 7.80 -24.63
C LYS E 274 -13.51 7.23 -25.09
N LEU E 275 -12.59 8.13 -25.46
CA LEU E 275 -11.37 7.74 -26.17
C LEU E 275 -10.38 7.04 -25.22
N ALA E 276 -10.59 7.22 -23.91
CA ALA E 276 -9.76 6.60 -22.88
C ALA E 276 -9.72 5.08 -23.03
N ALA E 277 -10.81 4.49 -23.55
CA ALA E 277 -10.89 3.05 -23.75
C ALA E 277 -9.86 2.55 -24.76
N SER E 278 -9.25 3.47 -25.51
CA SER E 278 -8.22 3.15 -26.49
C SER E 278 -6.90 2.75 -25.83
N LEU E 279 -6.72 3.14 -24.56
CA LEU E 279 -5.48 2.87 -23.84
C LEU E 279 -5.48 1.42 -23.34
N LYS E 280 -4.32 0.76 -23.46
CA LYS E 280 -4.17 -0.64 -23.06
C LYS E 280 -2.90 -0.79 -22.23
N TRP E 281 -3.02 -1.46 -21.07
CA TRP E 281 -1.92 -1.69 -20.15
C TRP E 281 -1.51 -3.16 -20.23
N TYR E 282 -0.21 -3.41 -20.46
CA TYR E 282 0.35 -4.75 -20.48
C TYR E 282 1.32 -4.97 -19.32
N PRO E 283 0.82 -5.45 -18.15
CA PRO E 283 1.60 -5.41 -16.90
C PRO E 283 2.80 -6.36 -16.81
N GLU E 284 2.96 -7.26 -17.78
CA GLU E 284 4.05 -8.22 -17.73
C GLU E 284 5.21 -7.76 -18.61
N TYR E 285 5.02 -6.69 -19.39
CA TYR E 285 6.03 -6.25 -20.34
C TYR E 285 6.87 -5.13 -19.72
N GLU E 286 8.14 -5.08 -20.15
CA GLU E 286 9.10 -4.14 -19.60
C GLU E 286 9.05 -2.82 -20.37
N THR E 287 9.71 -1.81 -19.81
CA THR E 287 9.87 -0.50 -20.42
C THR E 287 11.20 -0.48 -21.16
N HIS E 288 11.20 0.04 -22.39
CA HIS E 288 12.42 0.17 -23.18
C HIS E 288 12.78 1.66 -23.29
N ILE E 289 14.08 1.95 -23.20
CA ILE E 289 14.63 3.27 -23.44
C ILE E 289 15.38 3.19 -24.77
N VAL E 290 14.91 3.96 -25.76
CA VAL E 290 15.39 3.84 -27.13
C VAL E 290 16.07 5.15 -27.53
N LEU E 291 17.30 5.05 -28.02
CA LEU E 291 18.07 6.20 -28.47
C LEU E 291 18.07 6.26 -29.99
N LEU E 292 17.58 7.38 -30.54
CA LEU E 292 17.63 7.63 -31.96
C LEU E 292 18.74 8.64 -32.23
N SER E 293 19.57 8.35 -33.24
CA SER E 293 20.69 9.21 -33.59
C SER E 293 20.17 10.54 -34.14
N ARG E 294 20.73 11.65 -33.63
CA ARG E 294 20.42 12.98 -34.14
C ARG E 294 21.12 13.20 -35.48
N THR E 295 22.11 12.36 -35.80
CA THR E 295 22.87 12.44 -37.04
C THR E 295 22.18 11.64 -38.15
N THR E 296 21.82 10.38 -37.86
CA THR E 296 21.33 9.46 -38.88
C THR E 296 19.81 9.33 -38.85
N GLY E 297 19.19 9.66 -37.70
CA GLY E 297 17.75 9.59 -37.57
C GLY E 297 17.22 8.19 -37.27
N LYS E 298 18.13 7.23 -37.06
CA LYS E 298 17.75 5.84 -36.83
C LYS E 298 18.01 5.44 -35.37
N GLU E 299 17.27 4.44 -34.90
CA GLU E 299 17.56 3.78 -33.63
C GLU E 299 18.99 3.23 -33.68
N VAL E 300 19.78 3.58 -32.66
CA VAL E 300 21.16 3.11 -32.55
C VAL E 300 21.36 2.32 -31.26
N LYS E 301 20.56 2.59 -30.22
CA LYS E 301 20.69 1.89 -28.94
C LYS E 301 19.30 1.63 -28.34
N ARG E 302 19.23 0.59 -27.51
CA ARG E 302 18.00 0.27 -26.78
C ARG E 302 18.37 -0.43 -25.47
N PHE E 303 17.72 0.00 -24.38
CA PHE E 303 17.95 -0.55 -23.06
C PHE E 303 16.61 -0.88 -22.41
N ARG E 304 16.66 -1.64 -21.31
CA ARG E 304 15.46 -2.12 -20.63
C ARG E 304 15.43 -1.64 -19.19
N THR E 305 14.21 -1.47 -18.66
CA THR E 305 14.01 -1.26 -17.23
C THR E 305 12.68 -1.89 -16.85
N ASP E 306 12.29 -1.73 -15.58
CA ASP E 306 11.08 -2.35 -15.05
C ASP E 306 9.85 -1.81 -15.75
N THR E 307 8.76 -2.59 -15.67
CA THR E 307 7.42 -2.10 -15.94
C THR E 307 7.20 -0.82 -15.14
N LEU E 308 6.93 0.29 -15.84
CA LEU E 308 6.57 1.53 -15.19
C LEU E 308 5.63 2.34 -16.07
N PHE E 309 4.95 3.31 -15.44
CA PHE E 309 4.25 4.36 -16.16
C PHE E 309 4.90 5.70 -15.81
N PHE E 310 4.96 6.61 -16.79
CA PHE E 310 5.48 7.94 -16.54
C PHE E 310 4.68 8.96 -17.36
N LEU E 311 4.70 10.20 -16.89
CA LEU E 311 4.22 11.35 -17.64
C LEU E 311 5.40 12.23 -18.01
N HIS E 312 6.20 12.63 -17.00
CA HIS E 312 7.17 13.70 -17.16
C HIS E 312 8.60 13.19 -16.93
N ILE E 313 9.40 13.25 -18.00
CA ILE E 313 10.84 13.14 -17.93
C ILE E 313 11.40 14.48 -17.45
N ILE E 314 12.30 14.42 -16.47
CA ILE E 314 12.87 15.59 -15.83
C ILE E 314 13.95 16.16 -16.75
N ASN E 315 14.91 15.29 -17.11
CA ASN E 315 16.01 15.67 -17.98
C ASN E 315 16.75 14.40 -18.40
N CYS E 316 17.45 14.49 -19.54
CA CYS E 316 18.34 13.44 -20.02
C CYS E 316 19.69 14.06 -20.36
N TYR E 317 20.77 13.29 -20.22
CA TYR E 317 22.08 13.75 -20.65
C TYR E 317 23.06 12.59 -20.77
N GLU E 318 24.14 12.85 -21.51
CA GLU E 318 25.29 11.95 -21.62
C GLU E 318 26.43 12.53 -20.79
N HIS E 319 27.14 11.66 -20.07
CA HIS E 319 28.28 12.10 -19.27
C HIS E 319 29.30 10.96 -19.13
N GLU E 320 30.47 11.16 -19.75
CA GLU E 320 31.59 10.23 -19.66
C GLU E 320 31.14 8.79 -19.93
N GLY E 321 30.45 8.60 -21.06
CA GLY E 321 30.09 7.27 -21.55
C GLY E 321 28.81 6.72 -20.93
N GLU E 322 28.18 7.49 -20.04
CA GLU E 322 26.96 7.07 -19.36
C GLU E 322 25.77 7.85 -19.91
N LEU E 323 24.61 7.18 -19.99
CA LEU E 323 23.34 7.83 -20.27
C LEU E 323 22.58 7.99 -18.95
N VAL E 324 22.04 9.19 -18.72
CA VAL E 324 21.17 9.44 -17.58
C VAL E 324 19.80 9.87 -18.09
N VAL E 325 18.76 9.19 -17.59
CA VAL E 325 17.38 9.57 -17.82
C VAL E 325 16.69 9.69 -16.46
N ASP E 326 16.35 10.92 -16.07
CA ASP E 326 15.60 11.18 -14.84
C ASP E 326 14.14 11.42 -15.20
N LEU E 327 13.23 10.73 -14.50
CA LEU E 327 11.80 10.85 -14.78
C LEU E 327 10.99 10.50 -13.53
N CYS E 328 9.73 10.97 -13.50
CA CYS E 328 8.82 10.71 -12.40
C CYS E 328 7.98 9.48 -12.75
N THR E 329 8.13 8.40 -11.96
CA THR E 329 7.63 7.08 -12.32
C THR E 329 6.45 6.68 -11.43
N TYR E 330 5.52 5.93 -12.02
CA TYR E 330 4.48 5.21 -11.30
C TYR E 330 4.62 3.71 -11.58
N LYS E 331 3.93 2.89 -10.78
CA LYS E 331 3.95 1.45 -10.97
C LYS E 331 2.97 1.06 -12.07
N ASP E 332 1.94 1.90 -12.28
CA ASP E 332 0.94 1.64 -13.31
C ASP E 332 0.31 2.98 -13.72
N ALA E 333 -0.74 2.92 -14.55
CA ALA E 333 -1.34 4.11 -15.14
C ALA E 333 -2.64 4.49 -14.45
N LYS E 334 -2.80 4.09 -13.17
CA LYS E 334 -4.06 4.28 -12.46
C LYS E 334 -4.33 5.76 -12.17
N VAL E 335 -3.32 6.62 -12.27
CA VAL E 335 -3.50 8.05 -12.05
C VAL E 335 -4.53 8.58 -13.07
N VAL E 336 -4.61 7.95 -14.24
CA VAL E 336 -5.58 8.32 -15.26
C VAL E 336 -6.99 8.09 -14.73
N ASP E 337 -7.21 6.93 -14.09
CA ASP E 337 -8.51 6.59 -13.53
C ASP E 337 -8.84 7.50 -12.34
N ALA E 338 -7.80 7.96 -11.63
CA ALA E 338 -7.97 8.80 -10.46
C ALA E 338 -8.58 10.15 -10.82
N MET E 339 -8.43 10.58 -12.09
N MET E 339 -8.43 10.58 -12.09
CA MET E 339 -8.78 11.93 -12.50
CA MET E 339 -8.78 11.92 -12.51
C MET E 339 -10.13 11.94 -13.23
C MET E 339 -10.13 11.95 -13.23
N TYR E 340 -10.89 10.85 -13.14
CA TYR E 340 -12.31 10.88 -13.46
C TYR E 340 -13.02 11.73 -12.41
N VAL E 341 -14.02 12.51 -12.84
CA VAL E 341 -14.71 13.43 -11.96
C VAL E 341 -15.30 12.67 -10.76
N HIS E 342 -15.92 11.51 -11.03
CA HIS E 342 -16.51 10.70 -9.98
C HIS E 342 -15.45 10.22 -8.98
N ALA E 343 -14.27 9.85 -9.49
CA ALA E 343 -13.18 9.37 -8.64
C ALA E 343 -12.69 10.49 -7.73
N ILE E 344 -12.58 11.71 -8.28
CA ILE E 344 -12.16 12.88 -7.50
C ILE E 344 -13.21 13.18 -6.43
N GLU E 345 -14.49 13.12 -6.81
CA GLU E 345 -15.60 13.44 -5.92
C GLU E 345 -15.62 12.52 -4.70
N THR E 346 -15.24 11.25 -4.88
CA THR E 346 -15.42 10.23 -3.85
C THR E 346 -14.08 9.79 -3.25
N MET E 347 -13.01 10.58 -3.46
CA MET E 347 -11.66 10.13 -3.14
C MET E 347 -11.47 9.99 -1.64
N GLN E 348 -12.26 10.72 -0.83
CA GLN E 348 -12.08 10.72 0.61
C GLN E 348 -12.46 9.37 1.22
N SER E 349 -13.21 8.54 0.49
CA SER E 349 -13.56 7.21 0.96
C SER E 349 -12.89 6.13 0.11
N ASN E 350 -11.87 6.51 -0.67
CA ASN E 350 -11.19 5.58 -1.56
C ASN E 350 -9.81 5.28 -0.97
N ALA E 351 -9.65 4.02 -0.50
CA ALA E 351 -8.48 3.60 0.26
C ALA E 351 -7.25 3.48 -0.65
N ASP E 352 -7.47 3.36 -1.97
CA ASP E 352 -6.39 3.13 -2.92
C ASP E 352 -5.98 4.42 -3.63
N TYR E 353 -6.68 5.53 -3.36
CA TYR E 353 -6.53 6.74 -4.16
C TYR E 353 -5.08 7.26 -4.10
N ALA E 354 -4.49 7.27 -2.90
CA ALA E 354 -3.13 7.78 -2.72
C ALA E 354 -2.13 6.92 -3.48
N GLU E 355 -2.39 5.59 -3.56
CA GLU E 355 -1.50 4.69 -4.26
C GLU E 355 -1.61 4.89 -5.78
N TRP E 356 -2.81 5.22 -6.26
CA TRP E 356 -3.01 5.55 -7.67
C TRP E 356 -2.11 6.72 -8.07
N PHE E 357 -1.95 7.69 -7.15
CA PHE E 357 -1.17 8.90 -7.41
C PHE E 357 0.29 8.74 -6.97
N ARG E 358 0.71 7.53 -6.61
CA ARG E 358 2.02 7.34 -5.99
C ARG E 358 3.12 7.40 -7.04
N ALA E 359 3.84 8.52 -7.07
CA ALA E 359 4.94 8.73 -8.00
C ALA E 359 6.27 8.81 -7.24
N LYS E 360 7.37 8.45 -7.91
CA LYS E 360 8.70 8.57 -7.35
C LYS E 360 9.66 9.04 -8.43
N PRO E 361 10.51 10.05 -8.15
CA PRO E 361 11.53 10.47 -9.11
C PRO E 361 12.69 9.47 -9.13
N LYS E 362 13.01 8.96 -10.32
CA LYS E 362 14.05 7.95 -10.46
C LYS E 362 15.07 8.37 -11.51
N ARG E 363 16.31 7.94 -11.29
CA ARG E 363 17.38 8.04 -12.27
C ARG E 363 17.60 6.68 -12.91
N LEU E 364 17.41 6.61 -14.23
CA LEU E 364 17.81 5.45 -15.03
C LEU E 364 19.19 5.74 -15.61
N GLN E 365 20.11 4.78 -15.46
CA GLN E 365 21.48 4.99 -15.89
C GLN E 365 22.04 3.70 -16.50
N VAL E 366 22.83 3.86 -17.55
CA VAL E 366 23.46 2.74 -18.26
C VAL E 366 24.66 3.27 -19.04
N SER E 367 25.64 2.39 -19.26
CA SER E 367 26.75 2.68 -20.15
C SER E 367 26.27 2.70 -21.60
N LEU E 368 26.65 3.75 -22.33
CA LEU E 368 26.19 3.96 -23.69
C LEU E 368 26.71 2.85 -24.61
N ASN E 369 27.87 2.28 -24.27
CA ASN E 369 28.50 1.28 -25.11
C ASN E 369 28.13 -0.13 -24.68
N ALA E 370 27.21 -0.26 -23.72
CA ALA E 370 26.75 -1.58 -23.28
C ALA E 370 26.00 -2.25 -24.43
N PRO E 371 25.99 -3.60 -24.51
CA PRO E 371 25.25 -4.29 -25.57
C PRO E 371 23.75 -3.96 -25.53
N LYS E 372 23.13 -3.92 -26.71
CA LYS E 372 21.73 -3.61 -26.84
C LYS E 372 20.90 -4.59 -26.01
N MET E 373 19.92 -4.04 -25.27
CA MET E 373 18.98 -4.77 -24.43
C MET E 373 19.53 -4.94 -23.01
N THR E 374 20.67 -4.32 -22.70
CA THR E 374 21.19 -4.28 -21.35
C THR E 374 20.18 -3.60 -20.43
N ARG E 375 20.05 -4.14 -19.22
CA ARG E 375 19.19 -3.56 -18.19
C ARG E 375 19.85 -2.32 -17.61
N MET E 376 19.06 -1.26 -17.47
CA MET E 376 19.53 -0.01 -16.87
C MET E 376 19.52 -0.16 -15.35
N LYS E 377 20.36 0.64 -14.68
CA LYS E 377 20.30 0.82 -13.24
C LYS E 377 19.20 1.83 -12.92
N SER E 378 18.44 1.57 -11.85
CA SER E 378 17.30 2.39 -11.48
C SER E 378 17.41 2.80 -10.01
N SER E 379 17.58 4.10 -9.75
CA SER E 379 17.77 4.63 -8.41
C SER E 379 16.72 5.70 -8.11
N ILE E 380 16.30 5.80 -6.84
CA ILE E 380 15.41 6.84 -6.39
C ILE E 380 16.22 8.11 -6.13
N LEU E 381 15.72 9.24 -6.64
CA LEU E 381 16.42 10.51 -6.57
C LEU E 381 16.10 11.25 -5.27
N ALA E 382 14.91 10.98 -4.72
CA ALA E 382 14.48 11.58 -3.47
C ALA E 382 13.32 10.76 -2.92
N ASP E 383 13.19 10.75 -1.58
CA ASP E 383 12.19 9.94 -0.90
C ASP E 383 10.92 10.76 -0.71
N ILE E 384 10.39 11.30 -1.82
CA ILE E 384 9.16 12.08 -1.80
C ILE E 384 8.56 12.05 -3.21
N GLY E 385 7.22 11.94 -3.28
CA GLY E 385 6.52 11.98 -4.56
C GLY E 385 6.62 13.36 -5.21
N CYS E 386 7.00 13.37 -6.50
CA CYS E 386 7.18 14.58 -7.29
C CYS E 386 6.38 14.48 -8.58
N GLU E 387 5.79 15.61 -9.02
CA GLU E 387 5.20 15.73 -10.34
C GLU E 387 5.39 17.14 -10.88
N THR E 388 5.06 17.29 -12.18
CA THR E 388 5.29 18.50 -12.96
C THR E 388 6.66 19.08 -12.63
N PRO E 389 7.76 18.36 -12.94
CA PRO E 389 9.11 18.84 -12.68
C PRO E 389 9.57 19.88 -13.69
N ARG E 390 10.44 20.80 -13.25
CA ARG E 390 11.11 21.74 -14.13
C ARG E 390 12.55 21.89 -13.67
N ILE E 391 13.40 22.40 -14.56
CA ILE E 391 14.81 22.63 -14.29
C ILE E 391 15.18 24.01 -14.82
N HIS E 392 16.45 24.39 -14.63
CA HIS E 392 17.03 25.52 -15.33
C HIS E 392 17.21 25.11 -16.78
N TYR E 393 16.11 25.20 -17.54
CA TYR E 393 15.94 24.51 -18.80
C TYR E 393 16.87 25.08 -19.88
N ASP E 394 17.02 26.40 -19.93
CA ASP E 394 17.71 27.08 -21.01
C ASP E 394 19.19 26.71 -21.02
N LEU E 395 19.74 26.33 -19.86
CA LEU E 395 21.16 26.09 -19.74
C LEU E 395 21.48 24.61 -19.47
N HIS E 396 20.50 23.82 -19.00
CA HIS E 396 20.79 22.50 -18.49
C HIS E 396 20.00 21.38 -19.18
N ASN E 397 18.99 21.72 -19.99
CA ASN E 397 18.27 20.68 -20.72
C ASN E 397 19.24 19.97 -21.66
N SER E 398 19.21 18.64 -21.64
CA SER E 398 20.03 17.79 -22.50
C SER E 398 21.48 17.71 -21.99
N LYS E 399 21.76 18.30 -20.82
CA LYS E 399 23.12 18.38 -20.30
C LYS E 399 23.14 17.96 -18.83
N TYR E 400 24.35 17.77 -18.31
CA TYR E 400 24.54 17.53 -16.89
C TYR E 400 23.85 18.64 -16.09
N TYR E 401 23.20 18.24 -15.00
CA TYR E 401 22.48 19.16 -14.13
C TYR E 401 22.44 18.58 -12.73
N ARG E 402 22.03 19.40 -11.75
CA ARG E 402 22.04 18.98 -10.35
C ARG E 402 20.65 19.10 -9.71
N TYR E 403 19.89 20.14 -10.07
CA TYR E 403 18.68 20.49 -9.34
C TYR E 403 17.45 20.40 -10.25
N PHE E 404 16.36 19.86 -9.69
CA PHE E 404 15.05 20.02 -10.31
C PHE E 404 14.04 20.48 -9.25
N TYR E 405 12.92 21.04 -9.73
CA TYR E 405 11.87 21.58 -8.89
C TYR E 405 10.55 20.94 -9.31
N ALA E 406 9.68 20.67 -8.33
CA ALA E 406 8.46 19.91 -8.59
C ALA E 406 7.42 20.23 -7.51
N ILE E 407 6.24 19.64 -7.67
CA ILE E 407 5.18 19.72 -6.69
C ILE E 407 4.95 18.33 -6.10
N SER E 408 4.62 18.28 -4.81
CA SER E 408 4.35 17.02 -4.13
C SER E 408 3.19 16.31 -4.80
N SER E 409 3.32 14.99 -4.95
CA SER E 409 2.28 14.16 -5.58
C SER E 409 1.67 13.19 -4.58
N ASP E 410 2.09 13.28 -3.30
CA ASP E 410 1.57 12.40 -2.26
C ASP E 410 0.27 12.96 -1.70
N VAL E 411 -0.83 12.27 -2.01
CA VAL E 411 -2.18 12.70 -1.63
C VAL E 411 -2.32 12.71 -0.10
N ASP E 412 -1.55 11.83 0.57
CA ASP E 412 -1.67 11.64 2.01
C ASP E 412 -0.58 12.40 2.77
N ALA E 413 0.12 13.33 2.09
CA ALA E 413 1.12 14.15 2.74
C ALA E 413 0.47 15.09 3.76
N GLU E 414 1.26 15.55 4.74
CA GLU E 414 0.76 16.49 5.74
C GLU E 414 0.33 17.77 5.05
N ASN E 415 1.15 18.26 4.11
CA ASN E 415 0.73 19.32 3.21
C ASN E 415 0.93 18.84 1.77
N PRO E 416 -0.16 18.49 1.04
CA PRO E 416 -0.03 17.95 -0.31
C PRO E 416 0.22 19.00 -1.41
N GLY E 417 0.35 20.27 -1.01
CA GLY E 417 0.69 21.34 -1.93
C GLY E 417 2.08 21.91 -1.68
N THR E 418 3.08 21.03 -1.64
CA THR E 418 4.44 21.40 -1.32
C THR E 418 5.23 21.61 -2.61
N VAL E 419 5.93 22.76 -2.70
CA VAL E 419 6.92 22.97 -3.74
C VAL E 419 8.24 22.38 -3.24
N ILE E 420 8.87 21.55 -4.08
CA ILE E 420 10.03 20.77 -3.69
C ILE E 420 11.20 21.11 -4.61
N LYS E 421 12.38 21.30 -4.00
CA LYS E 421 13.64 21.35 -4.73
C LYS E 421 14.44 20.10 -4.39
N VAL E 422 14.85 19.35 -5.42
CA VAL E 422 15.62 18.13 -5.22
C VAL E 422 17.05 18.37 -5.71
N ASP E 423 18.01 18.07 -4.83
CA ASP E 423 19.42 18.03 -5.17
C ASP E 423 19.76 16.58 -5.54
N THR E 424 20.02 16.33 -6.83
CA THR E 424 20.20 14.98 -7.33
C THR E 424 21.52 14.38 -6.85
N LYS E 425 22.48 15.25 -6.48
CA LYS E 425 23.78 14.80 -6.01
C LYS E 425 23.64 14.15 -4.63
N THR E 426 22.96 14.83 -3.70
CA THR E 426 22.93 14.45 -2.30
C THR E 426 21.61 13.76 -1.93
N GLY E 427 20.54 14.07 -2.67
CA GLY E 427 19.21 13.60 -2.31
C GLY E 427 18.48 14.58 -1.39
N GLU E 428 19.14 15.68 -1.01
CA GLU E 428 18.59 16.67 -0.11
C GLU E 428 17.39 17.35 -0.78
N THR E 429 16.33 17.58 0.00
CA THR E 429 15.17 18.31 -0.47
C THR E 429 14.99 19.58 0.36
N LYS E 430 14.50 20.63 -0.30
CA LYS E 430 14.08 21.87 0.35
C LYS E 430 12.66 22.18 -0.14
N THR E 431 11.83 22.75 0.74
CA THR E 431 10.40 22.77 0.51
C THR E 431 9.80 24.12 0.88
N TRP E 432 8.66 24.41 0.23
CA TRP E 432 7.77 25.50 0.62
C TRP E 432 6.34 24.96 0.62
N CYS E 433 5.58 25.32 1.66
CA CYS E 433 4.16 25.01 1.72
C CYS E 433 3.50 25.91 2.75
N ARG E 434 2.20 26.15 2.55
CA ARG E 434 1.37 26.97 3.42
C ARG E 434 0.00 26.30 3.53
N PRO E 435 -0.74 26.51 4.64
CA PRO E 435 -2.00 25.80 4.85
C PRO E 435 -3.03 26.07 3.76
N ASN E 436 -3.68 25.00 3.29
CA ASN E 436 -4.81 25.07 2.37
C ASN E 436 -4.40 25.69 1.03
N CYS E 437 -3.11 25.61 0.69
CA CYS E 437 -2.59 26.26 -0.50
C CYS E 437 -2.05 25.21 -1.46
N TYR E 438 -2.37 25.39 -2.75
CA TYR E 438 -2.04 24.41 -3.79
C TYR E 438 -1.26 25.13 -4.90
N PRO E 439 0.09 25.12 -4.85
CA PRO E 439 0.92 25.74 -5.88
C PRO E 439 0.99 24.92 -7.15
N SER E 440 1.26 25.60 -8.27
CA SER E 440 1.42 24.97 -9.57
C SER E 440 2.89 24.59 -9.76
N GLU E 441 3.11 23.77 -10.78
CA GLU E 441 4.40 23.61 -11.43
C GLU E 441 5.24 24.88 -11.24
N PRO E 442 6.43 24.78 -10.61
CA PRO E 442 7.32 25.93 -10.49
C PRO E 442 8.21 26.08 -11.71
N ILE E 443 8.38 27.33 -12.20
CA ILE E 443 9.21 27.59 -13.35
C ILE E 443 10.40 28.44 -12.91
N PHE E 444 11.60 28.00 -13.33
CA PHE E 444 12.84 28.63 -12.92
C PHE E 444 13.17 29.80 -13.85
N VAL E 445 13.57 30.92 -13.24
CA VAL E 445 14.04 32.09 -13.98
C VAL E 445 15.40 32.47 -13.40
N PRO E 446 16.48 32.50 -14.21
CA PRO E 446 17.82 32.80 -13.69
C PRO E 446 17.98 34.28 -13.35
N SER E 447 18.86 34.58 -12.39
CA SER E 447 19.21 35.94 -12.04
C SER E 447 20.04 36.58 -13.15
N PRO E 448 20.03 37.92 -13.29
CA PRO E 448 20.79 38.62 -14.34
C PRO E 448 22.25 38.19 -14.49
N ASN E 449 22.98 38.13 -13.38
CA ASN E 449 24.40 37.78 -13.40
C ASN E 449 24.59 36.40 -12.77
N ALA E 450 23.81 35.42 -13.23
CA ALA E 450 23.75 34.12 -12.59
C ALA E 450 25.10 33.42 -12.68
N LYS E 451 25.54 32.88 -11.53
CA LYS E 451 26.81 32.16 -11.46
C LYS E 451 26.54 30.65 -11.39
N ASP E 452 25.60 30.26 -10.53
CA ASP E 452 25.30 28.85 -10.26
C ASP E 452 24.03 28.43 -10.99
N GLU E 453 23.80 27.12 -11.05
CA GLU E 453 22.65 26.52 -11.69
C GLU E 453 21.35 27.00 -11.02
N ASP E 454 21.38 27.16 -9.69
CA ASP E 454 20.18 27.49 -8.93
C ASP E 454 20.19 28.96 -8.51
N ASP E 455 20.96 29.79 -9.22
CA ASP E 455 21.00 31.22 -8.96
C ASP E 455 19.85 31.88 -9.71
N GLY E 456 18.67 31.91 -9.07
CA GLY E 456 17.48 32.48 -9.68
C GLY E 456 16.24 32.34 -8.79
N VAL E 457 15.05 32.42 -9.40
CA VAL E 457 13.80 32.34 -8.66
C VAL E 457 12.88 31.30 -9.31
N LEU E 458 11.88 30.87 -8.53
CA LEU E 458 10.80 30.03 -9.04
C LEU E 458 9.51 30.82 -9.05
N LEU E 459 8.78 30.75 -10.17
CA LEU E 459 7.44 31.30 -10.26
C LEU E 459 6.43 30.16 -10.19
N SER E 460 5.41 30.34 -9.34
CA SER E 460 4.33 29.36 -9.19
C SER E 460 3.00 30.10 -9.05
N ALA E 461 1.98 29.58 -9.73
CA ALA E 461 0.61 30.08 -9.58
C ALA E 461 -0.06 29.30 -8.45
N LEU E 462 -0.71 30.02 -7.52
CA LEU E 462 -1.36 29.41 -6.37
C LEU E 462 -2.88 29.44 -6.54
N VAL E 463 -3.54 28.38 -6.07
CA VAL E 463 -4.94 28.43 -5.68
C VAL E 463 -5.05 27.93 -4.25
N TRP E 464 -6.21 28.15 -3.63
CA TRP E 464 -6.48 27.66 -2.29
C TRP E 464 -7.66 26.69 -2.32
N GLY E 465 -7.77 25.86 -1.28
CA GLY E 465 -8.84 24.88 -1.17
C GLY E 465 -9.98 25.38 -0.29
N GLY E 466 -10.90 24.47 0.04
CA GLY E 466 -12.05 24.78 0.88
C GLY E 466 -12.93 25.85 0.24
N GLU E 467 -13.30 26.86 1.04
CA GLU E 467 -14.20 27.91 0.63
C GLU E 467 -13.46 29.05 -0.07
N MET E 468 -12.12 29.01 -0.07
CA MET E 468 -11.32 30.06 -0.68
C MET E 468 -11.10 29.73 -2.16
N ASN E 469 -12.20 29.66 -2.92
CA ASN E 469 -12.20 29.08 -4.25
C ASN E 469 -12.18 30.15 -5.35
N GLN E 470 -12.00 31.42 -4.98
CA GLN E 470 -12.01 32.53 -5.92
C GLN E 470 -10.79 33.40 -5.67
N THR E 471 -9.64 32.75 -5.40
CA THR E 471 -8.39 33.46 -5.17
C THR E 471 -7.27 32.77 -5.94
N VAL E 472 -6.45 33.57 -6.61
CA VAL E 472 -5.27 33.09 -7.34
C VAL E 472 -4.11 34.00 -6.95
N ALA E 473 -2.89 33.49 -7.04
CA ALA E 473 -1.72 34.27 -6.67
C ALA E 473 -0.50 33.84 -7.48
N LEU E 474 0.46 34.77 -7.62
CA LEU E 474 1.78 34.47 -8.14
C LEU E 474 2.76 34.45 -6.97
N LEU E 475 3.42 33.30 -6.78
CA LEU E 475 4.44 33.13 -5.77
C LEU E 475 5.82 33.20 -6.41
N VAL E 476 6.74 33.93 -5.78
N VAL E 476 6.75 33.94 -5.80
CA VAL E 476 8.13 33.99 -6.21
CA VAL E 476 8.13 33.95 -6.24
C VAL E 476 9.02 33.48 -5.06
C VAL E 476 9.02 33.49 -5.08
N LEU E 477 9.70 32.35 -5.29
CA LEU E 477 10.63 31.78 -4.31
C LEU E 477 12.07 32.01 -4.76
N ASN E 478 12.98 32.15 -3.77
CA ASN E 478 14.41 32.08 -3.97
C ASN E 478 14.78 30.64 -4.25
N ALA E 479 15.39 30.38 -5.41
CA ALA E 479 15.64 29.02 -5.88
C ALA E 479 16.73 28.34 -5.04
N LYS E 480 17.62 29.12 -4.42
CA LYS E 480 18.68 28.57 -3.59
C LYS E 480 18.12 28.03 -2.28
N THR E 481 17.24 28.81 -1.64
CA THR E 481 16.84 28.51 -0.27
C THR E 481 15.38 28.08 -0.15
N MET E 482 14.59 28.32 -1.20
CA MET E 482 13.15 28.10 -1.24
C MET E 482 12.40 29.11 -0.34
N GLU E 483 13.07 30.20 0.04
CA GLU E 483 12.47 31.25 0.84
C GLU E 483 11.48 32.03 -0.01
N GLU E 484 10.31 32.34 0.55
CA GLU E 484 9.33 33.18 -0.14
C GLU E 484 9.88 34.61 -0.24
N MET E 485 9.94 35.12 -1.47
N MET E 485 9.95 35.13 -1.47
CA MET E 485 10.51 36.43 -1.72
CA MET E 485 10.52 36.44 -1.73
C MET E 485 9.39 37.47 -1.79
C MET E 485 9.39 37.47 -1.79
N GLY E 486 8.33 37.13 -2.53
CA GLY E 486 7.16 37.97 -2.67
C GLY E 486 5.96 37.16 -3.16
N ARG E 487 4.77 37.75 -3.05
CA ARG E 487 3.54 37.10 -3.49
C ARG E 487 2.52 38.17 -3.87
N ALA E 488 1.87 37.97 -5.03
CA ALA E 488 0.79 38.84 -5.48
C ALA E 488 -0.50 38.03 -5.52
N THR E 489 -1.53 38.50 -4.80
CA THR E 489 -2.76 37.75 -4.62
C THR E 489 -3.92 38.51 -5.26
N PHE E 490 -4.79 37.79 -5.95
CA PHE E 490 -5.90 38.35 -6.71
C PHE E 490 -7.18 37.59 -6.40
N ASN E 491 -8.30 38.31 -6.37
CA ASN E 491 -9.60 37.72 -6.14
C ASN E 491 -10.36 37.74 -7.46
N THR E 492 -10.88 36.57 -7.87
CA THR E 492 -11.51 36.40 -9.16
C THR E 492 -13.02 36.49 -8.98
N PRO E 493 -13.77 36.96 -10.01
CA PRO E 493 -15.22 37.09 -9.92
C PRO E 493 -15.98 35.76 -9.94
N SER E 494 -15.29 34.66 -10.29
CA SER E 494 -15.89 33.34 -10.29
C SER E 494 -14.85 32.31 -9.86
N PRO E 495 -15.22 31.02 -9.68
CA PRO E 495 -14.27 30.00 -9.23
C PRO E 495 -12.97 29.99 -10.04
N ALA E 496 -11.85 29.80 -9.33
CA ALA E 496 -10.51 29.87 -9.91
C ALA E 496 -9.95 28.46 -10.12
N PRO E 497 -10.00 27.90 -11.36
CA PRO E 497 -9.58 26.52 -11.60
C PRO E 497 -8.06 26.35 -11.58
N LYS E 498 -7.61 25.17 -11.16
CA LYS E 498 -6.19 24.85 -11.03
C LYS E 498 -5.62 24.54 -12.42
N CYS E 499 -4.44 25.12 -12.72
CA CYS E 499 -3.81 24.97 -14.02
C CYS E 499 -2.85 23.79 -14.02
N LEU E 500 -2.25 23.50 -15.19
CA LEU E 500 -1.33 22.37 -15.35
C LEU E 500 0.09 22.87 -15.62
N HIS E 501 0.33 23.42 -16.81
CA HIS E 501 1.67 23.77 -17.25
C HIS E 501 1.71 25.21 -17.76
N GLY E 502 2.92 25.79 -17.76
CA GLY E 502 3.09 27.16 -18.20
C GLY E 502 4.47 27.42 -18.83
N TRP E 503 4.71 28.69 -19.17
CA TRP E 503 5.96 29.13 -19.73
C TRP E 503 6.17 30.59 -19.34
N PHE E 504 7.41 30.96 -19.03
CA PHE E 504 7.74 32.33 -18.71
C PHE E 504 8.43 32.99 -19.91
N LEU E 505 7.90 34.16 -20.30
CA LEU E 505 8.43 34.94 -21.41
C LEU E 505 9.06 36.21 -20.84
N PRO E 506 10.41 36.31 -20.76
CA PRO E 506 11.08 37.53 -20.32
C PRO E 506 10.85 38.70 -21.28
N THR E 507 10.76 39.91 -20.70
CA THR E 507 10.68 41.15 -21.45
C THR E 507 11.51 42.21 -20.73
N LYS F 7 -30.41 -22.91 5.41
CA LYS F 7 -28.97 -22.75 5.80
C LYS F 7 -28.37 -21.55 5.07
N LEU F 8 -27.98 -20.52 5.83
CA LEU F 8 -27.36 -19.33 5.28
C LEU F 8 -25.91 -19.61 4.87
N TYR F 9 -25.29 -20.64 5.49
CA TYR F 9 -23.88 -20.93 5.27
C TYR F 9 -23.74 -22.42 4.96
N PRO F 10 -24.28 -22.90 3.82
CA PRO F 10 -24.34 -24.33 3.54
C PRO F 10 -22.99 -25.04 3.38
N ASN F 11 -21.92 -24.30 3.08
CA ASN F 11 -20.60 -24.88 2.90
C ASN F 11 -19.79 -24.88 4.19
N CYS F 12 -20.39 -24.42 5.30
CA CYS F 12 -19.70 -24.34 6.57
C CYS F 12 -20.41 -25.21 7.61
N ASP F 13 -19.65 -26.14 8.21
CA ASP F 13 -20.14 -26.93 9.33
C ASP F 13 -19.47 -26.44 10.61
N ALA F 14 -20.17 -25.58 11.35
CA ALA F 14 -19.62 -24.96 12.55
C ALA F 14 -19.54 -25.97 13.70
N THR F 15 -20.21 -27.13 13.55
CA THR F 15 -20.25 -28.12 14.61
C THR F 15 -18.93 -28.88 14.72
N VAL F 16 -17.96 -28.58 13.86
CA VAL F 16 -16.61 -29.15 14.00
C VAL F 16 -15.98 -28.66 15.32
N TRP F 17 -16.52 -27.57 15.88
CA TRP F 17 -16.02 -26.99 17.12
C TRP F 17 -16.69 -27.59 18.34
N LEU F 18 -17.77 -28.37 18.17
CA LEU F 18 -18.63 -28.76 19.27
C LEU F 18 -18.42 -30.22 19.67
N ARG F 19 -17.22 -30.76 19.44
CA ARG F 19 -16.97 -32.17 19.65
C ARG F 19 -16.27 -32.39 20.99
N SER F 20 -16.47 -33.59 21.56
CA SER F 20 -15.81 -34.02 22.77
C SER F 20 -15.09 -35.35 22.51
N CYS F 21 -13.77 -35.36 22.76
CA CYS F 21 -13.02 -36.61 22.73
C CYS F 21 -13.46 -37.47 23.92
N GLU F 22 -13.87 -38.71 23.65
CA GLU F 22 -14.41 -39.61 24.65
C GLU F 22 -13.39 -40.70 24.99
N GLU F 23 -12.34 -40.83 24.17
CA GLU F 23 -11.33 -41.84 24.38
C GLU F 23 -9.98 -41.30 23.92
N GLU F 24 -9.02 -41.23 24.83
CA GLU F 24 -7.70 -40.72 24.53
C GLU F 24 -6.98 -41.75 23.65
N VAL F 25 -6.18 -41.24 22.70
CA VAL F 25 -5.32 -42.08 21.89
C VAL F 25 -3.92 -42.01 22.51
N SER F 26 -3.72 -42.89 23.49
CA SER F 26 -2.48 -42.99 24.24
C SER F 26 -1.42 -43.74 23.42
N GLU F 27 -1.82 -44.87 22.83
CA GLU F 27 -0.94 -45.66 21.98
C GLU F 27 -0.91 -45.01 20.59
N PRO F 28 0.28 -44.79 19.99
CA PRO F 28 0.36 -44.20 18.65
C PRO F 28 -0.45 -44.98 17.61
N LEU F 29 -1.35 -44.27 16.91
CA LEU F 29 -2.05 -44.81 15.75
C LEU F 29 -1.17 -44.67 14.52
N GLU F 30 -1.07 -45.76 13.74
CA GLU F 30 -0.35 -45.77 12.48
C GLU F 30 -1.17 -45.04 11.42
N GLY F 31 -0.51 -44.21 10.61
CA GLY F 31 -1.20 -43.39 9.62
C GLY F 31 -1.29 -44.08 8.27
N THR F 32 -2.42 -43.87 7.57
CA THR F 32 -2.57 -44.29 6.18
C THR F 32 -1.97 -43.19 5.30
N MET F 33 -0.88 -43.52 4.61
CA MET F 33 -0.06 -42.54 3.92
C MET F 33 -0.53 -42.43 2.47
N THR F 34 -0.67 -41.19 1.98
CA THR F 34 -0.83 -40.92 0.56
C THR F 34 0.20 -39.86 0.14
N GLY F 35 0.51 -39.83 -1.16
CA GLY F 35 1.54 -38.94 -1.67
C GLY F 35 2.91 -39.34 -1.15
N GLU F 36 3.80 -38.35 -0.97
CA GLU F 36 5.14 -38.58 -0.46
C GLU F 36 5.48 -37.51 0.57
N PHE F 37 5.56 -37.91 1.85
CA PHE F 37 6.18 -37.09 2.89
C PHE F 37 7.66 -36.92 2.59
N PRO F 38 8.23 -35.70 2.68
CA PRO F 38 9.67 -35.52 2.49
C PRO F 38 10.47 -36.35 3.49
N SER F 39 11.48 -37.07 3.01
CA SER F 39 12.27 -37.97 3.82
C SER F 39 12.99 -37.20 4.93
N TRP F 40 13.38 -35.96 4.64
CA TRP F 40 14.14 -35.12 5.55
C TRP F 40 13.30 -34.61 6.71
N LEU F 41 11.97 -34.63 6.57
CA LEU F 41 11.08 -34.10 7.59
C LEU F 41 11.01 -35.06 8.76
N ARG F 42 11.57 -34.64 9.91
CA ARG F 42 11.68 -35.48 11.09
C ARG F 42 11.43 -34.63 12.33
N GLY F 43 10.45 -35.02 13.14
CA GLY F 43 10.14 -34.28 14.35
C GLY F 43 8.73 -34.55 14.87
N THR F 44 8.31 -33.70 15.81
CA THR F 44 7.02 -33.82 16.48
C THR F 44 6.22 -32.54 16.25
N LEU F 45 5.01 -32.69 15.67
CA LEU F 45 4.04 -31.62 15.65
C LEU F 45 3.10 -31.79 16.84
N LEU F 46 3.18 -30.85 17.79
CA LEU F 46 2.26 -30.78 18.91
C LEU F 46 1.16 -29.77 18.59
N ARG F 47 -0.09 -30.14 18.93
CA ARG F 47 -1.22 -29.23 18.78
C ARG F 47 -1.96 -29.16 20.11
N ASN F 48 -2.60 -28.01 20.35
CA ASN F 48 -3.42 -27.81 21.53
C ASN F 48 -4.74 -27.17 21.09
N GLY F 49 -5.81 -27.43 21.84
CA GLY F 49 -7.10 -26.83 21.52
C GLY F 49 -8.20 -27.34 22.42
N PRO F 50 -9.45 -26.83 22.26
CA PRO F 50 -10.61 -27.33 22.99
C PRO F 50 -10.94 -28.76 22.56
N GLY F 51 -11.31 -29.60 23.54
CA GLY F 51 -11.48 -31.02 23.26
C GLY F 51 -12.60 -31.72 24.03
N CYS F 52 -13.33 -30.99 24.90
CA CYS F 52 -14.42 -31.60 25.64
C CYS F 52 -15.34 -30.54 26.22
N LEU F 53 -16.58 -30.52 25.73
CA LEU F 53 -17.61 -29.61 26.21
C LEU F 53 -18.41 -30.26 27.35
N ASN F 54 -18.30 -31.59 27.50
CA ASN F 54 -19.10 -32.33 28.46
C ASN F 54 -18.36 -32.43 29.79
N VAL F 55 -19.11 -32.25 30.88
CA VAL F 55 -18.58 -32.36 32.24
C VAL F 55 -19.62 -33.09 33.08
N GLY F 56 -19.52 -34.42 33.13
CA GLY F 56 -20.54 -35.26 33.73
C GLY F 56 -21.86 -35.14 32.98
N THR F 57 -22.88 -34.62 33.67
CA THR F 57 -24.20 -34.39 33.10
C THR F 57 -24.30 -32.97 32.54
N MET F 58 -23.30 -32.13 32.85
CA MET F 58 -23.32 -30.72 32.48
C MET F 58 -22.53 -30.52 31.19
N ARG F 59 -22.70 -29.32 30.60
N ARG F 59 -22.69 -29.32 30.61
CA ARG F 59 -22.05 -28.97 29.36
CA ARG F 59 -22.06 -28.96 29.36
C ARG F 59 -21.57 -27.52 29.45
C ARG F 59 -21.57 -27.52 29.45
N PHE F 60 -20.33 -27.27 29.00
CA PHE F 60 -19.79 -25.93 28.91
C PHE F 60 -20.60 -25.12 27.89
N GLU F 61 -20.66 -23.80 28.10
CA GLU F 61 -21.53 -22.94 27.31
C GLU F 61 -20.74 -22.06 26.35
N HIS F 62 -19.40 -22.12 26.42
CA HIS F 62 -18.56 -21.38 25.49
C HIS F 62 -17.39 -22.27 25.07
N LEU F 63 -16.95 -22.11 23.82
CA LEU F 63 -15.90 -22.93 23.24
C LEU F 63 -14.59 -22.79 24.02
N PHE F 64 -14.36 -21.58 24.58
CA PHE F 64 -13.12 -21.30 25.29
C PHE F 64 -13.05 -22.08 26.61
N ASP F 65 -14.17 -22.63 27.06
CA ASP F 65 -14.25 -23.38 28.30
C ASP F 65 -13.87 -24.85 28.09
N SER F 66 -13.92 -25.30 26.84
CA SER F 66 -13.75 -26.71 26.49
C SER F 66 -12.36 -27.19 26.88
N SER F 67 -12.29 -28.43 27.40
CA SER F 67 -11.11 -28.93 28.08
C SER F 67 -9.93 -29.08 27.12
N ALA F 68 -8.76 -28.63 27.57
CA ALA F 68 -7.54 -28.65 26.78
C ALA F 68 -7.21 -30.08 26.34
N LEU F 69 -7.11 -30.29 25.03
CA LEU F 69 -6.74 -31.56 24.44
C LEU F 69 -5.47 -31.39 23.60
N LEU F 70 -4.43 -32.15 23.98
CA LEU F 70 -3.16 -32.15 23.28
C LEU F 70 -3.19 -33.18 22.16
N HIS F 71 -2.48 -32.88 21.07
CA HIS F 71 -2.35 -33.79 19.94
C HIS F 71 -0.87 -33.89 19.58
N ARG F 72 -0.45 -35.07 19.12
CA ARG F 72 0.93 -35.33 18.75
C ARG F 72 0.97 -36.08 17.42
N PHE F 73 1.64 -35.48 16.43
CA PHE F 73 1.99 -36.18 15.21
C PHE F 73 3.50 -36.38 15.19
N ALA F 74 3.92 -37.65 15.31
CA ALA F 74 5.33 -38.00 15.28
C ALA F 74 5.71 -38.39 13.86
N ILE F 75 6.69 -37.65 13.29
CA ILE F 75 7.04 -37.77 11.89
C ILE F 75 8.47 -38.30 11.81
N ASP F 76 8.66 -39.39 11.07
CA ASP F 76 9.97 -39.97 10.86
C ASP F 76 9.97 -40.78 9.58
N ASP F 77 10.81 -40.36 8.62
CA ASP F 77 11.15 -41.13 7.44
C ASP F 77 9.89 -41.50 6.65
N GLY F 78 8.99 -40.53 6.48
CA GLY F 78 7.81 -40.69 5.64
C GLY F 78 6.67 -41.47 6.33
N THR F 79 6.80 -41.71 7.64
CA THR F 79 5.74 -42.32 8.43
C THR F 79 5.29 -41.35 9.52
N VAL F 80 4.00 -41.42 9.90
CA VAL F 80 3.43 -40.53 10.90
C VAL F 80 2.53 -41.35 11.81
N THR F 81 2.63 -41.12 13.12
CA THR F 81 1.68 -41.65 14.09
C THR F 81 0.94 -40.50 14.76
N TYR F 82 -0.25 -40.82 15.32
CA TYR F 82 -1.10 -39.84 15.99
C TYR F 82 -1.39 -40.27 17.42
N GLN F 83 -1.40 -39.28 18.32
CA GLN F 83 -1.87 -39.45 19.69
C GLN F 83 -2.66 -38.22 20.10
N CYS F 84 -3.56 -38.39 21.07
CA CYS F 84 -4.20 -37.25 21.72
C CYS F 84 -4.49 -37.61 23.18
N ARG F 85 -4.34 -36.61 24.06
CA ARG F 85 -4.42 -36.78 25.50
C ARG F 85 -4.83 -35.46 26.12
N PHE F 86 -5.81 -35.50 27.03
CA PHE F 86 -6.23 -34.32 27.77
C PHE F 86 -5.08 -33.83 28.65
N LEU F 87 -4.92 -32.50 28.70
CA LEU F 87 -4.03 -31.87 29.66
C LEU F 87 -4.64 -32.04 31.04
N ARG F 88 -3.85 -32.57 31.97
CA ARG F 88 -4.34 -32.86 33.32
C ARG F 88 -4.24 -31.58 34.15
N THR F 89 -5.26 -30.73 34.03
CA THR F 89 -5.29 -29.44 34.70
C THR F 89 -5.97 -29.58 36.06
N ASN F 90 -5.80 -28.55 36.92
CA ASN F 90 -6.48 -28.47 38.19
C ASN F 90 -8.00 -28.47 37.96
N THR F 91 -8.45 -27.72 36.95
CA THR F 91 -9.86 -27.61 36.62
C THR F 91 -10.44 -28.96 36.24
N LEU F 92 -9.71 -29.70 35.37
CA LEU F 92 -10.17 -31.00 34.92
C LEU F 92 -10.28 -31.95 36.10
N LYS F 93 -9.27 -31.94 36.99
CA LYS F 93 -9.25 -32.81 38.16
C LYS F 93 -10.45 -32.53 39.06
N LYS F 94 -10.69 -31.24 39.33
CA LYS F 94 -11.77 -30.85 40.22
C LYS F 94 -13.13 -31.18 39.63
N ASN F 95 -13.30 -30.91 38.32
CA ASN F 95 -14.56 -31.14 37.64
C ASN F 95 -14.86 -32.63 37.54
N ARG F 96 -13.83 -33.44 37.28
CA ARG F 96 -13.99 -34.88 37.12
C ARG F 96 -14.32 -35.53 38.47
N ALA F 97 -13.63 -35.07 39.52
CA ALA F 97 -13.87 -35.54 40.88
C ALA F 97 -15.32 -35.27 41.28
N ALA F 98 -15.79 -34.05 41.00
CA ALA F 98 -17.14 -33.64 41.37
C ALA F 98 -18.16 -34.20 40.39
N ASN F 99 -17.70 -34.54 39.17
CA ASN F 99 -18.55 -34.98 38.08
C ASN F 99 -19.53 -33.86 37.70
N ARG F 100 -19.04 -32.62 37.77
CA ARG F 100 -19.80 -31.44 37.37
C ARG F 100 -18.86 -30.24 37.32
N ILE F 101 -19.40 -29.12 36.80
CA ILE F 101 -18.63 -27.89 36.67
C ILE F 101 -18.61 -27.19 38.04
N VAL F 102 -17.43 -27.17 38.67
CA VAL F 102 -17.26 -26.57 39.98
C VAL F 102 -16.26 -25.40 39.91
N VAL F 103 -15.73 -25.11 38.70
CA VAL F 103 -14.80 -24.01 38.52
C VAL F 103 -15.41 -23.01 37.54
N THR F 104 -15.41 -21.73 37.92
CA THR F 104 -15.95 -20.66 37.08
C THR F 104 -15.07 -20.52 35.83
N GLU F 105 -15.72 -20.40 34.68
CA GLU F 105 -15.03 -20.33 33.40
C GLU F 105 -15.36 -19.00 32.71
N PHE F 106 -14.71 -18.79 31.56
CA PHE F 106 -14.93 -17.63 30.71
C PHE F 106 -16.42 -17.48 30.39
N GLY F 107 -17.06 -18.58 29.95
CA GLY F 107 -18.42 -18.51 29.44
C GLY F 107 -19.42 -19.34 30.24
N THR F 108 -18.98 -19.96 31.33
CA THR F 108 -19.82 -20.85 32.11
C THR F 108 -19.64 -20.59 33.61
N LYS F 109 -20.75 -20.51 34.33
CA LYS F 109 -20.75 -20.42 35.78
C LYS F 109 -20.54 -21.82 36.36
N SER F 110 -19.90 -21.90 37.53
CA SER F 110 -19.81 -23.16 38.26
C SER F 110 -21.17 -23.48 38.87
N ALA F 111 -21.44 -24.79 39.06
CA ALA F 111 -22.69 -25.25 39.63
C ALA F 111 -22.41 -26.47 40.51
N PRO F 112 -21.78 -26.30 41.69
CA PRO F 112 -21.46 -27.44 42.56
C PRO F 112 -22.74 -28.06 43.12
N ASP F 113 -22.59 -29.26 43.70
CA ASP F 113 -23.68 -29.95 44.35
C ASP F 113 -24.30 -29.02 45.41
N PRO F 114 -25.63 -29.05 45.64
CA PRO F 114 -26.25 -28.16 46.63
C PRO F 114 -25.79 -28.40 48.08
N CSO F 115 -25.28 -29.61 48.39
CA CSO F 115 -24.82 -29.95 49.72
CB CSO F 115 -25.21 -31.38 50.06
SG CSO F 115 -26.95 -31.59 50.51
C CSO F 115 -23.30 -29.78 49.86
O CSO F 115 -22.73 -30.20 50.88
OD CSO F 115 -27.48 -30.16 51.13
N HIS F 116 -22.64 -29.18 48.86
CA HIS F 116 -21.16 -28.96 48.85
C HIS F 116 -20.78 -28.07 50.02
N THR F 117 -19.56 -28.27 50.54
CA THR F 117 -19.06 -27.54 51.69
C THR F 117 -18.62 -26.14 51.27
N ILE F 118 -18.40 -25.27 52.26
CA ILE F 118 -18.10 -23.86 52.01
C ILE F 118 -16.60 -23.61 52.22
N PHE F 119 -16.07 -24.07 53.36
CA PHE F 119 -14.75 -23.70 53.83
C PHE F 119 -13.68 -23.96 52.77
N ASP F 120 -13.83 -25.08 52.05
CA ASP F 120 -12.86 -25.51 51.05
C ASP F 120 -12.87 -24.56 49.86
N ARG F 121 -14.05 -24.04 49.50
CA ARG F 121 -14.21 -23.10 48.39
C ARG F 121 -13.52 -21.78 48.74
N VAL F 122 -13.66 -21.35 49.99
CA VAL F 122 -13.07 -20.12 50.48
C VAL F 122 -11.55 -20.26 50.40
N ALA F 123 -11.03 -21.39 50.89
CA ALA F 123 -9.59 -21.66 50.90
C ALA F 123 -9.05 -21.73 49.48
N ALA F 124 -9.83 -22.32 48.57
CA ALA F 124 -9.41 -22.53 47.18
C ALA F 124 -9.16 -21.18 46.50
N PHE F 125 -9.88 -20.14 46.93
CA PHE F 125 -9.78 -18.82 46.34
C PHE F 125 -8.38 -18.24 46.57
N PHE F 126 -7.82 -18.50 47.75
CA PHE F 126 -6.53 -17.95 48.17
C PHE F 126 -5.38 -18.85 47.73
N ASN F 127 -5.70 -20.01 47.13
CA ASN F 127 -4.70 -20.90 46.57
C ASN F 127 -4.32 -20.39 45.18
N PRO F 128 -3.07 -19.95 44.95
CA PRO F 128 -2.62 -19.53 43.62
C PRO F 128 -2.96 -20.55 42.53
N GLY F 129 -2.92 -21.83 42.90
CA GLY F 129 -3.17 -22.93 41.98
C GLY F 129 -4.61 -23.01 41.50
N GLU F 130 -5.56 -22.55 42.31
CA GLU F 130 -6.98 -22.76 42.06
C GLU F 130 -7.77 -21.46 41.95
N HIS F 131 -7.10 -20.31 42.16
CA HIS F 131 -7.77 -19.02 42.19
C HIS F 131 -8.72 -18.89 41.00
N MET F 132 -8.20 -19.21 39.81
CA MET F 132 -8.94 -19.11 38.57
C MET F 132 -8.60 -20.31 37.69
N SER F 133 -9.55 -20.71 36.83
CA SER F 133 -9.39 -21.89 36.00
C SER F 133 -8.06 -21.88 35.27
N ASP F 134 -7.47 -23.07 35.07
CA ASP F 134 -6.15 -23.20 34.48
C ASP F 134 -6.24 -24.06 33.22
N ASN F 135 -7.33 -23.88 32.46
CA ASN F 135 -7.56 -24.65 31.25
C ASN F 135 -6.67 -24.15 30.12
N ALA F 136 -5.43 -24.63 30.10
CA ALA F 136 -4.42 -24.16 29.16
C ALA F 136 -4.61 -24.82 27.80
N MET F 137 -5.61 -24.37 27.05
CA MET F 137 -6.05 -25.05 25.84
C MET F 137 -5.62 -24.32 24.57
N ILE F 138 -4.96 -23.16 24.70
CA ILE F 138 -4.78 -22.27 23.57
C ILE F 138 -3.57 -22.69 22.73
N SER F 139 -2.41 -22.89 23.38
CA SER F 139 -1.16 -23.01 22.65
C SER F 139 -0.15 -23.86 23.41
N VAL F 140 0.96 -24.16 22.72
CA VAL F 140 2.14 -24.80 23.30
C VAL F 140 3.37 -24.10 22.75
N TYR F 141 4.33 -23.81 23.64
CA TYR F 141 5.53 -23.06 23.28
C TYR F 141 6.77 -23.68 23.92
N PRO F 142 7.93 -23.64 23.24
CA PRO F 142 9.18 -24.16 23.79
C PRO F 142 9.90 -23.18 24.72
N PHE F 143 10.21 -23.64 25.93
CA PHE F 143 11.12 -22.97 26.84
C PHE F 143 12.38 -23.82 26.97
N GLY F 144 13.39 -23.53 26.15
CA GLY F 144 14.56 -24.38 26.04
C GLY F 144 14.17 -25.76 25.50
N ASP F 145 14.43 -26.80 26.29
CA ASP F 145 14.15 -28.18 25.93
C ASP F 145 12.73 -28.58 26.34
N GLU F 146 12.06 -27.71 27.10
CA GLU F 146 10.75 -28.01 27.65
C GLU F 146 9.67 -27.33 26.82
N VAL F 147 8.45 -27.85 26.91
CA VAL F 147 7.30 -27.30 26.21
C VAL F 147 6.18 -27.10 27.22
N TYR F 148 5.54 -25.91 27.16
CA TYR F 148 4.47 -25.57 28.09
C TYR F 148 3.18 -25.22 27.34
N ALA F 149 2.07 -25.67 27.90
CA ALA F 149 0.73 -25.33 27.42
C ALA F 149 0.27 -24.05 28.12
N PHE F 150 -0.41 -23.19 27.36
CA PHE F 150 -0.77 -21.86 27.82
C PHE F 150 -2.27 -21.62 27.74
N THR F 151 -2.79 -20.87 28.71
CA THR F 151 -3.93 -19.98 28.52
C THR F 151 -3.45 -18.60 28.94
N GLU F 152 -4.34 -17.76 29.48
CA GLU F 152 -3.99 -16.38 29.74
C GLU F 152 -4.07 -16.07 31.24
N GLY F 153 -4.58 -17.00 32.04
CA GLY F 153 -4.28 -17.02 33.46
C GLY F 153 -2.81 -17.35 33.70
N PRO F 154 -2.30 -17.19 34.95
CA PRO F 154 -0.86 -17.29 35.21
C PRO F 154 -0.26 -18.69 35.32
N ILE F 155 -1.10 -19.73 35.32
CA ILE F 155 -0.62 -21.10 35.45
C ILE F 155 -0.43 -21.71 34.07
N ILE F 156 0.79 -22.23 33.84
CA ILE F 156 1.13 -22.99 32.63
C ILE F 156 1.50 -24.40 33.06
N HIS F 157 1.42 -25.34 32.11
CA HIS F 157 1.62 -26.76 32.38
C HIS F 157 2.67 -27.31 31.41
N ARG F 158 3.70 -27.96 31.96
CA ARG F 158 4.70 -28.61 31.14
C ARG F 158 4.08 -29.87 30.53
N VAL F 159 4.48 -30.14 29.28
CA VAL F 159 3.94 -31.25 28.50
C VAL F 159 5.09 -32.16 28.10
N ASP F 160 4.91 -33.47 28.29
CA ASP F 160 5.83 -34.45 27.76
C ASP F 160 5.62 -34.52 26.25
N THR F 161 6.68 -34.24 25.49
CA THR F 161 6.59 -34.11 24.04
C THR F 161 6.50 -35.47 23.35
N VAL F 162 6.71 -36.56 24.13
CA VAL F 162 6.63 -37.91 23.59
C VAL F 162 5.29 -38.55 23.95
N THR F 163 4.88 -38.44 25.22
CA THR F 163 3.75 -39.21 25.73
C THR F 163 2.48 -38.36 25.90
N LEU F 164 2.63 -37.02 25.82
CA LEU F 164 1.56 -36.07 26.11
C LEU F 164 1.12 -36.14 27.56
N ASP F 165 1.97 -36.68 28.44
CA ASP F 165 1.71 -36.60 29.87
C ASP F 165 1.84 -35.15 30.31
N THR F 166 1.02 -34.76 31.30
CA THR F 166 1.12 -33.46 31.95
C THR F 166 2.15 -33.57 33.07
N LEU F 167 3.21 -32.76 33.00
CA LEU F 167 4.26 -32.75 34.01
C LEU F 167 4.01 -31.57 34.95
N GLU F 168 5.09 -30.90 35.41
CA GLU F 168 4.94 -29.91 36.46
C GLU F 168 4.19 -28.68 35.93
N GLN F 169 3.58 -27.93 36.84
CA GLN F 169 3.00 -26.63 36.51
C GLN F 169 3.91 -25.53 37.04
N LYS F 170 3.83 -24.35 36.40
CA LYS F 170 4.54 -23.16 36.83
C LYS F 170 3.54 -22.02 37.00
N ASN F 171 3.73 -21.23 38.06
CA ASN F 171 2.88 -20.09 38.37
C ASN F 171 3.63 -18.80 38.05
N MET F 172 3.10 -18.02 37.10
CA MET F 172 3.81 -16.86 36.58
C MET F 172 3.70 -15.68 37.55
N THR F 173 2.73 -15.73 38.47
CA THR F 173 2.65 -14.73 39.53
C THR F 173 3.82 -14.92 40.49
N ASP F 174 4.04 -16.16 40.92
CA ASP F 174 5.19 -16.50 41.76
C ASP F 174 6.49 -16.19 41.01
N CYS F 175 6.50 -16.47 39.71
CA CYS F 175 7.72 -16.44 38.93
C CYS F 175 8.18 -15.01 38.63
N VAL F 176 7.26 -14.15 38.14
CA VAL F 176 7.62 -12.80 37.72
C VAL F 176 6.47 -11.81 37.96
N ALA F 177 5.56 -12.13 38.87
CA ALA F 177 4.51 -11.21 39.31
C ALA F 177 3.53 -10.88 38.19
N LEU F 178 3.29 -11.83 37.28
CA LEU F 178 2.25 -11.69 36.27
C LEU F 178 0.94 -12.26 36.83
N VAL F 179 -0.10 -11.43 36.87
CA VAL F 179 -1.42 -11.89 37.26
C VAL F 179 -2.14 -12.49 36.05
N ASN F 180 -1.70 -12.10 34.84
CA ASN F 180 -2.14 -12.71 33.61
C ASN F 180 -1.08 -12.49 32.53
N HIS F 181 -1.22 -13.16 31.39
CA HIS F 181 -0.28 -13.01 30.28
C HIS F 181 -0.94 -13.44 28.97
N THR F 182 -0.29 -13.12 27.84
CA THR F 182 -0.77 -13.61 26.55
C THR F 182 -0.45 -15.09 26.43
N SER F 183 -1.18 -15.78 25.55
CA SER F 183 -0.93 -17.18 25.26
C SER F 183 -0.02 -17.30 24.03
N HIS F 184 0.65 -16.21 23.67
CA HIS F 184 1.50 -16.17 22.49
C HIS F 184 2.80 -15.44 22.81
N PRO F 185 3.68 -16.02 23.66
CA PRO F 185 5.01 -15.47 23.87
C PRO F 185 5.81 -15.49 22.57
N HIS F 186 6.88 -14.69 22.53
CA HIS F 186 7.82 -14.71 21.41
C HIS F 186 9.06 -15.49 21.82
N VAL F 187 9.53 -16.35 20.90
CA VAL F 187 10.68 -17.20 21.12
C VAL F 187 11.79 -16.73 20.19
N MET F 188 12.94 -16.38 20.77
CA MET F 188 14.03 -15.80 20.01
C MET F 188 14.92 -16.93 19.48
N PRO F 189 15.69 -16.73 18.40
CA PRO F 189 16.61 -17.74 17.88
C PRO F 189 17.58 -18.34 18.91
N ASN F 190 17.93 -17.56 19.94
CA ASN F 190 18.87 -17.98 20.97
C ASN F 190 18.16 -18.76 22.09
N GLY F 191 16.83 -18.88 22.00
CA GLY F 191 16.06 -19.64 22.98
C GLY F 191 15.34 -18.75 24.00
N ASP F 192 15.73 -17.47 24.08
CA ASP F 192 15.07 -16.53 24.99
C ASP F 192 13.58 -16.47 24.67
N VAL F 193 12.76 -16.33 25.72
CA VAL F 193 11.32 -16.19 25.57
C VAL F 193 10.91 -14.87 26.21
N TYR F 194 10.09 -14.09 25.47
CA TYR F 194 9.46 -12.89 25.98
C TYR F 194 7.95 -13.08 26.00
N ASN F 195 7.29 -12.55 27.03
CA ASN F 195 5.84 -12.51 27.06
C ASN F 195 5.37 -11.22 27.72
N VAL F 196 4.15 -10.80 27.38
CA VAL F 196 3.53 -9.63 27.95
C VAL F 196 2.41 -10.06 28.87
N GLY F 197 2.23 -9.31 29.96
CA GLY F 197 1.16 -9.58 30.91
C GLY F 197 0.94 -8.38 31.84
N MET F 198 -0.03 -8.52 32.75
CA MET F 198 -0.33 -7.48 33.72
C MET F 198 0.36 -7.81 35.05
N SER F 199 0.81 -6.75 35.73
CA SER F 199 1.44 -6.86 37.03
C SER F 199 1.01 -5.68 37.89
N VAL F 200 0.96 -5.87 39.21
CA VAL F 200 0.71 -4.78 40.14
C VAL F 200 2.06 -4.18 40.55
N VAL F 201 2.32 -2.95 40.10
CA VAL F 201 3.57 -2.26 40.37
C VAL F 201 3.26 -1.01 41.18
N LYS F 202 3.77 -0.97 42.41
CA LYS F 202 3.53 0.12 43.35
C LYS F 202 2.03 0.40 43.46
N GLY F 203 1.23 -0.66 43.62
CA GLY F 203 -0.19 -0.54 43.85
C GLY F 203 -0.99 -0.17 42.60
N ARG F 204 -0.36 -0.24 41.42
CA ARG F 204 -1.00 0.16 40.17
C ARG F 204 -0.87 -0.97 39.15
N ILE F 205 -1.89 -1.16 38.29
CA ILE F 205 -1.78 -2.07 37.16
C ILE F 205 -0.77 -1.51 36.16
N ARG F 206 0.16 -2.38 35.74
CA ARG F 206 1.05 -2.08 34.62
C ARG F 206 1.12 -3.28 33.68
N HIS F 207 1.23 -2.98 32.38
CA HIS F 207 1.61 -3.97 31.40
C HIS F 207 3.12 -4.13 31.46
N VAL F 208 3.60 -5.38 31.59
CA VAL F 208 5.02 -5.62 31.71
C VAL F 208 5.43 -6.65 30.66
N VAL F 209 6.70 -6.55 30.23
CA VAL F 209 7.32 -7.58 29.40
C VAL F 209 8.25 -8.38 30.31
N ALA F 210 7.98 -9.68 30.43
CA ALA F 210 8.84 -10.59 31.17
C ALA F 210 9.78 -11.29 30.18
N LYS F 211 11.05 -11.43 30.59
CA LYS F 211 12.03 -12.18 29.81
C LYS F 211 12.38 -13.46 30.56
N PHE F 212 12.35 -14.58 29.83
CA PHE F 212 12.78 -15.87 30.34
C PHE F 212 14.06 -16.25 29.59
N PRO F 213 15.25 -15.96 30.15
CA PRO F 213 16.50 -16.08 29.40
C PRO F 213 16.95 -17.54 29.29
N PHE F 214 17.38 -17.93 28.09
CA PHE F 214 17.81 -19.30 27.85
C PHE F 214 19.18 -19.53 28.48
N THR F 215 19.30 -20.67 29.17
CA THR F 215 20.57 -21.11 29.74
C THR F 215 20.67 -22.62 29.56
N GLU F 216 21.73 -23.08 28.88
CA GLU F 216 21.98 -24.51 28.76
C GLU F 216 22.10 -25.12 30.15
N LYS F 217 22.74 -24.39 31.06
CA LYS F 217 23.03 -24.85 32.40
C LYS F 217 22.41 -23.87 33.39
N GLY F 218 21.08 -23.91 33.51
CA GLY F 218 20.35 -23.02 34.41
C GLY F 218 18.84 -23.22 34.34
N ASP F 219 18.10 -22.24 34.88
CA ASP F 219 16.66 -22.33 34.96
C ASP F 219 16.04 -21.03 34.42
N MET F 220 15.27 -21.16 33.35
CA MET F 220 14.72 -20.03 32.60
C MET F 220 13.68 -19.28 33.43
N PHE F 221 13.01 -20.01 34.33
CA PHE F 221 11.95 -19.44 35.15
C PHE F 221 12.55 -18.77 36.39
N LYS F 222 13.59 -19.38 36.97
CA LYS F 222 14.28 -18.81 38.11
C LYS F 222 14.95 -17.47 37.75
N SER F 223 15.51 -17.40 36.54
CA SER F 223 16.22 -16.22 36.08
C SER F 223 15.31 -15.24 35.35
N ALA F 224 13.99 -15.47 35.40
CA ALA F 224 13.03 -14.63 34.68
C ALA F 224 12.92 -13.27 35.37
N HIS F 225 12.83 -12.20 34.58
CA HIS F 225 12.76 -10.85 35.11
C HIS F 225 12.03 -9.93 34.12
N ILE F 226 11.49 -8.83 34.67
N ILE F 226 11.49 -8.83 34.67
CA ILE F 226 10.80 -7.83 33.87
CA ILE F 226 10.80 -7.82 33.88
C ILE F 226 11.84 -6.94 33.19
C ILE F 226 11.84 -6.94 33.19
N VAL F 227 11.66 -6.70 31.89
CA VAL F 227 12.62 -5.95 31.09
C VAL F 227 11.96 -4.70 30.48
N ALA F 228 10.64 -4.57 30.58
CA ALA F 228 9.96 -3.38 30.11
C ALA F 228 8.58 -3.29 30.74
N SER F 229 8.02 -2.08 30.75
CA SER F 229 6.67 -1.89 31.26
C SER F 229 6.02 -0.65 30.64
N MET F 230 4.71 -0.56 30.82
CA MET F 230 3.89 0.47 30.20
C MET F 230 2.67 0.68 31.09
N ALA F 231 2.33 1.95 31.34
CA ALA F 231 1.12 2.29 32.05
C ALA F 231 -0.08 2.02 31.15
N PRO F 232 -1.20 1.45 31.67
CA PRO F 232 -2.41 1.33 30.89
C PRO F 232 -3.01 2.71 30.62
N ARG F 233 -3.78 2.81 29.54
CA ARG F 233 -4.46 4.06 29.20
C ARG F 233 -5.44 4.40 30.33
N TRP F 234 -6.14 3.37 30.83
CA TRP F 234 -7.12 3.50 31.89
C TRP F 234 -6.75 2.56 33.04
N ALA F 235 -6.55 3.14 34.22
CA ALA F 235 -5.86 2.50 35.33
C ALA F 235 -6.56 1.21 35.77
N LEU F 236 -7.91 1.21 35.75
CA LEU F 236 -8.67 0.06 36.21
C LEU F 236 -9.31 -0.70 35.04
N HIS F 237 -8.95 -0.32 33.81
CA HIS F 237 -9.47 -0.95 32.60
C HIS F 237 -8.32 -1.16 31.61
N PRO F 238 -7.31 -1.99 31.97
CA PRO F 238 -6.20 -2.28 31.06
C PRO F 238 -6.70 -3.02 29.81
N ALA F 239 -6.08 -2.70 28.67
CA ALA F 239 -6.46 -3.29 27.39
C ALA F 239 -6.21 -4.79 27.42
N TYR F 240 -7.14 -5.55 26.85
CA TYR F 240 -6.93 -6.96 26.56
C TYR F 240 -6.01 -7.09 25.35
N MET F 241 -5.06 -8.03 25.41
CA MET F 241 -4.24 -8.34 24.25
C MET F 241 -3.94 -9.83 24.21
N HIS F 242 -4.16 -10.43 23.03
CA HIS F 242 -3.95 -11.84 22.80
C HIS F 242 -2.54 -12.07 22.28
N THR F 243 -2.00 -11.08 21.55
CA THR F 243 -0.65 -11.13 21.04
C THR F 243 0.02 -9.77 21.21
N PHE F 244 1.34 -9.76 21.02
CA PHE F 244 2.14 -8.55 20.97
C PHE F 244 3.22 -8.74 19.92
N GLY F 245 3.91 -7.65 19.58
CA GLY F 245 4.95 -7.68 18.56
C GLY F 245 6.34 -7.47 19.16
N ILE F 246 7.36 -7.80 18.36
CA ILE F 246 8.74 -7.52 18.72
C ILE F 246 9.50 -7.18 17.45
N THR F 247 10.34 -6.13 17.53
CA THR F 247 11.23 -5.72 16.45
C THR F 247 12.66 -5.75 16.98
N GLU F 248 13.60 -5.32 16.14
CA GLU F 248 15.01 -5.28 16.52
C GLU F 248 15.19 -4.48 17.82
N ASN F 249 14.50 -3.34 17.93
CA ASN F 249 14.76 -2.38 19.00
C ASN F 249 13.57 -2.22 19.95
N TYR F 250 12.40 -2.79 19.62
CA TYR F 250 11.19 -2.48 20.36
C TYR F 250 10.37 -3.73 20.67
N PHE F 251 9.66 -3.65 21.81
CA PHE F 251 8.47 -4.44 22.03
C PHE F 251 7.28 -3.61 21.53
N VAL F 252 6.36 -4.25 20.82
CA VAL F 252 5.22 -3.57 20.23
C VAL F 252 3.96 -4.01 20.97
N ILE F 253 3.28 -3.06 21.63
CA ILE F 253 2.05 -3.32 22.34
C ILE F 253 0.91 -2.64 21.57
N VAL F 254 -0.07 -3.45 21.13
CA VAL F 254 -1.25 -2.91 20.48
C VAL F 254 -2.34 -2.78 21.53
N GLU F 255 -2.67 -1.53 21.87
CA GLU F 255 -3.62 -1.21 22.92
C GLU F 255 -4.97 -0.90 22.28
N GLN F 256 -5.85 -1.91 22.23
CA GLN F 256 -7.13 -1.81 21.55
C GLN F 256 -8.20 -1.43 22.56
N PRO F 257 -9.34 -0.84 22.12
CA PRO F 257 -10.41 -0.43 23.03
C PRO F 257 -11.31 -1.56 23.54
N LEU F 258 -10.74 -2.76 23.70
CA LEU F 258 -11.34 -3.80 24.52
C LEU F 258 -10.51 -3.91 25.80
N SER F 259 -11.18 -3.72 26.95
N SER F 259 -11.18 -3.73 26.94
CA SER F 259 -10.51 -3.68 28.23
CA SER F 259 -10.51 -3.68 28.23
C SER F 259 -11.02 -4.82 29.12
C SER F 259 -11.02 -4.82 29.12
N ILE F 260 -10.16 -5.22 30.07
CA ILE F 260 -10.57 -6.05 31.19
C ILE F 260 -10.83 -5.11 32.36
N SER F 261 -12.06 -5.13 32.88
CA SER F 261 -12.38 -4.43 34.12
C SER F 261 -11.78 -5.20 35.29
N VAL F 262 -10.78 -4.58 35.95
CA VAL F 262 -10.08 -5.21 37.06
C VAL F 262 -11.08 -5.57 38.16
N TYR F 263 -11.92 -4.60 38.54
CA TYR F 263 -12.89 -4.81 39.60
C TYR F 263 -14.01 -5.74 39.13
N GLY F 264 -14.40 -5.61 37.86
CA GLY F 264 -15.34 -6.54 37.25
C GLY F 264 -14.89 -7.98 37.34
N LEU F 265 -13.61 -8.24 37.01
CA LEU F 265 -13.08 -9.60 37.00
C LEU F 265 -13.02 -10.15 38.43
N MET F 266 -12.59 -9.32 39.38
N MET F 266 -12.60 -9.32 39.38
CA MET F 266 -12.54 -9.68 40.78
CA MET F 266 -12.53 -9.75 40.77
C MET F 266 -13.94 -10.04 41.26
C MET F 266 -13.94 -10.06 41.27
N THR F 267 -14.92 -9.20 40.94
CA THR F 267 -16.32 -9.41 41.30
C THR F 267 -16.81 -10.76 40.77
N ASN F 268 -16.57 -11.03 39.48
CA ASN F 268 -17.09 -12.20 38.81
C ASN F 268 -16.46 -13.47 39.40
N LEU F 269 -15.16 -13.39 39.74
CA LEU F 269 -14.46 -14.50 40.37
C LEU F 269 -15.09 -14.82 41.73
N ILE F 270 -15.42 -13.78 42.51
CA ILE F 270 -15.98 -13.95 43.84
C ILE F 270 -17.42 -14.46 43.74
N ASN F 271 -18.23 -13.82 42.89
CA ASN F 271 -19.68 -14.06 42.87
C ASN F 271 -20.04 -15.17 41.89
N ASN F 272 -19.03 -15.83 41.30
CA ASN F 272 -19.26 -16.91 40.34
C ASN F 272 -20.15 -16.42 39.19
N ASN F 273 -19.70 -15.36 38.52
CA ASN F 273 -20.25 -14.99 37.22
C ASN F 273 -19.23 -15.43 36.16
N LYS F 274 -19.72 -15.71 34.94
CA LYS F 274 -18.84 -16.02 33.83
C LYS F 274 -17.91 -14.83 33.62
N LEU F 275 -16.62 -15.12 33.39
CA LEU F 275 -15.57 -14.11 33.45
C LEU F 275 -15.61 -13.20 32.23
N ALA F 276 -16.31 -13.65 31.17
CA ALA F 276 -16.47 -12.89 29.94
C ALA F 276 -17.07 -11.51 30.20
N ALA F 277 -17.92 -11.41 31.23
CA ALA F 277 -18.56 -10.15 31.60
C ALA F 277 -17.54 -9.09 31.99
N SER F 278 -16.29 -9.49 32.27
CA SER F 278 -15.22 -8.59 32.66
C SER F 278 -14.74 -7.75 31.47
N LEU F 279 -15.00 -8.22 30.24
CA LEU F 279 -14.54 -7.53 29.03
C LEU F 279 -15.47 -6.36 28.73
N LYS F 280 -14.87 -5.23 28.34
CA LYS F 280 -15.61 -4.01 28.04
C LYS F 280 -15.12 -3.41 26.72
N TRP F 281 -16.06 -3.07 25.84
CA TRP F 281 -15.77 -2.51 24.52
C TRP F 281 -16.12 -1.02 24.54
N TYR F 282 -15.16 -0.18 24.13
CA TYR F 282 -15.35 1.26 24.01
C TYR F 282 -15.26 1.71 22.55
N PRO F 283 -16.40 1.74 21.81
CA PRO F 283 -16.36 1.90 20.35
C PRO F 283 -15.97 3.27 19.82
N GLU F 284 -15.83 4.27 20.71
CA GLU F 284 -15.49 5.61 20.27
C GLU F 284 -13.99 5.88 20.44
N TYR F 285 -13.27 4.95 21.06
CA TYR F 285 -11.84 5.13 21.31
C TYR F 285 -11.02 4.47 20.22
N GLU F 286 -9.83 5.04 19.97
CA GLU F 286 -8.93 4.57 18.94
C GLU F 286 -8.00 3.50 19.49
N THR F 287 -7.30 2.83 18.58
CA THR F 287 -6.28 1.85 18.90
C THR F 287 -4.92 2.54 18.89
N HIS F 288 -4.10 2.27 19.92
CA HIS F 288 -2.76 2.82 20.00
C HIS F 288 -1.75 1.70 19.79
N ILE F 289 -0.68 2.01 19.04
CA ILE F 289 0.45 1.14 18.85
C ILE F 289 1.62 1.74 19.64
N VAL F 290 2.08 1.02 20.67
CA VAL F 290 3.03 1.55 21.64
C VAL F 290 4.33 0.78 21.53
N LEU F 291 5.45 1.50 21.38
CA LEU F 291 6.77 0.91 21.28
C LEU F 291 7.51 1.10 22.61
N LEU F 292 7.93 -0.02 23.21
CA LEU F 292 8.74 0.00 24.42
C LEU F 292 10.17 -0.33 24.02
N SER F 293 11.12 0.46 24.53
CA SER F 293 12.53 0.27 24.20
C SER F 293 13.04 -1.03 24.81
N ARG F 294 13.74 -1.83 23.99
CA ARG F 294 14.37 -3.06 24.47
C ARG F 294 15.63 -2.71 25.27
N THR F 295 16.11 -1.47 25.14
CA THR F 295 17.30 -0.99 25.85
C THR F 295 16.93 -0.44 27.22
N THR F 296 15.93 0.46 27.26
CA THR F 296 15.62 1.20 28.47
C THR F 296 14.39 0.62 29.19
N GLY F 297 13.55 -0.12 28.47
CA GLY F 297 12.36 -0.75 29.05
C GLY F 297 11.18 0.21 29.19
N LYS F 298 11.31 1.41 28.65
CA LYS F 298 10.27 2.43 28.76
C LYS F 298 9.58 2.63 27.41
N GLU F 299 8.32 3.09 27.45
CA GLU F 299 7.65 3.60 26.27
C GLU F 299 8.46 4.75 25.67
N VAL F 300 8.76 4.65 24.37
CA VAL F 300 9.53 5.66 23.67
C VAL F 300 8.72 6.24 22.50
N LYS F 301 7.76 5.48 21.96
CA LYS F 301 6.93 5.95 20.86
C LYS F 301 5.50 5.45 21.03
N ARG F 302 4.55 6.19 20.43
CA ARG F 302 3.14 5.81 20.42
C ARG F 302 2.49 6.38 19.17
N PHE F 303 1.69 5.55 18.50
CA PHE F 303 0.98 5.94 17.28
C PHE F 303 -0.48 5.53 17.40
N ARG F 304 -1.32 6.05 16.50
CA ARG F 304 -2.76 5.82 16.54
C ARG F 304 -3.23 5.16 15.25
N THR F 305 -4.31 4.38 15.35
CA THR F 305 -5.05 3.89 14.20
C THR F 305 -6.52 3.78 14.57
N ASP F 306 -7.33 3.28 13.64
CA ASP F 306 -8.77 3.20 13.83
C ASP F 306 -9.12 2.27 14.99
N THR F 307 -10.34 2.46 15.50
CA THR F 307 -10.98 1.48 16.36
C THR F 307 -10.92 0.12 15.67
N LEU F 308 -10.27 -0.86 16.31
CA LEU F 308 -10.26 -2.22 15.78
C LEU F 308 -10.17 -3.21 16.93
N PHE F 309 -10.51 -4.47 16.63
CA PHE F 309 -10.22 -5.60 17.49
C PHE F 309 -9.27 -6.54 16.75
N PHE F 310 -8.34 -7.15 17.48
CA PHE F 310 -7.44 -8.14 16.90
C PHE F 310 -7.20 -9.27 17.90
N LEU F 311 -6.82 -10.43 17.35
CA LEU F 311 -6.28 -11.53 18.14
C LEU F 311 -4.80 -11.72 17.80
N HIS F 312 -4.50 -11.87 16.50
CA HIS F 312 -3.20 -12.34 16.05
C HIS F 312 -2.48 -11.27 15.21
N ILE F 313 -1.35 -10.81 15.75
CA ILE F 313 -0.36 -10.05 14.99
C ILE F 313 0.46 -11.05 14.17
N ILE F 314 0.64 -10.74 12.88
CA ILE F 314 1.34 -11.62 11.96
C ILE F 314 2.85 -11.47 12.17
N ASN F 315 3.34 -10.23 12.11
CA ASN F 315 4.74 -9.92 12.29
C ASN F 315 4.91 -8.41 12.42
N CYS F 316 6.01 -8.00 13.07
CA CYS F 316 6.40 -6.60 13.16
C CYS F 316 7.88 -6.48 12.76
N TYR F 317 8.26 -5.33 12.19
CA TYR F 317 9.66 -5.09 11.88
C TYR F 317 9.92 -3.60 11.61
N GLU F 318 11.19 -3.22 11.71
CA GLU F 318 11.69 -1.92 11.34
C GLU F 318 12.41 -2.03 10.01
N HIS F 319 12.21 -1.06 9.12
CA HIS F 319 12.90 -1.05 7.84
C HIS F 319 13.08 0.39 7.34
N GLU F 320 14.34 0.84 7.30
CA GLU F 320 14.71 2.14 6.76
C GLU F 320 13.82 3.24 7.35
N GLY F 321 13.73 3.27 8.68
CA GLY F 321 13.07 4.36 9.41
C GLY F 321 11.56 4.18 9.53
N GLU F 322 11.03 3.07 8.99
CA GLU F 322 9.61 2.78 9.03
C GLU F 322 9.34 1.65 10.01
N LEU F 323 8.19 1.73 10.70
CA LEU F 323 7.66 0.63 11.50
C LEU F 323 6.56 -0.06 10.69
N VAL F 324 6.60 -1.39 10.64
CA VAL F 324 5.53 -2.18 10.03
C VAL F 324 4.93 -3.10 11.10
N VAL F 325 3.60 -3.05 11.23
CA VAL F 325 2.85 -3.98 12.06
C VAL F 325 1.75 -4.60 11.21
N ASP F 326 1.88 -5.90 10.92
CA ASP F 326 0.88 -6.66 10.19
C ASP F 326 0.06 -7.48 11.17
N LEU F 327 -1.28 -7.39 11.08
CA LEU F 327 -2.16 -8.10 11.98
C LEU F 327 -3.51 -8.35 11.32
N CYS F 328 -4.25 -9.33 11.86
CA CYS F 328 -5.58 -9.67 11.39
C CYS F 328 -6.62 -8.93 12.21
N THR F 329 -7.38 -8.03 11.56
CA THR F 329 -8.19 -7.06 12.26
C THR F 329 -9.68 -7.36 12.08
N TYR F 330 -10.46 -7.03 13.13
CA TYR F 330 -11.91 -6.99 13.09
C TYR F 330 -12.38 -5.57 13.38
N LYS F 331 -13.66 -5.31 13.11
CA LYS F 331 -14.29 -4.02 13.38
C LYS F 331 -14.64 -3.92 14.87
N ASP F 332 -14.89 -5.08 15.49
CA ASP F 332 -15.30 -5.15 16.89
C ASP F 332 -14.95 -6.55 17.40
N ALA F 333 -15.38 -6.85 18.65
CA ALA F 333 -15.00 -8.07 19.33
C ALA F 333 -16.13 -9.09 19.32
N LYS F 334 -17.03 -9.01 18.33
CA LYS F 334 -18.22 -9.85 18.29
C LYS F 334 -17.86 -11.32 18.03
N VAL F 335 -16.65 -11.59 17.54
CA VAL F 335 -16.22 -12.97 17.31
C VAL F 335 -16.25 -13.75 18.63
N VAL F 336 -16.05 -13.05 19.75
CA VAL F 336 -16.13 -13.66 21.07
C VAL F 336 -17.54 -14.18 21.32
N ASP F 337 -18.55 -13.37 20.98
CA ASP F 337 -19.94 -13.75 21.16
C ASP F 337 -20.33 -14.87 20.20
N ALA F 338 -19.66 -14.91 19.03
CA ALA F 338 -19.94 -15.91 18.01
C ALA F 338 -19.57 -17.32 18.49
N MET F 339 -18.67 -17.41 19.47
N MET F 339 -18.67 -17.41 19.47
CA MET F 339 -18.10 -18.69 19.88
CA MET F 339 -18.09 -18.68 19.89
C MET F 339 -18.76 -19.21 21.16
C MET F 339 -18.76 -19.21 21.16
N TYR F 340 -19.89 -18.62 21.54
CA TYR F 340 -20.80 -19.26 22.50
C TYR F 340 -21.40 -20.50 21.85
N VAL F 341 -21.57 -21.57 22.64
CA VAL F 341 -22.05 -22.84 22.11
C VAL F 341 -23.40 -22.62 21.41
N HIS F 342 -24.30 -21.86 22.05
N HIS F 342 -24.30 -21.86 22.05
CA HIS F 342 -25.62 -21.60 21.48
CA HIS F 342 -25.63 -21.59 21.50
C HIS F 342 -25.51 -20.85 20.16
C HIS F 342 -25.51 -20.85 20.16
N ALA F 343 -24.58 -19.90 20.07
CA ALA F 343 -24.39 -19.11 18.86
C ALA F 343 -23.90 -20.00 17.72
N ILE F 344 -22.99 -20.93 18.03
CA ILE F 344 -22.47 -21.87 17.05
C ILE F 344 -23.59 -22.79 16.59
N GLU F 345 -24.41 -23.27 17.53
CA GLU F 345 -25.49 -24.21 17.25
C GLU F 345 -26.52 -23.61 16.28
N THR F 346 -26.75 -22.29 16.36
CA THR F 346 -27.84 -21.65 15.64
C THR F 346 -27.32 -20.75 14.52
N MET F 347 -26.04 -20.91 14.14
CA MET F 347 -25.40 -19.95 13.24
C MET F 347 -26.02 -20.01 11.84
N GLN F 348 -26.62 -21.15 11.47
CA GLN F 348 -27.15 -21.33 10.13
C GLN F 348 -28.36 -20.43 9.88
N SER F 349 -28.98 -19.90 10.95
CA SER F 349 -30.09 -18.98 10.81
C SER F 349 -29.72 -17.57 11.29
N ASN F 350 -28.41 -17.32 11.45
CA ASN F 350 -27.93 -16.04 11.96
C ASN F 350 -27.32 -15.24 10.81
N ALA F 351 -28.01 -14.18 10.42
CA ALA F 351 -27.66 -13.39 9.24
C ALA F 351 -26.40 -12.56 9.48
N ASP F 352 -26.04 -12.32 10.75
CA ASP F 352 -24.91 -11.47 11.09
C ASP F 352 -23.66 -12.29 11.42
N TYR F 353 -23.76 -13.63 11.42
CA TYR F 353 -22.71 -14.47 11.95
C TYR F 353 -21.41 -14.26 11.18
N ALA F 354 -21.50 -14.20 9.84
CA ALA F 354 -20.33 -14.04 8.99
C ALA F 354 -19.65 -12.69 9.25
N GLU F 355 -20.43 -11.66 9.57
CA GLU F 355 -19.89 -10.33 9.84
C GLU F 355 -19.18 -10.32 11.19
N TRP F 356 -19.70 -11.10 12.17
CA TRP F 356 -19.06 -11.23 13.46
C TRP F 356 -17.64 -11.78 13.29
N PHE F 357 -17.46 -12.71 12.33
CA PHE F 357 -16.19 -13.36 12.06
C PHE F 357 -15.38 -12.63 10.99
N ARG F 358 -15.80 -11.42 10.59
CA ARG F 358 -15.21 -10.77 9.43
C ARG F 358 -13.86 -10.15 9.82
N ALA F 359 -12.78 -10.81 9.38
CA ALA F 359 -11.42 -10.36 9.63
C ALA F 359 -10.76 -9.95 8.32
N LYS F 360 -9.83 -9.00 8.40
CA LYS F 360 -9.05 -8.59 7.26
C LYS F 360 -7.60 -8.39 7.67
N PRO F 361 -6.63 -8.95 6.92
CA PRO F 361 -5.21 -8.74 7.22
C PRO F 361 -4.78 -7.34 6.78
N LYS F 362 -4.22 -6.56 7.71
CA LYS F 362 -3.84 -5.19 7.43
C LYS F 362 -2.39 -4.94 7.80
N ARG F 363 -1.76 -4.04 7.05
CA ARG F 363 -0.45 -3.50 7.38
C ARG F 363 -0.63 -2.10 7.95
N LEU F 364 -0.18 -1.91 9.20
CA LEU F 364 -0.05 -0.60 9.81
C LEU F 364 1.38 -0.14 9.63
N GLN F 365 1.57 1.09 9.13
CA GLN F 365 2.90 1.60 8.82
C GLN F 365 2.99 3.08 9.21
N VAL F 366 4.17 3.46 9.73
CA VAL F 366 4.43 4.83 10.13
C VAL F 366 5.95 5.03 10.19
N SER F 367 6.37 6.29 10.00
CA SER F 367 7.76 6.68 10.21
C SER F 367 8.07 6.66 11.71
N LEU F 368 9.20 6.03 12.06
CA LEU F 368 9.59 5.86 13.46
C LEU F 368 9.88 7.22 14.10
N ASN F 369 10.32 8.19 13.28
CA ASN F 369 10.71 9.50 13.80
C ASN F 369 9.55 10.49 13.74
N ALA F 370 8.36 10.02 13.35
CA ALA F 370 7.18 10.90 13.34
C ALA F 370 6.84 11.33 14.76
N PRO F 371 6.23 12.51 14.96
CA PRO F 371 5.85 12.95 16.30
C PRO F 371 4.88 11.96 16.96
N LYS F 372 5.00 11.82 18.29
CA LYS F 372 4.16 10.91 19.05
C LYS F 372 2.69 11.27 18.84
N MET F 373 1.88 10.22 18.63
CA MET F 373 0.43 10.29 18.42
C MET F 373 0.08 10.49 16.95
N THR F 374 1.09 10.42 16.06
CA THR F 374 0.86 10.42 14.63
C THR F 374 -0.02 9.24 14.25
N ARG F 375 -0.95 9.47 13.31
CA ARG F 375 -1.80 8.42 12.79
C ARG F 375 -0.99 7.55 11.82
N MET F 376 -1.14 6.23 11.97
CA MET F 376 -0.46 5.28 11.10
C MET F 376 -1.24 5.15 9.79
N LYS F 377 -0.55 4.74 8.74
CA LYS F 377 -1.18 4.32 7.49
C LYS F 377 -1.67 2.89 7.64
N SER F 378 -2.86 2.61 7.10
CA SER F 378 -3.53 1.33 7.27
C SER F 378 -3.96 0.79 5.90
N SER F 379 -3.34 -0.31 5.46
CA SER F 379 -3.58 -0.90 4.15
C SER F 379 -3.99 -2.36 4.30
N ILE F 380 -4.87 -2.83 3.40
CA ILE F 380 -5.26 -4.23 3.34
C ILE F 380 -4.18 -5.01 2.59
N LEU F 381 -3.79 -6.16 3.17
CA LEU F 381 -2.70 -6.96 2.64
C LEU F 381 -3.21 -7.95 1.59
N ALA F 382 -4.49 -8.35 1.71
CA ALA F 382 -5.11 -9.26 0.78
C ALA F 382 -6.63 -9.16 0.93
N ASP F 383 -7.35 -9.43 -0.16
CA ASP F 383 -8.79 -9.30 -0.21
C ASP F 383 -9.45 -10.61 0.20
N ILE F 384 -9.03 -11.16 1.36
CA ILE F 384 -9.59 -12.41 1.88
C ILE F 384 -9.37 -12.43 3.39
N GLY F 385 -10.37 -12.91 4.14
CA GLY F 385 -10.26 -13.06 5.58
C GLY F 385 -9.23 -14.13 5.96
N CYS F 386 -8.33 -13.77 6.88
CA CYS F 386 -7.27 -14.64 7.36
C CYS F 386 -7.29 -14.71 8.89
N GLU F 387 -7.03 -15.90 9.44
CA GLU F 387 -6.83 -16.07 10.88
C GLU F 387 -5.79 -17.16 11.14
N THR F 388 -5.36 -17.24 12.41
CA THR F 388 -4.25 -18.08 12.86
C THR F 388 -3.10 -18.01 11.87
N PRO F 389 -2.48 -16.82 11.68
CA PRO F 389 -1.37 -16.67 10.74
C PRO F 389 -0.06 -17.20 11.30
N ARG F 390 0.81 -17.69 10.41
CA ARG F 390 2.16 -18.07 10.76
C ARG F 390 3.10 -17.64 9.64
N ILE F 391 4.40 -17.58 9.96
CA ILE F 391 5.43 -17.18 9.01
C ILE F 391 6.61 -18.13 9.15
N HIS F 392 7.65 -17.90 8.36
CA HIS F 392 8.95 -18.53 8.58
C HIS F 392 9.55 -17.87 9.80
N TYR F 393 9.11 -18.34 10.98
CA TYR F 393 9.24 -17.61 12.23
C TYR F 393 10.70 -17.50 12.67
N ASP F 394 11.47 -18.59 12.53
CA ASP F 394 12.81 -18.69 13.08
C ASP F 394 13.74 -17.68 12.41
N LEU F 395 13.44 -17.28 11.17
CA LEU F 395 14.34 -16.45 10.40
C LEU F 395 13.75 -15.06 10.14
N HIS F 396 12.43 -14.89 10.27
CA HIS F 396 11.77 -13.68 9.80
C HIS F 396 10.97 -12.96 10.88
N ASN F 397 10.73 -13.59 12.05
CA ASN F 397 10.06 -12.89 13.12
C ASN F 397 10.91 -11.68 13.54
N SER F 398 10.25 -10.53 13.67
CA SER F 398 10.87 -9.28 14.09
C SER F 398 11.67 -8.63 12.97
N LYS F 399 11.61 -9.20 11.75
CA LYS F 399 12.44 -8.74 10.64
C LYS F 399 11.58 -8.59 9.40
N TYR F 400 12.15 -7.96 8.37
CA TYR F 400 11.51 -7.89 7.07
C TYR F 400 11.14 -9.29 6.61
N TYR F 401 9.96 -9.41 5.99
CA TYR F 401 9.46 -10.68 5.51
C TYR F 401 8.50 -10.40 4.35
N ARG F 402 8.13 -11.46 3.62
CA ARG F 402 7.30 -11.32 2.45
C ARG F 402 6.01 -12.14 2.55
N TYR F 403 6.10 -13.35 3.12
CA TYR F 403 5.01 -14.32 3.04
C TYR F 403 4.48 -14.65 4.44
N PHE F 404 3.14 -14.74 4.54
CA PHE F 404 2.53 -15.38 5.68
C PHE F 404 1.50 -16.41 5.20
N TYR F 405 1.15 -17.33 6.11
CA TYR F 405 0.24 -18.41 5.84
C TYR F 405 -0.86 -18.37 6.90
N ALA F 406 -2.10 -18.67 6.50
CA ALA F 406 -3.24 -18.54 7.38
C ALA F 406 -4.36 -19.46 6.91
N ILE F 407 -5.46 -19.46 7.69
CA ILE F 407 -6.67 -20.17 7.33
C ILE F 407 -7.76 -19.13 7.06
N SER F 408 -8.64 -19.44 6.11
CA SER F 408 -9.73 -18.56 5.76
C SER F 408 -10.63 -18.34 6.99
N SER F 409 -11.07 -17.09 7.18
CA SER F 409 -11.92 -16.73 8.31
C SER F 409 -13.31 -16.31 7.85
N ASP F 410 -13.57 -16.39 6.53
CA ASP F 410 -14.85 -16.01 5.96
C ASP F 410 -15.82 -17.19 6.06
N VAL F 411 -16.83 -17.05 6.93
CA VAL F 411 -17.82 -18.09 7.20
C VAL F 411 -18.62 -18.39 5.94
N ASP F 412 -18.78 -17.39 5.07
CA ASP F 412 -19.62 -17.49 3.88
C ASP F 412 -18.79 -17.78 2.63
N ALA F 413 -17.53 -18.18 2.80
CA ALA F 413 -16.67 -18.51 1.67
C ALA F 413 -17.18 -19.75 0.95
N GLU F 414 -16.77 -19.90 -0.32
CA GLU F 414 -17.05 -21.09 -1.10
C GLU F 414 -16.52 -22.32 -0.38
N ASN F 415 -15.31 -22.22 0.17
CA ASN F 415 -14.76 -23.24 1.05
C ASN F 415 -14.14 -22.54 2.26
N PRO F 416 -14.76 -22.62 3.45
CA PRO F 416 -14.27 -21.91 4.63
C PRO F 416 -13.09 -22.57 5.34
N GLY F 417 -12.60 -23.69 4.79
CA GLY F 417 -11.40 -24.35 5.30
C GLY F 417 -10.24 -24.26 4.31
N THR F 418 -9.95 -23.04 3.86
CA THR F 418 -8.91 -22.81 2.87
C THR F 418 -7.62 -22.41 3.57
N VAL F 419 -6.52 -23.09 3.20
CA VAL F 419 -5.19 -22.68 3.61
C VAL F 419 -4.71 -21.64 2.59
N ILE F 420 -4.24 -20.50 3.10
CA ILE F 420 -3.93 -19.34 2.26
C ILE F 420 -2.47 -18.97 2.46
N LYS F 421 -1.78 -18.69 1.35
CA LYS F 421 -0.47 -18.07 1.37
C LYS F 421 -0.61 -16.67 0.79
N VAL F 422 -0.18 -15.66 1.56
CA VAL F 422 -0.27 -14.27 1.14
C VAL F 422 1.13 -13.76 0.85
N ASP F 423 1.30 -13.19 -0.35
CA ASP F 423 2.50 -12.47 -0.73
C ASP F 423 2.24 -10.99 -0.44
N THR F 424 2.92 -10.45 0.58
CA THR F 424 2.65 -9.10 1.07
C THR F 424 3.15 -8.06 0.06
N LYS F 425 4.10 -8.44 -0.79
CA LYS F 425 4.66 -7.54 -1.79
C LYS F 425 3.61 -7.24 -2.86
N THR F 426 2.98 -8.29 -3.40
CA THR F 426 2.12 -8.18 -4.58
C THR F 426 0.64 -8.22 -4.20
N GLY F 427 0.31 -8.86 -3.07
CA GLY F 427 -1.07 -9.10 -2.69
C GLY F 427 -1.61 -10.42 -3.24
N GLU F 428 -0.77 -11.15 -4.01
CA GLU F 428 -1.13 -12.41 -4.62
C GLU F 428 -1.39 -13.45 -3.53
N THR F 429 -2.41 -14.29 -3.73
CA THR F 429 -2.70 -15.40 -2.84
C THR F 429 -2.56 -16.72 -3.60
N LYS F 430 -2.13 -17.76 -2.88
CA LYS F 430 -2.24 -19.14 -3.33
C LYS F 430 -2.94 -19.95 -2.25
N THR F 431 -3.69 -20.98 -2.66
CA THR F 431 -4.64 -21.62 -1.76
C THR F 431 -4.60 -23.14 -1.90
N TRP F 432 -5.01 -23.81 -0.81
CA TRP F 432 -5.32 -25.23 -0.82
C TRP F 432 -6.63 -25.42 -0.07
N CYS F 433 -7.52 -26.25 -0.63
CA CYS F 433 -8.75 -26.62 0.04
C CYS F 433 -9.30 -27.91 -0.57
N ARG F 434 -10.10 -28.63 0.22
CA ARG F 434 -10.81 -29.81 -0.23
C ARG F 434 -12.23 -29.78 0.35
N PRO F 435 -13.22 -30.41 -0.30
CA PRO F 435 -14.60 -30.39 0.21
C PRO F 435 -14.71 -30.98 1.61
N ASN F 436 -15.47 -30.28 2.48
CA ASN F 436 -15.84 -30.75 3.79
C ASN F 436 -14.61 -30.95 4.68
N CYS F 437 -13.51 -30.25 4.36
CA CYS F 437 -12.25 -30.42 5.07
C CYS F 437 -11.88 -29.12 5.77
N TYR F 438 -11.43 -29.24 7.03
CA TYR F 438 -11.14 -28.09 7.87
C TYR F 438 -9.71 -28.18 8.38
N PRO F 439 -8.74 -27.57 7.67
CA PRO F 439 -7.35 -27.57 8.10
C PRO F 439 -7.10 -26.61 9.25
N SER F 440 -6.06 -26.91 10.04
CA SER F 440 -5.64 -26.08 11.15
C SER F 440 -4.66 -25.03 10.64
N GLU F 441 -4.42 -24.05 11.51
CA GLU F 441 -3.23 -23.21 11.47
C GLU F 441 -2.08 -23.95 10.79
N PRO F 442 -1.52 -23.43 9.68
CA PRO F 442 -0.37 -24.05 9.02
C PRO F 442 0.94 -23.59 9.65
N ILE F 443 1.86 -24.53 9.87
CA ILE F 443 3.15 -24.21 10.46
C ILE F 443 4.24 -24.48 9.43
N PHE F 444 5.12 -23.48 9.26
CA PHE F 444 6.16 -23.53 8.25
C PHE F 444 7.39 -24.25 8.81
N VAL F 445 7.95 -25.15 8.00
CA VAL F 445 9.19 -25.84 8.30
C VAL F 445 10.13 -25.66 7.11
N PRO F 446 11.32 -25.06 7.28
CA PRO F 446 12.23 -24.81 6.15
C PRO F 446 12.88 -26.10 5.64
N SER F 447 13.22 -26.10 4.35
CA SER F 447 13.89 -27.24 3.74
C SER F 447 15.36 -27.24 4.15
N PRO F 448 16.03 -28.41 4.16
CA PRO F 448 17.41 -28.53 4.65
C PRO F 448 18.40 -27.47 4.18
N ASN F 449 18.44 -27.22 2.86
CA ASN F 449 19.39 -26.26 2.30
C ASN F 449 18.62 -25.05 1.78
N ALA F 450 17.76 -24.48 2.64
CA ALA F 450 16.80 -23.46 2.22
C ALA F 450 17.52 -22.23 1.70
N LYS F 451 17.07 -21.73 0.54
CA LYS F 451 17.63 -20.54 -0.08
C LYS F 451 16.68 -19.36 0.13
N ASP F 452 15.38 -19.58 -0.13
CA ASP F 452 14.38 -18.53 -0.10
C ASP F 452 13.56 -18.60 1.18
N GLU F 453 12.79 -17.53 1.44
CA GLU F 453 11.95 -17.43 2.62
C GLU F 453 10.90 -18.55 2.63
N ASP F 454 10.37 -18.89 1.45
CA ASP F 454 9.27 -19.84 1.33
C ASP F 454 9.78 -21.20 0.83
N ASP F 455 11.08 -21.45 0.99
N ASP F 455 11.08 -21.45 0.99
CA ASP F 455 11.69 -22.73 0.64
CA ASP F 455 11.68 -22.73 0.63
C ASP F 455 11.46 -23.71 1.78
C ASP F 455 11.46 -23.71 1.78
N GLY F 456 10.30 -24.37 1.80
CA GLY F 456 9.96 -25.31 2.86
C GLY F 456 8.56 -25.88 2.69
N VAL F 457 7.98 -26.39 3.80
CA VAL F 457 6.68 -27.02 3.77
C VAL F 457 5.79 -26.43 4.85
N LEU F 458 4.47 -26.63 4.70
CA LEU F 458 3.49 -26.31 5.73
C LEU F 458 2.94 -27.61 6.29
N LEU F 459 2.87 -27.70 7.62
CA LEU F 459 2.17 -28.78 8.30
C LEU F 459 0.83 -28.24 8.81
N SER F 460 -0.24 -29.00 8.52
CA SER F 460 -1.57 -28.67 8.98
C SER F 460 -2.30 -29.94 9.42
N ALA F 461 -2.98 -29.85 10.57
CA ALA F 461 -3.83 -30.93 11.04
C ALA F 461 -5.23 -30.75 10.47
N LEU F 462 -5.80 -31.82 9.89
CA LEU F 462 -7.09 -31.77 9.25
C LEU F 462 -8.14 -32.48 10.12
N VAL F 463 -9.36 -31.92 10.15
CA VAL F 463 -10.56 -32.66 10.48
C VAL F 463 -11.55 -32.48 9.34
N TRP F 464 -12.62 -33.28 9.34
CA TRP F 464 -13.68 -33.16 8.35
C TRP F 464 -14.99 -32.84 9.07
N GLY F 465 -15.95 -32.32 8.30
CA GLY F 465 -17.26 -31.97 8.82
C GLY F 465 -18.29 -33.06 8.55
N GLY F 466 -19.56 -32.71 8.79
CA GLY F 466 -20.67 -33.62 8.58
C GLY F 466 -20.54 -34.89 9.46
N GLU F 467 -20.71 -36.05 8.82
CA GLU F 467 -20.71 -37.33 9.51
C GLU F 467 -19.30 -37.88 9.67
N MET F 468 -18.31 -37.25 9.01
N MET F 468 -18.31 -37.25 9.01
CA MET F 468 -16.93 -37.71 9.04
CA MET F 468 -16.93 -37.71 9.04
C MET F 468 -16.21 -37.10 10.23
C MET F 468 -16.21 -37.10 10.23
N ASN F 469 -16.69 -37.42 11.44
CA ASN F 469 -16.27 -36.73 12.66
C ASN F 469 -15.24 -37.51 13.45
N GLN F 470 -14.72 -38.62 12.89
CA GLN F 470 -13.77 -39.45 13.62
C GLN F 470 -12.56 -39.73 12.72
N THR F 471 -12.13 -38.69 11.99
CA THR F 471 -10.99 -38.79 11.11
C THR F 471 -10.13 -37.54 11.29
N VAL F 472 -8.82 -37.76 11.42
CA VAL F 472 -7.84 -36.69 11.54
C VAL F 472 -6.72 -37.00 10.56
N ALA F 473 -6.00 -35.96 10.12
CA ALA F 473 -4.88 -36.16 9.21
C ALA F 473 -3.82 -35.09 9.43
N LEU F 474 -2.58 -35.43 9.05
CA LEU F 474 -1.53 -34.46 8.89
C LEU F 474 -1.32 -34.21 7.40
N LEU F 475 -1.48 -32.94 6.99
CA LEU F 475 -1.25 -32.51 5.62
C LEU F 475 0.12 -31.82 5.54
N VAL F 476 0.89 -32.16 4.50
CA VAL F 476 2.12 -31.45 4.19
C VAL F 476 1.99 -30.80 2.81
N LEU F 477 2.06 -29.47 2.78
CA LEU F 477 2.03 -28.68 1.56
C LEU F 477 3.42 -28.17 1.22
N ASN F 478 3.69 -28.04 -0.08
CA ASN F 478 4.84 -27.31 -0.59
C ASN F 478 4.56 -25.82 -0.40
N ALA F 479 5.42 -25.12 0.34
CA ALA F 479 5.18 -23.74 0.73
C ALA F 479 5.29 -22.80 -0.47
N LYS F 480 6.04 -23.19 -1.50
CA LYS F 480 6.20 -22.36 -2.69
C LYS F 480 4.92 -22.38 -3.52
N THR F 481 4.35 -23.56 -3.71
CA THR F 481 3.29 -23.78 -4.69
C THR F 481 1.92 -24.01 -4.04
N MET F 482 1.91 -24.33 -2.74
N MET F 482 1.92 -24.34 -2.74
CA MET F 482 0.70 -24.66 -1.99
CA MET F 482 0.72 -24.67 -1.98
C MET F 482 0.06 -25.94 -2.56
C MET F 482 0.07 -25.94 -2.55
N GLU F 483 0.89 -26.82 -3.13
CA GLU F 483 0.43 -28.12 -3.60
C GLU F 483 0.67 -29.15 -2.51
N GLU F 484 -0.27 -30.10 -2.40
CA GLU F 484 -0.15 -31.19 -1.45
C GLU F 484 1.00 -32.10 -1.87
N MET F 485 1.94 -32.32 -0.94
CA MET F 485 3.06 -33.24 -1.16
C MET F 485 2.67 -34.63 -0.66
N GLY F 486 2.06 -34.68 0.54
CA GLY F 486 1.70 -35.95 1.15
C GLY F 486 0.72 -35.75 2.30
N ARG F 487 0.19 -36.88 2.80
CA ARG F 487 -0.83 -36.84 3.84
C ARG F 487 -0.82 -38.16 4.61
N ALA F 488 -0.98 -38.05 5.94
CA ALA F 488 -1.19 -39.20 6.81
C ALA F 488 -2.58 -39.09 7.43
N THR F 489 -3.41 -40.13 7.24
CA THR F 489 -4.80 -40.10 7.67
C THR F 489 -5.02 -41.16 8.76
N PHE F 490 -5.78 -40.78 9.79
CA PHE F 490 -6.03 -41.62 10.94
C PHE F 490 -7.52 -41.63 11.27
N ASN F 491 -8.02 -42.78 11.73
CA ASN F 491 -9.38 -42.89 12.25
C ASN F 491 -9.30 -42.98 13.77
N THR F 492 -10.07 -42.11 14.44
CA THR F 492 -10.04 -42.02 15.90
C THR F 492 -11.20 -42.83 16.47
N PRO F 493 -11.06 -43.38 17.69
CA PRO F 493 -12.12 -44.20 18.30
C PRO F 493 -13.34 -43.40 18.77
N SER F 494 -13.21 -42.07 18.83
CA SER F 494 -14.30 -41.20 19.24
C SER F 494 -14.20 -39.89 18.45
N PRO F 495 -15.17 -38.95 18.58
CA PRO F 495 -15.13 -37.70 17.83
C PRO F 495 -13.79 -36.96 17.95
N ALA F 496 -13.36 -36.38 16.82
CA ALA F 496 -12.06 -35.73 16.70
C ALA F 496 -12.23 -34.22 16.78
N PRO F 497 -11.98 -33.56 17.94
CA PRO F 497 -12.19 -32.13 18.09
C PRO F 497 -11.14 -31.29 17.37
N LYS F 498 -11.56 -30.10 16.91
CA LYS F 498 -10.70 -29.21 16.14
C LYS F 498 -9.78 -28.46 17.11
N CYS F 499 -8.50 -28.38 16.75
CA CYS F 499 -7.46 -27.77 17.58
C CYS F 499 -7.32 -26.29 17.23
N LEU F 500 -6.45 -25.58 17.97
CA LEU F 500 -6.24 -24.15 17.78
C LEU F 500 -4.82 -23.87 17.28
N HIS F 501 -3.83 -24.05 18.16
CA HIS F 501 -2.47 -23.66 17.86
C HIS F 501 -1.51 -24.82 18.15
N GLY F 502 -0.33 -24.77 17.53
CA GLY F 502 0.66 -25.83 17.69
C GLY F 502 2.09 -25.33 17.55
N TRP F 503 3.02 -26.28 17.61
CA TRP F 503 4.44 -26.00 17.44
C TRP F 503 5.11 -27.25 16.87
N PHE F 504 6.07 -27.05 15.96
CA PHE F 504 6.84 -28.16 15.41
C PHE F 504 8.21 -28.23 16.06
N LEU F 505 8.55 -29.42 16.57
CA LEU F 505 9.83 -29.68 17.21
C LEU F 505 10.66 -30.59 16.31
N PRO F 506 11.68 -30.07 15.57
CA PRO F 506 12.58 -30.95 14.81
C PRO F 506 13.42 -31.84 15.73
N THR F 507 13.68 -33.08 15.31
CA THR F 507 14.45 -34.01 16.13
C THR F 507 15.59 -34.62 15.31
N LYS G 7 -16.58 48.82 -72.26
CA LYS G 7 -15.16 49.12 -71.97
C LYS G 7 -14.73 50.40 -72.65
N LEU G 8 -14.35 51.40 -71.85
CA LEU G 8 -13.87 52.67 -72.37
C LEU G 8 -12.44 52.52 -72.92
N TYR G 9 -11.70 51.52 -72.42
CA TYR G 9 -10.30 51.34 -72.77
C TYR G 9 -10.07 49.89 -73.18
N PRO G 10 -10.68 49.43 -74.30
CA PRO G 10 -10.69 48.01 -74.65
C PRO G 10 -9.33 47.38 -74.96
N ASN G 11 -8.33 48.20 -75.30
CA ASN G 11 -7.01 47.69 -75.63
C ASN G 11 -6.09 47.66 -74.40
N CYS G 12 -6.61 48.04 -73.23
CA CYS G 12 -5.81 48.13 -72.02
C CYS G 12 -6.35 47.18 -70.95
N ASP G 13 -5.48 46.29 -70.46
CA ASP G 13 -5.79 45.44 -69.32
C ASP G 13 -5.03 45.95 -68.10
N ALA G 14 -5.72 46.73 -67.28
CA ALA G 14 -5.10 47.36 -66.11
C ALA G 14 -4.87 46.33 -65.00
N THR G 15 -5.47 45.13 -65.12
CA THR G 15 -5.37 44.11 -64.08
C THR G 15 -4.00 43.44 -64.09
N VAL G 16 -3.10 43.82 -65.02
CA VAL G 16 -1.72 43.35 -64.99
C VAL G 16 -1.03 43.85 -63.71
N TRP G 17 -1.60 44.88 -63.06
CA TRP G 17 -1.05 45.46 -61.85
C TRP G 17 -1.56 44.76 -60.59
N LEU G 18 -2.58 43.89 -60.71
CA LEU G 18 -3.33 43.41 -59.56
C LEU G 18 -2.97 41.97 -59.20
N ARG G 19 -1.74 41.53 -59.51
CA ARG G 19 -1.39 40.13 -59.36
C ARG G 19 -0.58 39.90 -58.09
N SER G 20 -0.65 38.67 -57.57
CA SER G 20 0.15 38.24 -56.42
C SER G 20 0.92 36.97 -56.76
N CYS G 21 2.24 37.02 -56.63
CA CYS G 21 3.09 35.84 -56.78
C CYS G 21 2.82 34.90 -55.59
N GLU G 22 2.51 33.64 -55.88
CA GLU G 22 2.19 32.67 -54.86
C GLU G 22 3.32 31.66 -54.67
N GLU G 23 4.28 31.65 -55.60
CA GLU G 23 5.36 30.68 -55.56
C GLU G 23 6.64 31.30 -56.12
N GLU G 24 7.67 31.37 -55.27
CA GLU G 24 8.93 31.97 -55.66
C GLU G 24 9.64 31.03 -56.64
N VAL G 25 10.32 31.63 -57.63
CA VAL G 25 11.17 30.89 -58.55
C VAL G 25 12.59 31.04 -58.05
N SER G 26 12.97 30.17 -57.11
CA SER G 26 14.28 30.21 -56.47
C SER G 26 15.36 29.64 -57.37
N GLU G 27 15.07 28.47 -57.96
CA GLU G 27 16.00 27.82 -58.89
C GLU G 27 15.82 28.47 -60.26
N PRO G 28 16.91 28.87 -60.96
CA PRO G 28 16.79 29.50 -62.28
C PRO G 28 16.00 28.64 -63.27
N LEU G 29 14.95 29.22 -63.85
CA LEU G 29 14.16 28.61 -64.91
C LEU G 29 14.84 28.87 -66.24
N GLU G 30 14.99 27.80 -67.05
CA GLU G 30 15.34 27.94 -68.45
C GLU G 30 14.08 28.42 -69.17
N GLY G 31 14.29 29.17 -70.25
CA GLY G 31 13.19 29.76 -71.01
C GLY G 31 13.10 29.18 -72.42
N THR G 32 12.43 29.92 -73.30
CA THR G 32 12.38 29.63 -74.72
C THR G 32 13.00 30.81 -75.47
N MET G 33 14.08 30.56 -76.23
CA MET G 33 14.81 31.60 -76.91
C MET G 33 14.26 31.75 -78.33
N THR G 34 14.00 33.00 -78.75
CA THR G 34 13.70 33.32 -80.14
C THR G 34 14.60 34.46 -80.58
N GLY G 35 14.82 34.58 -81.90
CA GLY G 35 15.76 35.54 -82.43
C GLY G 35 17.18 35.23 -81.98
N GLU G 36 18.01 36.28 -81.89
CA GLU G 36 19.39 36.16 -81.45
C GLU G 36 19.73 37.32 -80.52
N PHE G 37 20.58 37.04 -79.53
CA PHE G 37 21.19 38.07 -78.70
C PHE G 37 22.58 38.40 -79.25
N PRO G 38 23.07 39.66 -79.13
CA PRO G 38 24.48 39.95 -79.40
C PRO G 38 25.38 39.14 -78.47
N SER G 39 26.52 38.66 -78.98
CA SER G 39 27.41 37.80 -78.23
C SER G 39 27.96 38.52 -77.00
N TRP G 40 28.15 39.83 -77.13
CA TRP G 40 28.74 40.65 -76.07
C TRP G 40 27.76 40.88 -74.92
N LEU G 41 26.46 40.70 -75.16
CA LEU G 41 25.45 40.96 -74.14
C LEU G 41 25.49 39.86 -73.08
N ARG G 42 25.93 40.22 -71.87
CA ARG G 42 26.29 39.26 -70.84
C ARG G 42 26.23 39.97 -69.50
N GLY G 43 25.40 39.45 -68.58
CA GLY G 43 25.23 40.07 -67.27
C GLY G 43 23.90 39.70 -66.61
N THR G 44 23.55 40.48 -65.58
CA THR G 44 22.38 40.22 -64.74
C THR G 44 21.47 41.44 -64.76
N LEU G 45 20.22 41.24 -65.20
CA LEU G 45 19.18 42.25 -65.06
C LEU G 45 18.38 41.94 -63.80
N LEU G 46 18.48 42.86 -62.82
CA LEU G 46 17.66 42.81 -61.61
C LEU G 46 16.47 43.75 -61.78
N ARG G 47 15.29 43.29 -61.36
CA ARG G 47 14.09 44.11 -61.37
C ARG G 47 13.45 44.08 -59.99
N ASN G 48 12.75 45.17 -59.64
CA ASN G 48 12.01 45.27 -58.40
C ASN G 48 10.63 45.82 -58.73
N GLY G 49 9.63 45.46 -57.91
CA GLY G 49 8.30 46.00 -58.10
C GLY G 49 7.29 45.38 -57.14
N PRO G 50 6.01 45.83 -57.20
CA PRO G 50 4.94 45.24 -56.41
C PRO G 50 4.65 43.81 -56.87
N GLY G 51 4.40 42.91 -55.90
CA GLY G 51 4.32 41.49 -56.20
C GLY G 51 3.30 40.71 -55.36
N CYS G 52 2.61 41.37 -54.42
CA CYS G 52 1.62 40.66 -53.61
C CYS G 52 0.68 41.66 -52.92
N LEU G 53 -0.60 41.62 -53.31
CA LEU G 53 -1.63 42.44 -52.72
C LEU G 53 -2.29 41.73 -51.53
N ASN G 54 -2.07 40.41 -51.41
CA ASN G 54 -2.71 39.61 -50.38
C ASN G 54 -1.84 39.55 -49.13
N VAL G 55 -2.47 39.66 -47.97
CA VAL G 55 -1.80 39.54 -46.67
C VAL G 55 -2.71 38.72 -45.76
N GLY G 56 -2.50 37.40 -45.76
CA GLY G 56 -3.38 36.49 -45.04
C GLY G 56 -4.79 36.51 -45.63
N THR G 57 -5.76 36.97 -44.82
CA THR G 57 -7.14 37.11 -45.24
C THR G 57 -7.40 38.52 -45.78
N MET G 58 -6.44 39.42 -45.57
CA MET G 58 -6.60 40.83 -45.90
C MET G 58 -5.96 41.11 -47.27
N ARG G 59 -6.27 42.30 -47.80
CA ARG G 59 -5.78 42.72 -49.10
C ARG G 59 -5.38 44.19 -49.03
N PHE G 60 -4.22 44.53 -49.59
CA PHE G 60 -3.79 45.91 -49.73
C PHE G 60 -4.75 46.66 -50.65
N GLU G 61 -4.88 47.97 -50.44
CA GLU G 61 -5.88 48.78 -51.13
C GLU G 61 -5.23 49.72 -52.14
N HIS G 62 -3.89 49.75 -52.19
CA HIS G 62 -3.19 50.56 -53.16
C HIS G 62 -1.99 49.78 -53.70
N LEU G 63 -1.66 50.02 -54.97
CA LEU G 63 -0.61 49.29 -55.66
C LEU G 63 0.74 49.53 -54.98
N PHE G 64 0.93 50.72 -54.40
CA PHE G 64 2.20 51.09 -53.78
C PHE G 64 2.44 50.28 -52.50
N ASP G 65 1.40 49.62 -51.98
CA ASP G 65 1.49 48.84 -50.76
C ASP G 65 1.97 47.42 -51.05
N SER G 66 1.85 46.98 -52.31
CA SER G 66 2.07 45.58 -52.68
C SER G 66 3.52 45.16 -52.41
N SER G 67 3.69 43.92 -51.94
CA SER G 67 4.95 43.45 -51.37
C SER G 67 6.06 43.39 -52.42
N ALA G 68 7.24 43.91 -52.05
CA ALA G 68 8.39 43.97 -52.92
C ALA G 68 8.77 42.57 -53.43
N LEU G 69 8.78 42.42 -54.76
CA LEU G 69 9.18 41.18 -55.41
C LEU G 69 10.37 41.47 -56.34
N LEU G 70 11.48 40.78 -56.09
CA LEU G 70 12.70 40.90 -56.88
C LEU G 70 12.64 39.91 -58.05
N HIS G 71 13.25 40.30 -59.18
CA HIS G 71 13.36 39.44 -60.34
C HIS G 71 14.81 39.46 -60.81
N ARG G 72 15.27 38.33 -61.37
CA ARG G 72 16.62 38.21 -61.88
C ARG G 72 16.59 37.51 -63.24
N PHE G 73 17.12 38.19 -64.26
CA PHE G 73 17.39 37.58 -65.56
C PHE G 73 18.90 37.48 -65.74
N ALA G 74 19.42 36.25 -65.74
CA ALA G 74 20.84 36.00 -65.99
C ALA G 74 21.05 35.72 -67.48
N ILE G 75 21.88 36.55 -68.12
CA ILE G 75 22.08 36.51 -69.57
C ILE G 75 23.52 36.10 -69.86
N ASP G 76 23.69 35.05 -70.66
CA ASP G 76 25.01 34.66 -71.14
C ASP G 76 24.92 33.76 -72.37
N ASP G 77 25.66 34.14 -73.42
CA ASP G 77 25.88 33.30 -74.60
C ASP G 77 24.55 32.90 -75.24
N GLY G 78 23.63 33.86 -75.35
CA GLY G 78 22.37 33.65 -76.05
C GLY G 78 21.32 32.90 -75.23
N THR G 79 21.58 32.69 -73.94
CA THR G 79 20.66 32.00 -73.04
C THR G 79 20.30 32.94 -71.90
N VAL G 80 19.09 32.75 -71.36
CA VAL G 80 18.59 33.55 -70.25
C VAL G 80 17.87 32.61 -69.28
N THR G 81 18.12 32.79 -67.98
CA THR G 81 17.33 32.15 -66.94
C THR G 81 16.58 33.21 -66.12
N TYR G 82 15.52 32.77 -65.44
CA TYR G 82 14.66 33.65 -64.66
C TYR G 82 14.55 33.17 -63.22
N GLN G 83 14.54 34.12 -62.28
CA GLN G 83 14.23 33.87 -60.88
C GLN G 83 13.37 35.02 -60.36
N CYS G 84 12.56 34.74 -59.33
CA CYS G 84 11.90 35.79 -58.57
C CYS G 84 11.76 35.36 -57.12
N ARG G 85 11.89 36.34 -56.21
CA ARG G 85 11.94 36.09 -54.78
C ARG G 85 11.48 37.37 -54.07
N PHE G 86 10.58 37.22 -53.09
CA PHE G 86 10.15 38.35 -52.28
C PHE G 86 11.32 38.89 -51.48
N LEU G 87 11.41 40.22 -51.38
CA LEU G 87 12.34 40.87 -50.48
C LEU G 87 11.89 40.61 -49.06
N ARG G 88 12.80 40.09 -48.22
CA ARG G 88 12.45 39.73 -46.85
C ARG G 88 12.56 40.98 -45.99
N THR G 89 11.48 41.77 -45.97
CA THR G 89 11.45 43.04 -45.25
C THR G 89 10.90 42.81 -43.85
N ASN G 90 11.11 43.81 -42.97
CA ASN G 90 10.55 43.82 -41.64
C ASN G 90 9.02 43.76 -41.74
N THR G 91 8.46 44.53 -42.68
CA THR G 91 7.01 44.60 -42.87
C THR G 91 6.46 43.23 -43.26
N LEU G 92 7.13 42.55 -44.20
CA LEU G 92 6.68 41.24 -44.65
C LEU G 92 6.72 40.25 -43.49
N LYS G 93 7.79 40.28 -42.70
CA LYS G 93 7.97 39.38 -41.56
C LYS G 93 6.84 39.59 -40.55
N LYS G 94 6.57 40.87 -40.22
CA LYS G 94 5.57 41.20 -39.22
C LYS G 94 4.17 40.83 -39.72
N ASN G 95 3.87 41.11 -40.99
CA ASN G 95 2.56 40.85 -41.56
C ASN G 95 2.32 39.33 -41.66
N ARG G 96 3.36 38.57 -42.03
CA ARG G 96 3.23 37.13 -42.20
C ARG G 96 3.06 36.45 -40.84
N ALA G 97 3.82 36.92 -39.85
CA ALA G 97 3.71 36.42 -38.48
C ALA G 97 2.30 36.64 -37.95
N ALA G 98 1.76 37.85 -38.15
CA ALA G 98 0.44 38.20 -37.67
C ALA G 98 -0.65 37.60 -38.56
N ASN G 99 -0.28 37.30 -39.82
CA ASN G 99 -1.21 36.83 -40.84
C ASN G 99 -2.25 37.92 -41.12
N ARG G 100 -1.81 39.18 -41.07
CA ARG G 100 -2.66 40.32 -41.40
C ARG G 100 -1.78 41.57 -41.52
N ILE G 101 -2.38 42.67 -41.96
CA ILE G 101 -1.68 43.94 -42.15
C ILE G 101 -1.57 44.61 -40.79
N VAL G 102 -0.35 44.68 -40.25
CA VAL G 102 -0.09 45.28 -38.95
C VAL G 102 0.84 46.48 -39.09
N VAL G 103 1.26 46.81 -40.32
CA VAL G 103 2.12 47.96 -40.56
C VAL G 103 1.36 48.90 -41.50
N THR G 104 1.28 50.17 -41.10
CA THR G 104 0.54 51.18 -41.84
C THR G 104 1.27 51.45 -43.16
N GLU G 105 0.50 51.54 -44.24
CA GLU G 105 1.03 51.70 -45.58
C GLU G 105 0.50 53.00 -46.19
N PHE G 106 1.02 53.31 -47.39
CA PHE G 106 0.62 54.48 -48.17
C PHE G 106 -0.90 54.52 -48.33
N GLY G 107 -1.50 53.41 -48.75
CA GLY G 107 -2.90 53.38 -49.14
C GLY G 107 -3.76 52.47 -48.28
N THR G 108 -3.18 51.85 -47.25
CA THR G 108 -3.89 50.88 -46.43
C THR G 108 -3.62 51.14 -44.95
N LYS G 109 -4.70 51.14 -44.16
CA LYS G 109 -4.64 51.22 -42.70
C LYS G 109 -4.27 49.85 -42.14
N SER G 110 -3.55 49.82 -41.02
CA SER G 110 -3.11 48.58 -40.41
C SER G 110 -4.04 48.19 -39.26
N ALA G 111 -4.14 46.87 -39.03
CA ALA G 111 -4.91 46.32 -37.95
C ALA G 111 -4.04 46.26 -36.69
N PRO G 112 -4.61 45.98 -35.50
CA PRO G 112 -3.80 45.81 -34.28
C PRO G 112 -2.80 44.66 -34.38
N ASP G 113 -1.55 44.95 -34.01
CA ASP G 113 -0.47 43.97 -34.08
C ASP G 113 -0.55 43.08 -32.84
N PRO G 114 -0.75 41.74 -33.00
CA PRO G 114 -0.85 40.85 -31.84
C PRO G 114 0.48 40.75 -31.09
N CSD G 115 0.40 40.49 -29.78
CA CSD G 115 1.55 40.18 -28.94
CB CSD G 115 2.46 39.14 -29.60
SG CSD G 115 1.61 37.54 -29.71
C CSD G 115 2.32 41.44 -28.55
O CSD G 115 3.53 41.37 -28.32
OD1 CSD G 115 2.51 36.64 -30.47
OD2 CSD G 115 1.63 36.98 -28.23
N HIS G 116 1.62 42.57 -28.41
CA HIS G 116 2.28 43.85 -28.12
C HIS G 116 1.50 44.68 -27.10
N THR G 117 2.22 45.55 -26.39
CA THR G 117 1.65 46.46 -25.41
C THR G 117 1.34 47.81 -26.08
N HIS G 131 6.81 54.14 -36.84
CA HIS G 131 6.58 52.74 -37.27
C HIS G 131 6.18 52.73 -38.75
N MET G 132 7.16 53.00 -39.62
CA MET G 132 6.92 53.20 -41.03
C MET G 132 7.37 51.94 -41.77
N SER G 133 6.63 51.58 -42.83
CA SER G 133 6.91 50.38 -43.61
C SER G 133 8.29 50.47 -44.25
N ASP G 134 8.93 49.31 -44.43
CA ASP G 134 10.17 49.20 -45.17
C ASP G 134 9.94 48.35 -46.43
N ASN G 135 8.75 48.45 -47.03
CA ASN G 135 8.44 47.72 -48.24
C ASN G 135 9.19 48.34 -49.41
N ALA G 136 10.45 47.95 -49.57
CA ALA G 136 11.34 48.54 -50.56
C ALA G 136 11.08 47.92 -51.92
N MET G 137 9.99 48.34 -52.57
CA MET G 137 9.50 47.67 -53.76
C MET G 137 9.78 48.49 -55.04
N ILE G 138 10.35 49.69 -54.89
CA ILE G 138 10.39 50.63 -56.00
C ILE G 138 11.56 50.33 -56.94
N SER G 139 12.78 50.20 -56.40
CA SER G 139 13.98 50.20 -57.22
C SER G 139 15.11 49.39 -56.58
N VAL G 140 16.18 49.20 -57.36
CA VAL G 140 17.43 48.62 -56.90
C VAL G 140 18.58 49.44 -57.49
N TYR G 141 19.58 49.77 -56.66
CA TYR G 141 20.69 50.61 -57.09
C TYR G 141 22.02 50.06 -56.56
N PRO G 142 23.12 50.19 -57.33
CA PRO G 142 24.44 49.74 -56.90
C PRO G 142 25.16 50.73 -55.98
N PHE G 143 25.58 50.24 -54.82
CA PHE G 143 26.52 50.94 -53.95
C PHE G 143 27.84 50.17 -53.95
N GLY G 144 28.77 50.59 -54.83
CA GLY G 144 29.99 49.84 -55.06
C GLY G 144 29.69 48.46 -55.64
N ASP G 145 30.07 47.40 -54.90
CA ASP G 145 29.88 46.02 -55.31
C ASP G 145 28.53 45.49 -54.84
N GLU G 146 27.83 46.28 -54.01
CA GLU G 146 26.59 45.85 -53.38
C GLU G 146 25.41 46.49 -54.12
N VAL G 147 24.23 45.88 -53.97
CA VAL G 147 22.99 46.39 -54.53
C VAL G 147 21.95 46.47 -53.42
N TYR G 148 21.21 47.60 -53.36
CA TYR G 148 20.21 47.82 -52.34
C TYR G 148 18.85 48.10 -52.97
N ALA G 149 17.80 47.56 -52.34
CA ALA G 149 16.42 47.83 -52.71
C ALA G 149 15.91 49.03 -51.93
N PHE G 150 15.11 49.88 -52.59
CA PHE G 150 14.69 51.16 -52.05
C PHE G 150 13.17 51.29 -52.01
N THR G 151 12.67 51.96 -50.98
CA THR G 151 11.46 52.76 -51.06
C THR G 151 11.85 54.18 -50.64
N GLU G 152 10.93 54.92 -50.01
CA GLU G 152 11.19 56.31 -49.70
C GLU G 152 11.22 56.54 -48.19
N GLY G 153 10.82 55.54 -47.40
CA GLY G 153 11.22 55.46 -46.00
C GLY G 153 12.72 55.21 -45.89
N PRO G 154 13.32 55.37 -44.69
CA PRO G 154 14.77 55.37 -44.54
C PRO G 154 15.49 54.01 -44.55
N ILE G 155 14.74 52.91 -44.52
CA ILE G 155 15.34 51.58 -44.48
C ILE G 155 15.49 51.04 -45.90
N ILE G 156 16.72 50.62 -46.23
CA ILE G 156 17.04 49.95 -47.48
C ILE G 156 17.55 48.54 -47.15
N HIS G 157 17.48 47.65 -48.14
CA HIS G 157 17.82 46.24 -47.94
C HIS G 157 18.82 45.79 -49.01
N ARG G 158 19.93 45.20 -48.57
CA ARG G 158 20.92 44.66 -49.48
C ARG G 158 20.38 43.39 -50.12
N VAL G 159 20.69 43.21 -51.40
CA VAL G 159 20.20 42.10 -52.20
C VAL G 159 21.39 41.32 -52.74
N ASP G 160 21.36 39.99 -52.63
CA ASP G 160 22.29 39.12 -53.31
C ASP G 160 21.96 39.13 -54.81
N THR G 161 22.93 39.54 -55.62
CA THR G 161 22.72 39.77 -57.05
C THR G 161 22.63 38.45 -57.82
N VAL G 162 22.96 37.33 -57.16
CA VAL G 162 22.90 36.02 -57.79
C VAL G 162 21.63 35.27 -57.37
N THR G 163 21.33 35.27 -56.06
CA THR G 163 20.30 34.40 -55.51
C THR G 163 19.02 35.17 -55.16
N LEU G 164 19.08 36.50 -55.15
CA LEU G 164 18.00 37.37 -54.71
C LEU G 164 17.68 37.17 -53.23
N ASP G 165 18.64 36.61 -52.47
CA ASP G 165 18.50 36.56 -51.02
C ASP G 165 18.57 37.99 -50.48
N THR G 166 17.82 38.24 -49.40
CA THR G 166 17.86 39.50 -48.68
C THR G 166 18.96 39.43 -47.64
N LEU G 167 19.94 40.33 -47.75
CA LEU G 167 21.06 40.39 -46.81
C LEU G 167 20.77 41.50 -45.79
N GLU G 168 21.80 42.24 -45.37
CA GLU G 168 21.64 43.18 -44.25
C GLU G 168 20.77 44.35 -44.69
N GLN G 169 20.17 45.03 -43.70
CA GLN G 169 19.47 46.29 -43.94
C GLN G 169 20.32 47.44 -43.42
N LYS G 170 20.10 48.64 -43.98
CA LYS G 170 20.74 49.87 -43.54
C LYS G 170 19.66 50.91 -43.26
N ASN G 171 19.85 51.68 -42.18
CA ASN G 171 18.91 52.73 -41.78
C ASN G 171 19.56 54.08 -42.08
N MET G 172 18.92 54.86 -42.97
CA MET G 172 19.50 56.10 -43.47
C MET G 172 19.36 57.23 -42.42
N THR G 173 18.45 57.07 -41.45
CA THR G 173 18.35 58.00 -40.35
C THR G 173 19.60 57.86 -39.47
N ASP G 174 19.94 56.61 -39.11
CA ASP G 174 21.15 56.33 -38.36
C ASP G 174 22.37 56.78 -39.16
N CYS G 175 22.33 56.55 -40.47
CA CYS G 175 23.50 56.72 -41.32
C CYS G 175 23.83 58.20 -41.57
N VAL G 176 22.83 59.00 -41.95
CA VAL G 176 23.06 60.39 -42.33
C VAL G 176 21.85 61.28 -41.99
N ALA G 177 21.02 60.84 -41.03
CA ALA G 177 19.94 61.67 -40.49
C ALA G 177 18.86 61.98 -41.53
N LEU G 178 18.64 61.05 -42.46
CA LEU G 178 17.53 61.16 -43.40
C LEU G 178 16.31 60.47 -42.80
N VAL G 179 15.20 61.22 -42.64
CA VAL G 179 13.95 60.65 -42.18
C VAL G 179 13.20 60.05 -43.38
N ASN G 180 13.52 60.53 -44.58
CA ASN G 180 13.04 59.94 -45.81
C ASN G 180 14.01 60.30 -46.94
N HIS G 181 13.84 59.64 -48.10
CA HIS G 181 14.70 59.90 -49.25
C HIS G 181 13.98 59.49 -50.53
N THR G 182 14.52 59.89 -51.68
CA THR G 182 13.99 59.44 -52.96
C THR G 182 14.41 58.00 -53.17
N SER G 183 13.65 57.29 -54.01
CA SER G 183 13.99 55.92 -54.40
C SER G 183 14.82 55.91 -55.67
N HIS G 184 15.40 57.06 -56.03
CA HIS G 184 16.14 57.22 -57.27
C HIS G 184 17.42 58.03 -57.01
N PRO G 185 18.38 57.47 -56.24
CA PRO G 185 19.69 58.11 -56.10
C PRO G 185 20.40 58.20 -57.45
N HIS G 186 21.41 59.08 -57.52
CA HIS G 186 22.26 59.19 -58.69
C HIS G 186 23.59 58.47 -58.41
N VAL G 187 24.06 57.71 -59.39
CA VAL G 187 25.28 56.93 -59.28
C VAL G 187 26.29 57.54 -60.25
N MET G 188 27.45 57.92 -59.72
CA MET G 188 28.48 58.57 -60.53
C MET G 188 29.37 57.49 -61.16
N PRO G 189 30.06 57.79 -62.29
CA PRO G 189 30.98 56.84 -62.91
C PRO G 189 32.02 56.22 -61.98
N ASN G 190 32.42 56.97 -60.94
CA ASN G 190 33.44 56.52 -60.00
C ASN G 190 32.83 55.68 -58.88
N GLY G 191 31.51 55.50 -58.88
CA GLY G 191 30.84 54.67 -57.89
C GLY G 191 30.16 55.48 -56.78
N ASP G 192 30.51 56.76 -56.66
CA ASP G 192 29.88 57.63 -55.67
C ASP G 192 28.37 57.66 -55.89
N VAL G 193 27.60 57.70 -54.79
CA VAL G 193 26.15 57.78 -54.84
C VAL G 193 25.70 59.04 -54.13
N TYR G 194 24.77 59.78 -54.76
CA TYR G 194 24.09 60.91 -54.15
C TYR G 194 22.60 60.61 -54.05
N ASN G 195 21.98 61.07 -52.96
CA ASN G 195 20.54 60.99 -52.83
C ASN G 195 20.03 62.21 -52.07
N VAL G 196 18.77 62.55 -52.32
CA VAL G 196 18.10 63.66 -51.66
C VAL G 196 17.07 63.09 -50.69
N GLY G 197 16.92 63.78 -49.56
CA GLY G 197 15.93 63.41 -48.56
C GLY G 197 15.69 64.55 -47.58
N MET G 198 14.79 64.31 -46.61
CA MET G 198 14.49 65.28 -45.59
C MET G 198 15.28 64.93 -44.32
N SER G 199 15.70 65.99 -43.61
CA SER G 199 16.38 65.86 -42.33
C SER G 199 15.86 66.96 -41.41
N VAL G 200 15.77 66.66 -40.11
CA VAL G 200 15.44 67.67 -39.12
C VAL G 200 16.74 68.27 -38.61
N VAL G 201 16.98 69.54 -38.95
CA VAL G 201 18.20 70.25 -38.59
C VAL G 201 17.81 71.42 -37.70
N LYS G 202 18.29 71.39 -36.45
CA LYS G 202 17.97 72.39 -35.44
C LYS G 202 16.46 72.62 -35.37
N GLY G 203 15.70 71.52 -35.32
CA GLY G 203 14.27 71.56 -35.12
C GLY G 203 13.49 72.00 -36.37
N ARG G 204 14.16 72.06 -37.53
CA ARG G 204 13.56 72.52 -38.77
C ARG G 204 13.75 71.47 -39.86
N ILE G 205 12.73 71.29 -40.71
CA ILE G 205 12.84 70.43 -41.88
C ILE G 205 13.78 71.08 -42.88
N ARG G 206 14.74 70.30 -43.38
CA ARG G 206 15.56 70.70 -44.52
C ARG G 206 15.64 69.55 -45.51
N HIS G 207 15.64 69.90 -46.80
CA HIS G 207 16.02 68.99 -47.87
C HIS G 207 17.54 68.96 -47.90
N VAL G 208 18.11 67.75 -47.86
CA VAL G 208 19.56 67.59 -47.84
C VAL G 208 19.97 66.64 -48.96
N VAL G 209 21.19 66.85 -49.46
CA VAL G 209 21.83 65.90 -50.37
C VAL G 209 22.88 65.14 -49.57
N ALA G 210 22.70 63.81 -49.48
CA ALA G 210 23.68 62.94 -48.85
C ALA G 210 24.59 62.35 -49.92
N LYS G 211 25.90 62.29 -49.62
CA LYS G 211 26.87 61.65 -50.50
C LYS G 211 27.37 60.36 -49.83
N PHE G 212 27.37 59.27 -50.60
CA PHE G 212 27.92 58.00 -50.17
C PHE G 212 29.15 57.72 -51.02
N PRO G 213 30.37 58.05 -50.52
CA PRO G 213 31.58 58.01 -51.34
C PRO G 213 32.08 56.58 -51.53
N PHE G 214 32.46 56.23 -52.76
CA PHE G 214 32.97 54.91 -53.06
C PHE G 214 34.49 54.86 -52.88
N THR G 215 34.95 53.83 -52.17
CA THR G 215 36.33 53.37 -52.19
C THR G 215 36.32 51.84 -52.08
N GLU G 216 37.31 51.19 -52.72
CA GLU G 216 37.31 49.75 -52.90
C GLU G 216 37.24 49.01 -51.56
N LYS G 217 37.99 49.49 -50.55
CA LYS G 217 38.07 48.81 -49.27
C LYS G 217 37.55 49.71 -48.15
N GLY G 218 36.56 50.55 -48.46
CA GLY G 218 36.01 51.48 -47.47
C GLY G 218 34.48 51.44 -47.46
N ASP G 219 33.88 51.80 -46.32
CA ASP G 219 32.46 51.66 -46.11
C ASP G 219 31.74 52.92 -46.55
N MET G 220 30.89 52.78 -47.58
CA MET G 220 30.21 53.89 -48.23
C MET G 220 29.20 54.54 -47.30
N PHE G 221 28.65 53.76 -46.38
CA PHE G 221 27.61 54.21 -45.47
C PHE G 221 28.25 54.87 -44.25
N LYS G 222 29.37 54.32 -43.77
CA LYS G 222 30.10 54.89 -42.64
C LYS G 222 30.64 56.27 -43.00
N SER G 223 31.13 56.42 -44.23
CA SER G 223 31.74 57.67 -44.68
C SER G 223 30.71 58.60 -45.33
N ALA G 224 29.42 58.29 -45.21
CA ALA G 224 28.37 59.09 -45.81
C ALA G 224 28.23 60.41 -45.06
N HIS G 225 28.00 61.50 -45.80
CA HIS G 225 27.88 62.82 -45.20
C HIS G 225 27.02 63.71 -46.09
N ILE G 226 26.45 64.76 -45.47
N ILE G 226 26.45 64.76 -45.48
CA ILE G 226 25.63 65.73 -46.17
CA ILE G 226 25.64 65.74 -46.17
C ILE G 226 26.56 66.72 -46.89
C ILE G 226 26.56 66.72 -46.89
N VAL G 227 26.26 66.99 -48.16
CA VAL G 227 27.10 67.85 -49.00
C VAL G 227 26.32 69.08 -49.49
N ALA G 228 25.00 69.10 -49.29
CA ALA G 228 24.20 70.26 -49.65
C ALA G 228 22.87 70.22 -48.92
N SER G 229 22.24 71.39 -48.77
CA SER G 229 20.93 71.45 -48.14
C SER G 229 20.18 72.70 -48.59
N MET G 230 18.87 72.68 -48.32
CA MET G 230 18.01 73.76 -48.74
C MET G 230 16.78 73.75 -47.84
N ALA G 231 16.35 74.94 -47.42
CA ALA G 231 15.13 75.09 -46.64
C ALA G 231 13.95 74.83 -47.56
N PRO G 232 12.88 74.13 -47.10
CA PRO G 232 11.65 74.01 -47.87
C PRO G 232 10.96 75.36 -48.03
N ARG G 233 10.19 75.50 -49.09
CA ARG G 233 9.41 76.70 -49.36
C ARG G 233 8.44 76.93 -48.21
N TRP G 234 7.82 75.83 -47.74
CA TRP G 234 6.85 75.88 -46.66
C TRP G 234 7.32 74.94 -45.54
N ALA G 235 7.53 75.52 -44.35
CA ALA G 235 8.30 74.88 -43.28
C ALA G 235 7.67 73.56 -42.85
N LEU G 236 6.33 73.50 -42.82
CA LEU G 236 5.64 72.31 -42.35
C LEU G 236 4.97 71.56 -43.52
N HIS G 237 5.28 71.99 -44.75
CA HIS G 237 4.73 71.39 -45.95
C HIS G 237 5.85 71.22 -46.99
N PRO G 238 6.90 70.42 -46.69
CA PRO G 238 7.97 70.19 -47.66
C PRO G 238 7.46 69.47 -48.90
N ALA G 239 8.00 69.87 -50.07
CA ALA G 239 7.55 69.31 -51.34
C ALA G 239 7.92 67.83 -51.39
N TYR G 240 7.01 67.03 -51.96
CA TYR G 240 7.32 65.65 -52.31
C TYR G 240 8.18 65.62 -53.57
N MET G 241 9.21 64.75 -53.58
CA MET G 241 9.99 64.55 -54.79
C MET G 241 10.39 63.08 -54.90
N HIS G 242 10.14 62.51 -56.08
CA HIS G 242 10.43 61.12 -56.39
C HIS G 242 11.82 61.01 -57.01
N THR G 243 12.23 62.07 -57.73
CA THR G 243 13.55 62.13 -58.34
C THR G 243 14.13 63.53 -58.14
N PHE G 244 15.44 63.64 -58.42
CA PHE G 244 16.13 64.92 -58.45
C PHE G 244 17.14 64.87 -59.59
N GLY G 245 17.71 66.04 -59.92
CA GLY G 245 18.67 66.14 -61.00
C GLY G 245 20.09 66.42 -60.51
N ILE G 246 21.06 66.17 -61.38
CA ILE G 246 22.44 66.53 -61.12
C ILE G 246 23.08 66.97 -62.44
N THR G 247 23.83 68.08 -62.37
CA THR G 247 24.60 68.58 -63.49
C THR G 247 26.07 68.64 -63.06
N GLU G 248 26.92 69.17 -63.95
CA GLU G 248 28.35 69.31 -63.66
C GLU G 248 28.56 70.06 -62.36
N ASN G 249 27.80 71.14 -62.15
CA ASN G 249 28.08 72.08 -61.07
C ASN G 249 26.97 72.11 -60.02
N TYR G 250 25.82 71.48 -60.29
CA TYR G 250 24.64 71.69 -59.46
C TYR G 250 23.93 70.38 -59.14
N PHE G 251 23.31 70.35 -57.95
CA PHE G 251 22.19 69.48 -57.67
C PHE G 251 20.92 70.25 -58.03
N VAL G 252 19.99 69.57 -58.71
CA VAL G 252 18.78 70.20 -59.20
C VAL G 252 17.60 69.65 -58.41
N ILE G 253 16.92 70.53 -57.68
CA ILE G 253 15.78 70.18 -56.86
C ILE G 253 14.54 70.78 -57.52
N VAL G 254 13.58 69.92 -57.90
CA VAL G 254 12.32 70.39 -58.43
C VAL G 254 11.32 70.41 -57.29
N GLU G 255 10.91 71.63 -56.91
CA GLU G 255 9.99 71.85 -55.80
C GLU G 255 8.58 72.04 -56.36
N GLN G 256 7.79 70.97 -56.40
CA GLN G 256 6.47 70.99 -57.00
C GLN G 256 5.43 71.26 -55.90
N PRO G 257 4.25 71.80 -56.24
CA PRO G 257 3.22 72.12 -55.23
C PRO G 257 2.41 70.92 -54.73
N LEU G 258 3.03 69.74 -54.68
CA LEU G 258 2.53 68.64 -53.89
C LEU G 258 3.44 68.49 -52.68
N SER G 259 2.86 68.60 -51.48
CA SER G 259 3.60 68.65 -50.23
C SER G 259 3.22 67.47 -49.36
N ILE G 260 4.15 67.11 -48.45
CA ILE G 260 3.84 66.24 -47.33
C ILE G 260 3.57 67.14 -46.13
N SER G 261 2.37 67.04 -45.55
CA SER G 261 2.05 67.69 -44.29
C SER G 261 2.77 66.94 -43.16
N VAL G 262 3.74 67.63 -42.53
CA VAL G 262 4.54 67.06 -41.46
C VAL G 262 3.64 66.57 -40.33
N TYR G 263 2.71 67.43 -39.89
CA TYR G 263 1.82 67.11 -38.78
C TYR G 263 0.79 66.08 -39.23
N GLY G 264 0.33 66.20 -40.49
CA GLY G 264 -0.56 65.20 -41.08
C GLY G 264 0.06 63.80 -41.04
N LEU G 265 1.33 63.69 -41.45
CA LEU G 265 2.00 62.40 -41.53
C LEU G 265 2.19 61.81 -40.13
N MET G 266 2.59 62.66 -39.18
CA MET G 266 2.75 62.25 -37.80
C MET G 266 1.42 61.74 -37.25
N THR G 267 0.34 62.48 -37.51
CA THR G 267 -1.00 62.10 -37.08
C THR G 267 -1.36 60.71 -37.62
N ASN G 268 -1.16 60.52 -38.93
CA ASN G 268 -1.59 59.31 -39.61
C ASN G 268 -0.78 58.11 -39.11
N LEU G 269 0.51 58.32 -38.84
CA LEU G 269 1.37 57.28 -38.29
C LEU G 269 0.85 56.85 -36.91
N ILE G 270 0.46 57.81 -36.08
CA ILE G 270 -0.03 57.55 -34.73
C ILE G 270 -1.40 56.87 -34.80
N ASN G 271 -2.25 57.30 -35.73
CA ASN G 271 -3.61 56.80 -35.81
C ASN G 271 -3.73 55.59 -36.74
N ASN G 272 -2.59 55.11 -37.25
CA ASN G 272 -2.55 53.96 -38.14
C ASN G 272 -3.46 54.16 -39.34
N ASN G 273 -3.58 55.41 -39.83
CA ASN G 273 -4.37 55.71 -41.01
C ASN G 273 -3.43 55.80 -42.23
N LYS G 274 -4.00 55.64 -43.42
CA LYS G 274 -3.20 55.58 -44.63
C LYS G 274 -2.41 56.89 -44.78
N LEU G 275 -1.13 56.74 -45.12
CA LEU G 275 -0.19 57.85 -45.11
C LEU G 275 -0.45 58.78 -46.30
N ALA G 276 -1.19 58.30 -47.30
CA ALA G 276 -1.53 59.08 -48.49
C ALA G 276 -2.27 60.37 -48.12
N ALA G 277 -3.02 60.34 -47.01
CA ALA G 277 -3.75 61.51 -46.54
C ALA G 277 -2.81 62.67 -46.17
N SER G 278 -1.51 62.36 -46.03
CA SER G 278 -0.49 63.34 -45.69
C SER G 278 -0.19 64.26 -46.87
N LEU G 279 -0.51 63.81 -48.09
CA LEU G 279 -0.17 64.57 -49.30
C LEU G 279 -1.17 65.70 -49.49
N LYS G 280 -0.65 66.88 -49.88
CA LYS G 280 -1.48 68.07 -50.07
C LYS G 280 -1.10 68.74 -51.39
N TRP G 281 -2.14 69.06 -52.19
CA TRP G 281 -1.97 69.67 -53.49
C TRP G 281 -2.40 71.14 -53.40
N TYR G 282 -1.50 72.05 -53.82
CA TYR G 282 -1.72 73.48 -53.72
C TYR G 282 -1.53 74.11 -55.09
N PRO G 283 -2.51 73.98 -56.02
CA PRO G 283 -2.31 74.37 -57.41
C PRO G 283 -2.19 75.88 -57.68
N GLU G 284 -2.44 76.72 -56.66
CA GLU G 284 -2.31 78.15 -56.80
C GLU G 284 -0.83 78.51 -56.95
N TYR G 285 0.06 77.63 -56.45
CA TYR G 285 1.49 77.90 -56.49
C TYR G 285 2.12 77.22 -57.71
N GLU G 286 3.22 77.82 -58.17
CA GLU G 286 3.99 77.32 -59.31
C GLU G 286 5.05 76.34 -58.82
N THR G 287 5.73 75.72 -59.79
CA THR G 287 6.85 74.82 -59.54
C THR G 287 8.15 75.62 -59.59
N HIS G 288 9.06 75.37 -58.63
CA HIS G 288 10.37 76.00 -58.63
C HIS G 288 11.43 74.96 -58.97
N ILE G 289 12.41 75.38 -59.78
CA ILE G 289 13.61 74.61 -60.06
C ILE G 289 14.76 75.29 -59.33
N VAL G 290 15.37 74.57 -58.38
CA VAL G 290 16.36 75.13 -57.48
C VAL G 290 17.70 74.45 -57.72
N LEU G 291 18.75 75.27 -57.94
CA LEU G 291 20.10 74.76 -58.13
C LEU G 291 20.91 74.96 -56.85
N LEU G 292 21.44 73.87 -56.31
CA LEU G 292 22.34 73.90 -55.17
C LEU G 292 23.76 73.68 -55.68
N SER G 293 24.71 74.49 -55.22
CA SER G 293 26.10 74.37 -55.60
C SER G 293 26.69 73.06 -55.09
N ARG G 294 27.38 72.33 -55.98
CA ARG G 294 28.09 71.12 -55.60
C ARG G 294 29.37 71.47 -54.83
N THR G 295 29.80 72.74 -54.91
CA THR G 295 30.99 73.22 -54.24
C THR G 295 30.65 73.69 -52.83
N THR G 296 29.63 74.54 -52.69
CA THR G 296 29.34 75.20 -51.44
C THR G 296 28.17 74.54 -50.71
N GLY G 297 27.32 73.80 -51.43
CA GLY G 297 26.19 73.10 -50.82
C GLY G 297 24.97 74.00 -50.62
N LYS G 298 25.02 75.25 -51.10
CA LYS G 298 23.97 76.21 -50.88
C LYS G 298 23.23 76.51 -52.19
N GLU G 299 21.98 76.94 -52.04
CA GLU G 299 21.18 77.42 -53.16
C GLU G 299 21.88 78.62 -53.79
N VAL G 300 22.08 78.56 -55.12
CA VAL G 300 22.72 79.63 -55.87
C VAL G 300 21.77 80.20 -56.92
N LYS G 301 20.81 79.40 -57.41
CA LYS G 301 19.87 79.84 -58.43
C LYS G 301 18.48 79.23 -58.17
N ARG G 302 17.45 79.92 -58.67
CA ARG G 302 16.07 79.44 -58.56
C ARG G 302 15.28 79.98 -59.75
N PHE G 303 14.48 79.11 -60.37
CA PHE G 303 13.65 79.46 -61.52
C PHE G 303 12.23 78.95 -61.28
N ARG G 304 11.30 79.37 -62.14
CA ARG G 304 9.91 78.99 -62.04
C ARG G 304 9.46 78.29 -63.32
N THR G 305 8.45 77.42 -63.18
CA THR G 305 7.69 76.93 -64.31
C THR G 305 6.24 76.73 -63.86
N ASP G 306 5.40 76.18 -64.74
CA ASP G 306 3.98 76.01 -64.48
C ASP G 306 3.76 75.07 -63.29
N THR G 307 2.59 75.18 -62.68
CA THR G 307 2.08 74.14 -61.79
C THR G 307 2.14 72.81 -62.52
N LEU G 308 2.89 71.84 -61.98
CA LEU G 308 2.95 70.51 -62.55
C LEU G 308 3.20 69.47 -61.47
N PHE G 309 2.92 68.21 -61.80
CA PHE G 309 3.36 67.08 -61.01
C PHE G 309 4.32 66.24 -61.85
N PHE G 310 5.34 65.67 -61.20
CA PHE G 310 6.26 64.77 -61.88
C PHE G 310 6.66 63.64 -60.94
N LEU G 311 7.09 62.52 -61.56
CA LEU G 311 7.74 61.44 -60.85
C LEU G 311 9.21 61.36 -61.30
N HIS G 312 9.43 61.28 -62.62
CA HIS G 312 10.72 60.92 -63.17
C HIS G 312 11.31 62.05 -64.01
N ILE G 313 12.45 62.59 -63.54
CA ILE G 313 13.33 63.42 -64.33
C ILE G 313 14.16 62.52 -65.22
N ILE G 314 14.23 62.87 -66.50
CA ILE G 314 14.93 62.08 -67.51
C ILE G 314 16.43 62.32 -67.39
N ASN G 315 16.81 63.61 -67.45
CA ASN G 315 18.21 64.01 -67.35
C ASN G 315 18.27 65.53 -67.17
N CYS G 316 19.37 66.00 -66.59
CA CYS G 316 19.67 67.43 -66.48
C CYS G 316 21.09 67.68 -66.99
N TYR G 317 21.35 68.86 -67.55
CA TYR G 317 22.70 69.23 -67.93
C TYR G 317 22.83 70.73 -68.15
N GLU G 318 24.09 71.20 -68.12
CA GLU G 318 24.46 72.55 -68.48
C GLU G 318 25.10 72.53 -69.85
N HIS G 319 24.76 73.50 -70.70
CA HIS G 319 25.33 73.59 -72.03
C HIS G 319 25.36 75.03 -72.51
N GLU G 320 26.56 75.59 -72.65
CA GLU G 320 26.79 76.92 -73.20
C GLU G 320 25.88 77.94 -72.50
N GLY G 321 25.91 77.94 -71.16
CA GLY G 321 25.22 78.94 -70.36
C GLY G 321 23.75 78.65 -70.12
N GLU G 322 23.25 77.52 -70.64
CA GLU G 322 21.86 77.13 -70.50
C GLU G 322 21.76 75.96 -69.52
N LEU G 323 20.66 75.93 -68.75
CA LEU G 323 20.27 74.77 -67.97
C LEU G 323 19.17 74.03 -68.71
N VAL G 324 19.29 72.70 -68.82
CA VAL G 324 18.25 71.86 -69.38
C VAL G 324 17.80 70.86 -68.30
N VAL G 325 16.48 70.79 -68.09
CA VAL G 325 15.86 69.80 -67.24
C VAL G 325 14.75 69.12 -68.04
N ASP G 326 14.97 67.84 -68.38
CA ASP G 326 13.96 67.03 -69.08
C ASP G 326 13.28 66.13 -68.05
N LEU G 327 11.94 66.12 -68.06
CA LEU G 327 11.17 65.32 -67.11
C LEU G 327 9.79 64.99 -67.69
N CYS G 328 9.17 63.94 -67.14
CA CYS G 328 7.83 63.52 -67.53
C CYS G 328 6.80 64.17 -66.62
N THR G 329 5.94 65.03 -67.19
CA THR G 329 5.10 65.93 -66.42
C THR G 329 3.63 65.52 -66.50
N TYR G 330 2.90 65.77 -65.40
CA TYR G 330 1.45 65.72 -65.36
C TYR G 330 0.92 67.10 -64.97
N LYS G 331 -0.39 67.30 -65.14
CA LYS G 331 -1.06 68.54 -64.75
C LYS G 331 -1.32 68.54 -63.24
N ASP G 332 -1.47 67.35 -62.67
CA ASP G 332 -1.76 67.20 -61.25
C ASP G 332 -1.30 65.81 -60.81
N ALA G 333 -1.62 65.45 -59.56
CA ALA G 333 -1.10 64.23 -58.96
C ALA G 333 -2.17 63.14 -58.93
N LYS G 334 -3.14 63.18 -59.85
CA LYS G 334 -4.26 62.26 -59.85
C LYS G 334 -3.84 60.83 -60.21
N VAL G 335 -2.64 60.68 -60.80
CA VAL G 335 -2.14 59.35 -61.12
C VAL G 335 -2.01 58.52 -59.85
N VAL G 336 -1.77 59.18 -58.72
CA VAL G 336 -1.70 58.52 -57.42
C VAL G 336 -3.04 57.89 -57.08
N ASP G 337 -4.14 58.64 -57.31
CA ASP G 337 -5.48 58.14 -57.05
C ASP G 337 -5.85 57.02 -58.02
N ALA G 338 -5.28 57.07 -59.24
CA ALA G 338 -5.56 56.09 -60.27
C ALA G 338 -5.05 54.70 -59.88
N MET G 339 -4.07 54.64 -58.97
N MET G 339 -4.07 54.64 -58.97
CA MET G 339 -3.37 53.40 -58.68
CA MET G 339 -3.36 53.40 -58.68
C MET G 339 -3.86 52.78 -57.38
C MET G 339 -3.86 52.78 -57.38
N TYR G 340 -5.01 53.27 -56.86
CA TYR G 340 -5.76 52.55 -55.85
C TYR G 340 -6.33 51.28 -56.49
N VAL G 341 -6.35 50.17 -55.74
CA VAL G 341 -6.78 48.89 -56.27
C VAL G 341 -8.20 49.02 -56.84
N HIS G 342 -9.09 49.69 -56.10
CA HIS G 342 -10.47 49.88 -56.50
C HIS G 342 -10.54 50.67 -57.82
N ALA G 343 -9.69 51.69 -57.95
CA ALA G 343 -9.67 52.52 -59.14
C ALA G 343 -9.22 51.71 -60.36
N ILE G 344 -8.23 50.85 -60.16
CA ILE G 344 -7.73 49.99 -61.23
C ILE G 344 -8.82 49.00 -61.63
N GLU G 345 -9.52 48.43 -60.63
CA GLU G 345 -10.55 47.43 -60.86
C GLU G 345 -11.70 47.99 -61.70
N THR G 346 -12.02 49.28 -61.54
CA THR G 346 -13.22 49.86 -62.13
C THR G 346 -12.86 50.86 -63.25
N MET G 347 -11.62 50.80 -63.76
CA MET G 347 -11.13 51.84 -64.65
C MET G 347 -11.86 51.81 -65.99
N GLN G 348 -12.41 50.66 -66.37
CA GLN G 348 -13.05 50.51 -67.68
C GLN G 348 -14.34 51.33 -67.77
N SER G 349 -14.89 51.74 -66.62
CA SER G 349 -16.08 52.60 -66.61
C SER G 349 -15.75 53.99 -66.08
N ASN G 350 -14.46 54.34 -66.02
CA ASN G 350 -14.01 55.63 -65.50
C ASN G 350 -13.58 56.52 -66.66
N ALA G 351 -14.38 57.54 -66.94
CA ALA G 351 -14.20 58.39 -68.11
C ALA G 351 -12.98 59.30 -67.97
N ASP G 352 -12.51 59.51 -66.73
CA ASP G 352 -11.41 60.44 -66.47
C ASP G 352 -10.08 59.71 -66.29
N TYR G 353 -10.10 58.36 -66.34
CA TYR G 353 -8.94 57.57 -65.94
C TYR G 353 -7.73 57.89 -66.83
N ALA G 354 -7.95 58.00 -68.14
CA ALA G 354 -6.88 58.27 -69.08
C ALA G 354 -6.25 59.64 -68.82
N GLU G 355 -7.07 60.61 -68.39
CA GLU G 355 -6.57 61.95 -68.12
C GLU G 355 -5.76 61.97 -66.83
N TRP G 356 -6.15 61.14 -65.85
CA TRP G 356 -5.38 60.98 -64.62
C TRP G 356 -3.94 60.53 -64.95
N PHE G 357 -3.81 59.65 -65.96
CA PHE G 357 -2.53 59.09 -66.35
C PHE G 357 -1.84 59.91 -67.44
N ARG G 358 -2.37 61.10 -67.75
CA ARG G 358 -1.89 61.85 -68.91
C ARG G 358 -0.56 62.52 -68.59
N ALA G 359 0.53 61.95 -69.12
CA ALA G 359 1.87 62.48 -68.92
C ALA G 359 2.44 62.97 -70.26
N LYS G 360 3.35 63.95 -70.20
CA LYS G 360 4.02 64.43 -71.40
C LYS G 360 5.48 64.70 -71.05
N PRO G 361 6.43 64.25 -71.88
CA PRO G 361 7.85 64.58 -71.67
C PRO G 361 8.13 66.00 -72.10
N LYS G 362 8.70 66.81 -71.20
CA LYS G 362 8.95 68.21 -71.46
C LYS G 362 10.40 68.55 -71.17
N ARG G 363 10.91 69.53 -71.93
CA ARG G 363 12.20 70.16 -71.67
C ARG G 363 11.96 71.52 -71.04
N LEU G 364 12.47 71.70 -69.82
CA LEU G 364 12.56 73.00 -69.18
C LEU G 364 13.94 73.57 -69.45
N GLN G 365 14.00 74.83 -69.91
CA GLN G 365 15.26 75.44 -70.28
C GLN G 365 15.28 76.90 -69.86
N VAL G 366 16.45 77.36 -69.39
CA VAL G 366 16.64 78.73 -68.97
C VAL G 366 18.13 79.06 -69.00
N SER G 367 18.45 80.34 -69.19
CA SER G 367 19.82 80.81 -69.09
C SER G 367 20.25 80.76 -67.63
N LEU G 368 21.46 80.24 -67.38
CA LEU G 368 21.99 80.13 -66.03
C LEU G 368 22.19 81.50 -65.41
N ASN G 369 22.42 82.52 -66.25
CA ASN G 369 22.69 83.86 -65.78
C ASN G 369 21.41 84.70 -65.72
N ALA G 370 20.25 84.08 -65.98
CA ALA G 370 18.99 84.80 -65.90
C ALA G 370 18.74 85.21 -64.44
N PRO G 371 17.98 86.30 -64.20
CA PRO G 371 17.66 86.70 -62.83
C PRO G 371 16.89 85.62 -62.08
N LYS G 372 17.02 85.64 -60.75
CA LYS G 372 16.31 84.71 -59.88
C LYS G 372 14.82 84.84 -60.12
N MET G 373 14.14 83.69 -60.21
CA MET G 373 12.68 83.59 -60.32
C MET G 373 12.24 83.82 -61.76
N THR G 374 13.19 83.86 -62.71
CA THR G 374 12.86 83.88 -64.13
C THR G 374 12.06 82.63 -64.48
N ARG G 375 11.03 82.80 -65.33
CA ARG G 375 10.24 81.69 -65.81
C ARG G 375 11.03 80.94 -66.88
N MET G 376 11.04 79.61 -66.78
CA MET G 376 11.76 78.76 -67.71
C MET G 376 10.93 78.58 -68.97
N LYS G 377 11.61 78.30 -70.08
CA LYS G 377 10.96 77.86 -71.31
C LYS G 377 10.54 76.41 -71.14
N SER G 378 9.34 76.07 -71.60
CA SER G 378 8.77 74.73 -71.42
C SER G 378 8.28 74.19 -72.76
N SER G 379 8.95 73.15 -73.27
CA SER G 379 8.67 72.58 -74.59
C SER G 379 8.37 71.08 -74.46
N ILE G 380 7.48 70.59 -75.32
CA ILE G 380 7.18 69.17 -75.41
C ILE G 380 8.26 68.48 -76.23
N LEU G 381 8.77 67.35 -75.74
CA LEU G 381 9.88 66.64 -76.36
C LEU G 381 9.37 65.65 -77.40
N ALA G 382 8.14 65.16 -77.20
CA ALA G 382 7.50 64.23 -78.12
C ALA G 382 6.00 64.22 -77.85
N ASP G 383 5.22 63.96 -78.90
CA ASP G 383 3.77 64.04 -78.84
C ASP G 383 3.20 62.67 -78.44
N ILE G 384 3.70 62.12 -77.33
CA ILE G 384 3.26 60.83 -76.82
C ILE G 384 3.59 60.78 -75.33
N GLY G 385 2.67 60.19 -74.55
CA GLY G 385 2.88 60.00 -73.12
C GLY G 385 4.02 59.01 -72.84
N CYS G 386 4.93 59.41 -71.95
CA CYS G 386 6.10 58.63 -71.56
C CYS G 386 6.16 58.48 -70.05
N GLU G 387 6.58 57.29 -69.59
CA GLU G 387 6.92 57.08 -68.19
C GLU G 387 8.09 56.10 -68.06
N THR G 388 8.62 56.01 -66.84
CA THR G 388 9.81 55.23 -66.50
C THR G 388 10.88 55.40 -67.58
N PRO G 389 11.41 56.63 -67.76
CA PRO G 389 12.44 56.89 -68.75
C PRO G 389 13.82 56.42 -68.30
N ARG G 390 14.64 56.02 -69.28
CA ARG G 390 16.05 55.74 -69.05
C ARG G 390 16.88 56.28 -70.20
N ILE G 391 18.18 56.45 -69.94
CA ILE G 391 19.11 56.96 -70.94
C ILE G 391 20.36 56.08 -70.92
N HIS G 392 21.31 56.42 -71.80
CA HIS G 392 22.67 55.90 -71.70
C HIS G 392 23.32 56.58 -70.51
N TYR G 393 23.03 56.04 -69.32
CA TYR G 393 23.21 56.73 -68.05
C TYR G 393 24.69 56.92 -67.74
N ASP G 394 25.51 55.89 -67.99
CA ASP G 394 26.89 55.87 -67.54
C ASP G 394 27.70 56.95 -68.24
N LEU G 395 27.28 57.36 -69.45
CA LEU G 395 28.05 58.29 -70.25
C LEU G 395 27.35 59.65 -70.38
N HIS G 396 26.04 59.72 -70.14
CA HIS G 396 25.27 60.91 -70.51
C HIS G 396 24.53 61.54 -69.34
N ASN G 397 24.42 60.85 -68.19
CA ASN G 397 23.78 61.46 -67.03
C ASN G 397 24.55 62.71 -66.62
N SER G 398 23.82 63.81 -66.41
CA SER G 398 24.37 65.09 -65.97
C SER G 398 25.05 65.84 -67.12
N LYS G 399 24.95 65.30 -68.35
CA LYS G 399 25.65 65.86 -69.49
C LYS G 399 24.70 65.98 -70.68
N TYR G 400 25.15 66.68 -71.72
CA TYR G 400 24.42 66.75 -72.97
C TYR G 400 24.12 65.33 -73.46
N TYR G 401 22.91 65.15 -73.98
CA TYR G 401 22.45 63.85 -74.48
C TYR G 401 21.39 64.11 -75.55
N ARG G 402 21.03 63.05 -76.29
CA ARG G 402 20.10 63.18 -77.40
C ARG G 402 18.88 62.26 -77.23
N TYR G 403 19.10 61.04 -76.73
CA TYR G 403 18.07 60.00 -76.76
C TYR G 403 17.66 59.58 -75.36
N PHE G 404 16.35 59.37 -75.16
CA PHE G 404 15.86 58.64 -74.00
C PHE G 404 14.88 57.57 -74.46
N TYR G 405 14.65 56.59 -73.57
CA TYR G 405 13.78 55.46 -73.81
C TYR G 405 12.77 55.37 -72.68
N ALA G 406 11.52 55.01 -73.01
CA ALA G 406 10.44 55.04 -72.05
C ALA G 406 9.33 54.06 -72.46
N ILE G 407 8.29 53.97 -71.63
CA ILE G 407 7.11 53.18 -71.93
C ILE G 407 5.92 54.13 -72.08
N SER G 408 5.01 53.79 -72.99
CA SER G 408 3.83 54.61 -73.23
C SER G 408 2.99 54.69 -71.96
N SER G 409 2.46 55.88 -71.67
CA SER G 409 1.66 56.12 -70.48
C SER G 409 0.21 56.45 -70.85
N ASP G 410 -0.12 56.41 -72.15
CA ASP G 410 -1.47 56.73 -72.61
C ASP G 410 -2.36 55.50 -72.51
N VAL G 411 -3.31 55.54 -71.58
CA VAL G 411 -4.23 54.44 -71.30
C VAL G 411 -5.09 54.14 -72.52
N ASP G 412 -5.35 55.18 -73.34
CA ASP G 412 -6.27 55.08 -74.46
C ASP G 412 -5.50 54.93 -75.78
N ALA G 413 -4.22 54.60 -75.72
CA ALA G 413 -3.43 54.36 -76.92
C ALA G 413 -3.93 53.10 -77.63
N GLU G 414 -3.61 53.00 -78.93
CA GLU G 414 -3.95 51.83 -79.72
C GLU G 414 -3.26 50.60 -79.11
N ASN G 415 -1.96 50.76 -78.81
CA ASN G 415 -1.22 49.77 -78.06
C ASN G 415 -0.59 50.45 -76.85
N PRO G 416 -1.14 50.25 -75.62
CA PRO G 416 -0.65 50.97 -74.44
C PRO G 416 0.62 50.40 -73.81
N GLY G 417 1.18 49.35 -74.43
CA GLY G 417 2.42 48.75 -73.96
C GLY G 417 3.57 48.95 -74.95
N THR G 418 3.77 50.22 -75.36
CA THR G 418 4.73 50.56 -76.38
C THR G 418 6.04 51.02 -75.72
N VAL G 419 7.15 50.43 -76.17
CA VAL G 419 8.48 50.93 -75.84
C VAL G 419 8.82 52.03 -76.84
N ILE G 420 9.25 53.19 -76.33
CA ILE G 420 9.42 54.39 -77.12
C ILE G 420 10.87 54.86 -77.01
N LYS G 421 11.45 55.23 -78.16
CA LYS G 421 12.71 55.95 -78.20
C LYS G 421 12.44 57.36 -78.70
N VAL G 422 12.87 58.36 -77.92
CA VAL G 422 12.66 59.75 -78.28
C VAL G 422 14.00 60.38 -78.63
N ASP G 423 14.05 61.00 -79.82
CA ASP G 423 15.16 61.83 -80.25
C ASP G 423 14.84 63.27 -79.87
N THR G 424 15.54 63.81 -78.87
CA THR G 424 15.22 65.11 -78.30
C THR G 424 15.58 66.24 -79.28
N LYS G 425 16.50 65.96 -80.22
CA LYS G 425 16.91 66.94 -81.21
C LYS G 425 15.77 67.22 -82.20
N THR G 426 15.19 66.15 -82.74
CA THR G 426 14.24 66.25 -83.85
C THR G 426 12.80 66.08 -83.38
N GLY G 427 12.59 65.36 -82.27
CA GLY G 427 11.26 64.99 -81.82
C GLY G 427 10.79 63.65 -82.41
N GLU G 428 11.64 63.04 -83.25
CA GLU G 428 11.32 61.77 -83.89
C GLU G 428 11.19 60.67 -82.82
N THR G 429 10.19 59.80 -82.99
CA THR G 429 10.01 58.65 -82.12
C THR G 429 10.14 57.36 -82.92
N LYS G 430 10.67 56.33 -82.28
CA LYS G 430 10.67 54.96 -82.80
C LYS G 430 10.11 54.05 -81.71
N THR G 431 9.38 53.00 -82.12
CA THR G 431 8.54 52.27 -81.19
C THR G 431 8.65 50.77 -81.41
N TRP G 432 8.35 50.02 -80.34
CA TRP G 432 8.11 48.60 -80.39
C TRP G 432 6.87 48.30 -79.56
N CYS G 433 5.98 47.46 -80.08
CA CYS G 433 4.83 46.98 -79.34
C CYS G 433 4.31 45.70 -79.99
N ARG G 434 3.65 44.88 -79.17
CA ARG G 434 3.03 43.64 -79.61
C ARG G 434 1.68 43.50 -78.90
N PRO G 435 0.70 42.80 -79.50
CA PRO G 435 -0.64 42.69 -78.90
C PRO G 435 -0.62 42.06 -77.51
N ASN G 436 -1.35 42.67 -76.59
CA ASN G 436 -1.60 42.14 -75.26
C ASN G 436 -0.29 42.01 -74.47
N CYS G 437 0.72 42.80 -74.83
CA CYS G 437 2.04 42.71 -74.21
C CYS G 437 2.37 44.02 -73.49
N TYR G 438 2.89 43.89 -72.26
CA TYR G 438 3.15 45.04 -71.40
C TYR G 438 4.60 45.04 -70.97
N PRO G 439 5.50 45.76 -71.70
CA PRO G 439 6.92 45.81 -71.36
C PRO G 439 7.20 46.74 -70.18
N SER G 440 8.31 46.46 -69.51
CA SER G 440 8.77 47.28 -68.40
C SER G 440 9.67 48.39 -68.92
N GLU G 441 9.93 49.36 -68.04
CA GLU G 441 11.05 50.26 -68.14
C GLU G 441 12.18 49.62 -68.94
N PRO G 442 12.62 50.22 -70.08
CA PRO G 442 13.75 49.69 -70.83
C PRO G 442 15.07 50.21 -70.28
N ILE G 443 16.07 49.33 -70.17
CA ILE G 443 17.38 49.73 -69.69
C ILE G 443 18.39 49.58 -70.83
N PHE G 444 19.18 50.65 -71.02
CA PHE G 444 20.14 50.72 -72.12
C PHE G 444 21.45 50.08 -71.69
N VAL G 445 22.00 49.24 -72.58
CA VAL G 445 23.31 48.63 -72.39
C VAL G 445 24.13 48.93 -73.65
N PRO G 446 25.29 49.61 -73.52
CA PRO G 446 26.09 49.98 -74.69
C PRO G 446 26.81 48.77 -75.30
N SER G 447 27.07 48.84 -76.61
CA SER G 447 27.96 47.89 -77.28
C SER G 447 29.40 48.11 -76.81
N PRO G 448 30.25 47.06 -76.77
CA PRO G 448 31.63 47.18 -76.31
C PRO G 448 32.44 48.33 -76.90
N ASN G 449 32.38 48.49 -78.24
CA ASN G 449 33.13 49.53 -78.93
C ASN G 449 32.15 50.57 -79.47
N ALA G 450 31.31 51.10 -78.57
CA ALA G 450 30.22 51.99 -78.93
C ALA G 450 30.78 53.25 -79.57
N LYS G 451 30.18 53.66 -80.69
CA LYS G 451 30.56 54.87 -81.41
C LYS G 451 29.54 55.98 -81.14
N ASP G 452 28.25 55.63 -81.22
CA ASP G 452 27.16 56.59 -80.99
C ASP G 452 26.58 56.41 -79.59
N GLU G 453 25.82 57.42 -79.15
CA GLU G 453 25.10 57.39 -77.90
C GLU G 453 24.12 56.22 -77.85
N ASP G 454 23.50 55.88 -79.00
CA ASP G 454 22.47 54.87 -79.08
C ASP G 454 23.02 53.57 -79.67
N ASP G 455 24.34 53.38 -79.62
CA ASP G 455 24.96 52.16 -80.09
C ASP G 455 24.91 51.13 -78.95
N GLY G 456 23.80 50.40 -78.88
CA GLY G 456 23.61 49.40 -77.84
C GLY G 456 22.24 48.72 -77.94
N VAL G 457 21.79 48.13 -76.82
CA VAL G 457 20.52 47.44 -76.78
C VAL G 457 19.69 47.92 -75.59
N LEU G 458 18.38 47.63 -75.65
CA LEU G 458 17.47 47.85 -74.54
C LEU G 458 17.02 46.50 -73.99
N LEU G 459 17.08 46.36 -72.66
CA LEU G 459 16.51 45.21 -71.98
C LEU G 459 15.19 45.62 -71.33
N SER G 460 14.14 44.83 -71.55
CA SER G 460 12.83 45.06 -70.96
C SER G 460 12.22 43.73 -70.52
N ALA G 461 11.62 43.72 -69.32
CA ALA G 461 10.87 42.57 -68.84
C ALA G 461 9.43 42.69 -69.30
N LEU G 462 8.87 41.61 -69.88
CA LEU G 462 7.53 41.60 -70.40
C LEU G 462 6.60 40.81 -69.49
N VAL G 463 5.35 41.28 -69.37
CA VAL G 463 4.23 40.44 -68.99
C VAL G 463 3.16 40.59 -70.07
N TRP G 464 2.16 39.70 -70.03
CA TRP G 464 1.02 39.78 -70.93
C TRP G 464 -0.26 39.98 -70.13
N GLY G 465 -1.30 40.46 -70.81
CA GLY G 465 -2.61 40.69 -70.20
C GLY G 465 -3.56 39.53 -70.44
N GLY G 466 -4.85 39.76 -70.13
CA GLY G 466 -5.89 38.76 -70.33
C GLY G 466 -5.62 37.50 -69.52
N GLU G 467 -5.73 36.33 -70.18
CA GLU G 467 -5.60 35.04 -69.54
C GLU G 467 -4.13 34.62 -69.41
N MET G 468 -3.22 35.34 -70.08
CA MET G 468 -1.82 34.98 -70.15
C MET G 468 -1.08 35.61 -68.97
N ASN G 469 -1.45 35.21 -67.75
CA ASN G 469 -1.02 35.89 -66.54
C ASN G 469 0.12 35.15 -65.84
N GLN G 470 0.68 34.11 -66.46
CA GLN G 470 1.75 33.33 -65.86
C GLN G 470 2.88 33.18 -66.86
N THR G 471 3.17 34.26 -67.58
CA THR G 471 4.25 34.28 -68.55
C THR G 471 5.03 35.59 -68.38
N VAL G 472 6.36 35.45 -68.38
CA VAL G 472 7.28 36.57 -68.28
C VAL G 472 8.33 36.39 -69.37
N ALA G 473 8.95 37.49 -69.81
CA ALA G 473 9.98 37.40 -70.83
C ALA G 473 11.00 38.52 -70.66
N LEU G 474 12.21 38.28 -71.17
CA LEU G 474 13.19 39.32 -71.41
C LEU G 474 13.21 39.66 -72.89
N LEU G 475 12.95 40.94 -73.21
CA LEU G 475 13.02 41.45 -74.57
C LEU G 475 14.33 42.22 -74.74
N VAL G 476 15.02 41.97 -75.87
CA VAL G 476 16.21 42.72 -76.24
C VAL G 476 15.94 43.44 -77.56
N LEU G 477 15.96 44.79 -77.51
CA LEU G 477 15.77 45.62 -78.69
C LEU G 477 17.11 46.22 -79.11
N ASN G 478 17.26 46.41 -80.43
CA ASN G 478 18.32 47.23 -81.00
C ASN G 478 17.98 48.68 -80.73
N ALA G 479 18.88 49.39 -80.02
CA ALA G 479 18.59 50.74 -79.55
C ALA G 479 18.54 51.73 -80.71
N LYS G 480 19.23 51.43 -81.81
CA LYS G 480 19.24 52.32 -82.97
C LYS G 480 17.90 52.28 -83.70
N THR G 481 17.38 51.07 -83.90
CA THR G 481 16.26 50.84 -84.81
C THR G 481 14.96 50.51 -84.06
N MET G 482 15.07 50.11 -82.79
CA MET G 482 13.94 49.68 -81.98
C MET G 482 13.33 48.40 -82.56
N GLU G 483 14.16 47.58 -83.20
CA GLU G 483 13.75 46.28 -83.70
C GLU G 483 14.08 45.24 -82.65
N GLU G 484 13.20 44.24 -82.51
CA GLU G 484 13.44 43.13 -81.62
C GLU G 484 14.58 42.28 -82.18
N MET G 485 15.61 42.07 -81.35
CA MET G 485 16.75 41.25 -81.72
C MET G 485 16.51 39.82 -81.25
N GLY G 486 16.05 39.68 -80.01
CA GLY G 486 15.76 38.37 -79.44
C GLY G 486 14.84 38.48 -78.22
N ARG G 487 14.42 37.32 -77.72
CA ARG G 487 13.50 37.23 -76.61
C ARG G 487 13.67 35.89 -75.91
N ALA G 488 13.62 35.93 -74.57
CA ALA G 488 13.59 34.73 -73.74
C ALA G 488 12.26 34.72 -72.98
N THR G 489 11.47 33.64 -73.15
CA THR G 489 10.14 33.56 -72.58
C THR G 489 10.09 32.44 -71.54
N PHE G 490 9.41 32.72 -70.42
CA PHE G 490 9.34 31.81 -69.30
C PHE G 490 7.89 31.69 -68.83
N ASN G 491 7.51 30.49 -68.39
CA ASN G 491 6.22 30.27 -67.77
C ASN G 491 6.44 30.11 -66.27
N THR G 492 5.68 30.89 -65.48
CA THR G 492 5.85 30.92 -64.03
C THR G 492 4.80 30.01 -63.40
N PRO G 493 5.08 29.41 -62.22
CA PRO G 493 4.12 28.51 -61.56
C PRO G 493 2.91 29.20 -60.95
N SER G 494 2.96 30.54 -60.85
CA SER G 494 1.86 31.32 -60.30
C SER G 494 1.79 32.66 -61.03
N PRO G 495 0.77 33.52 -60.78
CA PRO G 495 0.64 34.79 -61.48
C PRO G 495 1.92 35.63 -61.46
N ALA G 496 2.21 36.28 -62.60
CA ALA G 496 3.43 37.03 -62.82
C ALA G 496 3.15 38.52 -62.67
N PRO G 497 3.49 39.15 -61.52
CA PRO G 497 3.20 40.58 -61.30
C PRO G 497 4.12 41.50 -62.08
N LYS G 498 3.60 42.66 -62.46
CA LYS G 498 4.34 43.64 -63.25
C LYS G 498 5.27 44.42 -62.34
N CYS G 499 6.53 44.59 -62.78
CA CYS G 499 7.57 45.22 -61.98
C CYS G 499 7.61 46.73 -62.28
N LEU G 500 8.48 47.46 -61.57
CA LEU G 500 8.61 48.90 -61.72
C LEU G 500 9.98 49.27 -62.30
N HIS G 501 11.04 49.13 -61.51
CA HIS G 501 12.36 49.62 -61.89
C HIS G 501 13.41 48.53 -61.71
N GLY G 502 14.53 48.66 -62.42
CA GLY G 502 15.59 47.67 -62.38
C GLY G 502 16.97 48.26 -62.62
N TRP G 503 17.97 47.36 -62.68
CA TRP G 503 19.36 47.74 -62.92
C TRP G 503 20.05 46.58 -63.63
N PHE G 504 20.92 46.91 -64.60
CA PHE G 504 21.68 45.90 -65.31
C PHE G 504 23.11 45.90 -64.81
N LEU G 505 23.60 44.70 -64.43
CA LEU G 505 24.96 44.51 -63.97
C LEU G 505 25.73 43.72 -65.03
N PRO G 506 26.61 44.36 -65.83
CA PRO G 506 27.40 43.63 -66.84
C PRO G 506 28.42 42.69 -66.20
N THR G 507 28.70 41.56 -66.86
CA THR G 507 29.85 40.72 -66.55
C THR G 507 30.68 40.56 -67.82
N ASN G 508 31.91 40.09 -67.66
CA ASN G 508 32.87 40.00 -68.76
C ASN G 508 33.01 38.54 -69.19
N GLY G 509 33.16 38.33 -70.50
CA GLY G 509 33.27 36.99 -71.07
C GLY G 509 34.72 36.54 -71.18
N LYS H 7 23.79 -43.20 73.15
CA LYS H 7 24.69 -43.00 71.97
C LYS H 7 25.93 -43.87 72.12
N LEU H 8 26.13 -44.78 71.16
CA LEU H 8 27.28 -45.66 71.14
C LEU H 8 28.54 -44.89 70.72
N TYR H 9 28.36 -43.79 69.97
CA TYR H 9 29.47 -43.03 69.41
C TYR H 9 29.28 -41.56 69.76
N PRO H 10 29.34 -41.19 71.05
CA PRO H 10 28.95 -39.84 71.50
C PRO H 10 29.81 -38.70 70.99
N ASN H 11 31.05 -38.99 70.56
CA ASN H 11 31.98 -37.98 70.08
C ASN H 11 31.87 -37.79 68.56
N CYS H 12 30.96 -38.52 67.91
CA CYS H 12 30.78 -38.44 66.47
C CYS H 12 29.38 -37.92 66.14
N ASP H 13 29.32 -36.82 65.38
CA ASP H 13 28.06 -36.32 64.85
C ASP H 13 27.98 -36.75 63.39
N ALA H 14 27.23 -37.83 63.13
CA ALA H 14 27.14 -38.41 61.81
C ALA H 14 26.30 -37.54 60.88
N THR H 15 25.56 -36.57 61.43
CA THR H 15 24.68 -35.72 60.64
C THR H 15 25.47 -34.72 59.79
N VAL H 16 26.80 -34.66 59.98
CA VAL H 16 27.63 -33.75 59.18
C VAL H 16 27.67 -34.27 57.74
N TRP H 17 27.39 -35.55 57.52
N TRP H 17 27.36 -35.55 57.55
CA TRP H 17 27.36 -36.14 56.18
CA TRP H 17 27.36 -36.21 56.26
C TRP H 17 26.00 -36.00 55.51
C TRP H 17 25.96 -36.26 55.65
N LEU H 18 24.97 -35.56 56.25
CA LEU H 18 23.59 -35.59 55.78
C LEU H 18 23.10 -34.21 55.38
N ARG H 19 23.99 -33.30 54.97
CA ARG H 19 23.62 -31.90 54.79
C ARG H 19 23.36 -31.59 53.32
N SER H 20 22.50 -30.59 53.09
CA SER H 20 22.18 -30.10 51.75
C SER H 20 22.42 -28.60 51.71
N CYS H 21 23.28 -28.16 50.77
CA CYS H 21 23.47 -26.75 50.49
C CYS H 21 22.20 -26.22 49.84
N GLU H 22 21.63 -25.14 50.40
CA GLU H 22 20.38 -24.57 49.91
C GLU H 22 20.64 -23.27 49.15
N GLU H 23 21.86 -22.72 49.28
CA GLU H 23 22.20 -21.46 48.64
C GLU H 23 23.67 -21.48 48.25
N GLU H 24 23.94 -21.32 46.95
CA GLU H 24 25.30 -21.31 46.45
C GLU H 24 26.01 -20.04 46.90
N VAL H 25 27.30 -20.16 47.19
CA VAL H 25 28.16 -19.01 47.45
C VAL H 25 28.89 -18.69 46.14
N SER H 26 28.20 -17.92 45.29
CA SER H 26 28.61 -17.67 43.92
C SER H 26 29.74 -16.64 43.88
N GLU H 27 29.56 -15.54 44.62
CA GLU H 27 30.58 -14.51 44.74
C GLU H 27 31.50 -14.81 45.92
N PRO H 28 32.83 -14.63 45.80
CA PRO H 28 33.77 -14.98 46.87
C PRO H 28 33.44 -14.29 48.19
N LEU H 29 33.29 -15.09 49.25
CA LEU H 29 33.16 -14.59 50.61
C LEU H 29 34.54 -14.33 51.19
N GLU H 30 34.72 -13.18 51.82
CA GLU H 30 35.93 -12.89 52.57
C GLU H 30 35.87 -13.63 53.91
N GLY H 31 37.03 -14.18 54.32
CA GLY H 31 37.12 -14.99 55.52
C GLY H 31 37.84 -14.27 56.65
N THR H 32 37.59 -14.74 57.88
CA THR H 32 38.28 -14.26 59.06
C THR H 32 39.60 -15.00 59.21
N MET H 33 40.71 -14.27 59.18
CA MET H 33 42.04 -14.85 59.24
C MET H 33 42.50 -14.93 60.69
N THR H 34 43.05 -16.09 61.08
CA THR H 34 43.80 -16.22 62.33
C THR H 34 45.15 -16.86 62.02
N GLY H 35 46.13 -16.64 62.90
CA GLY H 35 47.49 -17.10 62.68
C GLY H 35 48.11 -16.42 61.46
N GLU H 36 49.03 -17.13 60.80
CA GLU H 36 49.76 -16.58 59.66
C GLU H 36 49.91 -17.65 58.59
N PHE H 37 49.31 -17.40 57.42
CA PHE H 37 49.57 -18.18 56.22
C PHE H 37 51.01 -17.92 55.78
N PRO H 38 51.74 -18.94 55.24
CA PRO H 38 53.02 -18.69 54.58
C PRO H 38 52.85 -17.74 53.41
N SER H 39 53.77 -16.77 53.28
CA SER H 39 53.70 -15.74 52.25
C SER H 39 53.75 -16.36 50.86
N TRP H 40 54.49 -17.46 50.73
CA TRP H 40 54.71 -18.12 49.44
C TRP H 40 53.46 -18.87 48.97
N LEU H 41 52.53 -19.18 49.89
CA LEU H 41 51.35 -19.96 49.55
C LEU H 41 50.37 -19.10 48.75
N ARG H 42 50.21 -19.44 47.47
CA ARG H 42 49.39 -18.70 46.53
C ARG H 42 48.79 -19.69 45.54
N GLY H 43 47.46 -19.70 45.42
CA GLY H 43 46.80 -20.59 44.47
C GLY H 43 45.34 -20.85 44.82
N THR H 44 44.78 -21.89 44.20
CA THR H 44 43.38 -22.24 44.32
C THR H 44 43.25 -23.69 44.82
N LEU H 45 42.58 -23.87 45.96
CA LEU H 45 42.16 -25.19 46.40
C LEU H 45 40.73 -25.44 45.94
N LEU H 46 40.58 -26.41 45.02
CA LEU H 46 39.28 -26.88 44.59
C LEU H 46 38.91 -28.14 45.36
N ARG H 47 37.65 -28.23 45.79
CA ARG H 47 37.13 -29.43 46.45
C ARG H 47 35.86 -29.88 45.75
N ASN H 48 35.59 -31.19 45.78
CA ASN H 48 34.37 -31.76 45.27
C ASN H 48 33.82 -32.74 46.31
N GLY H 49 32.51 -32.92 46.32
CA GLY H 49 31.89 -33.87 47.22
C GLY H 49 30.37 -33.84 47.15
N PRO H 50 29.68 -34.69 47.95
CA PRO H 50 28.23 -34.67 48.05
C PRO H 50 27.74 -33.39 48.72
N GLY H 51 26.64 -32.82 48.20
CA GLY H 51 26.20 -31.52 48.64
C GLY H 51 24.68 -31.33 48.69
N CYS H 52 23.90 -32.35 48.31
CA CYS H 52 22.45 -32.22 48.36
C CYS H 52 21.78 -33.58 48.28
N LEU H 53 21.12 -33.96 49.38
CA LEU H 53 20.37 -35.21 49.47
C LEU H 53 18.91 -34.98 49.06
N ASN H 54 18.47 -33.71 49.02
CA ASN H 54 17.07 -33.39 48.76
C ASN H 54 16.85 -33.19 47.27
N VAL H 55 15.73 -33.72 46.77
CA VAL H 55 15.33 -33.56 45.38
C VAL H 55 13.83 -33.30 45.35
N GLY H 56 13.44 -32.03 45.40
CA GLY H 56 12.05 -31.65 45.53
C GLY H 56 11.45 -32.15 46.84
N THR H 57 10.47 -33.06 46.74
CA THR H 57 9.84 -33.67 47.90
C THR H 57 10.54 -34.97 48.28
N MET H 58 11.43 -35.45 47.39
CA MET H 58 12.10 -36.72 47.57
C MET H 58 13.48 -36.51 48.19
N ARG H 59 14.10 -37.61 48.62
CA ARG H 59 15.40 -37.60 49.26
C ARG H 59 16.19 -38.80 48.76
N PHE H 60 17.47 -38.57 48.42
CA PHE H 60 18.37 -39.65 48.06
C PHE H 60 18.58 -40.58 49.25
N GLU H 61 18.85 -41.86 48.98
CA GLU H 61 18.89 -42.89 50.02
C GLU H 61 20.32 -43.37 50.28
N HIS H 62 21.29 -42.89 49.48
CA HIS H 62 22.68 -43.21 49.72
C HIS H 62 23.53 -41.95 49.51
N LEU H 63 24.61 -41.84 50.28
CA LEU H 63 25.47 -40.67 50.26
C LEU H 63 26.10 -40.48 48.87
N PHE H 64 26.34 -41.58 48.15
CA PHE H 64 26.97 -41.55 46.84
C PHE H 64 26.06 -40.89 45.80
N ASP H 65 24.76 -40.75 46.12
CA ASP H 65 23.78 -40.20 45.21
C ASP H 65 23.72 -38.67 45.34
N SER H 66 24.25 -38.12 46.44
CA SER H 66 24.11 -36.71 46.77
C SER H 66 24.77 -35.83 45.70
N SER H 67 24.13 -34.70 45.38
CA SER H 67 24.51 -33.89 44.23
C SER H 67 25.88 -33.26 44.40
N ALA H 68 26.70 -33.35 43.33
CA ALA H 68 28.06 -32.84 43.32
C ALA H 68 28.07 -31.35 43.63
N LEU H 69 28.81 -30.99 44.70
CA LEU H 69 29.00 -29.60 45.09
C LEU H 69 30.49 -29.27 45.06
N LEU H 70 30.84 -28.27 44.25
CA LEU H 70 32.21 -27.80 44.10
C LEU H 70 32.49 -26.71 45.14
N HIS H 71 33.74 -26.65 45.61
CA HIS H 71 34.19 -25.62 46.53
C HIS H 71 35.47 -25.01 46.00
N ARG H 72 35.68 -23.71 46.27
CA ARG H 72 36.89 -23.01 45.85
C ARG H 72 37.40 -22.14 47.00
N PHE H 73 38.65 -22.37 47.40
CA PHE H 73 39.37 -21.49 48.30
C PHE H 73 40.49 -20.82 47.51
N ALA H 74 40.36 -19.49 47.31
CA ALA H 74 41.37 -18.71 46.63
C ALA H 74 42.32 -18.09 47.66
N ILE H 75 43.61 -18.42 47.55
CA ILE H 75 44.62 -18.05 48.53
C ILE H 75 45.59 -17.08 47.88
N ASP H 76 45.78 -15.91 48.50
CA ASP H 76 46.62 -14.86 47.93
C ASP H 76 46.78 -13.73 48.94
N ASP H 77 48.02 -13.27 49.13
CA ASP H 77 48.32 -12.05 49.88
C ASP H 77 47.77 -12.16 51.30
N GLY H 78 47.97 -13.33 51.93
CA GLY H 78 47.61 -13.54 53.32
C GLY H 78 46.12 -13.75 53.56
N THR H 79 45.34 -13.82 52.48
CA THR H 79 43.88 -13.80 52.54
C THR H 79 43.35 -15.04 51.83
N VAL H 80 42.12 -15.43 52.19
CA VAL H 80 41.42 -16.53 51.56
C VAL H 80 39.97 -16.11 51.35
N THR H 81 39.42 -16.42 50.16
CA THR H 81 38.00 -16.30 49.91
C THR H 81 37.40 -17.68 49.62
N TYR H 82 36.08 -17.81 49.80
CA TYR H 82 35.38 -19.07 49.64
C TYR H 82 34.23 -18.94 48.65
N GLN H 83 34.04 -19.98 47.84
CA GLN H 83 32.86 -20.14 46.99
C GLN H 83 32.43 -21.60 47.00
N CYS H 84 31.14 -21.84 46.75
CA CYS H 84 30.64 -23.17 46.46
C CYS H 84 29.49 -23.08 45.47
N ARG H 85 29.45 -24.07 44.57
CA ARG H 85 28.54 -24.06 43.44
C ARG H 85 28.28 -25.51 43.01
N PHE H 86 27.01 -25.85 42.82
CA PHE H 86 26.66 -27.18 42.33
C PHE H 86 27.21 -27.37 40.91
N LEU H 87 27.70 -28.58 40.64
CA LEU H 87 28.07 -28.97 39.29
C LEU H 87 26.78 -29.10 38.48
N ARG H 88 26.73 -28.43 37.32
CA ARG H 88 25.53 -28.41 36.51
C ARG H 88 25.49 -29.65 35.63
N THR H 89 24.99 -30.75 36.21
CA THR H 89 24.97 -32.03 35.53
C THR H 89 23.62 -32.22 34.83
N ASN H 90 23.59 -33.19 33.90
CA ASN H 90 22.36 -33.59 33.23
C ASN H 90 21.35 -34.07 34.29
N THR H 91 21.85 -34.85 35.26
CA THR H 91 21.00 -35.41 36.30
C THR H 91 20.37 -34.30 37.14
N LEU H 92 21.15 -33.29 37.52
CA LEU H 92 20.65 -32.19 38.33
C LEU H 92 19.58 -31.44 37.56
N LYS H 93 19.84 -31.18 36.27
CA LYS H 93 18.91 -30.44 35.42
C LYS H 93 17.58 -31.18 35.33
N LYS H 94 17.65 -32.50 35.06
CA LYS H 94 16.47 -33.32 34.86
C LYS H 94 15.68 -33.45 36.17
N ASN H 95 16.39 -33.64 37.28
CA ASN H 95 15.74 -33.81 38.57
C ASN H 95 15.07 -32.52 39.02
N ARG H 96 15.73 -31.38 38.79
CA ARG H 96 15.20 -30.09 39.20
C ARG H 96 13.99 -29.71 38.35
N ALA H 97 14.07 -29.98 37.04
CA ALA H 97 12.97 -29.74 36.13
C ALA H 97 11.73 -30.54 36.55
N ALA H 98 11.94 -31.82 36.86
CA ALA H 98 10.86 -32.73 37.25
C ALA H 98 10.44 -32.49 38.69
N ASN H 99 11.35 -31.90 39.48
CA ASN H 99 11.16 -31.70 40.91
C ASN H 99 11.02 -33.06 41.61
N ARG H 100 11.77 -34.05 41.11
CA ARG H 100 11.83 -35.37 41.72
C ARG H 100 12.98 -36.15 41.09
N ILE H 101 13.25 -37.33 41.66
CA ILE H 101 14.34 -38.19 41.20
C ILE H 101 13.84 -38.96 39.98
N VAL H 102 14.39 -38.62 38.81
CA VAL H 102 14.00 -39.25 37.56
C VAL H 102 15.19 -39.98 36.92
N VAL H 103 16.36 -39.94 37.58
CA VAL H 103 17.54 -40.63 37.09
C VAL H 103 17.97 -41.67 38.12
N THR H 104 18.19 -42.91 37.66
CA THR H 104 18.56 -44.01 38.54
C THR H 104 19.96 -43.77 39.10
N GLU H 105 20.11 -44.00 40.40
CA GLU H 105 21.37 -43.75 41.10
C GLU H 105 21.88 -45.04 41.72
N PHE H 106 23.08 -44.97 42.29
CA PHE H 106 23.72 -46.08 42.98
C PHE H 106 22.78 -46.68 44.04
N GLY H 107 22.22 -45.81 44.88
CA GLY H 107 21.48 -46.25 46.06
C GLY H 107 20.01 -45.86 46.06
N THR H 108 19.54 -45.23 44.97
CA THR H 108 18.18 -44.74 44.90
C THR H 108 17.55 -45.09 43.55
N LYS H 109 16.33 -45.62 43.59
CA LYS H 109 15.53 -45.89 42.40
C LYS H 109 14.88 -44.59 41.95
N SER H 110 14.67 -44.46 40.63
CA SER H 110 14.18 -43.20 40.05
C SER H 110 12.76 -43.37 39.52
N ALA H 111 12.02 -42.26 39.51
CA ALA H 111 10.73 -42.17 38.84
C ALA H 111 10.94 -42.24 37.33
N PRO H 112 9.88 -42.43 36.52
CA PRO H 112 10.01 -42.47 35.06
C PRO H 112 10.54 -41.17 34.47
N ASP H 113 11.53 -41.31 33.58
CA ASP H 113 12.25 -40.20 32.97
C ASP H 113 11.40 -39.57 31.87
N PRO H 114 11.01 -38.28 31.97
CA PRO H 114 10.17 -37.64 30.95
C PRO H 114 10.90 -37.27 29.66
N CSD H 115 10.12 -37.13 28.58
CA CSD H 115 10.62 -36.71 27.26
CB CSD H 115 11.20 -35.30 27.31
SG CSD H 115 9.86 -34.13 27.75
C CSD H 115 11.60 -37.76 26.73
O CSD H 115 12.61 -37.42 26.11
OD1 CSD H 115 10.51 -32.84 28.06
OD2 CSD H 115 8.98 -33.91 26.44
N HIS H 116 11.27 -39.03 26.96
CA HIS H 116 12.10 -40.16 26.56
C HIS H 116 11.56 -40.68 25.23
N THR H 117 12.27 -40.39 24.14
CA THR H 117 11.81 -40.74 22.80
C THR H 117 12.06 -42.22 22.52
N ILE H 118 11.44 -42.71 21.43
CA ILE H 118 11.65 -44.08 20.97
C ILE H 118 13.13 -44.29 20.65
N PHE H 119 13.78 -43.25 20.08
CA PHE H 119 15.18 -43.33 19.67
C PHE H 119 16.07 -43.59 20.87
N ASP H 120 15.75 -42.93 22.01
CA ASP H 120 16.52 -43.06 23.23
C ASP H 120 16.32 -44.44 23.85
N ARG H 121 15.08 -44.95 23.78
CA ARG H 121 14.73 -46.25 24.35
C ARG H 121 15.42 -47.36 23.57
N VAL H 122 15.51 -47.20 22.25
CA VAL H 122 16.15 -48.18 21.37
C VAL H 122 17.66 -48.15 21.62
N ALA H 123 18.23 -46.93 21.72
CA ALA H 123 19.66 -46.76 21.95
C ALA H 123 20.06 -47.35 23.30
N ALA H 124 19.20 -47.17 24.31
CA ALA H 124 19.47 -47.64 25.67
C ALA H 124 19.53 -49.17 25.70
N PHE H 125 18.74 -49.83 24.84
CA PHE H 125 18.70 -51.29 24.78
C PHE H 125 20.08 -51.84 24.40
N PHE H 126 20.77 -51.13 23.49
CA PHE H 126 22.08 -51.54 23.00
C PHE H 126 23.19 -50.89 23.84
N ASN H 127 22.87 -49.79 24.54
CA ASN H 127 23.82 -49.11 25.40
C ASN H 127 23.15 -48.74 26.72
N PRO H 128 22.95 -49.72 27.64
CA PRO H 128 22.33 -49.43 28.94
C PRO H 128 23.01 -48.32 29.74
N GLY H 129 24.29 -48.08 29.46
CA GLY H 129 25.04 -46.98 30.05
C GLY H 129 24.41 -45.61 29.82
N GLU H 130 23.59 -45.48 28.76
CA GLU H 130 22.84 -44.27 28.47
C GLU H 130 22.00 -43.83 29.67
N HIS H 131 21.52 -44.79 30.46
CA HIS H 131 20.61 -44.51 31.57
C HIS H 131 21.38 -44.13 32.84
N MET H 132 22.71 -44.07 32.76
CA MET H 132 23.55 -43.91 33.94
C MET H 132 23.60 -42.44 34.33
N SER H 133 23.76 -42.18 35.63
CA SER H 133 23.82 -40.82 36.16
C SER H 133 25.17 -40.21 35.79
N ASP H 134 25.21 -38.87 35.74
CA ASP H 134 26.44 -38.14 35.47
C ASP H 134 26.78 -37.24 36.66
N ASN H 135 26.49 -37.72 37.87
CA ASN H 135 26.76 -36.99 39.10
C ASN H 135 28.23 -37.17 39.49
N ALA H 136 29.10 -36.32 38.93
CA ALA H 136 30.53 -36.38 39.17
C ALA H 136 30.91 -35.67 40.46
N MET H 137 30.69 -36.34 41.60
CA MET H 137 30.79 -35.69 42.92
C MET H 137 32.07 -36.12 43.66
N ILE H 138 32.87 -37.02 43.09
CA ILE H 138 33.92 -37.68 43.84
C ILE H 138 35.18 -36.80 43.91
N SER H 139 35.66 -36.33 42.75
CA SER H 139 36.99 -35.73 42.68
C SER H 139 37.08 -34.68 41.57
N VAL H 140 38.22 -33.97 41.56
CA VAL H 140 38.59 -33.06 40.50
C VAL H 140 40.08 -33.26 40.19
N TYR H 141 40.42 -33.34 38.90
CA TYR H 141 41.78 -33.61 38.48
C TYR H 141 42.17 -32.71 37.31
N PRO H 142 43.47 -32.30 37.24
CA PRO H 142 43.96 -31.48 36.13
C PRO H 142 44.33 -32.27 34.87
N PHE H 143 43.74 -31.87 33.74
CA PHE H 143 44.17 -32.31 32.42
C PHE H 143 44.79 -31.12 31.70
N GLY H 144 46.12 -31.00 31.80
CA GLY H 144 46.82 -29.81 31.33
C GLY H 144 46.37 -28.56 32.10
N ASP H 145 45.79 -27.59 31.38
CA ASP H 145 45.32 -26.34 31.95
C ASP H 145 43.88 -26.45 32.43
N GLU H 146 43.22 -27.58 32.11
CA GLU H 146 41.81 -27.77 32.40
C GLU H 146 41.67 -28.65 33.64
N VAL H 147 40.51 -28.57 34.29
CA VAL H 147 40.18 -29.38 35.45
C VAL H 147 38.83 -30.05 35.20
N TYR H 148 38.74 -31.35 35.51
CA TYR H 148 37.53 -32.12 35.29
C TYR H 148 37.06 -32.76 36.59
N ALA H 149 35.74 -32.77 36.78
CA ALA H 149 35.10 -33.46 37.89
C ALA H 149 34.77 -34.89 37.45
N PHE H 150 34.92 -35.84 38.39
CA PHE H 150 34.83 -37.26 38.08
C PHE H 150 33.79 -37.94 38.96
N THR H 151 33.12 -38.92 38.36
CA THR H 151 32.59 -40.09 39.05
C THR H 151 33.22 -41.31 38.38
N GLU H 152 32.51 -42.45 38.36
CA GLU H 152 33.10 -43.67 37.82
C GLU H 152 32.33 -44.17 36.60
N GLY H 153 31.18 -43.54 36.32
CA GLY H 153 30.61 -43.58 34.98
C GLY H 153 31.51 -42.82 34.00
N PRO H 154 31.28 -42.96 32.67
CA PRO H 154 32.19 -42.41 31.66
C PRO H 154 32.14 -40.91 31.38
N ILE H 155 31.15 -40.21 31.95
CA ILE H 155 31.01 -38.78 31.70
C ILE H 155 31.75 -37.99 32.77
N ILE H 156 32.62 -37.07 32.32
CA ILE H 156 33.30 -36.11 33.16
C ILE H 156 32.88 -34.71 32.74
N HIS H 157 33.07 -33.73 33.64
CA HIS H 157 32.60 -32.37 33.45
C HIS H 157 33.75 -31.40 33.70
N ARG H 158 34.02 -30.52 32.73
CA ARG H 158 35.04 -29.50 32.90
C ARG H 158 34.52 -28.43 33.85
N VAL H 159 35.42 -27.92 34.68
CA VAL H 159 35.11 -26.95 35.72
C VAL H 159 35.98 -25.73 35.50
N ASP H 160 35.36 -24.54 35.56
CA ASP H 160 36.08 -23.28 35.58
C ASP H 160 36.75 -23.14 36.95
N THR H 161 38.07 -23.01 36.96
CA THR H 161 38.85 -23.03 38.18
C THR H 161 38.75 -21.70 38.94
N VAL H 162 38.14 -20.68 38.31
CA VAL H 162 37.96 -19.39 38.93
C VAL H 162 36.53 -19.23 39.44
N THR H 163 35.54 -19.57 38.61
CA THR H 163 34.15 -19.25 38.88
C THR H 163 33.33 -20.46 39.34
N LEU H 164 33.90 -21.67 39.19
CA LEU H 164 33.21 -22.93 39.47
C LEU H 164 32.03 -23.13 38.52
N ASP H 165 32.04 -22.44 37.37
CA ASP H 165 31.07 -22.70 36.32
C ASP H 165 31.34 -24.09 35.74
N THR H 166 30.26 -24.77 35.34
CA THR H 166 30.37 -26.04 34.65
C THR H 166 30.50 -25.76 33.15
N LEU H 167 31.60 -26.22 32.55
CA LEU H 167 31.85 -26.01 31.13
C LEU H 167 31.47 -27.30 30.39
N GLU H 168 32.24 -27.69 29.37
CA GLU H 168 31.87 -28.82 28.51
C GLU H 168 31.93 -30.13 29.29
N GLN H 169 31.15 -31.12 28.84
CA GLN H 169 31.30 -32.49 29.32
C GLN H 169 31.99 -33.32 28.26
N LYS H 170 32.68 -34.39 28.69
CA LYS H 170 33.37 -35.32 27.81
C LYS H 170 32.91 -36.74 28.15
N ASN H 171 32.71 -37.56 27.12
CA ASN H 171 32.28 -38.95 27.27
C ASN H 171 33.47 -39.86 26.95
N MET H 172 33.90 -40.64 27.95
CA MET H 172 35.12 -41.42 27.85
C MET H 172 34.89 -42.69 27.03
N THR H 173 33.63 -43.09 26.85
CA THR H 173 33.31 -44.18 25.94
C THR H 173 33.57 -43.75 24.50
N ASP H 174 33.05 -42.55 24.15
CA ASP H 174 33.29 -41.97 22.84
C ASP H 174 34.80 -41.73 22.66
N CYS H 175 35.46 -41.29 23.73
CA CYS H 175 36.83 -40.81 23.65
C CYS H 175 37.82 -41.95 23.48
N VAL H 176 37.72 -43.00 24.33
CA VAL H 176 38.70 -44.07 24.33
C VAL H 176 38.08 -45.40 24.76
N ALA H 177 36.75 -45.54 24.57
CA ALA H 177 36.06 -46.81 24.72
C ALA H 177 36.07 -47.31 26.17
N LEU H 178 36.07 -46.39 27.15
CA LEU H 178 35.89 -46.76 28.55
C LEU H 178 34.39 -46.73 28.88
N VAL H 179 33.85 -47.86 29.32
CA VAL H 179 32.46 -47.91 29.76
C VAL H 179 32.37 -47.46 31.22
N ASN H 180 33.49 -47.56 31.95
CA ASN H 180 33.62 -47.00 33.28
C ASN H 180 35.10 -46.73 33.55
N HIS H 181 35.39 -46.00 34.64
CA HIS H 181 36.76 -45.71 35.02
C HIS H 181 36.84 -45.37 36.50
N THR H 182 38.06 -45.33 37.05
CA THR H 182 38.25 -44.89 38.43
C THR H 182 38.07 -43.38 38.48
N SER H 183 37.75 -42.87 39.67
CA SER H 183 37.66 -41.44 39.90
C SER H 183 38.98 -40.88 40.42
N HIS H 184 40.07 -41.65 40.25
CA HIS H 184 41.38 -41.30 40.75
C HIS H 184 42.44 -41.59 39.71
N PRO H 185 42.46 -40.85 38.57
CA PRO H 185 43.56 -40.97 37.61
C PRO H 185 44.88 -40.54 38.24
N HIS H 186 45.98 -40.95 37.61
CA HIS H 186 47.32 -40.52 38.01
C HIS H 186 47.79 -39.42 37.06
N VAL H 187 48.38 -38.37 37.62
CA VAL H 187 48.85 -37.22 36.87
C VAL H 187 50.37 -37.21 36.96
N MET H 188 51.04 -37.21 35.81
CA MET H 188 52.50 -37.29 35.77
C MET H 188 53.06 -35.88 35.82
N PRO H 189 54.33 -35.69 36.27
CA PRO H 189 54.96 -34.37 36.28
C PRO H 189 54.91 -33.61 34.97
N ASN H 190 54.88 -34.34 33.84
CA ASN H 190 54.88 -33.72 32.51
C ASN H 190 53.46 -33.38 32.06
N GLY H 191 52.45 -33.70 32.89
CA GLY H 191 51.07 -33.36 32.58
C GLY H 191 50.26 -34.55 32.06
N ASP H 192 50.94 -35.63 31.62
CA ASP H 192 50.27 -36.82 31.15
C ASP H 192 49.33 -37.35 32.24
N VAL H 193 48.17 -37.87 31.82
CA VAL H 193 47.22 -38.47 32.73
C VAL H 193 46.98 -39.92 32.32
N TYR H 194 47.02 -40.82 33.32
CA TYR H 194 46.64 -42.21 33.14
C TYR H 194 45.42 -42.51 33.99
N ASN H 195 44.52 -43.35 33.47
CA ASN H 195 43.41 -43.85 34.25
C ASN H 195 43.11 -45.29 33.84
N VAL H 196 42.50 -46.03 34.77
CA VAL H 196 42.11 -47.40 34.55
C VAL H 196 40.59 -47.46 34.44
N GLY H 197 40.11 -48.34 33.58
CA GLY H 197 38.68 -48.54 33.37
C GLY H 197 38.40 -49.84 32.62
N MET H 198 37.11 -50.13 32.42
CA MET H 198 36.71 -51.30 31.67
C MET H 198 36.41 -50.91 30.23
N SER H 199 36.77 -51.80 29.31
CA SER H 199 36.57 -51.61 27.88
C SER H 199 36.24 -52.96 27.26
N VAL H 200 35.54 -52.91 26.12
CA VAL H 200 35.34 -54.11 25.30
C VAL H 200 36.48 -54.16 24.27
N VAL H 201 37.37 -55.15 24.44
CA VAL H 201 38.52 -55.31 23.57
C VAL H 201 38.38 -56.65 22.86
N LYS H 202 38.27 -56.59 21.52
CA LYS H 202 38.08 -57.78 20.69
C LYS H 202 36.92 -58.63 21.24
N GLY H 203 35.80 -57.98 21.55
CA GLY H 203 34.59 -58.66 21.98
C GLY H 203 34.64 -59.20 23.40
N ARG H 204 35.66 -58.78 24.18
CA ARG H 204 35.85 -59.28 25.54
C ARG H 204 35.96 -58.10 26.50
N ILE H 205 35.38 -58.24 27.70
CA ILE H 205 35.55 -57.26 28.77
C ILE H 205 37.00 -57.32 29.25
N ARG H 206 37.63 -56.15 29.37
CA ARG H 206 39.03 -56.07 29.74
C ARG H 206 39.23 -54.83 30.61
N HIS H 207 40.13 -54.94 31.59
CA HIS H 207 40.63 -53.77 32.30
C HIS H 207 41.70 -53.14 31.43
N VAL H 208 41.59 -51.84 31.17
CA VAL H 208 42.54 -51.16 30.30
C VAL H 208 43.09 -49.94 31.03
N VAL H 209 44.32 -49.56 30.68
CA VAL H 209 44.90 -48.30 31.08
C VAL H 209 44.85 -47.36 29.88
N ALA H 210 44.13 -46.24 30.03
CA ALA H 210 44.09 -45.20 29.02
C ALA H 210 45.12 -44.12 29.37
N LYS H 211 45.83 -43.62 28.35
CA LYS H 211 46.74 -42.51 28.50
C LYS H 211 46.17 -41.28 27.80
N PHE H 212 46.18 -40.16 28.51
CA PHE H 212 45.81 -38.87 27.95
C PHE H 212 47.07 -38.01 27.89
N PRO H 213 47.77 -37.96 26.74
CA PRO H 213 49.09 -37.34 26.67
C PRO H 213 48.99 -35.82 26.63
N PHE H 214 49.84 -35.15 27.42
CA PHE H 214 49.85 -33.69 27.44
C PHE H 214 50.80 -33.14 26.39
N THR H 215 50.29 -32.17 25.61
CA THR H 215 51.11 -31.25 24.83
C THR H 215 50.43 -29.89 24.85
N GLU H 216 51.24 -28.82 24.81
CA GLU H 216 50.73 -27.46 24.84
C GLU H 216 49.79 -27.24 23.66
N LYS H 217 50.13 -27.82 22.50
CA LYS H 217 49.47 -27.53 21.24
C LYS H 217 48.29 -28.47 21.01
N GLY H 218 48.41 -29.72 21.47
CA GLY H 218 47.49 -30.77 21.08
C GLY H 218 46.22 -30.78 21.92
N ASP H 219 45.44 -31.87 21.76
CA ASP H 219 44.24 -32.14 22.53
C ASP H 219 44.45 -33.48 23.23
N MET H 220 44.37 -33.47 24.57
CA MET H 220 44.70 -34.61 25.40
C MET H 220 43.70 -35.74 25.20
N PHE H 221 42.45 -35.37 24.87
CA PHE H 221 41.36 -36.31 24.73
C PHE H 221 41.36 -36.90 23.32
N LYS H 222 41.67 -36.08 22.31
CA LYS H 222 41.75 -36.52 20.93
C LYS H 222 42.88 -37.53 20.76
N SER H 223 44.01 -37.30 21.44
CA SER H 223 45.19 -38.14 21.32
C SER H 223 45.21 -39.24 22.36
N ALA H 224 44.09 -39.45 23.07
CA ALA H 224 44.02 -40.47 24.11
C ALA H 224 44.01 -41.86 23.49
N HIS H 225 44.73 -42.81 24.12
CA HIS H 225 44.84 -44.16 23.61
C HIS H 225 45.11 -45.14 24.75
N ILE H 226 44.77 -46.42 24.52
CA ILE H 226 45.02 -47.48 25.47
C ILE H 226 46.49 -47.90 25.38
N VAL H 227 47.15 -48.02 26.54
CA VAL H 227 48.57 -48.31 26.60
C VAL H 227 48.83 -49.63 27.35
N ALA H 228 47.80 -50.19 28.00
CA ALA H 228 47.94 -51.47 28.68
C ALA H 228 46.57 -52.08 28.92
N SER H 229 46.54 -53.39 29.14
CA SER H 229 45.29 -54.07 29.44
C SER H 229 45.56 -55.36 30.19
N MET H 230 44.48 -55.91 30.75
CA MET H 230 44.53 -57.07 31.61
C MET H 230 43.17 -57.76 31.54
N ALA H 231 43.19 -59.09 31.38
CA ALA H 231 41.97 -59.87 31.42
C ALA H 231 41.45 -59.92 32.86
N PRO H 232 40.14 -59.81 33.09
CA PRO H 232 39.58 -60.02 34.43
C PRO H 232 39.73 -61.47 34.83
N ARG H 233 39.78 -61.72 36.15
CA ARG H 233 39.88 -63.08 36.65
C ARG H 233 38.61 -63.84 36.25
N TRP H 234 37.46 -63.15 36.35
CA TRP H 234 36.16 -63.75 36.07
C TRP H 234 35.44 -62.91 35.02
N ALA H 235 35.13 -63.54 33.87
CA ALA H 235 34.83 -62.84 32.62
C ALA H 235 33.61 -61.92 32.77
N LEU H 236 32.61 -62.37 33.54
CA LEU H 236 31.36 -61.62 33.69
C LEU H 236 31.27 -60.99 35.07
N HIS H 237 32.36 -61.07 35.85
CA HIS H 237 32.43 -60.48 37.18
C HIS H 237 33.76 -59.75 37.35
N PRO H 238 34.04 -58.70 36.55
CA PRO H 238 35.29 -57.95 36.69
C PRO H 238 35.35 -57.24 38.04
N ALA H 239 36.56 -57.17 38.61
CA ALA H 239 36.79 -56.58 39.91
C ALA H 239 36.52 -55.07 39.87
N TYR H 240 35.84 -54.58 40.91
CA TYR H 240 35.71 -53.15 41.14
C TYR H 240 37.03 -52.59 41.67
N MET H 241 37.42 -51.40 41.19
CA MET H 241 38.59 -50.72 41.73
C MET H 241 38.35 -49.21 41.74
N HIS H 242 38.62 -48.60 42.89
CA HIS H 242 38.44 -47.17 43.10
C HIS H 242 39.74 -46.43 42.77
N THR H 243 40.87 -47.11 42.99
CA THR H 243 42.18 -46.55 42.68
C THR H 243 43.05 -47.64 42.05
N PHE H 244 44.18 -47.20 41.48
CA PHE H 244 45.22 -48.08 40.97
C PHE H 244 46.56 -47.42 41.27
N GLY H 245 47.64 -48.20 41.08
CA GLY H 245 48.98 -47.72 41.36
C GLY H 245 49.80 -47.51 40.08
N ILE H 246 50.91 -46.77 40.22
CA ILE H 246 51.87 -46.63 39.14
C ILE H 246 53.27 -46.56 39.76
N THR H 247 54.21 -47.28 39.14
CA THR H 247 55.61 -47.24 39.52
C THR H 247 56.42 -46.81 38.30
N GLU H 248 57.75 -46.80 38.43
CA GLU H 248 58.64 -46.43 37.34
C GLU H 248 58.34 -47.26 36.10
N ASN H 249 58.12 -48.57 36.27
CA ASN H 249 58.06 -49.51 35.16
C ASN H 249 56.69 -50.14 34.99
N TYR H 250 55.79 -49.97 35.97
CA TYR H 250 54.56 -50.75 36.00
C TYR H 250 53.34 -49.89 36.29
N PHE H 251 52.20 -50.32 35.74
CA PHE H 251 50.89 -50.00 36.28
C PHE H 251 50.54 -51.12 37.26
N VAL H 252 50.00 -50.74 38.43
CA VAL H 252 49.70 -51.68 39.48
C VAL H 252 48.19 -51.77 39.62
N ILE H 253 47.64 -52.97 39.37
CA ILE H 253 46.22 -53.24 39.47
C ILE H 253 46.00 -54.14 40.68
N VAL H 254 45.22 -53.65 41.65
CA VAL H 254 44.82 -54.47 42.79
C VAL H 254 43.44 -55.05 42.48
N GLU H 255 43.42 -56.38 42.27
CA GLU H 255 42.23 -57.09 41.86
C GLU H 255 41.61 -57.76 43.09
N GLN H 256 40.61 -57.09 43.67
CA GLN H 256 40.02 -57.51 44.93
C GLN H 256 38.74 -58.29 44.65
N PRO H 257 38.29 -59.17 45.58
CA PRO H 257 37.10 -59.99 45.36
C PRO H 257 35.76 -59.27 45.57
N LEU H 258 35.70 -57.97 45.24
CA LEU H 258 34.45 -57.29 45.02
C LEU H 258 34.30 -57.07 43.51
N SER H 259 33.22 -57.59 42.94
N SER H 259 33.20 -57.57 42.94
CA SER H 259 33.04 -57.62 41.49
CA SER H 259 33.04 -57.63 41.50
C SER H 259 31.78 -56.85 41.10
C SER H 259 31.77 -56.90 41.08
N ILE H 260 31.78 -56.36 39.86
CA ILE H 260 30.59 -55.85 39.22
C ILE H 260 30.04 -56.98 38.34
N SER H 261 28.80 -57.40 38.61
CA SER H 261 28.08 -58.31 37.74
C SER H 261 27.68 -57.58 36.46
N VAL H 262 28.28 -57.98 35.33
CA VAL H 262 28.03 -57.36 34.04
C VAL H 262 26.53 -57.41 33.71
N TYR H 263 25.94 -58.59 33.83
CA TYR H 263 24.54 -58.79 33.50
C TYR H 263 23.65 -58.11 34.54
N GLY H 264 24.08 -58.18 35.82
CA GLY H 264 23.41 -57.47 36.90
C GLY H 264 23.29 -55.97 36.62
N LEU H 265 24.42 -55.37 36.21
CA LEU H 265 24.46 -53.93 35.98
C LEU H 265 23.59 -53.55 34.79
N MET H 266 23.66 -54.35 33.72
CA MET H 266 22.85 -54.14 32.54
C MET H 266 21.37 -54.20 32.91
N THR H 267 20.99 -55.23 33.69
CA THR H 267 19.63 -55.41 34.15
C THR H 267 19.14 -54.18 34.91
N ASN H 268 19.95 -53.72 35.88
CA ASN H 268 19.57 -52.64 36.76
C ASN H 268 19.41 -51.33 35.98
N LEU H 269 20.30 -51.13 35.00
CA LEU H 269 20.23 -49.95 34.14
C LEU H 269 18.93 -49.94 33.35
N ILE H 270 18.54 -51.11 32.82
CA ILE H 270 17.37 -51.24 31.94
C ILE H 270 16.10 -51.05 32.75
N ASN H 271 16.07 -51.65 33.94
CA ASN H 271 14.89 -51.62 34.80
C ASN H 271 14.85 -50.35 35.66
N ASN H 272 15.90 -49.51 35.57
CA ASN H 272 16.03 -48.29 36.34
C ASN H 272 15.89 -48.62 37.82
N ASN H 273 16.59 -49.68 38.26
CA ASN H 273 16.72 -50.00 39.67
C ASN H 273 18.09 -49.55 40.15
N LYS H 274 18.24 -49.41 41.47
CA LYS H 274 19.46 -48.89 42.04
C LYS H 274 20.61 -49.81 41.67
N LEU H 275 21.74 -49.21 41.27
CA LEU H 275 22.83 -49.93 40.64
C LEU H 275 23.61 -50.76 41.66
N ALA H 276 23.39 -50.48 42.95
CA ALA H 276 24.19 -51.08 44.01
C ALA H 276 24.09 -52.60 44.00
N ALA H 277 22.96 -53.15 43.53
CA ALA H 277 22.75 -54.58 43.45
C ALA H 277 23.75 -55.24 42.50
N SER H 278 24.44 -54.44 41.68
CA SER H 278 25.42 -54.98 40.73
C SER H 278 26.68 -55.48 41.42
N LEU H 279 27.00 -54.97 42.62
CA LEU H 279 28.23 -55.32 43.31
C LEU H 279 28.07 -56.66 44.02
N LYS H 280 29.10 -57.51 43.94
CA LYS H 280 29.09 -58.83 44.55
C LYS H 280 30.40 -59.07 45.31
N TRP H 281 30.28 -59.59 46.54
CA TRP H 281 31.41 -59.89 47.40
C TRP H 281 31.64 -61.39 47.45
N TYR H 282 32.87 -61.82 47.15
CA TYR H 282 33.23 -63.23 47.06
C TYR H 282 34.42 -63.52 47.97
N PRO H 283 34.21 -63.62 49.31
CA PRO H 283 35.32 -63.72 50.26
C PRO H 283 36.13 -65.01 50.25
N GLU H 284 35.69 -66.01 49.47
CA GLU H 284 36.43 -67.26 49.35
C GLU H 284 37.63 -67.09 48.40
N TYR H 285 37.74 -65.92 47.75
CA TYR H 285 38.86 -65.66 46.85
C TYR H 285 39.80 -64.62 47.46
N GLU H 286 41.07 -64.71 47.07
CA GLU H 286 42.12 -63.83 47.57
C GLU H 286 42.24 -62.61 46.66
N THR H 287 43.05 -61.64 47.11
CA THR H 287 43.33 -60.43 46.36
C THR H 287 44.62 -60.62 45.57
N HIS H 288 44.62 -60.22 44.30
CA HIS H 288 45.80 -60.28 43.47
C HIS H 288 46.33 -58.87 43.22
N ILE H 289 47.66 -58.74 43.24
CA ILE H 289 48.36 -57.54 42.82
C ILE H 289 49.02 -57.84 41.49
N VAL H 290 48.60 -57.11 40.44
CA VAL H 290 49.01 -57.40 39.07
C VAL H 290 49.81 -56.23 38.53
N LEU H 291 51.00 -56.52 37.99
CA LEU H 291 51.85 -55.52 37.38
C LEU H 291 51.75 -55.60 35.86
N LEU H 292 51.35 -54.50 35.22
CA LEU H 292 51.34 -54.39 33.77
C LEU H 292 52.54 -53.55 33.35
N SER H 293 53.26 -54.02 32.32
CA SER H 293 54.43 -53.32 31.82
C SER H 293 54.01 -52.00 31.16
N ARG H 294 54.72 -50.92 31.53
CA ARG H 294 54.51 -49.62 30.92
C ARG H 294 55.12 -49.60 29.52
N THR H 295 55.99 -50.57 29.22
CA THR H 295 56.64 -50.69 27.91
C THR H 295 55.79 -51.50 26.94
N THR H 296 55.34 -52.68 27.38
CA THR H 296 54.68 -53.63 26.49
C THR H 296 53.16 -53.60 26.65
N GLY H 297 52.67 -53.11 27.80
CA GLY H 297 51.24 -53.00 28.04
C GLY H 297 50.60 -54.32 28.51
N LYS H 298 51.43 -55.34 28.76
CA LYS H 298 50.95 -56.65 29.13
C LYS H 298 51.28 -56.94 30.59
N GLU H 299 50.48 -57.82 31.21
CA GLU H 299 50.77 -58.37 32.51
C GLU H 299 52.13 -59.08 32.48
N VAL H 300 52.99 -58.71 33.42
CA VAL H 300 54.34 -59.27 33.52
C VAL H 300 54.52 -59.98 34.86
N LYS H 301 53.79 -59.57 35.91
CA LYS H 301 53.91 -60.16 37.23
C LYS H 301 52.55 -60.19 37.92
N ARG H 302 52.37 -61.13 38.86
CA ARG H 302 51.16 -61.24 39.65
C ARG H 302 51.51 -61.84 41.01
N PHE H 303 50.97 -61.25 42.08
CA PHE H 303 51.20 -61.70 43.44
C PHE H 303 49.85 -61.81 44.16
N ARG H 304 49.87 -62.45 45.33
CA ARG H 304 48.67 -62.68 46.11
C ARG H 304 48.79 -62.03 47.49
N THR H 305 47.64 -61.69 48.06
CA THR H 305 47.52 -61.32 49.46
C THR H 305 46.13 -61.76 49.96
N ASP H 306 45.84 -61.43 51.22
CA ASP H 306 44.60 -61.86 51.85
C ASP H 306 43.39 -61.25 51.15
N THR H 307 42.23 -61.87 51.35
CA THR H 307 40.95 -61.25 51.06
C THR H 307 40.91 -59.89 51.74
N LEU H 308 40.76 -58.82 50.94
CA LEU H 308 40.59 -57.48 51.50
C LEU H 308 39.71 -56.64 50.57
N PHE H 309 39.20 -55.54 51.14
CA PHE H 309 38.58 -54.48 50.36
C PHE H 309 39.40 -53.22 50.55
N PHE H 310 39.51 -52.40 49.49
CA PHE H 310 40.20 -51.12 49.58
C PHE H 310 39.48 -50.09 48.71
N LEU H 311 39.68 -48.81 49.05
CA LEU H 311 39.29 -47.69 48.21
C LEU H 311 40.55 -46.99 47.71
N HIS H 312 41.43 -46.61 48.63
CA HIS H 312 42.53 -45.69 48.33
C HIS H 312 43.89 -46.34 48.54
N ILE H 313 44.63 -46.48 47.43
CA ILE H 313 46.05 -46.77 47.43
C ILE H 313 46.79 -45.47 47.74
N ILE H 314 47.74 -45.55 48.69
CA ILE H 314 48.49 -44.39 49.15
C ILE H 314 49.57 -44.06 48.13
N ASN H 315 50.40 -45.06 47.81
CA ASN H 315 51.50 -44.90 46.87
C ASN H 315 52.07 -46.28 46.54
N CYS H 316 52.71 -46.39 45.38
CA CYS H 316 53.43 -47.59 44.96
C CYS H 316 54.82 -47.18 44.50
N TYR H 317 55.81 -48.07 44.65
CA TYR H 317 57.14 -47.82 44.11
C TYR H 317 57.97 -49.10 44.06
N GLU H 318 59.03 -49.04 43.24
CA GLU H 318 60.04 -50.07 43.17
C GLU H 318 61.30 -49.57 43.88
N HIS H 319 61.95 -50.47 44.63
CA HIS H 319 63.18 -50.11 45.32
C HIS H 319 64.06 -51.35 45.52
N GLU H 320 65.20 -51.37 44.84
CA GLU H 320 66.21 -52.41 44.99
C GLU H 320 65.57 -53.80 44.89
N GLY H 321 64.80 -54.01 43.82
CA GLY H 321 64.24 -55.32 43.50
C GLY H 321 62.95 -55.64 44.23
N GLU H 322 62.46 -54.70 45.05
CA GLU H 322 61.24 -54.90 45.82
C GLU H 322 60.12 -54.03 45.23
N LEU H 323 58.89 -54.55 45.29
CA LEU H 323 57.70 -53.78 45.02
C LEU H 323 57.04 -53.40 46.35
N VAL H 324 56.67 -52.13 46.49
CA VAL H 324 55.91 -51.67 47.64
C VAL H 324 54.56 -51.11 47.17
N VAL H 325 53.48 -51.59 47.78
CA VAL H 325 52.15 -51.07 47.58
C VAL H 325 51.54 -50.75 48.94
N ASP H 326 51.37 -49.45 49.23
CA ASP H 326 50.73 -48.98 50.46
C ASP H 326 49.29 -48.60 50.15
N LEU H 327 48.34 -49.10 50.95
CA LEU H 327 46.93 -48.85 50.75
C LEU H 327 46.15 -48.98 52.06
N CYS H 328 44.97 -48.37 52.10
CA CYS H 328 44.08 -48.43 53.25
C CYS H 328 43.08 -49.57 53.07
N THR H 329 43.16 -50.58 53.95
CA THR H 329 42.49 -51.86 53.73
C THR H 329 41.33 -52.04 54.72
N TYR H 330 40.28 -52.72 54.25
CA TYR H 330 39.20 -53.22 55.09
C TYR H 330 39.15 -54.74 54.96
N LYS H 331 38.42 -55.39 55.88
CA LYS H 331 38.24 -56.83 55.84
C LYS H 331 37.15 -57.20 54.84
N ASP H 332 36.23 -56.26 54.59
CA ASP H 332 35.13 -56.47 53.66
C ASP H 332 34.65 -55.11 53.14
N ALA H 333 33.55 -55.11 52.38
CA ALA H 333 33.06 -53.91 51.72
C ALA H 333 31.86 -53.31 52.43
N LYS H 334 31.74 -53.56 53.74
CA LYS H 334 30.57 -53.14 54.51
C LYS H 334 30.49 -51.62 54.65
N VAL H 335 31.61 -50.92 54.43
CA VAL H 335 31.63 -49.47 54.49
C VAL H 335 30.64 -48.89 53.49
N VAL H 336 30.40 -49.60 52.38
CA VAL H 336 29.43 -49.20 51.38
C VAL H 336 28.03 -49.18 52.00
N ASP H 337 27.70 -50.22 52.77
CA ASP H 337 26.40 -50.30 53.42
C ASP H 337 26.27 -49.26 54.53
N ALA H 338 27.41 -48.88 55.14
CA ALA H 338 27.42 -47.91 56.22
C ALA H 338 27.00 -46.53 55.73
N MET H 339 27.14 -46.27 54.43
CA MET H 339 26.96 -44.93 53.89
C MET H 339 25.59 -44.78 53.21
N TYR H 340 24.68 -45.73 53.46
CA TYR H 340 23.27 -45.52 53.20
C TYR H 340 22.75 -44.46 54.18
N VAL H 341 21.86 -43.59 53.71
CA VAL H 341 21.38 -42.47 54.52
C VAL H 341 20.74 -43.02 55.80
N HIS H 342 19.95 -44.09 55.68
CA HIS H 342 19.28 -44.70 56.83
C HIS H 342 20.32 -45.23 57.83
N ALA H 343 21.40 -45.83 57.32
CA ALA H 343 22.45 -46.38 58.18
C ALA H 343 23.16 -45.26 58.94
N ILE H 344 23.41 -44.14 58.27
CA ILE H 344 24.04 -42.98 58.88
C ILE H 344 23.11 -42.40 59.96
N GLU H 345 21.81 -42.31 59.65
CA GLU H 345 20.81 -41.74 60.55
C GLU H 345 20.72 -42.53 61.86
N THR H 346 20.90 -43.86 61.80
CA THR H 346 20.64 -44.73 62.93
C THR H 346 21.94 -45.30 63.51
N MET H 347 23.09 -44.70 63.17
CA MET H 347 24.38 -45.31 63.49
C MET H 347 24.63 -45.30 64.99
N GLN H 348 23.98 -44.38 65.73
CA GLN H 348 24.24 -44.24 67.16
C GLN H 348 23.71 -45.45 67.94
N SER H 349 22.82 -46.24 67.33
CA SER H 349 22.32 -47.46 67.97
C SER H 349 22.80 -48.70 67.24
N ASN H 350 23.82 -48.56 66.38
CA ASN H 350 24.34 -49.66 65.59
C ASN H 350 25.70 -50.08 66.16
N ALA H 351 25.72 -51.27 66.79
CA ALA H 351 26.88 -51.75 67.52
C ALA H 351 28.01 -52.15 66.58
N ASP H 352 27.70 -52.40 65.30
CA ASP H 352 28.68 -52.89 64.34
C ASP H 352 29.20 -51.77 63.45
N TYR H 353 28.68 -50.54 63.62
CA TYR H 353 28.94 -49.47 62.66
C TYR H 353 30.44 -49.16 62.59
N ALA H 354 31.11 -49.10 63.75
CA ALA H 354 32.53 -48.78 63.80
C ALA H 354 33.36 -49.86 63.10
N GLU H 355 32.91 -51.12 63.18
CA GLU H 355 33.62 -52.22 62.54
C GLU H 355 33.44 -52.16 61.03
N TRP H 356 32.26 -51.73 60.57
CA TRP H 356 32.02 -51.53 59.15
C TRP H 356 33.03 -50.55 58.56
N PHE H 357 33.39 -49.52 59.34
CA PHE H 357 34.30 -48.47 58.92
C PHE H 357 35.75 -48.78 59.29
N ARG H 358 36.03 -50.00 59.75
CA ARG H 358 37.34 -50.31 60.31
C ARG H 358 38.36 -50.51 59.19
N ALA H 359 39.23 -49.51 59.02
CA ALA H 359 40.28 -49.53 58.02
C ALA H 359 41.64 -49.55 58.70
N LYS H 360 42.64 -50.13 58.03
CA LYS H 360 44.01 -50.10 58.51
C LYS H 360 44.95 -49.85 57.34
N PRO H 361 45.91 -48.91 57.46
CA PRO H 361 46.91 -48.69 56.42
C PRO H 361 47.96 -49.81 56.44
N LYS H 362 48.15 -50.45 55.29
CA LYS H 362 49.06 -51.59 55.21
C LYS H 362 50.06 -51.39 54.08
N ARG H 363 51.26 -51.95 54.28
CA ARG H 363 52.27 -52.07 53.25
C ARG H 363 52.29 -53.50 52.74
N LEU H 364 52.02 -53.67 51.43
CA LEU H 364 52.25 -54.93 50.74
C LEU H 364 53.61 -54.86 50.07
N GLN H 365 54.44 -55.89 50.28
CA GLN H 365 55.80 -55.90 49.77
C GLN H 365 56.17 -57.29 49.28
N VAL H 366 56.92 -57.34 48.17
CA VAL H 366 57.35 -58.60 47.58
C VAL H 366 58.55 -58.32 46.67
N SER H 367 59.41 -59.34 46.51
CA SER H 367 60.51 -59.29 45.56
C SER H 367 59.95 -59.38 44.15
N LEU H 368 60.45 -58.51 43.26
CA LEU H 368 59.97 -58.43 41.89
C LEU H 368 60.27 -59.73 41.14
N ASN H 369 61.34 -60.43 41.53
CA ASN H 369 61.74 -61.63 40.82
C ASN H 369 61.16 -62.89 41.45
N ALA H 370 60.26 -62.73 42.44
CA ALA H 370 59.59 -63.87 43.05
C ALA H 370 58.73 -64.57 42.01
N PRO H 371 58.49 -65.90 42.14
CA PRO H 371 57.60 -66.61 41.23
C PRO H 371 56.19 -66.02 41.22
N LYS H 372 55.48 -66.21 40.12
CA LYS H 372 54.09 -65.78 39.98
C LYS H 372 53.25 -66.41 41.09
N MET H 373 52.40 -65.58 41.71
CA MET H 373 51.44 -66.00 42.72
C MET H 373 52.12 -66.14 44.09
N THR H 374 53.35 -65.63 44.22
CA THR H 374 54.00 -65.52 45.52
C THR H 374 53.14 -64.63 46.43
N ARG H 375 53.04 -65.02 47.70
CA ARG H 375 52.32 -64.25 48.70
C ARG H 375 53.16 -63.04 49.09
N MET H 376 52.50 -61.87 49.14
CA MET H 376 53.17 -60.64 49.54
C MET H 376 53.25 -60.59 51.06
N LYS H 377 54.24 -59.84 51.56
CA LYS H 377 54.32 -59.48 52.97
C LYS H 377 53.36 -58.33 53.25
N SER H 378 52.42 -58.55 54.19
CA SER H 378 51.41 -57.55 54.54
C SER H 378 51.65 -57.07 55.97
N SER H 379 52.04 -55.79 56.10
CA SER H 379 52.39 -55.19 57.38
C SER H 379 51.54 -53.95 57.64
N ILE H 380 51.20 -53.71 58.90
CA ILE H 380 50.44 -52.52 59.31
C ILE H 380 51.42 -51.34 59.42
N LEU H 381 51.04 -50.20 58.83
CA LEU H 381 51.89 -49.02 58.77
C LEU H 381 51.70 -48.15 60.01
N ALA H 382 50.51 -48.23 60.61
CA ALA H 382 50.18 -47.50 61.82
C ALA H 382 48.95 -48.11 62.46
N ASP H 383 48.86 -48.04 63.79
CA ASP H 383 47.80 -48.69 64.55
C ASP H 383 46.64 -47.74 64.71
N ILE H 384 46.16 -47.17 63.60
CA ILE H 384 45.09 -46.18 63.60
C ILE H 384 44.42 -46.21 62.23
N GLY H 385 43.09 -46.11 62.22
CA GLY H 385 42.33 -46.07 60.99
C GLY H 385 42.60 -44.79 60.20
N CYS H 386 42.89 -44.96 58.89
CA CYS H 386 43.20 -43.86 57.99
C CYS H 386 42.31 -43.94 56.75
N GLU H 387 41.86 -42.79 56.26
CA GLU H 387 41.21 -42.70 54.96
C GLU H 387 41.57 -41.39 54.26
N THR H 388 41.21 -41.33 52.97
CA THR H 388 41.54 -40.24 52.06
C THR H 388 42.99 -39.82 52.26
N PRO H 389 43.96 -40.72 51.96
CA PRO H 389 45.38 -40.41 52.13
C PRO H 389 45.92 -39.54 50.99
N ARG H 390 46.92 -38.71 51.31
CA ARG H 390 47.65 -37.96 50.30
C ARG H 390 49.13 -37.92 50.67
N ILE H 391 49.97 -37.60 49.69
CA ILE H 391 51.41 -37.53 49.85
C ILE H 391 51.92 -36.27 49.17
N HIS H 392 53.24 -36.06 49.26
CA HIS H 392 53.94 -35.10 48.41
C HIS H 392 53.96 -35.67 47.00
N TYR H 393 52.84 -35.49 46.29
CA TYR H 393 52.51 -36.26 45.11
C TYR H 393 53.45 -35.95 43.95
N ASP H 394 53.77 -34.67 43.75
CA ASP H 394 54.48 -34.20 42.58
C ASP H 394 55.89 -34.78 42.54
N LEU H 395 56.45 -35.11 43.70
CA LEU H 395 57.85 -35.52 43.78
C LEU H 395 57.98 -36.99 44.19
N HIS H 396 56.93 -37.58 44.80
CA HIS H 396 57.08 -38.88 45.43
C HIS H 396 56.10 -39.92 44.90
N ASN H 397 55.09 -39.54 44.10
CA ASN H 397 54.21 -40.53 43.51
C ASN H 397 55.03 -41.44 42.60
N SER H 398 54.84 -42.75 42.76
CA SER H 398 55.49 -43.78 41.97
C SER H 398 56.95 -43.99 42.40
N LYS H 399 57.37 -43.34 43.49
CA LYS H 399 58.75 -43.38 43.94
C LYS H 399 58.82 -43.64 45.43
N TYR H 400 60.03 -43.95 45.91
CA TYR H 400 60.28 -44.07 47.33
C TYR H 400 59.77 -42.82 48.05
N TYR H 401 59.14 -43.04 49.21
CA TYR H 401 58.60 -41.96 50.02
C TYR H 401 58.57 -42.41 51.47
N ARG H 402 58.34 -41.46 52.39
CA ARG H 402 58.38 -41.73 53.81
C ARG H 402 57.06 -41.37 54.50
N TYR H 403 56.41 -40.28 54.08
CA TYR H 403 55.29 -39.71 54.82
C TYR H 403 54.01 -39.72 53.99
N PHE H 404 52.89 -40.08 54.64
CA PHE H 404 51.57 -39.81 54.08
C PHE H 404 50.70 -39.11 55.13
N TYR H 405 49.64 -38.47 54.65
CA TYR H 405 48.72 -37.70 55.48
C TYR H 405 47.30 -38.21 55.20
N ALA H 406 46.48 -38.28 56.24
CA ALA H 406 45.16 -38.88 56.12
C ALA H 406 44.24 -38.32 57.21
N ILE H 407 42.97 -38.76 57.17
CA ILE H 407 41.99 -38.44 58.19
C ILE H 407 41.62 -39.72 58.93
N SER H 408 41.37 -39.59 60.23
CA SER H 408 40.98 -40.73 61.04
C SER H 408 39.67 -41.33 60.50
N SER H 409 39.59 -42.66 60.47
CA SER H 409 38.43 -43.37 59.99
C SER H 409 37.75 -44.15 61.12
N ASP H 410 38.25 -44.02 62.35
CA ASP H 410 37.69 -44.73 63.51
C ASP H 410 36.51 -43.94 64.07
N VAL H 411 35.31 -44.50 63.89
CA VAL H 411 34.05 -43.90 64.29
C VAL H 411 34.01 -43.72 65.81
N ASP H 412 34.70 -44.62 66.53
CA ASP H 412 34.64 -44.68 67.98
C ASP H 412 35.87 -44.01 68.60
N ALA H 413 36.63 -43.24 67.81
CA ALA H 413 37.80 -42.54 68.33
C ALA H 413 37.38 -41.46 69.32
N GLU H 414 38.32 -41.04 70.18
CA GLU H 414 38.10 -39.94 71.10
C GLU H 414 37.77 -38.67 70.31
N ASN H 415 38.58 -38.39 69.28
CA ASN H 415 38.24 -37.36 68.31
C ASN H 415 38.26 -37.97 66.91
N PRO H 416 37.08 -38.19 66.29
CA PRO H 416 37.02 -38.87 64.99
C PRO H 416 37.34 -37.97 63.79
N GLY H 417 37.69 -36.70 64.05
CA GLY H 417 38.09 -35.76 63.02
C GLY H 417 39.56 -35.37 63.13
N THR H 418 40.43 -36.39 63.20
CA THR H 418 41.84 -36.18 63.40
C THR H 418 42.57 -36.20 62.06
N VAL H 419 43.40 -35.18 61.81
CA VAL H 419 44.33 -35.19 60.70
C VAL H 419 45.60 -35.89 61.18
N ILE H 420 46.06 -36.88 60.40
CA ILE H 420 47.13 -37.79 60.82
C ILE H 420 48.28 -37.68 59.82
N LYS H 421 49.51 -37.60 60.35
CA LYS H 421 50.71 -37.78 59.55
C LYS H 421 51.36 -39.09 59.99
N VAL H 422 51.61 -39.98 59.02
CA VAL H 422 52.24 -41.26 59.30
C VAL H 422 53.65 -41.25 58.73
N ASP H 423 54.62 -41.59 59.59
CA ASP H 423 55.99 -41.84 59.19
C ASP H 423 56.14 -43.34 58.95
N THR H 424 56.27 -43.75 57.68
CA THR H 424 56.26 -45.15 57.32
C THR H 424 57.52 -45.87 57.78
N LYS H 425 58.60 -45.10 58.01
CA LYS H 425 59.87 -45.66 58.46
C LYS H 425 59.73 -46.16 59.90
N THR H 426 59.21 -45.30 60.77
CA THR H 426 59.23 -45.54 62.21
C THR H 426 57.87 -46.02 62.73
N GLY H 427 56.79 -45.65 62.03
CA GLY H 427 55.44 -45.90 62.50
C GLY H 427 54.89 -44.77 63.37
N GLU H 428 55.72 -43.73 63.58
CA GLU H 428 55.34 -42.58 64.38
C GLU H 428 54.18 -41.83 63.71
N THR H 429 53.23 -41.38 64.53
CA THR H 429 52.15 -40.54 64.05
C THR H 429 52.22 -39.17 64.73
N LYS H 430 51.82 -38.13 63.98
CA LYS H 430 51.55 -36.81 64.52
C LYS H 430 50.14 -36.42 64.08
N THR H 431 49.46 -35.65 64.94
CA THR H 431 48.03 -35.45 64.77
C THR H 431 47.65 -33.99 65.01
N TRP H 432 46.54 -33.59 64.39
CA TRP H 432 45.83 -32.38 64.70
C TRP H 432 44.35 -32.72 64.84
N CYS H 433 43.71 -32.18 65.88
CA CYS H 433 42.27 -32.30 66.05
C CYS H 433 41.79 -31.19 67.00
N ARG H 434 40.51 -30.84 66.85
CA ARG H 434 39.85 -29.86 67.68
C ARG H 434 38.45 -30.34 67.97
N PRO H 435 37.82 -29.94 69.10
CA PRO H 435 36.47 -30.41 69.46
C PRO H 435 35.44 -30.10 68.39
N ASN H 436 34.62 -31.11 68.05
CA ASN H 436 33.45 -30.93 67.19
C ASN H 436 33.86 -30.47 65.79
N CYS H 437 35.10 -30.78 65.38
CA CYS H 437 35.64 -30.33 64.11
C CYS H 437 35.93 -31.52 63.21
N TYR H 438 35.55 -31.41 61.93
CA TYR H 438 35.64 -32.51 60.98
C TYR H 438 36.44 -32.04 59.76
N PRO H 439 37.77 -32.28 59.73
CA PRO H 439 38.61 -31.85 58.61
C PRO H 439 38.51 -32.78 57.41
N SER H 440 38.80 -32.23 56.23
CA SER H 440 38.80 -32.98 54.99
C SER H 440 40.17 -33.61 54.76
N GLU H 441 40.21 -34.54 53.81
CA GLU H 441 41.42 -34.94 53.12
C GLU H 441 42.44 -33.79 53.13
N PRO H 442 43.65 -33.99 53.71
CA PRO H 442 44.69 -32.97 53.67
C PRO H 442 45.51 -33.05 52.38
N ILE H 443 45.81 -31.90 51.78
CA ILE H 443 46.59 -31.86 50.56
C ILE H 443 47.92 -31.16 50.84
N PHE H 444 49.02 -31.79 50.42
CA PHE H 444 50.37 -31.31 50.70
C PHE H 444 50.78 -30.30 49.61
N VAL H 445 51.35 -29.19 50.06
CA VAL H 445 51.92 -28.17 49.19
C VAL H 445 53.36 -27.91 49.65
N PRO H 446 54.38 -28.12 48.79
CA PRO H 446 55.78 -27.95 49.20
C PRO H 446 56.15 -26.47 49.36
N SER H 447 57.14 -26.21 50.23
CA SER H 447 57.77 -24.90 50.31
C SER H 447 58.59 -24.64 49.05
N PRO H 448 58.75 -23.37 48.62
CA PRO H 448 59.52 -23.02 47.42
C PRO H 448 60.90 -23.69 47.31
N ASN H 449 61.68 -23.62 48.39
CA ASN H 449 63.03 -24.17 48.40
C ASN H 449 63.06 -25.38 49.33
N ALA H 450 62.15 -26.33 49.08
CA ALA H 450 61.99 -27.49 49.94
C ALA H 450 63.27 -28.31 49.97
N LYS H 451 63.71 -28.69 51.18
CA LYS H 451 64.92 -29.46 51.38
C LYS H 451 64.56 -30.89 51.74
N ASP H 452 63.35 -31.11 52.25
CA ASP H 452 62.89 -32.41 52.72
C ASP H 452 61.54 -32.74 52.09
N GLU H 453 61.16 -34.02 52.19
CA GLU H 453 59.90 -34.52 51.67
C GLU H 453 58.72 -33.83 52.34
N ASP H 454 58.83 -33.53 53.65
CA ASP H 454 57.74 -32.97 54.42
C ASP H 454 57.97 -31.48 54.68
N ASP H 455 58.80 -30.84 53.85
CA ASP H 455 59.04 -29.41 53.94
C ASP H 455 57.93 -28.69 53.16
N GLY H 456 56.81 -28.45 53.84
CA GLY H 456 55.67 -27.79 53.23
C GLY H 456 54.48 -27.69 54.19
N VAL H 457 53.28 -27.51 53.64
CA VAL H 457 52.08 -27.34 54.44
C VAL H 457 51.00 -28.32 53.97
N LEU H 458 50.00 -28.54 54.83
CA LEU H 458 48.79 -29.25 54.49
C LEU H 458 47.63 -28.28 54.46
N LEU H 459 46.81 -28.37 53.40
CA LEU H 459 45.55 -27.66 53.31
C LEU H 459 44.41 -28.64 53.59
N SER H 460 43.50 -28.24 54.48
CA SER H 460 42.33 -29.04 54.81
C SER H 460 41.11 -28.12 54.94
N ALA H 461 39.99 -28.53 54.36
CA ALA H 461 38.73 -27.84 54.55
C ALA H 461 38.02 -28.39 55.79
N LEU H 462 37.55 -27.50 56.68
CA LEU H 462 36.93 -27.89 57.93
C LEU H 462 35.43 -27.64 57.86
N VAL H 463 34.64 -28.54 58.46
CA VAL H 463 33.29 -28.24 58.91
C VAL H 463 33.20 -28.60 60.39
N TRP H 464 32.14 -28.14 61.05
CA TRP H 464 31.88 -28.47 62.44
C TRP H 464 30.56 -29.22 62.56
N GLY H 465 30.39 -29.92 63.68
CA GLY H 465 29.18 -30.68 63.95
C GLY H 465 28.21 -29.91 64.85
N GLY H 466 27.19 -30.62 65.35
CA GLY H 466 26.21 -30.03 66.24
C GLY H 466 25.44 -28.89 65.57
N GLU H 467 25.33 -27.77 66.27
CA GLU H 467 24.57 -26.61 65.83
C GLU H 467 25.40 -25.71 64.90
N MET H 468 26.72 -25.97 64.83
CA MET H 468 27.62 -25.13 64.06
C MET H 468 27.70 -25.66 62.63
N ASN H 469 26.56 -25.66 61.92
CA ASN H 469 26.42 -26.35 60.65
C ASN H 469 26.53 -25.38 59.45
N GLN H 470 26.88 -24.11 59.71
CA GLN H 470 26.97 -23.10 58.67
C GLN H 470 28.30 -22.39 58.79
N THR H 471 29.36 -23.15 59.10
CA THR H 471 30.71 -22.62 59.15
C THR H 471 31.65 -23.58 58.42
N VAL H 472 32.51 -22.99 57.58
CA VAL H 472 33.54 -23.72 56.85
C VAL H 472 34.85 -22.98 57.05
N ALA H 473 35.97 -23.69 56.95
CA ALA H 473 37.27 -23.05 57.08
C ALA H 473 38.32 -23.76 56.23
N LEU H 474 39.37 -23.01 55.87
CA LEU H 474 40.59 -23.58 55.36
C LEU H 474 41.64 -23.58 56.47
N LEU H 475 42.14 -24.78 56.79
CA LEU H 475 43.20 -24.97 57.78
C LEU H 475 44.52 -25.18 57.05
N VAL H 476 45.57 -24.51 57.54
CA VAL H 476 46.92 -24.70 57.03
C VAL H 476 47.79 -25.22 58.18
N LEU H 477 48.29 -26.44 58.02
CA LEU H 477 49.19 -27.07 58.99
C LEU H 477 50.61 -27.07 58.46
N ASN H 478 51.57 -26.94 59.37
CA ASN H 478 52.98 -27.21 59.10
C ASN H 478 53.14 -28.72 58.98
N ALA H 479 53.63 -29.18 57.82
CA ALA H 479 53.67 -30.59 57.50
C ALA H 479 54.70 -31.33 58.35
N LYS H 480 55.73 -30.61 58.83
CA LYS H 480 56.77 -31.23 59.66
C LYS H 480 56.23 -31.54 61.05
N THR H 481 55.51 -30.59 61.64
CA THR H 481 55.15 -30.61 63.05
C THR H 481 53.67 -30.90 63.28
N MET H 482 52.84 -30.72 62.24
N MET H 482 52.86 -30.67 62.23
CA MET H 482 51.39 -30.87 62.32
CA MET H 482 51.40 -30.81 62.25
C MET H 482 50.81 -29.80 63.25
C MET H 482 50.76 -29.75 63.14
N GLU H 483 51.49 -28.65 63.34
CA GLU H 483 50.99 -27.51 64.09
C GLU H 483 50.20 -26.59 63.17
N GLU H 484 49.11 -26.02 63.68
CA GLU H 484 48.33 -25.07 62.92
C GLU H 484 49.14 -23.79 62.72
N MET H 485 49.28 -23.38 61.45
CA MET H 485 49.98 -22.15 61.11
C MET H 485 48.98 -21.01 61.01
N GLY H 486 47.85 -21.27 60.34
CA GLY H 486 46.82 -20.28 60.14
C GLY H 486 45.49 -20.91 59.74
N ARG H 487 44.45 -20.08 59.69
CA ARG H 487 43.11 -20.55 59.39
C ARG H 487 42.28 -19.39 58.83
N ALA H 488 41.47 -19.69 57.81
CA ALA H 488 40.49 -18.77 57.27
C ALA H 488 39.10 -19.37 57.49
N THR H 489 38.23 -18.61 58.19
CA THR H 489 36.93 -19.11 58.60
C THR H 489 35.84 -18.31 57.91
N PHE H 490 34.81 -19.02 57.44
CA PHE H 490 33.71 -18.43 56.68
C PHE H 490 32.39 -18.92 57.25
N ASN H 491 31.37 -18.05 57.17
CA ASN H 491 30.01 -18.42 57.48
C ASN H 491 29.23 -18.57 56.18
N THR H 492 28.54 -19.70 56.03
CA THR H 492 27.77 -19.98 54.85
C THR H 492 26.31 -19.62 55.11
N PRO H 493 25.54 -19.21 54.07
CA PRO H 493 24.14 -18.83 54.25
C PRO H 493 23.20 -20.00 54.52
N SER H 494 23.68 -21.23 54.29
CA SER H 494 22.89 -22.44 54.48
C SER H 494 23.82 -23.55 54.95
N PRO H 495 23.31 -24.76 55.30
CA PRO H 495 24.16 -25.84 55.79
C PRO H 495 25.38 -26.11 54.90
N ALA H 496 26.52 -26.39 55.55
CA ALA H 496 27.79 -26.62 54.89
C ALA H 496 28.08 -28.11 54.79
N PRO H 497 27.87 -28.76 53.62
CA PRO H 497 28.13 -30.20 53.48
C PRO H 497 29.61 -30.56 53.46
N LYS H 498 29.92 -31.76 53.96
CA LYS H 498 31.29 -32.25 54.00
C LYS H 498 31.68 -32.75 52.61
N CYS H 499 32.89 -32.37 52.16
CA CYS H 499 33.38 -32.70 50.84
C CYS H 499 34.18 -34.01 50.88
N LEU H 500 34.66 -34.48 49.71
CA LEU H 500 35.39 -35.73 49.61
C LEU H 500 36.85 -35.48 49.22
N HIS H 501 37.08 -35.09 47.95
CA HIS H 501 38.41 -35.00 47.41
C HIS H 501 38.61 -33.63 46.75
N GLY H 502 39.88 -33.22 46.62
CA GLY H 502 40.21 -31.93 46.05
C GLY H 502 41.55 -31.93 45.33
N TRP H 503 41.93 -30.75 44.85
CA TRP H 503 43.21 -30.55 44.18
C TRP H 503 43.65 -29.10 44.39
N PHE H 504 44.95 -28.89 44.60
CA PHE H 504 45.50 -27.56 44.75
C PHE H 504 46.19 -27.14 43.45
N LEU H 505 45.82 -25.95 42.94
CA LEU H 505 46.39 -25.38 41.73
C LEU H 505 47.24 -24.17 42.11
N PRO H 506 48.59 -24.28 42.12
CA PRO H 506 49.45 -23.14 42.45
C PRO H 506 49.37 -22.05 41.38
N THR H 507 49.50 -20.79 41.81
CA THR H 507 49.41 -19.65 40.91
C THR H 507 50.63 -19.61 40.01
N ASN H 508 51.80 -19.91 40.60
CA ASN H 508 53.04 -20.00 39.84
C ASN H 508 53.77 -21.29 40.25
FE FE2 I . -7.13 0.67 -71.46
C1 MPD J . -12.35 0.58 -70.99
C2 MPD J . -11.96 1.30 -69.70
O2 MPD J . -10.56 1.58 -69.77
CM MPD J . -12.19 0.41 -68.48
C3 MPD J . -12.71 2.63 -69.57
C4 MPD J . -12.36 3.46 -68.36
O4 MPD J . -11.00 3.87 -68.44
C5 MPD J . -13.25 4.66 -68.20
CL CL K . -14.68 -10.86 -93.32
C1 MPD L . -18.25 -5.79 -80.06
C2 MPD L . -18.07 -4.28 -79.99
O2 MPD L . -17.06 -4.03 -79.00
CM MPD L . -19.33 -3.58 -79.52
C3 MPD L . -17.56 -3.74 -81.34
C4 MPD L . -17.09 -2.30 -81.34
O4 MPD L . -16.07 -2.13 -80.35
C5 MPD L . -16.56 -1.87 -82.68
FE FE2 M . -12.90 -37.44 -29.25
C1 MPD N . -17.44 -39.38 -27.33
C2 MPD N . -17.21 -40.07 -28.67
O2 MPD N . -15.82 -39.92 -28.98
CM MPD N . -18.01 -39.40 -29.78
C3 MPD N . -17.50 -41.57 -28.58
C4 MPD N . -17.38 -42.35 -29.87
O4 MPD N . -16.09 -42.15 -30.44
C5 MPD N . -17.64 -43.82 -29.70
FE FE2 O . -36.76 24.57 42.29
C1 MPD P . -42.12 23.71 43.16
C2 MPD P . -41.42 24.34 44.36
O2 MPD P . -40.42 25.22 43.83
CM MPD P . -40.71 23.30 45.21
C3 MPD P . -42.39 25.17 45.21
C4 MPD P . -41.73 26.20 46.09
O4 MPD P . -41.30 27.31 45.30
C5 MPD P . -42.60 26.69 47.22
C1 MPD Q . -47.31 16.80 33.99
C2 MPD Q . -47.37 18.32 33.84
O2 MPD Q . -46.33 18.86 34.69
CM MPD Q . -48.68 18.89 34.35
C3 MPD Q . -47.08 18.74 32.40
C4 MPD Q . -46.42 20.08 32.26
O4 MPD Q . -45.11 20.01 32.83
C5 MPD Q . -46.33 20.58 30.84
FE FE2 R . 6.85 0.77 71.04
C1 MPD S . 2.88 -1.50 72.95
C2 MPD S . 2.78 -2.10 71.56
O2 MPD S . 3.92 -1.64 70.80
CM MPD S . 1.53 -1.62 70.82
C3 MPD S . 2.84 -3.63 71.62
C4 MPD S . 2.87 -4.34 70.29
O4 MPD S . 4.13 -4.09 69.65
C5 MPD S . 2.66 -5.83 70.39
C1 MPD T . 0.20 1.79 84.76
C2 MPD T . 1.07 0.57 84.49
O2 MPD T . 1.30 0.51 83.07
CM MPD T . 0.36 -0.72 84.86
C3 MPD T . 2.43 0.71 85.18
C4 MPD T . 3.32 -0.50 85.10
O4 MPD T . 3.48 -0.89 83.75
C5 MPD T . 4.68 -0.28 85.72
CL CL U . 7.08 9.16 95.38
NA NA V . 17.46 11.96 92.49
FE FE2 W . 2.46 17.41 -18.76
C1 MPD X . -2.23 15.05 -17.06
C2 MPD X . -2.09 14.59 -18.50
O2 MPD X . -0.76 14.92 -18.92
CM MPD X . -3.05 15.33 -19.41
C3 MPD X . -2.25 13.06 -18.60
C4 MPD X . -2.22 12.49 -20.00
O4 MPD X . -0.98 12.83 -20.63
C5 MPD X . -2.42 11.00 -20.02
C1 MPD Y . -5.30 17.96 -5.41
C2 MPD Y . -4.41 16.75 -5.68
O2 MPD Y . -3.85 16.95 -7.00
CM MPD Y . -5.20 15.46 -5.73
C3 MPD Y . -3.26 16.67 -4.68
C4 MPD Y . -2.09 15.84 -5.15
O4 MPD Y . -1.36 16.57 -6.14
C5 MPD Y . -1.15 15.42 -4.06
C1 MPD Z . 0.20 -5.38 -28.11
C2 MPD Z . 0.32 -6.79 -27.55
O2 MPD Z . -0.73 -7.56 -28.15
CM MPD Z . 0.09 -6.81 -26.04
C3 MPD Z . 1.67 -7.43 -27.92
C4 MPD Z . 1.77 -8.91 -27.62
O4 MPD Z . 0.76 -9.60 -28.34
C5 MPD Z . 3.12 -9.49 -27.94
CL CL AA . 0.13 -5.17 -32.70
FE FE2 BA . -4.21 -17.43 19.39
C1 MPD CA . -9.69 -17.93 20.64
C2 MPD CA . -8.86 -17.39 21.79
O2 MPD CA . -7.84 -16.56 21.21
CM MPD CA . -8.17 -18.52 22.56
C3 MPD CA . -9.71 -16.53 22.75
C4 MPD CA . -8.92 -15.61 23.65
O4 MPD CA . -8.39 -14.55 22.87
C5 MPD CA . -9.72 -15.05 24.79
C1 MPD DA . -15.70 -23.64 11.33
C2 MPD DA . -15.66 -22.10 11.35
O2 MPD DA . -14.76 -21.73 12.41
CM MPD DA . -17.01 -21.50 11.69
C3 MPD DA . -15.10 -21.56 10.04
C4 MPD DA . -14.79 -20.08 10.03
O4 MPD DA . -13.70 -19.82 10.91
C5 MPD DA . -14.48 -19.55 8.65
AS CAC EA . -3.09 -48.78 8.10
O1 CAC EA . -3.68 -48.21 6.56
O2 CAC EA . -3.35 -50.49 8.27
C1 CAC EA . -1.15 -48.42 8.22
C2 CAC EA . -4.04 -47.88 9.57
FE FE2 FA . 10.24 55.67 -59.97
C1 MPD GA . 5.31 54.47 -58.45
C2 MPD GA . 5.91 55.38 -57.40
O2 MPD GA . 6.72 56.34 -58.09
CM MPD GA . 6.80 54.61 -56.44
C3 MPD GA . 4.83 56.16 -56.64
C4 MPD GA . 5.32 57.19 -55.66
O4 MPD GA . 6.44 57.87 -56.19
C5 MPD GA . 4.27 58.20 -55.26
C1 MPD HA . 1.29 75.01 -47.11
C2 MPD HA . 0.95 76.48 -47.34
O2 MPD HA . 0.16 76.91 -46.22
CM MPD HA . 0.10 76.66 -48.58
C3 MPD HA . 2.23 77.33 -47.39
C4 MPD HA . 2.12 78.80 -47.08
O4 MPD HA . 0.98 79.35 -47.76
C5 MPD HA . 2.04 79.14 -45.62
FE FE2 IA . 38.22 -41.65 46.59
C1 MPD JA . 33.89 -43.14 48.91
C2 MPD JA . 33.84 -43.67 47.48
O2 MPD JA . 35.19 -43.71 47.02
CM MPD JA . 33.06 -42.75 46.56
C3 MPD JA . 33.28 -45.10 47.44
C4 MPD JA . 33.31 -45.79 46.10
O4 MPD JA . 34.65 -46.09 45.72
C5 MPD JA . 32.50 -47.07 46.09
#